data_4GI7
#
_entry.id   4GI7
#
_cell.length_a   127.928
_cell.length_b   130.938
_cell.length_c   193.022
_cell.angle_alpha   90.000
_cell.angle_beta   90.000
_cell.angle_gamma   90.000
#
_symmetry.space_group_name_H-M   'P 21 21 21'
#
loop_
_entity.id
_entity.type
_entity.pdbx_description
1 polymer 'Pantothenate kinase'
2 non-polymer "ADENOSINE-5'-DIPHOSPHATE"
3 non-polymer (2R)-2,4-dihydroxy-3,3-dimethyl-N-{3-oxo-3-[(pyridin-3-ylmethyl)amino]propyl}butanamide
4 non-polymer 'UNKNOWN ATOM OR ION'
5 water water
#
_entity_poly.entity_id   1
_entity_poly.type   'polypeptide(L)'
_entity_poly.pdbx_seq_one_letter_code
;MHHHHHHSSGRENLYFQGMSQKEQTLMTPYLQFNRHQWAALRDSVPMTLTEDEITRLKGINEDLSLEEVAEIYLPLSRLL
NFYISSNLRRQAVLEQFLGTNGQRIPYIISIAGSVAVGKSTTARVLQALLSRWPEHRHVELITTDGFLHPNSVLKERGLM
KKKGFPQSYDMHRLVKFVSDLKSGVPQATAPVYSHLIYDVIPDGDKTVAQPDILILEGLNVLQSGMDYPHDPHHVFVSDF
VDFSIYVDAPEELLKSWYINRFLKFREGAFTDPDSYFHNYAKLSKEEAVDIATSLWNEINLMNLKENILPTRERASLIMT
KSANHSVNQVRLRK
;
_entity_poly.pdbx_strand_id   A,C,B,D,E,F,G,H
#
loop_
_chem_comp.id
_chem_comp.type
_chem_comp.name
_chem_comp.formula
0JR non-polymer (2R)-2,4-dihydroxy-3,3-dimethyl-N-{3-oxo-3-[(pyridin-3-ylmethyl)amino]propyl}butanamide 'C15 H23 N3 O4'
ADP non-polymer ADENOSINE-5'-DIPHOSPHATE 'C10 H15 N5 O10 P2'
UNX non-polymer 'UNKNOWN ATOM OR ION' ?
#
# COMPACT_ATOMS: atom_id res chain seq x y z
N LEU A 26 1.51 -0.08 31.47
CA LEU A 26 0.91 0.25 30.13
C LEU A 26 1.95 0.02 28.99
N MET A 27 2.60 1.09 28.50
CA MET A 27 3.51 0.97 27.34
C MET A 27 4.90 0.50 27.75
N THR A 28 5.51 -0.36 26.94
CA THR A 28 6.81 -0.92 27.27
C THR A 28 7.75 -0.71 26.08
N PRO A 29 9.03 -1.01 26.24
CA PRO A 29 9.93 -0.79 25.12
C PRO A 29 9.82 -1.81 23.99
N TYR A 30 8.87 -2.75 24.08
CA TYR A 30 8.73 -3.82 23.11
C TYR A 30 7.40 -3.76 22.35
N LEU A 31 7.45 -4.00 21.05
CA LEU A 31 6.26 -4.42 20.31
C LEU A 31 6.00 -5.86 20.66
N GLN A 32 4.76 -6.21 20.94
CA GLN A 32 4.43 -7.55 21.40
C GLN A 32 3.51 -8.25 20.40
N PHE A 33 3.91 -9.45 19.99
CA PHE A 33 3.15 -10.27 19.10
C PHE A 33 2.76 -11.58 19.78
N ASN A 34 1.47 -11.93 19.65
CA ASN A 34 1.07 -13.30 19.97
C ASN A 34 1.35 -14.19 18.77
N ARG A 35 1.15 -15.51 18.90
CA ARG A 35 1.48 -16.38 17.80
C ARG A 35 0.69 -16.07 16.53
N HIS A 36 -0.60 -15.75 16.69
CA HIS A 36 -1.44 -15.44 15.53
C HIS A 36 -0.85 -14.28 14.71
N GLN A 37 -0.46 -13.22 15.39
CA GLN A 37 0.12 -12.03 14.76
C GLN A 37 1.51 -12.27 14.19
N TRP A 38 2.33 -13.06 14.90
CA TRP A 38 3.65 -13.37 14.38
C TRP A 38 3.55 -14.26 13.14
N ALA A 39 2.79 -15.37 13.25
CA ALA A 39 2.62 -16.25 12.09
C ALA A 39 1.94 -15.56 10.89
N ALA A 40 1.09 -14.57 11.16
CA ALA A 40 0.49 -13.75 10.09
C ALA A 40 1.55 -13.05 9.23
N LEU A 41 2.76 -12.84 9.75
CA LEU A 41 3.82 -12.14 8.99
C LEU A 41 4.29 -12.89 7.75
N ARG A 42 4.14 -14.20 7.74
CA ARG A 42 4.76 -15.05 6.70
C ARG A 42 4.20 -14.80 5.28
N ASP A 43 3.10 -14.04 5.18
CA ASP A 43 2.53 -13.66 3.90
C ASP A 43 2.78 -12.20 3.51
N SER A 44 2.97 -11.32 4.49
CA SER A 44 3.46 -9.95 4.23
C SER A 44 4.53 -10.00 3.14
N VAL A 45 5.49 -10.90 3.33
CA VAL A 45 6.44 -11.30 2.29
C VAL A 45 6.38 -12.82 2.17
N PRO A 46 5.94 -13.35 1.00
CA PRO A 46 5.78 -14.80 0.88
C PRO A 46 7.14 -15.53 0.79
N MET A 47 7.34 -16.52 1.67
CA MET A 47 8.56 -17.33 1.66
C MET A 47 8.18 -18.81 1.72
N THR A 48 8.89 -19.67 0.99
CA THR A 48 8.66 -21.12 1.03
C THR A 48 9.97 -21.90 0.95
N LEU A 49 10.12 -22.87 1.86
CA LEU A 49 11.33 -23.69 1.95
C LEU A 49 11.52 -24.57 0.71
N THR A 50 12.75 -24.71 0.23
CA THR A 50 13.04 -25.66 -0.86
C THR A 50 13.36 -27.03 -0.27
N GLU A 51 13.43 -28.04 -1.12
CA GLU A 51 13.72 -29.43 -0.69
C GLU A 51 15.09 -29.57 -0.05
N ASP A 52 16.07 -28.88 -0.63
CA ASP A 52 17.43 -28.88 -0.10
C ASP A 52 17.46 -28.31 1.32
N GLU A 53 16.72 -27.24 1.54
CA GLU A 53 16.62 -26.59 2.85
C GLU A 53 15.90 -27.45 3.88
N ILE A 54 14.81 -28.09 3.44
CA ILE A 54 14.07 -28.99 4.31
C ILE A 54 14.98 -30.11 4.81
N THR A 55 15.87 -30.58 3.93
CA THR A 55 16.80 -31.64 4.29
C THR A 55 17.85 -31.17 5.30
N ARG A 56 18.36 -29.94 5.15
CA ARG A 56 19.27 -29.38 6.15
C ARG A 56 18.54 -29.26 7.47
N LEU A 57 17.32 -28.73 7.45
CA LEU A 57 16.60 -28.44 8.69
C LEU A 57 16.33 -29.72 9.46
N LYS A 58 15.90 -30.77 8.76
CA LYS A 58 15.67 -32.05 9.39
C LYS A 58 16.96 -32.66 9.95
N GLY A 59 18.08 -32.42 9.26
CA GLY A 59 19.40 -32.82 9.76
C GLY A 59 19.90 -32.03 10.97
N ILE A 60 19.44 -30.79 11.13
CA ILE A 60 19.76 -30.01 12.31
C ILE A 60 19.07 -30.60 13.54
N ASN A 61 17.78 -30.90 13.42
CA ASN A 61 17.01 -31.47 14.52
C ASN A 61 15.79 -32.23 14.00
N GLU A 62 15.80 -33.54 14.19
CA GLU A 62 14.69 -34.39 13.76
C GLU A 62 13.36 -34.02 14.42
N ASP A 63 13.41 -33.50 15.65
CA ASP A 63 12.18 -33.12 16.38
C ASP A 63 11.64 -31.75 15.98
N LEU A 64 12.34 -31.04 15.11
CA LEU A 64 11.95 -29.70 14.75
C LEU A 64 10.87 -29.75 13.70
N SER A 65 9.74 -29.13 13.99
CA SER A 65 8.60 -29.11 13.10
C SER A 65 8.79 -28.16 11.90
N LEU A 66 8.59 -28.64 10.68
CA LEU A 66 8.70 -27.78 9.50
C LEU A 66 7.63 -26.70 9.47
N GLU A 67 6.49 -27.02 10.06
CA GLU A 67 5.44 -26.03 10.26
C GLU A 67 5.90 -24.90 11.17
N GLU A 68 6.52 -25.26 12.28
CA GLU A 68 7.13 -24.31 13.17
C GLU A 68 8.19 -23.46 12.47
N VAL A 69 9.01 -24.07 11.62
CA VAL A 69 9.95 -23.30 10.83
C VAL A 69 9.23 -22.25 9.98
N ALA A 70 8.19 -22.67 9.26
CA ALA A 70 7.52 -21.80 8.32
C ALA A 70 6.75 -20.67 9.01
N GLU A 71 6.14 -20.95 10.15
CA GLU A 71 5.30 -19.95 10.80
C GLU A 71 6.09 -18.99 11.70
N ILE A 72 7.22 -19.46 12.23
CA ILE A 72 7.96 -18.70 13.25
C ILE A 72 9.35 -18.25 12.79
N TYR A 73 10.15 -19.20 12.31
CA TYR A 73 11.56 -18.92 12.02
C TYR A 73 11.78 -18.26 10.67
N LEU A 74 10.93 -18.54 9.68
CA LEU A 74 11.04 -17.84 8.38
C LEU A 74 10.74 -16.35 8.54
N PRO A 75 9.64 -15.99 9.22
CA PRO A 75 9.41 -14.57 9.51
C PRO A 75 10.56 -13.91 10.32
N LEU A 76 11.09 -14.63 11.31
CA LEU A 76 12.20 -14.13 12.11
C LEU A 76 13.44 -13.91 11.23
N SER A 77 13.74 -14.83 10.31
CA SER A 77 14.86 -14.64 9.39
C SER A 77 14.64 -13.42 8.45
N ARG A 78 13.39 -13.21 8.05
CA ARG A 78 13.05 -12.07 7.23
C ARG A 78 13.19 -10.78 8.03
N LEU A 79 12.72 -10.79 9.28
CA LEU A 79 12.92 -9.64 10.16
C LEU A 79 14.40 -9.29 10.23
N LEU A 80 15.22 -10.28 10.53
CA LEU A 80 16.66 -10.06 10.60
C LEU A 80 17.27 -9.56 9.27
N ASN A 81 16.83 -10.10 8.13
CA ASN A 81 17.32 -9.56 6.84
C ASN A 81 17.03 -8.05 6.68
N PHE A 82 15.86 -7.57 7.12
CA PHE A 82 15.58 -6.14 7.08
C PHE A 82 16.60 -5.32 7.91
N TYR A 83 16.95 -5.84 9.11
CA TYR A 83 17.97 -5.21 9.95
C TYR A 83 19.36 -5.24 9.30
N ILE A 84 19.74 -6.40 8.76
CA ILE A 84 21.05 -6.57 8.19
C ILE A 84 21.16 -5.71 6.92
N SER A 85 20.08 -5.68 6.13
CA SER A 85 20.02 -4.92 4.90
C SER A 85 20.10 -3.41 5.14
N SER A 86 19.43 -2.92 6.19
CA SER A 86 19.57 -1.51 6.58
C SER A 86 21.03 -1.16 6.94
N ASN A 87 21.70 -2.04 7.68
CA ASN A 87 23.09 -1.88 8.06
C ASN A 87 24.01 -1.82 6.81
N LEU A 88 23.77 -2.73 5.86
CA LEU A 88 24.58 -2.76 4.65
C LEU A 88 24.36 -1.53 3.80
N ARG A 89 23.12 -1.05 3.69
CA ARG A 89 22.84 0.18 2.97
C ARG A 89 23.52 1.39 3.62
N ARG A 90 23.43 1.45 4.95
CA ARG A 90 24.13 2.50 5.69
C ARG A 90 25.61 2.40 5.41
N GLN A 91 26.19 1.21 5.47
CA GLN A 91 27.64 1.08 5.27
C GLN A 91 28.07 1.56 3.91
N ALA A 92 27.22 1.31 2.93
CA ALA A 92 27.46 1.77 1.57
C ALA A 92 27.43 3.29 1.46
N VAL A 93 26.51 3.93 2.18
CA VAL A 93 26.49 5.40 2.27
C VAL A 93 27.77 5.94 2.94
N LEU A 94 28.14 5.37 4.06
CA LEU A 94 29.31 5.83 4.79
C LEU A 94 30.58 5.62 3.97
N GLU A 95 30.59 4.59 3.14
CA GLU A 95 31.73 4.38 2.26
C GLU A 95 31.97 5.53 1.30
N GLN A 96 30.93 6.32 1.00
CA GLN A 96 31.07 7.52 0.19
C GLN A 96 32.20 8.43 0.64
N PHE A 97 32.30 8.67 1.95
CA PHE A 97 33.39 9.45 2.52
C PHE A 97 34.43 8.56 3.22
N LEU A 98 34.04 7.37 3.69
CA LEU A 98 35.03 6.50 4.32
C LEU A 98 35.91 5.86 3.24
N GLY A 99 35.36 5.67 2.04
CA GLY A 99 36.04 4.91 1.02
C GLY A 99 35.79 3.43 1.22
N THR A 100 35.94 2.69 0.13
CA THR A 100 35.58 1.28 0.09
C THR A 100 36.77 0.37 0.45
N ASN A 101 37.85 0.94 0.97
CA ASN A 101 39.07 0.18 1.32
C ASN A 101 39.07 -0.50 2.70
N GLY A 102 38.20 -0.03 3.60
CA GLY A 102 38.09 -0.62 4.93
C GLY A 102 37.70 -2.09 4.90
N GLN A 103 37.93 -2.78 6.02
CA GLN A 103 37.67 -4.22 6.14
C GLN A 103 36.18 -4.54 6.17
N ARG A 104 35.83 -5.76 5.77
CA ARG A 104 34.46 -6.26 5.93
C ARG A 104 34.24 -6.59 7.42
N ILE A 105 33.17 -6.07 7.98
CA ILE A 105 32.87 -6.25 9.40
C ILE A 105 31.62 -7.13 9.46
N PRO A 106 31.68 -8.28 10.12
CA PRO A 106 30.46 -9.07 10.11
C PRO A 106 29.33 -8.47 10.92
N TYR A 107 28.10 -8.76 10.53
CA TYR A 107 26.93 -8.48 11.36
C TYR A 107 26.79 -9.60 12.40
N ILE A 108 26.64 -9.25 13.68
CA ILE A 108 26.67 -10.23 14.75
C ILE A 108 25.32 -10.28 15.45
N ILE A 109 24.71 -11.46 15.44
CA ILE A 109 23.46 -11.76 16.12
C ILE A 109 23.82 -12.67 17.28
N SER A 110 23.34 -12.35 18.46
CA SER A 110 23.57 -13.20 19.63
C SER A 110 22.28 -13.87 20.04
N ILE A 111 22.43 -15.04 20.69
CA ILE A 111 21.29 -15.84 21.17
C ILE A 111 21.53 -16.31 22.60
N ALA A 112 20.72 -15.80 23.52
CA ALA A 112 20.81 -16.05 24.93
C ALA A 112 19.58 -16.81 25.42
N GLY A 113 19.67 -17.30 26.65
CA GLY A 113 18.56 -17.94 27.37
C GLY A 113 19.05 -19.11 28.19
N SER A 114 18.12 -19.76 28.91
CA SER A 114 18.48 -20.92 29.73
C SER A 114 19.22 -22.00 28.99
N VAL A 115 20.08 -22.69 29.73
CA VAL A 115 20.47 -24.06 29.36
C VAL A 115 19.20 -24.83 28.96
N ALA A 116 19.25 -25.49 27.81
CA ALA A 116 18.19 -26.38 27.28
C ALA A 116 16.90 -25.69 26.77
N VAL A 117 16.92 -24.36 26.62
CA VAL A 117 15.76 -23.68 26.03
C VAL A 117 15.67 -23.82 24.51
N GLY A 118 16.78 -24.12 23.85
CA GLY A 118 16.80 -24.23 22.40
C GLY A 118 17.67 -23.22 21.68
N LYS A 119 18.69 -22.70 22.36
CA LYS A 119 19.55 -21.70 21.71
C LYS A 119 20.26 -22.30 20.53
N SER A 120 20.84 -23.50 20.73
CA SER A 120 21.63 -24.11 19.64
C SER A 120 20.75 -24.43 18.45
N THR A 121 19.58 -25.04 18.69
CA THR A 121 18.62 -25.26 17.62
C THR A 121 18.24 -23.96 16.91
N THR A 122 17.89 -22.93 17.67
CA THR A 122 17.52 -21.65 17.08
C THR A 122 18.65 -21.10 16.25
N ALA A 123 19.87 -21.18 16.76
CA ALA A 123 21.01 -20.64 16.03
C ALA A 123 21.26 -21.35 14.70
N ARG A 124 21.21 -22.69 14.76
CA ARG A 124 21.44 -23.50 13.56
C ARG A 124 20.37 -23.29 12.52
N VAL A 125 19.12 -23.17 12.93
CA VAL A 125 18.03 -22.90 12.02
C VAL A 125 18.21 -21.52 11.34
N LEU A 126 18.48 -20.50 12.14
CA LEU A 126 18.71 -19.15 11.57
C LEU A 126 19.93 -19.15 10.67
N GLN A 127 20.95 -19.92 10.99
CA GLN A 127 22.16 -19.98 10.13
C GLN A 127 21.76 -20.50 8.74
N ALA A 128 20.97 -21.57 8.76
CA ALA A 128 20.49 -22.19 7.53
C ALA A 128 19.60 -21.23 6.73
N LEU A 129 18.67 -20.53 7.39
CA LEU A 129 17.73 -19.67 6.69
C LEU A 129 18.34 -18.36 6.18
N LEU A 130 19.25 -17.77 6.95
CA LEU A 130 19.86 -16.49 6.59
C LEU A 130 20.79 -16.64 5.40
N SER A 131 21.39 -17.81 5.28
CA SER A 131 22.28 -18.17 4.18
C SER A 131 21.65 -18.05 2.81
N ARG A 132 20.32 -18.01 2.75
CA ARG A 132 19.59 -17.87 1.49
C ARG A 132 19.97 -16.56 0.81
N TRP A 133 19.69 -15.44 1.50
CA TRP A 133 19.77 -14.11 0.93
C TRP A 133 21.12 -13.78 0.28
N PRO A 134 21.08 -13.25 -0.97
CA PRO A 134 22.29 -12.92 -1.75
C PRO A 134 23.23 -11.94 -1.03
N GLU A 135 22.63 -11.00 -0.31
CA GLU A 135 23.36 -10.04 0.55
C GLU A 135 24.22 -10.68 1.61
N HIS A 136 23.83 -11.85 2.09
CA HIS A 136 24.55 -12.42 3.21
C HIS A 136 24.58 -13.94 3.21
N ARG A 137 25.31 -14.49 2.26
CA ARG A 137 25.40 -15.93 2.05
C ARG A 137 26.25 -16.64 3.08
N HIS A 138 27.29 -15.98 3.57
CA HIS A 138 28.26 -16.61 4.45
C HIS A 138 27.94 -16.29 5.92
N VAL A 139 27.40 -17.30 6.62
CA VAL A 139 26.96 -17.17 8.00
C VAL A 139 27.69 -18.15 8.88
N GLU A 140 28.45 -17.66 9.86
CA GLU A 140 29.15 -18.53 10.77
C GLU A 140 28.41 -18.65 12.09
N LEU A 141 28.69 -19.71 12.83
CA LEU A 141 28.09 -19.94 14.12
C LEU A 141 29.17 -20.30 15.14
N ILE A 142 29.21 -19.52 16.23
CA ILE A 142 30.17 -19.71 17.30
C ILE A 142 29.40 -19.85 18.59
N THR A 143 29.69 -20.87 19.37
CA THR A 143 29.06 -21.05 20.68
C THR A 143 30.02 -20.59 21.78
N THR A 144 29.50 -19.94 22.80
CA THR A 144 30.35 -19.46 23.89
C THR A 144 30.80 -20.58 24.83
N ASP A 145 30.19 -21.77 24.70
CA ASP A 145 30.67 -22.96 25.41
C ASP A 145 32.20 -23.14 25.29
N GLY A 146 32.74 -22.90 24.10
CA GLY A 146 34.15 -23.07 23.82
C GLY A 146 35.04 -22.22 24.70
N PHE A 147 34.47 -21.13 25.26
CA PHE A 147 35.23 -20.16 26.06
C PHE A 147 35.18 -20.49 27.54
N LEU A 148 34.49 -21.57 27.91
CA LEU A 148 34.63 -22.10 29.25
C LEU A 148 36.10 -22.45 29.52
N HIS A 149 36.52 -22.29 30.75
CA HIS A 149 37.82 -22.80 31.16
C HIS A 149 37.76 -24.32 31.04
N PRO A 150 38.85 -24.94 30.62
CA PRO A 150 38.86 -26.40 30.58
C PRO A 150 38.63 -27.02 31.96
N ASN A 151 38.14 -28.25 31.97
CA ASN A 151 37.84 -28.95 33.22
C ASN A 151 38.99 -28.96 34.21
N SER A 152 40.22 -29.12 33.73
CA SER A 152 41.37 -29.12 34.62
C SER A 152 41.48 -27.80 35.39
N VAL A 153 41.23 -26.67 34.70
CA VAL A 153 41.21 -25.38 35.39
C VAL A 153 39.99 -25.23 36.30
N LEU A 154 38.82 -25.66 35.84
CA LEU A 154 37.66 -25.60 36.73
C LEU A 154 37.93 -26.41 38.00
N LYS A 155 38.56 -27.58 37.84
CA LYS A 155 38.92 -28.42 38.99
C LYS A 155 39.88 -27.70 39.92
N GLU A 156 40.99 -27.19 39.39
CA GLU A 156 41.89 -26.33 40.16
C GLU A 156 41.15 -25.27 40.99
N ARG A 157 40.05 -24.72 40.49
CA ARG A 157 39.33 -23.61 41.17
C ARG A 157 38.09 -24.00 41.91
N GLY A 158 37.79 -25.30 41.96
CA GLY A 158 36.60 -25.78 42.67
C GLY A 158 35.30 -25.37 41.96
N LEU A 159 35.35 -25.22 40.64
CA LEU A 159 34.23 -24.68 39.87
C LEU A 159 33.49 -25.73 39.06
N MET A 160 33.82 -26.99 39.29
CA MET A 160 33.34 -28.05 38.43
C MET A 160 31.82 -28.17 38.42
N LYS A 161 31.16 -27.85 39.55
CA LYS A 161 29.70 -27.79 39.62
C LYS A 161 29.14 -26.38 39.38
N LYS A 162 29.95 -25.52 38.78
CA LYS A 162 29.54 -24.16 38.46
C LYS A 162 29.78 -23.88 36.98
N LYS A 163 29.85 -24.95 36.19
CA LYS A 163 30.03 -24.81 34.77
C LYS A 163 28.81 -24.07 34.20
N GLY A 164 29.07 -23.03 33.41
CA GLY A 164 28.02 -22.10 32.94
C GLY A 164 27.83 -20.84 33.77
N PHE A 165 28.34 -20.82 35.00
CA PHE A 165 28.36 -19.62 35.84
C PHE A 165 29.47 -18.68 35.35
N PRO A 166 29.36 -17.38 35.67
CA PRO A 166 30.36 -16.43 35.20
C PRO A 166 31.79 -16.84 35.48
N GLN A 167 32.07 -17.29 36.70
CA GLN A 167 33.43 -17.72 37.05
C GLN A 167 34.00 -18.87 36.21
N SER A 168 33.14 -19.62 35.53
CA SER A 168 33.61 -20.72 34.70
C SER A 168 34.05 -20.33 33.29
N TYR A 169 33.84 -19.07 32.89
CA TYR A 169 34.19 -18.59 31.54
C TYR A 169 35.46 -17.80 31.55
N ASP A 170 36.24 -17.94 30.49
CA ASP A 170 37.30 -17.02 30.18
C ASP A 170 36.66 -15.85 29.43
N MET A 171 36.00 -14.97 30.18
CA MET A 171 35.15 -13.92 29.60
C MET A 171 35.98 -12.90 28.86
N HIS A 172 37.23 -12.64 29.29
CA HIS A 172 38.08 -11.69 28.56
C HIS A 172 38.39 -12.18 27.16
N ARG A 173 38.58 -13.49 27.01
CA ARG A 173 38.85 -14.05 25.70
C ARG A 173 37.62 -13.95 24.79
N LEU A 174 36.44 -14.13 25.36
CA LEU A 174 35.23 -14.06 24.57
C LEU A 174 35.02 -12.62 24.12
N VAL A 175 35.21 -11.65 24.99
CA VAL A 175 35.04 -10.25 24.60
C VAL A 175 36.07 -9.88 23.51
N LYS A 176 37.30 -10.37 23.65
CA LYS A 176 38.33 -10.10 22.64
C LYS A 176 38.00 -10.72 21.28
N PHE A 177 37.37 -11.90 21.28
CA PHE A 177 36.98 -12.54 20.05
C PHE A 177 36.00 -11.66 19.29
N VAL A 178 34.91 -11.23 19.92
CA VAL A 178 33.93 -10.40 19.22
C VAL A 178 34.51 -9.02 18.93
N SER A 179 35.33 -8.49 19.84
CA SER A 179 36.03 -7.22 19.55
C SER A 179 36.86 -7.31 18.27
N ASP A 180 37.69 -8.35 18.19
CA ASP A 180 38.50 -8.56 16.98
C ASP A 180 37.69 -8.69 15.73
N LEU A 181 36.57 -9.42 15.78
CA LEU A 181 35.69 -9.48 14.64
C LEU A 181 35.19 -8.07 14.28
N LYS A 182 34.84 -7.27 15.26
CA LYS A 182 34.37 -5.88 15.01
C LYS A 182 35.51 -4.87 14.74
N SER A 183 36.75 -5.34 14.80
CA SER A 183 37.94 -4.57 14.42
C SER A 183 38.35 -4.78 12.96
N GLY A 184 37.77 -5.79 12.33
CA GLY A 184 38.04 -6.11 10.93
C GLY A 184 39.28 -6.99 10.77
N VAL A 185 39.62 -7.80 11.79
CA VAL A 185 40.71 -8.78 11.62
C VAL A 185 40.34 -9.70 10.44
N PRO A 186 41.32 -10.14 9.65
CA PRO A 186 41.02 -11.08 8.54
C PRO A 186 40.57 -12.48 9.01
N GLN A 187 41.02 -12.87 10.20
CA GLN A 187 40.67 -14.14 10.82
C GLN A 187 40.67 -14.00 12.31
N ALA A 188 39.78 -14.71 12.98
CA ALA A 188 39.85 -14.78 14.42
C ALA A 188 39.54 -16.21 14.78
N THR A 189 40.08 -16.64 15.90
CA THR A 189 40.02 -18.04 16.28
C THR A 189 39.36 -18.19 17.63
N ALA A 190 38.45 -19.15 17.70
CA ALA A 190 37.73 -19.48 18.91
C ALA A 190 38.01 -20.92 19.38
N PRO A 191 38.19 -21.12 20.68
CA PRO A 191 38.24 -22.48 21.21
C PRO A 191 36.86 -23.13 21.08
N VAL A 192 36.81 -24.48 21.11
CA VAL A 192 35.57 -25.21 20.88
C VAL A 192 35.38 -26.26 21.98
N TYR A 193 34.12 -26.45 22.33
CA TYR A 193 33.72 -27.34 23.42
C TYR A 193 32.95 -28.48 22.82
N SER A 194 33.05 -29.64 23.46
CA SER A 194 32.22 -30.78 23.08
C SER A 194 31.38 -31.23 24.28
N HIS A 195 30.06 -31.11 24.14
CA HIS A 195 29.10 -31.63 25.13
C HIS A 195 29.24 -33.14 25.31
N LEU A 196 29.73 -33.80 24.25
CA LEU A 196 30.00 -35.25 24.23
C LEU A 196 31.13 -35.66 25.14
N ILE A 197 32.23 -34.90 25.16
CA ILE A 197 33.32 -35.19 26.10
C ILE A 197 33.31 -34.29 27.34
N TYR A 198 32.28 -33.44 27.45
CA TYR A 198 32.08 -32.53 28.60
C TYR A 198 33.33 -31.71 28.91
N ASP A 199 33.97 -31.21 27.87
CA ASP A 199 35.18 -30.41 28.04
C ASP A 199 35.45 -29.63 26.76
N VAL A 200 36.33 -28.65 26.91
CA VAL A 200 36.94 -27.93 25.80
C VAL A 200 37.83 -28.93 25.06
N ILE A 201 37.77 -28.90 23.73
CA ILE A 201 38.56 -29.78 22.87
C ILE A 201 40.01 -29.29 22.73
N PRO A 202 40.97 -30.07 23.26
CA PRO A 202 42.37 -29.69 23.06
C PRO A 202 42.70 -29.55 21.57
N ASP A 203 43.23 -28.40 21.16
CA ASP A 203 43.59 -28.18 19.76
C ASP A 203 42.42 -28.28 18.75
N GLY A 204 41.19 -28.01 19.19
CA GLY A 204 40.02 -28.06 18.29
C GLY A 204 39.50 -26.69 17.87
N ASP A 205 40.36 -25.69 17.93
CA ASP A 205 39.95 -24.29 17.66
C ASP A 205 39.33 -24.06 16.28
N LYS A 206 38.26 -23.27 16.23
CA LYS A 206 37.58 -22.91 14.99
C LYS A 206 38.05 -21.54 14.51
N THR A 207 38.42 -21.42 13.24
CA THR A 207 38.83 -20.15 12.66
C THR A 207 37.75 -19.65 11.74
N VAL A 208 37.33 -18.40 11.93
CA VAL A 208 36.40 -17.75 11.01
C VAL A 208 37.11 -16.64 10.25
N ALA A 209 36.69 -16.44 9.00
CA ALA A 209 37.33 -15.48 8.11
C ALA A 209 36.30 -14.53 7.54
N GLN A 210 36.12 -13.40 8.22
CA GLN A 210 35.21 -12.34 7.73
C GLN A 210 33.95 -12.87 7.06
N PRO A 211 33.09 -13.54 7.83
CA PRO A 211 31.75 -13.88 7.33
C PRO A 211 30.84 -12.65 7.20
N ASP A 212 29.74 -12.79 6.48
CA ASP A 212 28.76 -11.72 6.39
C ASP A 212 27.98 -11.56 7.70
N ILE A 213 27.68 -12.70 8.33
CA ILE A 213 26.99 -12.76 9.61
C ILE A 213 27.70 -13.74 10.49
N LEU A 214 27.82 -13.42 11.77
CA LEU A 214 28.21 -14.39 12.74
C LEU A 214 27.15 -14.47 13.82
N ILE A 215 26.71 -15.68 14.11
CA ILE A 215 25.75 -15.92 15.16
C ILE A 215 26.52 -16.43 16.37
N LEU A 216 26.40 -15.71 17.48
CA LEU A 216 27.06 -16.08 18.75
C LEU A 216 26.01 -16.59 19.72
N GLU A 217 26.11 -17.88 20.02
CA GLU A 217 25.14 -18.56 20.83
C GLU A 217 25.71 -18.91 22.19
N GLY A 218 25.01 -18.51 23.24
CA GLY A 218 25.46 -18.74 24.60
C GLY A 218 24.60 -18.09 25.66
N LEU A 219 24.50 -18.76 26.81
CA LEU A 219 23.70 -18.25 27.92
C LEU A 219 24.16 -16.90 28.43
N ASN A 220 25.43 -16.57 28.23
CA ASN A 220 26.03 -15.38 28.82
C ASN A 220 26.20 -14.17 27.89
N VAL A 221 25.59 -14.20 26.71
CA VAL A 221 25.85 -13.15 25.74
C VAL A 221 25.23 -11.78 26.08
N LEU A 222 24.32 -11.72 27.04
CA LEU A 222 23.80 -10.43 27.49
C LEU A 222 24.34 -10.03 28.88
N GLN A 223 25.28 -10.79 29.42
CA GLN A 223 25.95 -10.49 30.69
C GLN A 223 26.96 -9.36 30.49
N SER A 224 27.34 -8.73 31.59
CA SER A 224 28.27 -7.60 31.54
C SER A 224 29.21 -7.65 32.73
N GLY A 225 30.01 -6.60 32.89
CA GLY A 225 30.98 -6.54 33.96
C GLY A 225 30.44 -6.77 35.35
N MET A 226 29.19 -6.36 35.55
CA MET A 226 28.53 -6.52 36.85
C MET A 226 28.40 -7.99 37.23
N ASP A 227 28.35 -8.86 36.23
CA ASP A 227 28.24 -10.32 36.45
C ASP A 227 29.59 -10.96 36.75
N TYR A 228 30.67 -10.22 36.51
CA TYR A 228 32.03 -10.74 36.64
C TYR A 228 32.82 -9.87 37.63
N PRO A 229 32.30 -9.69 38.87
CA PRO A 229 32.98 -8.78 39.82
C PRO A 229 34.30 -9.34 40.32
N HIS A 230 34.47 -10.66 40.23
CA HIS A 230 35.73 -11.32 40.54
C HIS A 230 36.87 -10.96 39.56
N ASP A 231 36.54 -10.42 38.38
CA ASP A 231 37.52 -10.13 37.34
C ASP A 231 36.85 -9.27 36.24
N PRO A 232 36.56 -7.99 36.57
CA PRO A 232 35.67 -7.17 35.77
C PRO A 232 36.16 -6.83 34.38
N HIS A 233 35.21 -6.71 33.45
CA HIS A 233 35.49 -6.10 32.15
C HIS A 233 34.57 -4.89 31.93
N HIS A 234 35.00 -3.98 31.07
CA HIS A 234 34.41 -2.65 30.97
C HIS A 234 33.77 -2.36 29.62
N VAL A 235 33.98 -3.25 28.65
CA VAL A 235 33.27 -3.25 27.38
C VAL A 235 32.68 -4.66 27.24
N PHE A 236 31.40 -4.76 26.89
CA PHE A 236 30.66 -6.02 27.00
C PHE A 236 30.48 -6.70 25.66
N VAL A 237 30.15 -7.99 25.71
CA VAL A 237 29.84 -8.74 24.50
C VAL A 237 28.82 -7.97 23.66
N SER A 238 27.80 -7.46 24.33
CA SER A 238 26.69 -6.78 23.67
C SER A 238 27.11 -5.50 22.95
N ASP A 239 28.24 -4.92 23.36
CA ASP A 239 28.78 -3.72 22.69
C ASP A 239 29.34 -4.05 21.31
N PHE A 240 29.49 -5.34 21.03
CA PHE A 240 29.96 -5.84 19.74
C PHE A 240 28.91 -6.68 19.01
N VAL A 241 27.66 -6.56 19.44
CA VAL A 241 26.56 -7.34 18.87
C VAL A 241 25.58 -6.40 18.28
N ASP A 242 25.11 -6.71 17.07
CA ASP A 242 24.15 -5.87 16.40
C ASP A 242 22.74 -6.15 16.84
N PHE A 243 22.43 -7.42 17.03
CA PHE A 243 21.05 -7.83 17.32
C PHE A 243 21.05 -9.03 18.26
N SER A 244 20.32 -8.94 19.36
CA SER A 244 20.32 -10.03 20.32
C SER A 244 18.93 -10.63 20.52
N ILE A 245 18.87 -11.96 20.59
CA ILE A 245 17.64 -12.71 20.86
C ILE A 245 17.78 -13.44 22.17
N TYR A 246 16.80 -13.29 23.05
CA TYR A 246 16.71 -14.10 24.25
C TYR A 246 15.57 -15.09 24.04
N VAL A 247 15.88 -16.40 24.11
CA VAL A 247 14.85 -17.41 24.00
C VAL A 247 14.43 -17.77 25.44
N ASP A 248 13.13 -17.63 25.70
CA ASP A 248 12.55 -17.71 27.04
C ASP A 248 11.52 -18.85 27.10
N ALA A 249 11.39 -19.42 28.28
CA ALA A 249 10.38 -20.45 28.54
C ALA A 249 10.24 -20.68 30.04
N PRO A 250 9.09 -21.18 30.49
CA PRO A 250 8.91 -21.48 31.91
C PRO A 250 9.87 -22.58 32.42
N GLU A 251 10.26 -22.48 33.69
CA GLU A 251 11.19 -23.40 34.34
C GLU A 251 10.80 -24.87 34.22
N GLU A 252 9.51 -25.15 34.35
CA GLU A 252 9.00 -26.52 34.29
C GLU A 252 9.25 -27.14 32.91
N LEU A 253 9.04 -26.36 31.84
CA LEU A 253 9.35 -26.84 30.49
C LEU A 253 10.85 -27.07 30.30
N LEU A 254 11.64 -26.09 30.73
CA LEU A 254 13.09 -26.14 30.61
C LEU A 254 13.64 -27.43 31.27
N LYS A 255 13.16 -27.73 32.47
CA LYS A 255 13.58 -28.95 33.18
C LYS A 255 13.26 -30.18 32.33
N SER A 256 12.03 -30.28 31.83
CA SER A 256 11.68 -31.40 30.96
C SER A 256 12.56 -31.49 29.75
N TRP A 257 12.83 -30.35 29.11
CA TRP A 257 13.65 -30.38 27.91
C TRP A 257 15.08 -30.78 28.24
N TYR A 258 15.56 -30.34 29.39
CA TYR A 258 16.92 -30.67 29.79
C TYR A 258 17.06 -32.18 30.03
N ILE A 259 16.13 -32.72 30.79
CA ILE A 259 16.12 -34.15 31.12
C ILE A 259 16.03 -35.00 29.84
N ASN A 260 15.04 -34.71 28.96
CA ASN A 260 14.92 -35.38 27.66
C ASN A 260 16.24 -35.34 26.85
N ARG A 261 16.89 -34.19 26.81
CA ARG A 261 18.13 -34.06 26.04
C ARG A 261 19.23 -34.94 26.67
N PHE A 262 19.26 -34.97 28.00
CA PHE A 262 20.20 -35.79 28.76
C PHE A 262 20.03 -37.27 28.38
N LEU A 263 18.77 -37.71 28.32
CA LEU A 263 18.49 -39.08 27.96
C LEU A 263 18.86 -39.39 26.52
N LYS A 264 18.76 -38.41 25.62
CA LYS A 264 19.20 -38.60 24.25
C LYS A 264 20.72 -38.73 24.14
N PHE A 265 21.45 -37.92 24.90
CA PHE A 265 22.90 -38.08 24.96
C PHE A 265 23.27 -39.43 25.55
N ARG A 266 22.56 -39.86 26.59
CA ARG A 266 22.76 -41.20 27.17
C ARG A 266 22.58 -42.29 26.10
N GLU A 267 21.49 -42.20 25.35
CA GLU A 267 21.25 -43.16 24.25
C GLU A 267 22.38 -43.16 23.27
N GLY A 268 22.85 -41.97 22.91
CA GLY A 268 23.94 -41.85 21.97
C GLY A 268 25.18 -42.54 22.47
N ALA A 269 25.31 -42.66 23.79
CA ALA A 269 26.54 -43.20 24.36
C ALA A 269 26.50 -44.70 24.50
N PHE A 270 25.35 -45.32 24.25
CA PHE A 270 25.24 -46.75 24.45
C PHE A 270 26.39 -47.41 23.75
N THR A 271 26.62 -47.01 22.51
CA THR A 271 27.66 -47.57 21.68
C THR A 271 28.87 -46.64 21.44
N ASP A 272 29.16 -45.74 22.38
CA ASP A 272 30.27 -44.80 22.24
C ASP A 272 30.98 -44.68 23.59
N PRO A 273 31.84 -45.66 23.91
CA PRO A 273 32.56 -45.57 25.18
C PRO A 273 33.45 -44.32 25.33
N ASP A 274 33.63 -43.53 24.28
CA ASP A 274 34.32 -42.24 24.39
C ASP A 274 33.40 -41.09 24.80
N SER A 275 32.10 -41.34 24.86
CA SER A 275 31.22 -40.30 25.35
C SER A 275 31.34 -40.26 26.86
N TYR A 276 31.36 -39.04 27.37
CA TYR A 276 31.27 -38.82 28.78
C TYR A 276 29.93 -39.39 29.30
N PHE A 277 28.93 -39.45 28.43
CA PHE A 277 27.64 -39.98 28.84
C PHE A 277 27.64 -41.50 28.96
N HIS A 278 28.70 -42.15 28.52
CA HIS A 278 28.80 -43.59 28.73
C HIS A 278 28.73 -43.98 30.22
N ASN A 279 29.22 -43.12 31.10
CA ASN A 279 29.05 -43.31 32.54
C ASN A 279 27.58 -43.46 32.91
N TYR A 280 26.71 -42.74 32.22
CA TYR A 280 25.30 -42.76 32.54
C TYR A 280 24.54 -43.83 31.77
N ALA A 281 25.07 -44.23 30.61
CA ALA A 281 24.49 -45.36 29.87
C ALA A 281 24.57 -46.61 30.75
N LYS A 282 25.59 -46.67 31.59
CA LYS A 282 25.82 -47.83 32.45
C LYS A 282 24.84 -47.91 33.60
N LEU A 283 24.14 -46.82 33.88
CA LEU A 283 23.17 -46.78 34.96
C LEU A 283 21.78 -47.09 34.43
N SER A 284 20.86 -47.47 35.31
CA SER A 284 19.48 -47.59 34.89
C SER A 284 18.94 -46.23 34.43
N LYS A 285 17.90 -46.26 33.60
CA LYS A 285 17.28 -45.06 33.09
C LYS A 285 16.76 -44.24 34.25
N GLU A 286 16.09 -44.87 35.23
CA GLU A 286 15.57 -44.15 36.40
C GLU A 286 16.68 -43.37 37.14
N GLU A 287 17.84 -43.99 37.34
CA GLU A 287 18.90 -43.34 38.07
C GLU A 287 19.55 -42.21 37.25
N ALA A 288 19.59 -42.42 35.93
CA ALA A 288 20.06 -41.37 35.00
C ALA A 288 19.15 -40.15 35.09
N VAL A 289 17.85 -40.40 35.05
CA VAL A 289 16.88 -39.34 35.24
C VAL A 289 17.10 -38.58 36.56
N ASP A 290 17.35 -39.31 37.65
CA ASP A 290 17.59 -38.68 38.96
C ASP A 290 18.84 -37.82 38.93
N ILE A 291 19.89 -38.30 38.30
CA ILE A 291 21.10 -37.50 38.18
C ILE A 291 20.84 -36.21 37.37
N ALA A 292 20.21 -36.35 36.21
CA ALA A 292 19.88 -35.23 35.34
C ALA A 292 19.01 -34.22 36.08
N THR A 293 18.02 -34.70 36.82
CA THR A 293 17.14 -33.82 37.61
C THR A 293 17.92 -32.97 38.64
N SER A 294 18.89 -33.58 39.31
CA SER A 294 19.75 -32.91 40.28
C SER A 294 20.70 -31.95 39.65
N LEU A 295 21.28 -32.31 38.51
CA LEU A 295 22.11 -31.36 37.78
C LEU A 295 21.28 -30.13 37.40
N TRP A 296 20.06 -30.35 36.91
CA TRP A 296 19.18 -29.23 36.58
C TRP A 296 18.96 -28.37 37.82
N ASN A 297 18.48 -28.99 38.91
CA ASN A 297 18.07 -28.22 40.07
C ASN A 297 19.23 -27.51 40.75
N GLU A 298 20.38 -28.16 40.80
CA GLU A 298 21.47 -27.64 41.61
C GLU A 298 22.39 -26.72 40.84
N ILE A 299 22.44 -26.85 39.52
CA ILE A 299 23.38 -26.07 38.71
C ILE A 299 22.62 -25.15 37.73
N ASN A 300 21.90 -25.73 36.79
CA ASN A 300 21.38 -24.93 35.68
C ASN A 300 20.24 -24.01 36.07
N LEU A 301 19.39 -24.48 36.98
CA LEU A 301 18.29 -23.67 37.49
C LEU A 301 18.82 -22.50 38.31
N MET A 302 19.79 -22.78 39.17
CA MET A 302 20.43 -21.73 39.96
C MET A 302 21.06 -20.70 39.02
N ASN A 303 21.76 -21.16 38.00
CA ASN A 303 22.38 -20.25 37.02
C ASN A 303 21.36 -19.34 36.31
N LEU A 304 20.24 -19.93 35.92
CA LEU A 304 19.15 -19.21 35.28
C LEU A 304 18.66 -18.08 36.16
N LYS A 305 18.37 -18.39 37.42
CA LYS A 305 17.78 -17.38 38.32
C LYS A 305 18.76 -16.29 38.69
N GLU A 306 20.00 -16.67 38.92
CA GLU A 306 21.00 -15.71 39.39
C GLU A 306 21.61 -14.90 38.29
N ASN A 307 21.87 -15.53 37.16
CA ASN A 307 22.76 -14.95 36.15
C ASN A 307 22.19 -14.73 34.75
N ILE A 308 21.23 -15.55 34.32
CA ILE A 308 20.72 -15.53 32.93
C ILE A 308 19.44 -14.71 32.79
N LEU A 309 18.43 -15.08 33.54
CA LEU A 309 17.14 -14.42 33.46
C LEU A 309 17.18 -12.92 33.70
N PRO A 310 18.04 -12.43 34.63
CA PRO A 310 18.12 -10.97 34.83
C PRO A 310 18.61 -10.18 33.64
N THR A 311 19.22 -10.84 32.67
CA THR A 311 19.65 -10.19 31.43
C THR A 311 18.60 -10.12 30.31
N ARG A 312 17.46 -10.77 30.49
CA ARG A 312 16.48 -10.91 29.41
C ARG A 312 16.07 -9.59 28.79
N GLU A 313 15.88 -8.56 29.61
CA GLU A 313 15.39 -7.26 29.11
C GLU A 313 16.44 -6.42 28.37
N ARG A 314 17.66 -6.96 28.23
CA ARG A 314 18.67 -6.34 27.42
C ARG A 314 18.63 -6.80 25.96
N ALA A 315 17.79 -7.80 25.67
CA ALA A 315 17.72 -8.36 24.31
C ALA A 315 16.99 -7.44 23.33
N SER A 316 17.38 -7.49 22.06
CA SER A 316 16.65 -6.82 21.01
C SER A 316 15.27 -7.44 20.86
N LEU A 317 15.21 -8.77 21.00
CA LEU A 317 13.98 -9.53 20.77
C LEU A 317 13.92 -10.67 21.79
N ILE A 318 12.73 -10.90 22.33
CA ILE A 318 12.51 -12.00 23.25
C ILE A 318 11.48 -12.91 22.60
N MET A 319 11.85 -14.19 22.44
CA MET A 319 10.99 -15.21 21.82
C MET A 319 10.62 -16.24 22.89
N THR A 320 9.34 -16.32 23.21
CA THR A 320 8.85 -17.15 24.31
C THR A 320 8.24 -18.46 23.77
N LYS A 321 8.63 -19.60 24.37
CA LYS A 321 8.18 -20.93 23.98
C LYS A 321 7.24 -21.55 25.03
N SER A 322 6.38 -22.42 24.55
CA SER A 322 5.44 -23.14 25.40
C SER A 322 5.64 -24.64 25.13
N ALA A 323 4.64 -25.46 25.46
CA ALA A 323 4.72 -26.90 25.27
C ALA A 323 5.10 -27.28 23.86
N ASN A 324 5.89 -28.34 23.76
CA ASN A 324 6.37 -28.85 22.48
C ASN A 324 7.17 -27.82 21.67
N HIS A 325 7.79 -26.88 22.37
CA HIS A 325 8.69 -25.89 21.77
C HIS A 325 7.96 -24.84 20.94
N SER A 326 6.64 -24.79 21.07
CA SER A 326 5.83 -23.93 20.23
C SER A 326 5.93 -22.48 20.70
N VAL A 327 6.41 -21.61 19.82
CA VAL A 327 6.51 -20.17 20.18
C VAL A 327 5.13 -19.55 20.39
N ASN A 328 4.90 -18.94 21.54
CA ASN A 328 3.63 -18.27 21.84
C ASN A 328 3.72 -16.75 22.01
N GLN A 329 4.90 -16.14 21.92
CA GLN A 329 5.00 -14.67 22.06
C GLN A 329 6.35 -14.23 21.51
N VAL A 330 6.36 -13.12 20.77
CA VAL A 330 7.59 -12.47 20.32
C VAL A 330 7.48 -10.99 20.69
N ARG A 331 8.52 -10.48 21.31
CA ARG A 331 8.60 -9.08 21.71
C ARG A 331 9.85 -8.51 21.07
N LEU A 332 9.70 -7.39 20.35
CA LEU A 332 10.78 -6.77 19.59
C LEU A 332 10.96 -5.32 20.03
N ARG A 333 12.19 -4.91 20.32
CA ARG A 333 12.43 -3.54 20.72
C ARG A 333 11.92 -2.54 19.68
N LYS A 334 11.25 -1.51 20.17
CA LYS A 334 10.71 -0.47 19.32
C LYS A 334 11.81 0.44 18.76
N LEU B 26 48.08 -2.55 15.22
CA LEU B 26 46.89 -3.35 15.65
C LEU B 26 45.57 -2.68 15.28
N MET B 27 44.62 -3.49 14.84
CA MET B 27 43.27 -3.02 14.57
C MET B 27 42.48 -2.95 15.88
N THR B 28 41.61 -1.96 15.99
CA THR B 28 40.71 -1.83 17.12
C THR B 28 39.31 -1.69 16.54
N PRO B 29 38.29 -1.68 17.40
CA PRO B 29 36.91 -1.54 16.87
C PRO B 29 36.54 -0.16 16.32
N TYR B 30 37.47 0.80 16.37
CA TYR B 30 37.22 2.15 15.91
C TYR B 30 38.05 2.43 14.66
N LEU B 31 37.43 3.04 13.65
CA LEU B 31 38.25 3.65 12.62
C LEU B 31 38.56 5.08 13.05
N GLN B 32 39.76 5.56 12.72
CA GLN B 32 40.15 6.92 13.03
C GLN B 32 40.08 7.69 11.72
N PHE B 33 39.24 8.73 11.63
CA PHE B 33 39.10 9.47 10.39
C PHE B 33 40.46 10.05 10.01
N ASN B 34 40.84 9.95 8.74
CA ASN B 34 41.97 10.74 8.24
C ASN B 34 41.45 12.04 7.59
N ARG B 35 42.35 12.94 7.20
CA ARG B 35 41.90 14.25 6.73
C ARG B 35 41.11 14.17 5.42
N HIS B 36 41.37 13.18 4.59
CA HIS B 36 40.64 13.02 3.32
C HIS B 36 39.18 12.54 3.57
N GLN B 37 39.03 11.60 4.50
CA GLN B 37 37.71 11.11 4.84
C GLN B 37 36.91 12.23 5.51
N TRP B 38 37.51 12.92 6.47
CA TRP B 38 36.83 13.98 7.18
C TRP B 38 36.43 15.14 6.25
N ALA B 39 37.36 15.54 5.37
CA ALA B 39 37.07 16.56 4.35
C ALA B 39 35.88 16.17 3.46
N ALA B 40 35.85 14.90 3.06
CA ALA B 40 34.78 14.37 2.21
C ALA B 40 33.44 14.44 2.93
N LEU B 41 33.45 14.19 4.23
CA LEU B 41 32.23 14.31 5.03
C LEU B 41 31.76 15.76 5.10
N ARG B 42 32.69 16.67 5.40
CA ARG B 42 32.41 18.11 5.43
C ARG B 42 31.85 18.62 4.11
N ASP B 43 32.44 18.14 3.03
CA ASP B 43 32.15 18.65 1.68
C ASP B 43 30.97 17.98 0.98
N SER B 44 30.29 17.07 1.68
CA SER B 44 29.24 16.26 1.08
C SER B 44 27.94 17.00 0.86
N VAL B 45 27.73 18.17 1.47
CA VAL B 45 26.49 18.92 1.30
C VAL B 45 26.82 20.39 1.32
N PRO B 46 25.92 21.25 0.79
CA PRO B 46 26.10 22.65 1.11
C PRO B 46 25.59 22.81 2.55
N MET B 47 26.48 23.04 3.46
CA MET B 47 26.09 23.41 4.82
C MET B 47 26.08 24.96 4.84
N THR B 48 24.85 25.45 4.96
CA THR B 48 24.33 26.76 4.48
C THR B 48 24.10 27.76 5.63
N LEU B 49 25.04 27.85 6.57
CA LEU B 49 24.81 28.63 7.83
C LEU B 49 24.61 30.14 7.59
N THR B 50 23.38 30.62 7.82
CA THR B 50 23.03 32.04 7.68
C THR B 50 23.67 32.88 8.79
N GLU B 51 23.59 34.20 8.66
CA GLU B 51 24.13 35.12 9.70
C GLU B 51 23.39 34.99 11.02
N ASP B 52 22.08 34.80 10.98
CA ASP B 52 21.29 34.58 12.20
C ASP B 52 21.67 33.29 12.93
N GLU B 53 21.89 32.23 12.17
CA GLU B 53 22.32 30.95 12.73
C GLU B 53 23.67 31.11 13.40
N ILE B 54 24.58 31.82 12.74
CA ILE B 54 25.91 32.05 13.30
C ILE B 54 25.80 32.80 14.62
N THR B 55 24.92 33.80 14.67
CA THR B 55 24.70 34.55 15.88
C THR B 55 24.16 33.67 17.00
N ARG B 56 23.18 32.83 16.69
CA ARG B 56 22.67 31.89 17.70
C ARG B 56 23.76 30.95 18.20
N LEU B 57 24.62 30.44 17.33
CA LEU B 57 25.71 29.58 17.78
C LEU B 57 26.65 30.29 18.75
N LYS B 58 27.01 31.53 18.46
CA LYS B 58 27.85 32.31 19.38
C LYS B 58 27.17 32.55 20.70
N GLY B 59 25.85 32.70 20.67
CA GLY B 59 25.04 32.75 21.89
C GLY B 59 25.12 31.53 22.78
N ILE B 60 25.39 30.36 22.20
CA ILE B 60 25.60 29.17 23.02
C ILE B 60 26.87 29.29 23.83
N ASN B 61 27.93 29.79 23.21
CA ASN B 61 29.18 29.94 23.89
C ASN B 61 30.05 30.93 23.14
N GLU B 62 30.39 32.03 23.80
CA GLU B 62 31.13 33.14 23.19
C GLU B 62 32.55 32.75 22.83
N ASP B 63 33.07 31.73 23.49
CA ASP B 63 34.41 31.23 23.15
C ASP B 63 34.37 30.12 22.09
N LEU B 64 33.20 29.77 21.57
CA LEU B 64 33.10 28.79 20.48
C LEU B 64 33.66 29.32 19.16
N SER B 65 34.65 28.64 18.62
CA SER B 65 35.29 29.06 17.39
C SER B 65 34.41 28.73 16.17
N LEU B 66 34.15 29.71 15.32
CA LEU B 66 33.38 29.42 14.10
C LEU B 66 34.17 28.53 13.14
N GLU B 67 35.49 28.55 13.25
CA GLU B 67 36.33 27.63 12.52
C GLU B 67 36.06 26.18 12.95
N GLU B 68 35.91 25.93 14.27
CA GLU B 68 35.51 24.58 14.74
C GLU B 68 34.11 24.19 14.28
N VAL B 69 33.21 25.14 14.23
CA VAL B 69 31.89 24.83 13.71
C VAL B 69 31.99 24.37 12.24
N ALA B 70 32.71 25.12 11.41
CA ALA B 70 32.91 24.73 9.99
C ALA B 70 33.64 23.42 9.80
N GLU B 71 34.75 23.22 10.52
CA GLU B 71 35.64 22.12 10.27
C GLU B 71 35.28 20.85 11.05
N ILE B 72 34.59 21.01 12.17
CA ILE B 72 34.31 19.91 13.08
C ILE B 72 32.80 19.70 13.29
N TYR B 73 32.08 20.69 13.80
CA TYR B 73 30.67 20.41 14.24
C TYR B 73 29.67 20.20 13.09
N LEU B 74 29.87 20.93 12.00
CA LEU B 74 29.02 20.73 10.85
C LEU B 74 29.20 19.32 10.28
N PRO B 75 30.44 18.89 10.05
CA PRO B 75 30.61 17.52 9.57
C PRO B 75 30.18 16.43 10.58
N LEU B 76 30.38 16.67 11.88
CA LEU B 76 29.95 15.71 12.87
C LEU B 76 28.43 15.57 12.85
N SER B 77 27.73 16.70 12.80
CA SER B 77 26.29 16.65 12.71
C SER B 77 25.84 15.99 11.39
N ARG B 78 26.59 16.19 10.31
CA ARG B 78 26.24 15.55 9.03
C ARG B 78 26.39 14.02 9.13
N LEU B 79 27.43 13.59 9.82
CA LEU B 79 27.65 12.17 10.09
C LEU B 79 26.48 11.59 10.83
N LEU B 80 26.10 12.27 11.90
CA LEU B 80 24.97 11.81 12.70
C LEU B 80 23.68 11.70 11.86
N ASN B 81 23.44 12.67 10.99
CA ASN B 81 22.28 12.57 10.08
C ASN B 81 22.26 11.28 9.27
N PHE B 82 23.39 10.81 8.78
CA PHE B 82 23.40 9.51 8.08
C PHE B 82 22.82 8.39 8.94
N TYR B 83 23.21 8.38 10.22
CA TYR B 83 22.76 7.34 11.14
C TYR B 83 21.29 7.52 11.45
N ILE B 84 20.88 8.76 11.70
CA ILE B 84 19.51 9.06 12.04
C ILE B 84 18.61 8.75 10.88
N SER B 85 19.01 9.19 9.67
CA SER B 85 18.21 9.00 8.48
C SER B 85 18.05 7.50 8.15
N SER B 86 19.12 6.76 8.30
CA SER B 86 19.08 5.31 8.08
C SER B 86 18.08 4.62 9.02
N ASN B 87 18.06 5.05 10.27
CA ASN B 87 17.13 4.50 11.26
C ASN B 87 15.68 4.84 10.90
N LEU B 88 15.41 6.06 10.43
CA LEU B 88 14.06 6.44 9.98
C LEU B 88 13.51 5.57 8.86
N ARG B 89 14.35 5.25 7.88
CA ARG B 89 13.95 4.42 6.75
C ARG B 89 13.79 2.97 7.17
N ARG B 90 14.66 2.46 8.05
CA ARG B 90 14.45 1.11 8.60
C ARG B 90 13.10 1.04 9.33
N GLN B 91 12.79 2.03 10.16
CA GLN B 91 11.50 2.05 10.87
C GLN B 91 10.31 1.93 9.91
N ALA B 92 10.38 2.66 8.79
CA ALA B 92 9.33 2.65 7.77
C ALA B 92 9.18 1.26 7.10
N VAL B 93 10.30 0.66 6.74
CA VAL B 93 10.31 -0.71 6.22
C VAL B 93 9.69 -1.70 7.22
N LEU B 94 10.10 -1.62 8.48
CA LEU B 94 9.59 -2.51 9.53
C LEU B 94 8.11 -2.30 9.83
N GLU B 95 7.63 -1.06 9.78
CA GLU B 95 6.23 -0.80 10.04
C GLU B 95 5.32 -1.46 9.00
N GLN B 96 5.67 -1.38 7.73
CA GLN B 96 4.88 -2.05 6.71
C GLN B 96 4.98 -3.58 6.86
N PHE B 97 6.17 -4.10 7.14
CA PHE B 97 6.33 -5.55 7.32
C PHE B 97 5.54 -6.04 8.52
N LEU B 98 5.68 -5.36 9.65
CA LEU B 98 5.12 -5.85 10.89
C LEU B 98 3.65 -5.50 11.04
N GLY B 99 3.15 -4.63 10.16
CA GLY B 99 1.76 -4.18 10.21
C GLY B 99 1.43 -3.31 11.41
N THR B 100 2.44 -2.73 12.05
CA THR B 100 2.19 -1.90 13.22
C THR B 100 1.66 -0.53 12.81
N ASN B 101 1.09 0.18 13.78
CA ASN B 101 0.58 1.53 13.52
C ASN B 101 1.68 2.48 13.02
N GLY B 102 2.82 2.46 13.70
CA GLY B 102 3.93 3.36 13.41
C GLY B 102 3.98 4.61 14.27
N GLN B 103 3.93 4.44 15.59
CA GLN B 103 4.21 5.55 16.50
C GLN B 103 5.69 5.97 16.38
N ARG B 104 5.94 7.26 16.58
CA ARG B 104 7.29 7.78 16.53
C ARG B 104 8.06 7.37 17.80
N ILE B 105 9.29 6.92 17.62
CA ILE B 105 10.18 6.67 18.75
C ILE B 105 11.37 7.60 18.59
N PRO B 106 11.71 8.41 19.61
CA PRO B 106 12.83 9.32 19.35
C PRO B 106 14.15 8.57 19.16
N TYR B 107 14.98 9.09 18.27
CA TYR B 107 16.37 8.72 18.17
C TYR B 107 17.16 9.41 19.31
N ILE B 108 17.89 8.63 20.12
CA ILE B 108 18.55 9.16 21.28
C ILE B 108 20.06 9.10 21.09
N ILE B 109 20.69 10.27 21.24
CA ILE B 109 22.13 10.43 21.21
C ILE B 109 22.57 10.78 22.59
N SER B 110 23.55 10.06 23.10
CA SER B 110 24.11 10.41 24.40
C SER B 110 25.51 11.00 24.27
N ILE B 111 25.90 11.81 25.23
CA ILE B 111 27.21 12.49 25.23
C ILE B 111 27.83 12.39 26.60
N ALA B 112 28.96 11.65 26.67
CA ALA B 112 29.66 11.41 27.91
C ALA B 112 31.03 12.05 27.93
N GLY B 113 31.66 11.98 29.09
CA GLY B 113 33.00 12.54 29.27
C GLY B 113 33.18 13.16 30.64
N SER B 114 34.43 13.53 30.92
CA SER B 114 34.80 14.21 32.17
C SER B 114 34.00 15.44 32.44
N VAL B 115 33.81 15.73 33.73
CA VAL B 115 33.46 17.11 34.10
C VAL B 115 34.40 18.09 33.39
N ALA B 116 33.80 19.14 32.82
CA ALA B 116 34.51 20.28 32.15
C ALA B 116 35.21 19.96 30.82
N VAL B 117 34.89 18.82 30.19
CA VAL B 117 35.42 18.55 28.85
C VAL B 117 34.68 19.30 27.75
N GLY B 118 33.47 19.76 28.05
CA GLY B 118 32.67 20.51 27.08
C GLY B 118 31.45 19.75 26.58
N LYS B 119 30.90 18.87 27.43
CA LYS B 119 29.73 18.09 27.01
C LYS B 119 28.58 19.01 26.72
N SER B 120 28.31 19.97 27.61
CA SER B 120 27.17 20.86 27.41
C SER B 120 27.27 21.77 26.18
N THR B 121 28.43 22.34 25.94
CA THR B 121 28.64 23.10 24.72
C THR B 121 28.47 22.20 23.48
N THR B 122 29.08 21.02 23.51
CA THR B 122 28.97 20.08 22.38
C THR B 122 27.51 19.71 22.14
N ALA B 123 26.78 19.45 23.21
CA ALA B 123 25.38 19.02 23.11
C ALA B 123 24.52 20.11 22.52
N ARG B 124 24.74 21.33 22.99
CA ARG B 124 23.95 22.47 22.54
C ARG B 124 24.26 22.82 21.08
N VAL B 125 25.51 22.71 20.65
CA VAL B 125 25.86 22.97 19.24
C VAL B 125 25.21 21.89 18.35
N LEU B 126 25.33 20.63 18.76
CA LEU B 126 24.74 19.55 17.97
C LEU B 126 23.22 19.68 17.94
N GLN B 127 22.63 20.07 19.04
CA GLN B 127 21.18 20.30 19.05
C GLN B 127 20.80 21.33 17.98
N ALA B 128 21.49 22.48 17.97
CA ALA B 128 21.22 23.56 16.99
C ALA B 128 21.47 23.10 15.55
N LEU B 129 22.58 22.40 15.31
CA LEU B 129 22.91 21.96 13.94
C LEU B 129 22.00 20.84 13.41
N LEU B 130 21.70 19.85 14.25
CA LEU B 130 20.85 18.74 13.82
C LEU B 130 19.45 19.23 13.45
N SER B 131 18.99 20.28 14.14
CA SER B 131 17.62 20.76 13.92
C SER B 131 17.43 21.46 12.57
N ARG B 132 18.52 21.72 11.87
CA ARG B 132 18.50 22.31 10.53
C ARG B 132 18.10 21.30 9.44
N TRP B 133 18.14 19.99 9.73
CA TRP B 133 17.75 18.94 8.78
C TRP B 133 16.26 18.72 8.83
N PRO B 134 15.57 18.90 7.70
CA PRO B 134 14.11 18.75 7.62
C PRO B 134 13.57 17.42 8.13
N GLU B 135 14.34 16.34 8.02
CA GLU B 135 13.92 15.02 8.53
C GLU B 135 13.85 14.96 10.04
N HIS B 136 14.56 15.81 10.75
CA HIS B 136 14.55 15.74 12.20
C HIS B 136 14.70 17.13 12.82
N ARG B 137 13.65 17.95 12.69
CA ARG B 137 13.71 19.34 13.16
C ARG B 137 13.53 19.53 14.68
N HIS B 138 12.82 18.62 15.32
CA HIS B 138 12.53 18.73 16.75
C HIS B 138 13.57 17.92 17.51
N VAL B 139 14.54 18.63 18.10
CA VAL B 139 15.62 18.06 18.88
C VAL B 139 15.59 18.61 20.31
N GLU B 140 15.39 17.72 21.27
CA GLU B 140 15.43 18.06 22.69
C GLU B 140 16.75 17.71 23.33
N LEU B 141 17.05 18.40 24.42
CA LEU B 141 18.29 18.20 25.14
C LEU B 141 17.96 18.04 26.61
N ILE B 142 18.42 16.94 27.20
CA ILE B 142 18.23 16.67 28.65
C ILE B 142 19.59 16.37 29.25
N THR B 143 19.94 16.99 30.39
CA THR B 143 21.20 16.68 31.04
C THR B 143 20.93 15.72 32.19
N THR B 144 21.87 14.83 32.45
CA THR B 144 21.67 13.89 33.56
C THR B 144 21.90 14.53 34.96
N ASP B 145 22.52 15.72 35.01
CA ASP B 145 22.61 16.52 36.25
C ASP B 145 21.27 16.59 36.98
N GLY B 146 20.20 16.81 36.24
CA GLY B 146 18.86 16.86 36.83
C GLY B 146 18.46 15.65 37.65
N PHE B 147 19.08 14.50 37.36
CA PHE B 147 18.78 13.26 38.07
C PHE B 147 19.68 12.98 39.28
N LEU B 148 20.57 13.91 39.61
CA LEU B 148 21.24 13.87 40.92
C LEU B 148 20.19 13.89 42.01
N HIS B 149 20.47 13.22 43.12
CA HIS B 149 19.67 13.40 44.31
C HIS B 149 19.82 14.89 44.71
N PRO B 150 18.73 15.52 45.23
CA PRO B 150 18.92 16.90 45.69
C PRO B 150 19.94 16.99 46.82
N ASN B 151 20.50 18.17 47.04
CA ASN B 151 21.45 18.37 48.15
C ASN B 151 20.90 17.87 49.50
N SER B 152 19.61 18.05 49.76
CA SER B 152 19.03 17.58 51.02
C SER B 152 19.27 16.08 51.21
N VAL B 153 19.02 15.31 50.15
CA VAL B 153 19.25 13.86 50.20
C VAL B 153 20.75 13.56 50.24
N LEU B 154 21.56 14.27 49.46
CA LEU B 154 23.01 14.00 49.50
C LEU B 154 23.59 14.23 50.91
N LYS B 155 23.11 15.29 51.56
CA LYS B 155 23.49 15.56 52.96
C LYS B 155 23.07 14.39 53.86
N GLU B 156 21.79 14.01 53.85
CA GLU B 156 21.34 12.82 54.62
C GLU B 156 22.27 11.61 54.48
N ARG B 157 22.89 11.41 53.31
CA ARG B 157 23.72 10.22 53.05
C ARG B 157 25.22 10.47 53.10
N GLY B 158 25.61 11.68 53.44
CA GLY B 158 27.05 12.01 53.52
C GLY B 158 27.73 12.03 52.16
N LEU B 159 27.00 12.48 51.13
CA LEU B 159 27.54 12.43 49.75
C LEU B 159 27.73 13.78 49.10
N MET B 160 27.74 14.87 49.87
CA MET B 160 27.92 16.19 49.27
C MET B 160 29.28 16.31 48.57
N LYS B 161 30.29 15.59 49.04
CA LYS B 161 31.59 15.63 48.38
C LYS B 161 31.74 14.53 47.31
N LYS B 162 30.63 13.87 46.96
CA LYS B 162 30.65 12.84 45.93
C LYS B 162 29.64 13.20 44.84
N LYS B 163 29.33 14.48 44.67
CA LYS B 163 28.37 14.87 43.64
C LYS B 163 28.96 14.49 42.27
N GLY B 164 28.21 13.72 41.50
CA GLY B 164 28.67 13.19 40.20
C GLY B 164 29.14 11.74 40.23
N PHE B 165 29.36 11.19 41.42
CA PHE B 165 29.68 9.80 41.56
C PHE B 165 28.37 9.01 41.44
N PRO B 166 28.47 7.72 41.10
CA PRO B 166 27.25 6.88 40.92
C PRO B 166 26.26 6.97 42.09
N GLN B 167 26.75 7.00 43.32
CA GLN B 167 25.86 7.03 44.51
C GLN B 167 25.08 8.30 44.63
N SER B 168 25.52 9.35 43.92
CA SER B 168 24.83 10.64 43.96
C SER B 168 23.66 10.77 42.98
N TYR B 169 23.44 9.77 42.12
CA TYR B 169 22.36 9.80 41.12
C TYR B 169 21.20 8.89 41.47
N ASP B 170 20.01 9.37 41.16
CA ASP B 170 18.80 8.53 41.14
C ASP B 170 18.81 7.84 39.77
N MET B 171 19.64 6.81 39.66
CA MET B 171 19.93 6.16 38.36
C MET B 171 18.70 5.43 37.83
N HIS B 172 17.94 4.80 38.72
CA HIS B 172 16.74 4.09 38.29
C HIS B 172 15.76 5.02 37.62
N ARG B 173 15.68 6.26 38.09
CA ARG B 173 14.80 7.24 37.48
C ARG B 173 15.29 7.69 36.10
N LEU B 174 16.61 7.75 35.91
CA LEU B 174 17.19 8.14 34.61
C LEU B 174 16.94 7.03 33.56
N VAL B 175 17.19 5.79 33.95
CA VAL B 175 16.92 4.65 33.09
C VAL B 175 15.45 4.64 32.72
N LYS B 176 14.58 4.83 33.71
CA LYS B 176 13.14 4.90 33.45
C LYS B 176 12.75 6.00 32.46
N PHE B 177 13.39 7.15 32.55
CA PHE B 177 13.12 8.23 31.62
C PHE B 177 13.39 7.81 30.16
N VAL B 178 14.59 7.29 29.90
CA VAL B 178 14.93 6.88 28.51
C VAL B 178 14.13 5.62 28.09
N SER B 179 13.85 4.73 29.05
CA SER B 179 12.97 3.59 28.77
C SER B 179 11.55 4.04 28.33
N ASP B 180 10.98 5.00 29.04
CA ASP B 180 9.65 5.53 28.68
C ASP B 180 9.69 6.17 27.29
N LEU B 181 10.71 6.99 27.02
CA LEU B 181 10.88 7.52 25.68
C LEU B 181 10.94 6.40 24.63
N LYS B 182 11.72 5.37 24.88
CA LYS B 182 11.82 4.24 23.95
C LYS B 182 10.60 3.28 24.00
N SER B 183 9.60 3.65 24.79
CA SER B 183 8.29 2.96 24.82
C SER B 183 7.22 3.68 24.03
N GLY B 184 7.52 4.88 23.50
CA GLY B 184 6.56 5.67 22.75
C GLY B 184 5.57 6.47 23.60
N VAL B 185 5.92 6.73 24.85
CA VAL B 185 5.08 7.55 25.70
C VAL B 185 4.94 8.95 25.05
N PRO B 186 3.74 9.54 25.09
CA PRO B 186 3.63 10.83 24.39
C PRO B 186 4.38 11.96 25.10
N GLN B 187 4.63 11.80 26.39
CA GLN B 187 5.29 12.83 27.20
C GLN B 187 6.14 12.17 28.26
N ALA B 188 7.27 12.78 28.58
CA ALA B 188 8.08 12.28 29.66
C ALA B 188 8.70 13.46 30.36
N THR B 189 8.82 13.34 31.68
CA THR B 189 9.21 14.44 32.52
C THR B 189 10.54 14.16 33.22
N ALA B 190 11.44 15.13 33.17
CA ALA B 190 12.76 15.02 33.76
C ALA B 190 12.97 16.13 34.80
N PRO B 191 13.59 15.81 35.92
CA PRO B 191 14.00 16.84 36.87
C PRO B 191 15.15 17.63 36.27
N VAL B 192 15.31 18.88 36.70
CA VAL B 192 16.24 19.83 36.11
C VAL B 192 17.14 20.37 37.22
N TYR B 193 18.43 20.53 36.89
CA TYR B 193 19.44 20.99 37.83
C TYR B 193 19.90 22.40 37.44
N SER B 194 20.32 23.18 38.42
CA SER B 194 20.91 24.51 38.15
C SER B 194 22.29 24.62 38.77
N HIS B 195 23.34 24.72 37.93
CA HIS B 195 24.74 24.95 38.42
C HIS B 195 24.90 26.27 39.21
N LEU B 196 24.01 27.23 38.92
CA LEU B 196 24.01 28.54 39.56
C LEU B 196 23.54 28.50 41.03
N ILE B 197 22.65 27.58 41.39
CA ILE B 197 22.32 27.31 42.81
C ILE B 197 22.83 25.94 43.30
N TYR B 198 23.61 25.26 42.46
CA TYR B 198 24.26 23.99 42.80
C TYR B 198 23.28 22.96 43.39
N ASP B 199 22.09 22.87 42.79
CA ASP B 199 21.08 21.93 43.25
C ASP B 199 19.99 21.69 42.19
N VAL B 200 19.19 20.66 42.45
CA VAL B 200 18.02 20.34 41.65
C VAL B 200 16.95 21.41 41.86
N ILE B 201 16.40 21.96 40.78
CA ILE B 201 15.38 23.00 40.91
C ILE B 201 14.11 22.33 41.44
N PRO B 202 13.64 22.70 42.65
CA PRO B 202 12.37 22.09 43.11
C PRO B 202 11.21 22.50 42.20
N ASP B 203 10.39 21.52 41.81
CA ASP B 203 9.29 21.76 40.86
C ASP B 203 9.74 22.53 39.61
N GLY B 204 10.88 22.16 39.03
CA GLY B 204 11.38 22.79 37.79
C GLY B 204 11.44 21.84 36.61
N ASP B 205 10.67 20.76 36.68
CA ASP B 205 10.73 19.65 35.71
C ASP B 205 10.48 20.05 34.25
N LYS B 206 11.24 19.42 33.36
CA LYS B 206 11.16 19.67 31.92
C LYS B 206 10.39 18.48 31.34
N THR B 207 9.40 18.77 30.52
CA THR B 207 8.56 17.75 29.91
C THR B 207 8.90 17.73 28.45
N VAL B 208 9.18 16.55 27.90
CA VAL B 208 9.45 16.48 26.48
C VAL B 208 8.34 15.68 25.87
N ALA B 209 8.00 16.00 24.62
CA ALA B 209 6.94 15.31 23.91
C ALA B 209 7.40 14.70 22.58
N GLN B 210 7.72 13.41 22.58
CA GLN B 210 8.11 12.72 21.35
C GLN B 210 8.87 13.63 20.35
N PRO B 211 10.07 14.09 20.74
CA PRO B 211 10.94 14.76 19.78
C PRO B 211 11.44 13.79 18.67
N ASP B 212 11.98 14.32 17.57
CA ASP B 212 12.65 13.47 16.56
C ASP B 212 13.94 12.91 17.13
N ILE B 213 14.63 13.75 17.90
CA ILE B 213 15.88 13.36 18.50
C ILE B 213 15.90 13.87 19.94
N LEU B 214 16.37 13.05 20.85
CA LEU B 214 16.74 13.50 22.17
C LEU B 214 18.23 13.31 22.36
N ILE B 215 18.89 14.38 22.78
CA ILE B 215 20.29 14.36 23.17
C ILE B 215 20.31 14.30 24.68
N LEU B 216 20.99 13.29 25.24
CA LEU B 216 21.12 13.04 26.66
C LEU B 216 22.58 13.26 27.04
N GLU B 217 22.83 14.32 27.81
CA GLU B 217 24.18 14.77 28.09
C GLU B 217 24.49 14.53 29.57
N GLY B 218 25.60 13.86 29.86
CA GLY B 218 26.09 13.71 31.23
C GLY B 218 27.25 12.73 31.35
N LEU B 219 27.99 12.83 32.44
CA LEU B 219 29.18 12.02 32.60
C LEU B 219 28.90 10.54 32.75
N ASN B 220 27.67 10.18 33.12
CA ASN B 220 27.33 8.81 33.46
C ASN B 220 26.53 8.02 32.39
N VAL B 221 26.39 8.56 31.16
CA VAL B 221 25.51 7.90 30.18
C VAL B 221 26.04 6.56 29.63
N LEU B 222 27.33 6.26 29.84
CA LEU B 222 27.92 4.98 29.42
C LEU B 222 28.16 4.01 30.58
N GLN B 223 27.74 4.42 31.78
CA GLN B 223 27.85 3.58 32.97
C GLN B 223 26.74 2.53 32.96
N SER B 224 26.94 1.52 33.80
CA SER B 224 26.04 0.38 33.82
C SER B 224 25.93 -0.16 35.22
N GLY B 225 25.22 -1.28 35.36
CA GLY B 225 24.98 -1.89 36.66
C GLY B 225 26.21 -2.10 37.49
N MET B 226 27.34 -2.40 36.86
CA MET B 226 28.61 -2.58 37.56
C MET B 226 29.08 -1.33 38.34
N ASP B 227 28.68 -0.15 37.88
CA ASP B 227 29.06 1.09 38.54
C ASP B 227 28.14 1.40 39.72
N TYR B 228 27.06 0.64 39.89
CA TYR B 228 26.05 0.90 40.92
C TYR B 228 25.85 -0.33 41.81
N PRO B 229 26.93 -0.89 42.37
CA PRO B 229 26.78 -2.12 43.18
C PRO B 229 25.99 -1.91 44.49
N HIS B 230 25.93 -0.67 44.98
CA HIS B 230 25.06 -0.30 46.10
C HIS B 230 23.58 -0.39 45.78
N ASP B 231 23.20 -0.35 44.50
CA ASP B 231 21.78 -0.39 44.09
C ASP B 231 21.72 -0.78 42.61
N PRO B 232 21.93 -2.08 42.31
CA PRO B 232 22.13 -2.55 40.92
C PRO B 232 20.94 -2.35 40.00
N HIS B 233 21.21 -2.06 38.73
CA HIS B 233 20.18 -2.12 37.72
C HIS B 233 20.68 -3.03 36.60
N HIS B 234 19.74 -3.65 35.89
CA HIS B 234 20.10 -4.73 34.94
C HIS B 234 19.81 -4.42 33.49
N VAL B 235 19.27 -3.24 33.25
CA VAL B 235 19.16 -2.68 31.90
C VAL B 235 19.70 -1.26 31.97
N PHE B 236 20.59 -0.92 31.04
CA PHE B 236 21.41 0.27 31.16
C PHE B 236 20.88 1.42 30.31
N VAL B 237 21.29 2.63 30.66
CA VAL B 237 20.97 3.79 29.83
C VAL B 237 21.33 3.50 28.38
N SER B 238 22.51 2.93 28.17
CA SER B 238 22.97 2.60 26.81
C SER B 238 22.01 1.66 26.05
N ASP B 239 21.26 0.83 26.77
CA ASP B 239 20.28 -0.05 26.12
C ASP B 239 19.12 0.71 25.48
N PHE B 240 19.01 2.02 25.77
CA PHE B 240 17.99 2.87 25.17
C PHE B 240 18.57 4.02 24.36
N VAL B 241 19.86 3.93 24.02
CA VAL B 241 20.53 4.99 23.33
C VAL B 241 20.93 4.46 21.96
N ASP B 242 20.66 5.24 20.91
CA ASP B 242 21.03 4.78 19.54
C ASP B 242 22.50 5.05 19.20
N PHE B 243 23.02 6.19 19.64
CA PHE B 243 24.37 6.63 19.30
C PHE B 243 24.95 7.38 20.48
N SER B 244 26.16 7.03 20.90
CA SER B 244 26.82 7.68 22.02
C SER B 244 28.18 8.24 21.63
N ILE B 245 28.44 9.44 22.13
CA ILE B 245 29.69 10.16 21.93
C ILE B 245 30.37 10.28 23.28
N TYR B 246 31.65 9.95 23.35
CA TYR B 246 32.47 10.27 24.50
C TYR B 246 33.43 11.38 24.05
N VAL B 247 33.39 12.52 24.74
CA VAL B 247 34.30 13.64 24.48
C VAL B 247 35.50 13.49 25.42
N ASP B 248 36.69 13.42 24.83
CA ASP B 248 37.91 13.01 25.51
C ASP B 248 38.89 14.17 25.46
N ALA B 249 39.71 14.24 26.49
CA ALA B 249 40.81 15.21 26.52
C ALA B 249 41.78 14.82 27.60
N PRO B 250 43.04 15.23 27.45
CA PRO B 250 43.93 14.84 28.53
C PRO B 250 43.66 15.61 29.84
N GLU B 251 44.06 14.97 30.93
CA GLU B 251 43.84 15.43 32.28
C GLU B 251 44.24 16.87 32.55
N GLU B 252 45.41 17.27 32.03
CA GLU B 252 45.95 18.62 32.21
C GLU B 252 45.07 19.69 31.57
N LEU B 253 44.51 19.41 30.40
CA LEU B 253 43.58 20.37 29.79
C LEU B 253 42.28 20.43 30.56
N LEU B 254 41.77 19.28 30.99
CA LEU B 254 40.50 19.24 31.71
C LEU B 254 40.60 20.08 32.98
N LYS B 255 41.70 19.90 33.70
CA LYS B 255 41.97 20.68 34.89
C LYS B 255 41.95 22.20 34.65
N SER B 256 42.68 22.66 33.62
CA SER B 256 42.70 24.08 33.32
C SER B 256 41.32 24.55 32.89
N TRP B 257 40.57 23.70 32.16
CA TRP B 257 39.24 24.12 31.75
C TRP B 257 38.30 24.18 32.93
N TYR B 258 38.43 23.25 33.87
CA TYR B 258 37.59 23.27 35.07
C TYR B 258 37.88 24.54 35.91
N ILE B 259 39.16 24.86 36.07
CA ILE B 259 39.55 26.02 36.88
C ILE B 259 39.12 27.33 36.23
N ASN B 260 39.33 27.46 34.92
CA ASN B 260 38.90 28.64 34.21
C ASN B 260 37.39 28.83 34.31
N ARG B 261 36.62 27.75 34.17
CA ARG B 261 35.17 27.86 34.27
C ARG B 261 34.76 28.28 35.68
N PHE B 262 35.38 27.67 36.68
CA PHE B 262 35.13 28.03 38.07
C PHE B 262 35.38 29.54 38.29
N LEU B 263 36.52 30.02 37.81
CA LEU B 263 36.85 31.45 37.94
C LEU B 263 35.85 32.32 37.23
N LYS B 264 35.37 31.88 36.05
CA LYS B 264 34.31 32.63 35.36
C LYS B 264 33.00 32.69 36.11
N PHE B 265 32.58 31.58 36.73
CA PHE B 265 31.37 31.59 37.56
C PHE B 265 31.56 32.50 38.78
N ARG B 266 32.75 32.46 39.37
CA ARG B 266 33.07 33.33 40.49
C ARG B 266 32.91 34.81 40.09
N GLU B 267 33.52 35.22 38.98
CA GLU B 267 33.36 36.56 38.41
C GLU B 267 31.92 36.97 38.20
N GLY B 268 31.15 36.08 37.59
CA GLY B 268 29.69 36.28 37.43
C GLY B 268 29.02 36.59 38.76
N ALA B 269 29.50 35.93 39.81
CA ALA B 269 28.92 36.15 41.12
C ALA B 269 29.35 37.47 41.78
N PHE B 270 30.37 38.15 41.24
CA PHE B 270 30.78 39.43 41.81
C PHE B 270 29.59 40.35 42.08
N THR B 271 28.61 40.33 41.18
CA THR B 271 27.45 41.20 41.27
C THR B 271 26.15 40.47 41.60
N ASP B 272 26.21 39.17 41.89
CA ASP B 272 25.00 38.41 42.14
C ASP B 272 25.08 37.65 43.48
N PRO B 273 24.51 38.24 44.55
CA PRO B 273 24.59 37.59 45.86
C PRO B 273 23.80 36.28 46.01
N ASP B 274 22.91 35.99 45.07
CA ASP B 274 22.07 34.80 45.14
C ASP B 274 22.69 33.63 44.38
N SER B 275 23.85 33.87 43.79
CA SER B 275 24.60 32.84 43.11
C SER B 275 25.32 32.01 44.17
N TYR B 276 25.30 30.70 44.01
CA TYR B 276 26.08 29.80 44.83
C TYR B 276 27.56 30.19 44.77
N PHE B 277 27.98 30.72 43.62
CA PHE B 277 29.39 31.10 43.48
C PHE B 277 29.71 32.45 44.10
N HIS B 278 28.69 33.18 44.56
CA HIS B 278 28.96 34.37 45.38
C HIS B 278 29.79 34.00 46.62
N ASN B 279 29.55 32.80 47.15
CA ASN B 279 30.36 32.34 48.28
C ASN B 279 31.88 32.40 47.99
N TYR B 280 32.26 31.97 46.80
CA TYR B 280 33.68 32.01 46.40
C TYR B 280 34.17 33.41 45.99
N ALA B 281 33.26 34.27 45.54
CA ALA B 281 33.60 35.68 45.25
C ALA B 281 34.09 36.41 46.50
N LYS B 282 33.69 35.90 47.66
CA LYS B 282 34.10 36.48 48.94
C LYS B 282 35.52 36.17 49.29
N LEU B 283 36.10 35.13 48.69
CA LEU B 283 37.49 34.79 48.98
C LEU B 283 38.40 35.60 48.11
N SER B 284 39.68 35.57 48.46
CA SER B 284 40.74 36.06 47.59
C SER B 284 40.87 35.16 46.39
N LYS B 285 41.40 35.71 45.31
CA LYS B 285 41.50 34.95 44.07
C LYS B 285 42.42 33.77 44.24
N GLU B 286 43.53 33.96 44.93
CA GLU B 286 44.48 32.87 45.10
C GLU B 286 43.86 31.71 45.88
N GLU B 287 43.13 32.02 46.93
CA GLU B 287 42.47 30.98 47.70
C GLU B 287 41.34 30.31 46.88
N ALA B 288 40.63 31.09 46.05
CA ALA B 288 39.56 30.52 45.21
C ALA B 288 40.20 29.50 44.27
N VAL B 289 41.32 29.87 43.69
CA VAL B 289 42.07 28.97 42.81
C VAL B 289 42.53 27.69 43.51
N ASP B 290 43.00 27.80 44.75
CA ASP B 290 43.48 26.63 45.48
C ASP B 290 42.34 25.71 45.77
N ILE B 291 41.20 26.29 46.12
CA ILE B 291 39.97 25.54 46.32
C ILE B 291 39.46 24.79 45.09
N ALA B 292 39.46 25.46 43.95
CA ALA B 292 39.05 24.85 42.69
C ALA B 292 39.95 23.70 42.33
N THR B 293 41.26 23.92 42.47
CA THR B 293 42.24 22.90 42.24
C THR B 293 42.01 21.65 43.11
N SER B 294 41.70 21.84 44.38
CA SER B 294 41.45 20.74 45.27
C SER B 294 40.14 20.01 44.96
N LEU B 295 39.11 20.76 44.55
CA LEU B 295 37.84 20.16 44.08
C LEU B 295 38.08 19.30 42.88
N TRP B 296 38.87 19.81 41.94
CA TRP B 296 39.27 19.02 40.81
C TRP B 296 39.98 17.76 41.26
N ASN B 297 41.08 17.93 41.99
CA ASN B 297 41.92 16.80 42.33
C ASN B 297 41.17 15.74 43.15
N GLU B 298 40.32 16.17 44.09
CA GLU B 298 39.79 15.26 45.10
C GLU B 298 38.42 14.68 44.74
N ILE B 299 37.64 15.41 43.94
CA ILE B 299 36.31 14.97 43.58
C ILE B 299 36.29 14.60 42.06
N ASN B 300 36.40 15.60 41.18
CA ASN B 300 36.11 15.37 39.75
C ASN B 300 37.13 14.50 39.06
N LEU B 301 38.42 14.64 39.40
CA LEU B 301 39.46 13.78 38.85
C LEU B 301 39.38 12.32 39.31
N MET B 302 39.14 12.10 40.60
CA MET B 302 38.93 10.76 41.12
C MET B 302 37.75 10.08 40.37
N ASN B 303 36.69 10.86 40.14
CA ASN B 303 35.50 10.38 39.45
C ASN B 303 35.82 10.02 38.01
N LEU B 304 36.61 10.84 37.33
CA LEU B 304 37.09 10.53 36.00
C LEU B 304 37.81 9.18 35.95
N LYS B 305 38.81 9.01 36.82
CA LYS B 305 39.62 7.82 36.80
C LYS B 305 38.83 6.57 37.19
N GLU B 306 37.98 6.66 38.19
CA GLU B 306 37.30 5.47 38.72
C GLU B 306 36.05 5.07 37.94
N ASN B 307 35.29 6.07 37.48
CA ASN B 307 33.94 5.84 36.98
C ASN B 307 33.65 6.26 35.53
N ILE B 308 34.35 7.26 35.00
CA ILE B 308 34.01 7.85 33.70
C ILE B 308 34.90 7.34 32.59
N LEU B 309 36.21 7.50 32.76
CA LEU B 309 37.16 7.07 31.76
C LEU B 309 37.04 5.57 31.40
N PRO B 310 36.77 4.70 32.37
CA PRO B 310 36.70 3.29 31.96
C PRO B 310 35.51 2.99 31.05
N THR B 311 34.56 3.91 30.92
CA THR B 311 33.44 3.70 30.04
C THR B 311 33.65 4.14 28.60
N ARG B 312 34.79 4.75 28.30
CA ARG B 312 35.00 5.43 27.03
C ARG B 312 34.81 4.53 25.82
N GLU B 313 35.29 3.28 25.92
CA GLU B 313 35.27 2.36 24.78
C GLU B 313 33.87 1.70 24.59
N ARG B 314 32.89 2.10 25.38
CA ARG B 314 31.52 1.78 25.10
C ARG B 314 30.84 2.73 24.07
N ALA B 315 31.53 3.79 23.69
CA ALA B 315 30.98 4.85 22.85
C ALA B 315 30.96 4.41 21.40
N SER B 316 29.92 4.83 20.70
CA SER B 316 29.91 4.73 19.25
C SER B 316 31.04 5.55 18.63
N LEU B 317 31.33 6.70 19.24
CA LEU B 317 32.27 7.67 18.68
C LEU B 317 33.01 8.36 19.81
N ILE B 318 34.32 8.49 19.66
CA ILE B 318 35.17 9.17 20.60
C ILE B 318 35.75 10.39 19.88
N MET B 319 35.51 11.56 20.44
CA MET B 319 35.92 12.86 19.90
C MET B 319 36.94 13.43 20.86
N THR B 320 38.19 13.56 20.42
CA THR B 320 39.27 13.98 21.29
C THR B 320 39.64 15.45 21.07
N LYS B 321 39.83 16.19 22.17
CA LYS B 321 40.04 17.61 22.12
C LYS B 321 41.47 17.96 22.50
N SER B 322 41.94 19.08 21.98
CA SER B 322 43.30 19.55 22.25
C SER B 322 43.20 20.94 22.85
N ALA B 323 44.33 21.66 22.76
CA ALA B 323 44.42 23.09 23.07
C ALA B 323 43.32 23.90 22.42
N ASN B 324 42.82 24.86 23.17
CA ASN B 324 41.78 25.77 22.72
C ASN B 324 40.50 25.06 22.35
N HIS B 325 40.32 23.84 22.87
CA HIS B 325 39.13 23.01 22.62
C HIS B 325 39.01 22.44 21.21
N SER B 326 40.05 22.57 20.40
CA SER B 326 39.91 22.14 19.03
C SER B 326 39.94 20.61 18.99
N VAL B 327 39.12 20.01 18.13
CA VAL B 327 39.05 18.54 18.04
C VAL B 327 40.14 18.04 17.12
N ASN B 328 41.03 17.19 17.63
CA ASN B 328 42.15 16.69 16.84
C ASN B 328 42.02 15.22 16.37
N GLN B 329 40.97 14.52 16.79
CA GLN B 329 40.79 13.10 16.46
C GLN B 329 39.30 12.74 16.65
N VAL B 330 38.76 12.01 15.67
CA VAL B 330 37.43 11.43 15.74
C VAL B 330 37.59 9.95 15.41
N ARG B 331 37.18 9.12 16.35
CA ARG B 331 37.12 7.69 16.15
C ARG B 331 35.67 7.21 16.12
N LEU B 332 35.34 6.35 15.17
CA LEU B 332 33.97 5.89 14.98
C LEU B 332 33.98 4.37 14.96
N ARG B 333 33.02 3.73 15.65
CA ARG B 333 32.93 2.27 15.62
C ARG B 333 32.78 1.76 14.17
N LYS B 334 33.52 0.72 13.82
CA LYS B 334 33.47 0.13 12.48
C LYS B 334 32.17 -0.61 12.26
N LEU C 26 0.28 27.27 5.88
CA LEU C 26 0.88 25.94 5.54
C LEU C 26 -0.22 24.95 5.09
N MET C 27 -0.85 24.24 6.03
CA MET C 27 -1.87 23.21 5.69
C MET C 27 -3.26 23.83 5.51
N THR C 28 -3.99 23.36 4.50
CA THR C 28 -5.34 23.87 4.22
C THR C 28 -6.30 22.69 4.14
N PRO C 29 -7.63 22.96 4.07
CA PRO C 29 -8.63 21.89 4.01
C PRO C 29 -8.72 21.14 2.65
N TYR C 30 -7.83 21.44 1.72
CA TYR C 30 -7.93 20.96 0.35
C TYR C 30 -6.68 20.19 -0.03
N LEU C 31 -6.85 19.04 -0.66
CA LEU C 31 -5.75 18.37 -1.38
C LEU C 31 -5.57 19.15 -2.69
N GLN C 32 -4.33 19.32 -3.12
CA GLN C 32 -4.06 20.11 -4.29
C GLN C 32 -3.47 19.25 -5.39
N PHE C 33 -3.92 19.46 -6.62
CA PHE C 33 -3.43 18.73 -7.78
C PHE C 33 -3.10 19.73 -8.89
N ASN C 34 -1.89 19.66 -9.42
CA ASN C 34 -1.60 20.31 -10.69
C ASN C 34 -2.19 19.44 -11.79
N ARG C 35 -2.18 19.97 -13.00
CA ARG C 35 -2.81 19.33 -14.14
C ARG C 35 -2.35 17.88 -14.38
N HIS C 36 -1.06 17.62 -14.18
CA HIS C 36 -0.50 16.31 -14.43
C HIS C 36 -0.85 15.34 -13.30
N GLN C 37 -0.81 15.81 -12.06
CA GLN C 37 -1.28 15.02 -10.92
C GLN C 37 -2.74 14.59 -11.08
N TRP C 38 -3.57 15.52 -11.57
CA TRP C 38 -4.98 15.24 -11.79
C TRP C 38 -5.21 14.25 -12.93
N ALA C 39 -4.58 14.50 -14.08
CA ALA C 39 -4.66 13.56 -15.22
C ALA C 39 -4.12 12.17 -14.87
N ALA C 40 -3.13 12.12 -14.00
CA ALA C 40 -2.57 10.86 -13.56
C ALA C 40 -3.58 9.96 -12.84
N LEU C 41 -4.74 10.48 -12.44
CA LEU C 41 -5.80 9.64 -11.90
C LEU C 41 -6.18 8.49 -12.84
N ARG C 42 -5.97 8.67 -14.15
CA ARG C 42 -6.19 7.62 -15.17
C ARG C 42 -5.18 6.47 -15.10
N ASP C 43 -4.01 6.71 -14.50
CA ASP C 43 -3.06 5.63 -14.20
C ASP C 43 -3.72 4.63 -13.25
N SER C 44 -3.72 3.35 -13.64
CA SER C 44 -4.39 2.27 -12.89
C SER C 44 -5.91 2.22 -13.11
N VAL C 45 -6.48 3.30 -13.62
CA VAL C 45 -7.92 3.41 -13.89
C VAL C 45 -8.11 3.80 -15.37
N PRO C 46 -7.80 2.87 -16.31
CA PRO C 46 -7.88 3.21 -17.73
C PRO C 46 -9.29 3.65 -18.18
N MET C 47 -9.38 4.86 -18.71
CA MET C 47 -10.64 5.41 -19.21
C MET C 47 -10.38 6.27 -20.44
N THR C 48 -11.11 5.95 -21.51
CA THR C 48 -11.03 6.67 -22.77
C THR C 48 -12.45 6.79 -23.28
N LEU C 49 -12.71 7.80 -24.10
CA LEU C 49 -14.07 8.17 -24.51
C LEU C 49 -14.63 7.24 -25.58
N THR C 50 -15.95 7.05 -25.61
CA THR C 50 -16.60 6.29 -26.70
C THR C 50 -16.70 7.21 -27.90
N GLU C 51 -16.95 6.63 -29.06
CA GLU C 51 -17.07 7.42 -30.27
C GLU C 51 -18.36 8.26 -30.26
N ASP C 52 -19.40 7.74 -29.59
CA ASP C 52 -20.68 8.44 -29.46
C ASP C 52 -20.58 9.61 -28.48
N GLU C 53 -19.81 9.42 -27.42
CA GLU C 53 -19.56 10.50 -26.46
C GLU C 53 -18.89 11.66 -27.16
N ILE C 54 -17.88 11.37 -27.97
CA ILE C 54 -17.23 12.39 -28.78
C ILE C 54 -18.23 13.15 -29.66
N THR C 55 -19.24 12.44 -30.16
CA THR C 55 -20.30 13.08 -30.95
C THR C 55 -21.05 14.07 -30.09
N ARG C 56 -21.55 13.59 -28.95
CA ARG C 56 -22.38 14.42 -28.08
C ARG C 56 -21.55 15.57 -27.48
N LEU C 57 -20.28 15.31 -27.18
CA LEU C 57 -19.40 16.35 -26.60
C LEU C 57 -19.16 17.50 -27.57
N LYS C 58 -18.90 17.15 -28.82
CA LYS C 58 -18.76 18.18 -29.84
C LYS C 58 -20.09 18.92 -30.02
N GLY C 59 -21.20 18.21 -29.94
CA GLY C 59 -22.53 18.84 -29.92
C GLY C 59 -22.76 19.80 -28.76
N ILE C 60 -22.18 19.50 -27.61
CA ILE C 60 -22.31 20.39 -26.44
C ILE C 60 -21.60 21.71 -26.70
N ASN C 61 -20.35 21.63 -27.17
CA ASN C 61 -19.55 22.83 -27.40
C ASN C 61 -18.41 22.60 -28.40
N GLU C 62 -18.49 23.30 -29.54
CA GLU C 62 -17.53 23.19 -30.65
C GLU C 62 -16.09 23.43 -30.18
N ASP C 63 -15.93 24.43 -29.33
CA ASP C 63 -14.60 24.85 -28.88
C ASP C 63 -14.05 23.97 -27.75
N LEU C 64 -14.86 23.05 -27.26
CA LEU C 64 -14.40 22.08 -26.27
C LEU C 64 -13.31 21.16 -26.83
N SER C 65 -12.10 21.26 -26.28
CA SER C 65 -11.01 20.36 -26.64
C SER C 65 -11.28 18.94 -26.14
N LEU C 66 -11.17 17.96 -27.04
CA LEU C 66 -11.40 16.56 -26.68
C LEU C 66 -10.32 16.02 -25.77
N GLU C 67 -9.10 16.53 -25.91
CA GLU C 67 -8.00 16.15 -25.01
C GLU C 67 -8.19 16.66 -23.57
N GLU C 68 -8.70 17.88 -23.43
CA GLU C 68 -9.06 18.44 -22.12
C GLU C 68 -10.15 17.57 -21.49
N VAL C 69 -11.13 17.19 -22.29
CA VAL C 69 -12.19 16.31 -21.81
C VAL C 69 -11.58 15.02 -21.24
N ALA C 70 -10.65 14.41 -21.96
CA ALA C 70 -10.02 13.15 -21.53
C ALA C 70 -9.08 13.27 -20.34
N GLU C 71 -8.32 14.35 -20.29
CA GLU C 71 -7.34 14.55 -19.21
C GLU C 71 -7.90 15.18 -17.92
N ILE C 72 -9.02 15.88 -18.01
CA ILE C 72 -9.53 16.61 -16.85
C ILE C 72 -10.91 16.15 -16.46
N TYR C 73 -11.86 16.17 -17.40
CA TYR C 73 -13.25 15.90 -17.06
C TYR C 73 -13.53 14.41 -16.89
N LEU C 74 -12.77 13.54 -17.55
CA LEU C 74 -12.92 12.10 -17.33
C LEU C 74 -12.49 11.68 -15.92
N PRO C 75 -11.29 12.06 -15.49
CA PRO C 75 -10.96 11.81 -14.09
C PRO C 75 -11.92 12.49 -13.08
N LEU C 76 -12.46 13.67 -13.38
CA LEU C 76 -13.46 14.32 -12.52
C LEU C 76 -14.73 13.46 -12.43
N SER C 77 -15.19 12.95 -13.57
CA SER C 77 -16.34 12.04 -13.57
C SER C 77 -16.03 10.75 -12.77
N ARG C 78 -14.78 10.28 -12.81
CA ARG C 78 -14.42 9.07 -12.07
C ARG C 78 -14.39 9.35 -10.58
N LEU C 79 -13.88 10.51 -10.20
CA LEU C 79 -13.89 10.93 -8.82
C LEU C 79 -15.34 11.01 -8.32
N LEU C 80 -16.21 11.67 -9.08
CA LEU C 80 -17.60 11.81 -8.68
C LEU C 80 -18.24 10.44 -8.52
N ASN C 81 -17.92 9.50 -9.41
CA ASN C 81 -18.45 8.15 -9.31
C ASN C 81 -18.05 7.44 -7.98
N PHE C 82 -16.79 7.58 -7.54
CA PHE C 82 -16.43 7.07 -6.21
C PHE C 82 -17.27 7.65 -5.06
N TYR C 83 -17.50 8.98 -5.10
CA TYR C 83 -18.36 9.62 -4.07
C TYR C 83 -19.78 9.05 -4.16
N ILE C 84 -20.31 8.92 -5.37
CA ILE C 84 -21.69 8.50 -5.54
C ILE C 84 -21.84 7.04 -5.11
N SER C 85 -20.92 6.20 -5.58
CA SER C 85 -20.86 4.79 -5.18
C SER C 85 -20.76 4.61 -3.67
N SER C 86 -19.94 5.42 -3.00
CA SER C 86 -19.86 5.37 -1.55
C SER C 86 -21.24 5.66 -0.94
N ASN C 87 -21.92 6.68 -1.47
CA ASN C 87 -23.23 7.05 -0.98
C ASN C 87 -24.25 5.92 -1.20
N LEU C 88 -24.26 5.34 -2.39
CA LEU C 88 -25.16 4.21 -2.69
C LEU C 88 -24.92 2.96 -1.82
N ARG C 89 -23.66 2.68 -1.52
CA ARG C 89 -23.29 1.59 -0.66
C ARG C 89 -23.77 1.84 0.75
N ARG C 90 -23.60 3.06 1.23
CA ARG C 90 -24.07 3.40 2.56
C ARG C 90 -25.59 3.26 2.62
N GLN C 91 -26.27 3.72 1.60
CA GLN C 91 -27.70 3.64 1.55
C GLN C 91 -28.21 2.19 1.66
N ALA C 92 -27.55 1.27 0.98
CA ALA C 92 -27.92 -0.15 1.00
C ALA C 92 -27.70 -0.79 2.37
N VAL C 93 -26.60 -0.42 3.02
CA VAL C 93 -26.41 -0.73 4.44
C VAL C 93 -27.53 -0.17 5.36
N LEU C 94 -27.93 1.08 5.19
CA LEU C 94 -28.99 1.68 6.04
C LEU C 94 -30.33 1.03 5.77
N GLU C 95 -30.59 0.65 4.53
CA GLU C 95 -31.79 -0.12 4.21
C GLU C 95 -31.91 -1.47 4.97
N GLN C 96 -30.80 -1.99 5.48
CA GLN C 96 -30.86 -3.19 6.33
C GLN C 96 -31.82 -3.03 7.53
N PHE C 97 -31.92 -1.81 8.06
CA PHE C 97 -32.86 -1.55 9.15
C PHE C 97 -33.95 -0.55 8.75
N LEU C 98 -33.71 0.27 7.74
CA LEU C 98 -34.78 1.18 7.28
C LEU C 98 -35.80 0.48 6.39
N GLY C 99 -35.44 -0.68 5.83
CA GLY C 99 -36.29 -1.33 4.85
C GLY C 99 -36.03 -0.72 3.49
N THR C 100 -36.63 -1.32 2.48
CA THR C 100 -36.36 -0.95 1.10
C THR C 100 -37.45 -0.03 0.49
N ASN C 101 -38.43 0.37 1.31
CA ASN C 101 -39.59 1.13 0.84
C ASN C 101 -39.33 2.60 0.58
N GLY C 102 -38.39 3.19 1.31
CA GLY C 102 -38.09 4.61 1.17
C GLY C 102 -37.86 4.98 -0.29
N GLN C 103 -38.47 6.08 -0.73
CA GLN C 103 -38.30 6.47 -2.13
C GLN C 103 -36.87 6.94 -2.42
N ARG C 104 -36.54 6.94 -3.71
CA ARG C 104 -35.18 7.24 -4.16
C ARG C 104 -34.89 8.73 -4.09
N ILE C 105 -33.73 9.04 -3.54
CA ILE C 105 -33.27 10.40 -3.41
C ILE C 105 -32.11 10.63 -4.39
N PRO C 106 -32.21 11.62 -5.28
CA PRO C 106 -31.08 11.85 -6.18
C PRO C 106 -29.84 12.34 -5.46
N TYR C 107 -28.68 11.96 -5.98
CA TYR C 107 -27.42 12.59 -5.62
C TYR C 107 -27.32 13.95 -6.35
N ILE C 108 -27.01 15.02 -5.61
CA ILE C 108 -27.06 16.37 -6.18
C ILE C 108 -25.66 16.94 -6.22
N ILE C 109 -25.26 17.38 -7.41
CA ILE C 109 -23.98 18.01 -7.60
C ILE C 109 -24.26 19.43 -8.02
N SER C 110 -23.66 20.40 -7.33
CA SER C 110 -23.85 21.79 -7.72
C SER C 110 -22.57 22.32 -8.34
N ILE C 111 -22.72 23.30 -9.21
CA ILE C 111 -21.60 23.93 -9.91
C ILE C 111 -21.73 25.44 -9.84
N ALA C 112 -20.76 26.08 -9.21
CA ALA C 112 -20.74 27.51 -8.97
C ALA C 112 -19.59 28.18 -9.74
N GLY C 113 -19.60 29.52 -9.75
CA GLY C 113 -18.52 30.32 -10.35
C GLY C 113 -19.06 31.54 -11.05
N SER C 114 -18.13 32.42 -11.45
CA SER C 114 -18.45 33.66 -12.17
C SER C 114 -19.31 33.42 -13.37
N VAL C 115 -20.09 34.44 -13.73
CA VAL C 115 -20.69 34.46 -15.07
C VAL C 115 -19.55 34.25 -16.07
N ALA C 116 -19.80 33.40 -17.06
CA ALA C 116 -18.89 33.12 -18.18
C ALA C 116 -17.61 32.36 -17.83
N VAL C 117 -17.58 31.70 -16.68
CA VAL C 117 -16.40 30.87 -16.36
C VAL C 117 -16.48 29.50 -17.01
N GLY C 118 -17.66 29.07 -17.43
CA GLY C 118 -17.85 27.73 -18.03
C GLY C 118 -18.65 26.72 -17.23
N LYS C 119 -19.56 27.22 -16.40
CA LYS C 119 -20.40 26.36 -15.58
C LYS C 119 -21.33 25.50 -16.43
N SER C 120 -21.96 26.11 -17.42
CA SER C 120 -22.91 25.36 -18.23
C SER C 120 -22.16 24.27 -19.04
N THR C 121 -21.00 24.61 -19.58
CA THR C 121 -20.20 23.63 -20.31
C THR C 121 -19.74 22.51 -19.39
N THR C 122 -19.20 22.86 -18.22
CA THR C 122 -18.82 21.88 -17.21
C THR C 122 -20.02 20.99 -16.86
N ALA C 123 -21.19 21.58 -16.67
CA ALA C 123 -22.38 20.83 -16.26
C ALA C 123 -22.82 19.85 -17.34
N ARG C 124 -22.92 20.34 -18.57
CA ARG C 124 -23.30 19.50 -19.68
C ARG C 124 -22.29 18.41 -19.97
N VAL C 125 -21.02 18.73 -19.90
CA VAL C 125 -20.00 17.69 -20.05
C VAL C 125 -20.16 16.61 -18.98
N LEU C 126 -20.31 17.01 -17.72
CA LEU C 126 -20.43 16.02 -16.63
C LEU C 126 -21.70 15.20 -16.77
N GLN C 127 -22.77 15.82 -17.24
CA GLN C 127 -24.01 15.10 -17.46
C GLN C 127 -23.78 13.96 -18.47
N ALA C 128 -23.12 14.30 -19.57
CA ALA C 128 -22.80 13.34 -20.63
C ALA C 128 -21.89 12.22 -20.12
N LEU C 129 -20.78 12.55 -19.47
CA LEU C 129 -19.89 11.51 -18.94
C LEU C 129 -20.46 10.68 -17.78
N LEU C 130 -21.25 11.29 -16.90
CA LEU C 130 -21.73 10.55 -15.69
C LEU C 130 -22.76 9.47 -16.03
N SER C 131 -23.46 9.61 -17.16
CA SER C 131 -24.41 8.59 -17.65
C SER C 131 -23.73 7.27 -18.05
N ARG C 132 -22.40 7.26 -18.15
CA ARG C 132 -21.66 6.09 -18.63
C ARG C 132 -21.41 5.03 -17.54
N TRP C 133 -21.77 5.30 -16.28
CA TRP C 133 -21.68 4.25 -15.24
C TRP C 133 -23.02 3.57 -15.03
N PRO C 134 -23.01 2.22 -14.87
CA PRO C 134 -24.23 1.45 -14.57
C PRO C 134 -25.00 1.92 -13.31
N GLU C 135 -24.28 2.35 -12.27
CA GLU C 135 -24.92 2.77 -10.98
C GLU C 135 -25.74 4.06 -11.07
N HIS C 136 -25.52 4.87 -12.11
CA HIS C 136 -26.26 6.13 -12.21
C HIS C 136 -26.44 6.60 -13.64
N ARG C 137 -27.34 5.92 -14.36
CA ARG C 137 -27.58 6.21 -15.77
C ARG C 137 -28.37 7.49 -16.00
N HIS C 138 -29.36 7.76 -15.16
CA HIS C 138 -30.28 8.89 -15.38
C HIS C 138 -29.77 10.17 -14.70
N VAL C 139 -29.24 11.10 -15.49
CA VAL C 139 -28.64 12.36 -14.98
C VAL C 139 -29.36 13.60 -15.51
N GLU C 140 -29.99 14.36 -14.62
CA GLU C 140 -30.69 15.56 -15.01
C GLU C 140 -29.82 16.78 -14.75
N LEU C 141 -30.17 17.88 -15.40
CA LEU C 141 -29.42 19.12 -15.28
C LEU C 141 -30.42 20.25 -15.15
N ILE C 142 -30.21 21.10 -14.14
CA ILE C 142 -31.09 22.22 -13.87
C ILE C 142 -30.23 23.45 -13.61
N THR C 143 -30.57 24.57 -14.25
CA THR C 143 -29.82 25.79 -14.01
C THR C 143 -30.61 26.70 -13.08
N THR C 144 -29.90 27.40 -12.21
CA THR C 144 -30.53 28.36 -11.31
C THR C 144 -31.03 29.62 -12.02
N ASP C 145 -30.52 29.89 -13.23
CA ASP C 145 -31.06 30.97 -14.08
C ASP C 145 -32.59 30.93 -14.13
N GLY C 146 -33.16 29.72 -14.25
CA GLY C 146 -34.61 29.55 -14.26
C GLY C 146 -35.37 30.15 -13.08
N PHE C 147 -34.69 30.31 -11.95
CA PHE C 147 -35.31 30.85 -10.73
C PHE C 147 -35.13 32.36 -10.58
N LEU C 148 -34.52 33.02 -11.57
CA LEU C 148 -34.51 34.49 -11.59
C LEU C 148 -35.95 34.98 -11.64
N HIS C 149 -36.22 36.10 -11.01
CA HIS C 149 -37.52 36.74 -11.19
C HIS C 149 -37.65 37.12 -12.67
N PRO C 150 -38.87 37.04 -13.23
CA PRO C 150 -38.93 37.42 -14.65
C PRO C 150 -38.63 38.92 -14.83
N ASN C 151 -38.23 39.32 -16.03
CA ASN C 151 -37.90 40.72 -16.32
C ASN C 151 -38.97 41.71 -15.83
N SER C 152 -40.24 41.32 -15.98
CA SER C 152 -41.35 42.18 -15.58
C SER C 152 -41.30 42.50 -14.09
N VAL C 153 -40.88 41.53 -13.27
CA VAL C 153 -40.77 41.74 -11.83
C VAL C 153 -39.48 42.49 -11.53
N LEU C 154 -38.41 42.14 -12.25
CA LEU C 154 -37.16 42.88 -12.10
C LEU C 154 -37.34 44.38 -12.39
N LYS C 155 -38.10 44.70 -13.44
CA LYS C 155 -38.46 46.11 -13.74
C LYS C 155 -39.18 46.82 -12.59
N GLU C 156 -40.26 46.21 -12.09
CA GLU C 156 -41.03 46.71 -10.96
C GLU C 156 -40.16 47.05 -9.75
N ARG C 157 -39.09 46.27 -9.57
CA ARG C 157 -38.22 46.41 -8.41
C ARG C 157 -36.95 47.20 -8.66
N GLY C 158 -36.74 47.64 -9.89
CA GLY C 158 -35.56 48.43 -10.22
C GLY C 158 -34.31 47.58 -10.27
N LEU C 159 -34.46 46.33 -10.70
CA LEU C 159 -33.38 45.34 -10.59
C LEU C 159 -32.84 44.84 -11.92
N MET C 160 -33.19 45.47 -13.04
CA MET C 160 -32.76 44.96 -14.36
C MET C 160 -31.23 44.98 -14.52
N LYS C 161 -30.56 45.95 -13.90
CA LYS C 161 -29.10 46.04 -13.84
C LYS C 161 -28.47 45.18 -12.73
N LYS C 162 -29.28 44.36 -12.06
CA LYS C 162 -28.82 43.53 -10.96
C LYS C 162 -29.12 42.06 -11.21
N LYS C 163 -29.35 41.71 -12.49
CA LYS C 163 -29.70 40.35 -12.82
C LYS C 163 -28.51 39.45 -12.46
N GLY C 164 -28.78 38.39 -11.71
CA GLY C 164 -27.74 37.51 -11.14
C GLY C 164 -27.32 37.85 -9.70
N PHE C 165 -27.73 39.03 -9.22
CA PHE C 165 -27.51 39.40 -7.81
C PHE C 165 -28.55 38.71 -6.94
N PRO C 166 -28.26 38.56 -5.62
CA PRO C 166 -29.18 37.83 -4.75
C PRO C 166 -30.63 38.35 -4.83
N GLN C 167 -30.83 39.67 -4.87
CA GLN C 167 -32.21 40.22 -4.98
C GLN C 167 -32.96 39.85 -6.26
N SER C 168 -32.24 39.42 -7.29
CA SER C 168 -32.89 39.05 -8.57
C SER C 168 -33.45 37.62 -8.62
N TYR C 169 -33.15 36.78 -7.61
CA TYR C 169 -33.63 35.39 -7.59
C TYR C 169 -34.85 35.18 -6.72
N ASP C 170 -35.68 34.21 -7.13
CA ASP C 170 -36.71 33.65 -6.26
C ASP C 170 -36.02 32.54 -5.45
N MET C 171 -35.21 32.93 -4.47
CA MET C 171 -34.35 32.00 -3.79
C MET C 171 -35.15 31.00 -2.96
N HIS C 172 -36.29 31.42 -2.40
CA HIS C 172 -37.12 30.52 -1.62
C HIS C 172 -37.62 29.38 -2.49
N ARG C 173 -37.98 29.68 -3.74
CA ARG C 173 -38.38 28.63 -4.68
C ARG C 173 -37.20 27.69 -5.03
N LEU C 174 -36.00 28.23 -5.20
CA LEU C 174 -34.86 27.41 -5.53
C LEU C 174 -34.57 26.42 -4.37
N VAL C 175 -34.48 26.94 -3.15
CA VAL C 175 -34.28 26.07 -1.98
C VAL C 175 -35.39 25.01 -1.90
N LYS C 176 -36.64 25.41 -2.11
CA LYS C 176 -37.76 24.48 -2.08
C LYS C 176 -37.64 23.37 -3.12
N PHE C 177 -37.10 23.71 -4.30
CA PHE C 177 -36.92 22.73 -5.36
C PHE C 177 -35.95 21.62 -4.92
N VAL C 178 -34.76 22.00 -4.46
CA VAL C 178 -33.80 20.98 -4.03
C VAL C 178 -34.26 20.31 -2.71
N SER C 179 -34.92 21.06 -1.83
CA SER C 179 -35.49 20.47 -0.62
C SER C 179 -36.52 19.37 -0.98
N ASP C 180 -37.36 19.63 -1.99
CA ASP C 180 -38.34 18.66 -2.45
C ASP C 180 -37.70 17.41 -3.02
N LEU C 181 -36.67 17.56 -3.84
CA LEU C 181 -35.95 16.40 -4.36
C LEU C 181 -35.37 15.56 -3.22
N LYS C 182 -34.84 16.24 -2.21
CA LYS C 182 -34.24 15.58 -1.05
C LYS C 182 -35.30 15.06 -0.04
N SER C 183 -36.58 15.31 -0.32
CA SER C 183 -37.71 14.73 0.42
C SER C 183 -38.28 13.48 -0.25
N GLY C 184 -37.81 13.18 -1.45
CA GLY C 184 -38.25 12.00 -2.18
C GLY C 184 -39.53 12.25 -2.98
N VAL C 185 -39.84 13.49 -3.31
CA VAL C 185 -41.02 13.72 -4.15
C VAL C 185 -40.81 13.03 -5.51
N PRO C 186 -41.84 12.33 -6.00
CA PRO C 186 -41.69 11.63 -7.29
C PRO C 186 -41.45 12.59 -8.46
N GLN C 187 -41.93 13.83 -8.34
CA GLN C 187 -41.71 14.85 -9.35
C GLN C 187 -41.47 16.21 -8.76
N ALA C 188 -40.59 16.97 -9.38
CA ALA C 188 -40.44 18.38 -9.07
C ALA C 188 -40.29 19.18 -10.36
N THR C 189 -40.84 20.37 -10.34
CA THR C 189 -40.89 21.20 -11.53
C THR C 189 -40.10 22.47 -11.29
N ALA C 190 -39.28 22.81 -12.28
CA ALA C 190 -38.44 23.99 -12.25
C ALA C 190 -38.74 24.93 -13.41
N PRO C 191 -38.80 26.25 -13.13
CA PRO C 191 -38.89 27.24 -14.21
C PRO C 191 -37.60 27.30 -15.01
N VAL C 192 -37.71 27.68 -16.28
CA VAL C 192 -36.59 27.63 -17.22
C VAL C 192 -36.30 29.02 -17.80
N TYR C 193 -35.03 29.26 -18.08
CA TYR C 193 -34.55 30.52 -18.58
C TYR C 193 -33.93 30.32 -19.95
N SER C 194 -33.97 31.37 -20.76
CA SER C 194 -33.33 31.38 -22.08
C SER C 194 -32.48 32.63 -22.24
N HIS C 195 -31.19 32.43 -22.56
CA HIS C 195 -30.30 33.57 -22.79
C HIS C 195 -30.62 34.29 -24.11
N LEU C 196 -31.14 33.53 -25.07
CA LEU C 196 -31.58 34.08 -26.38
C LEU C 196 -32.59 35.21 -26.21
N ILE C 197 -33.53 35.04 -25.28
CA ILE C 197 -34.52 36.08 -24.99
C ILE C 197 -34.29 36.82 -23.64
N TYR C 198 -33.22 36.47 -22.92
CA TYR C 198 -32.82 37.18 -21.71
C TYR C 198 -33.95 37.20 -20.68
N ASP C 199 -34.66 36.08 -20.56
CA ASP C 199 -35.80 36.01 -19.66
C ASP C 199 -36.21 34.57 -19.34
N VAL C 200 -37.01 34.45 -18.29
CA VAL C 200 -37.66 33.21 -17.94
C VAL C 200 -38.66 32.87 -19.07
N ILE C 201 -38.64 31.63 -19.52
CA ILE C 201 -39.57 31.19 -20.57
C ILE C 201 -40.96 31.00 -19.96
N PRO C 202 -41.91 31.91 -20.28
CA PRO C 202 -43.16 32.04 -19.49
C PRO C 202 -44.01 30.77 -19.28
N ASP C 203 -43.93 29.81 -20.20
CA ASP C 203 -44.55 28.48 -19.97
C ASP C 203 -43.59 27.33 -20.28
N GLY C 204 -42.34 27.47 -19.87
CA GLY C 204 -41.29 26.49 -20.20
C GLY C 204 -40.89 25.57 -19.05
N ASP C 205 -41.67 25.56 -17.96
CA ASP C 205 -41.33 24.79 -16.75
C ASP C 205 -40.96 23.34 -17.02
N LYS C 206 -39.74 22.96 -16.61
CA LYS C 206 -39.22 21.60 -16.77
C LYS C 206 -39.48 20.73 -15.54
N THR C 207 -40.04 19.54 -15.77
CA THR C 207 -40.33 18.61 -14.70
C THR C 207 -39.31 17.48 -14.63
N VAL C 208 -38.80 17.25 -13.43
CA VAL C 208 -37.80 16.23 -13.17
C VAL C 208 -38.44 15.11 -12.32
N ALA C 209 -37.99 13.89 -12.56
CA ALA C 209 -38.65 12.70 -12.01
C ALA C 209 -37.63 11.73 -11.45
N GLN C 210 -37.28 11.95 -10.18
CA GLN C 210 -36.30 11.12 -9.45
C GLN C 210 -35.17 10.55 -10.33
N PRO C 211 -34.33 11.43 -10.87
CA PRO C 211 -33.11 10.97 -11.51
C PRO C 211 -32.15 10.34 -10.50
N ASP C 212 -31.13 9.64 -10.98
CA ASP C 212 -30.05 9.16 -10.11
C ASP C 212 -29.17 10.31 -9.64
N ILE C 213 -28.87 11.23 -10.55
CA ILE C 213 -28.07 12.39 -10.24
C ILE C 213 -28.76 13.61 -10.76
N LEU C 214 -28.76 14.68 -9.96
CA LEU C 214 -29.16 15.97 -10.48
C LEU C 214 -27.98 16.94 -10.35
N ILE C 215 -27.63 17.55 -11.48
CA ILE C 215 -26.61 18.59 -11.50
C ILE C 215 -27.34 19.92 -11.46
N LEU C 216 -26.98 20.74 -10.48
CA LEU C 216 -27.58 22.07 -10.31
C LEU C 216 -26.54 23.11 -10.58
N GLU C 217 -26.74 23.90 -11.63
CA GLU C 217 -25.69 24.79 -12.16
C GLU C 217 -26.11 26.25 -12.04
N GLY C 218 -25.26 27.06 -11.40
CA GLY C 218 -25.57 28.48 -11.22
C GLY C 218 -24.65 29.21 -10.29
N LEU C 219 -24.57 30.52 -10.48
CA LEU C 219 -23.59 31.32 -9.77
C LEU C 219 -23.85 31.38 -8.27
N ASN C 220 -25.08 31.10 -7.84
CA ASN C 220 -25.49 31.28 -6.44
C ASN C 220 -25.66 30.01 -5.61
N VAL C 221 -25.19 28.88 -6.12
CA VAL C 221 -25.43 27.59 -5.44
C VAL C 221 -24.66 27.42 -4.11
N LEU C 222 -23.65 28.24 -3.85
CA LEU C 222 -22.95 28.19 -2.58
C LEU C 222 -23.32 29.36 -1.65
N GLN C 223 -24.31 30.13 -2.08
CA GLN C 223 -24.76 31.27 -1.30
C GLN C 223 -25.68 30.80 -0.16
N SER C 224 -25.88 31.65 0.82
CA SER C 224 -26.68 31.30 1.98
C SER C 224 -27.51 32.50 2.46
N GLY C 225 -28.18 32.32 3.59
CA GLY C 225 -29.02 33.35 4.17
C GLY C 225 -28.36 34.71 4.29
N MET C 226 -27.07 34.71 4.60
CA MET C 226 -26.32 35.91 4.75
C MET C 226 -26.32 36.76 3.47
N ASP C 227 -26.50 36.14 2.31
CA ASP C 227 -26.44 36.86 1.05
C ASP C 227 -27.81 37.40 0.70
N TYR C 228 -28.82 37.11 1.51
CA TYR C 228 -30.20 37.45 1.22
C TYR C 228 -30.87 38.13 2.43
N PRO C 229 -30.22 39.17 2.99
CA PRO C 229 -30.73 39.86 4.19
C PRO C 229 -32.07 40.54 3.97
N HIS C 230 -32.38 40.84 2.72
CA HIS C 230 -33.63 41.43 2.33
C HIS C 230 -34.81 40.46 2.50
N ASP C 231 -34.51 39.17 2.57
CA ASP C 231 -35.55 38.16 2.64
C ASP C 231 -34.84 36.83 3.00
N PRO C 232 -34.43 36.70 4.27
CA PRO C 232 -33.50 35.64 4.64
C PRO C 232 -34.13 34.26 4.60
N HIS C 233 -33.32 33.26 4.28
CA HIS C 233 -33.71 31.87 4.46
C HIS C 233 -32.71 31.22 5.42
N HIS C 234 -33.14 30.12 6.06
CA HIS C 234 -32.41 29.50 7.17
C HIS C 234 -31.91 28.08 6.90
N VAL C 235 -32.31 27.50 5.78
CA VAL C 235 -31.73 26.27 5.27
C VAL C 235 -31.26 26.57 3.85
N PHE C 236 -30.03 26.19 3.52
CA PHE C 236 -29.40 26.66 2.29
C PHE C 236 -29.42 25.62 1.18
N VAL C 237 -29.27 26.08 -0.05
CA VAL C 237 -29.13 25.19 -1.20
C VAL C 237 -28.10 24.10 -0.91
N SER C 238 -26.96 24.49 -0.34
CA SER C 238 -25.86 23.58 -0.04
C SER C 238 -26.23 22.51 0.97
N ASP C 239 -27.23 22.77 1.81
CA ASP C 239 -27.75 21.75 2.75
C ASP C 239 -28.49 20.62 2.04
N PHE C 240 -28.78 20.80 0.76
CA PHE C 240 -29.41 19.79 -0.09
C PHE C 240 -28.51 19.32 -1.26
N VAL C 241 -27.22 19.62 -1.17
CA VAL C 241 -26.25 19.29 -2.21
C VAL C 241 -25.22 18.32 -1.63
N ASP C 242 -24.97 17.25 -2.36
CA ASP C 242 -24.02 16.27 -1.94
C ASP C 242 -22.59 16.69 -2.20
N PHE C 243 -22.36 17.31 -3.35
CA PHE C 243 -21.00 17.59 -3.79
C PHE C 243 -21.05 18.87 -4.61
N SER C 244 -20.18 19.81 -4.32
CA SER C 244 -20.21 21.10 -5.02
C SER C 244 -18.87 21.45 -5.67
N ILE C 245 -18.97 21.99 -6.88
CA ILE C 245 -17.79 22.41 -7.62
C ILE C 245 -17.84 23.91 -7.85
N TYR C 246 -16.74 24.60 -7.62
CA TYR C 246 -16.60 26.00 -7.95
C TYR C 246 -15.57 26.08 -9.06
N VAL C 247 -16.01 26.59 -10.20
CA VAL C 247 -15.11 26.79 -11.35
C VAL C 247 -14.53 28.18 -11.25
N ASP C 248 -13.21 28.28 -11.21
CA ASP C 248 -12.53 29.50 -10.89
C ASP C 248 -11.63 29.89 -12.07
N ALA C 249 -11.45 31.19 -12.27
CA ALA C 249 -10.48 31.70 -13.26
C ALA C 249 -10.17 33.15 -12.95
N PRO C 250 -8.98 33.64 -13.30
CA PRO C 250 -8.69 35.05 -13.06
C PRO C 250 -9.63 35.97 -13.84
N GLU C 251 -9.86 37.17 -13.32
CA GLU C 251 -10.87 38.06 -13.90
C GLU C 251 -10.56 38.53 -15.33
N GLU C 252 -9.29 38.70 -15.66
CA GLU C 252 -8.91 39.04 -17.04
C GLU C 252 -9.39 37.99 -18.07
N LEU C 253 -9.24 36.71 -17.74
CA LEU C 253 -9.75 35.64 -18.61
C LEU C 253 -11.29 35.64 -18.66
N LEU C 254 -11.90 35.73 -17.51
CA LEU C 254 -13.35 35.78 -17.42
C LEU C 254 -13.90 36.88 -18.34
N LYS C 255 -13.28 38.04 -18.29
CA LYS C 255 -13.76 39.18 -19.08
C LYS C 255 -13.66 38.85 -20.56
N SER C 256 -12.54 38.25 -20.98
CA SER C 256 -12.34 37.84 -22.38
C SER C 256 -13.37 36.84 -22.83
N TRP C 257 -13.58 35.84 -21.99
CA TRP C 257 -14.53 34.78 -22.33
C TRP C 257 -15.95 35.32 -22.42
N TYR C 258 -16.30 36.24 -21.51
CA TYR C 258 -17.61 36.84 -21.48
C TYR C 258 -17.86 37.67 -22.79
N ILE C 259 -16.87 38.46 -23.18
CA ILE C 259 -16.99 39.31 -24.40
C ILE C 259 -17.08 38.44 -25.65
N ASN C 260 -16.18 37.47 -25.79
CA ASN C 260 -16.27 36.51 -26.88
C ASN C 260 -17.64 35.79 -26.98
N ARG C 261 -18.24 35.39 -25.85
CA ARG C 261 -19.58 34.77 -25.90
C ARG C 261 -20.64 35.78 -26.36
N PHE C 262 -20.49 37.01 -25.89
CA PHE C 262 -21.43 38.09 -26.27
C PHE C 262 -21.42 38.32 -27.78
N LEU C 263 -20.22 38.39 -28.35
CA LEU C 263 -20.04 38.50 -29.82
C LEU C 263 -20.63 37.29 -30.59
N LYS C 264 -20.48 36.09 -30.05
CA LYS C 264 -21.15 34.93 -30.67
C LYS C 264 -22.67 35.06 -30.66
N PHE C 265 -23.25 35.57 -29.58
CA PHE C 265 -24.69 35.87 -29.56
C PHE C 265 -25.04 36.93 -30.61
N ARG C 266 -24.21 37.96 -30.69
CA ARG C 266 -24.45 39.03 -31.68
C ARG C 266 -24.42 38.45 -33.11
N GLU C 267 -23.45 37.60 -33.40
CA GLU C 267 -23.39 36.90 -34.68
C GLU C 267 -24.68 36.15 -34.99
N GLY C 268 -25.22 35.45 -33.99
CA GLY C 268 -26.45 34.70 -34.15
C GLY C 268 -27.54 35.53 -34.76
N ALA C 269 -27.61 36.81 -34.38
CA ALA C 269 -28.61 37.72 -34.94
C ALA C 269 -28.40 38.13 -36.41
N PHE C 270 -27.35 37.65 -37.09
CA PHE C 270 -27.22 37.94 -38.54
C PHE C 270 -27.97 36.92 -39.41
N THR C 271 -28.21 35.74 -38.85
CA THR C 271 -29.03 34.74 -39.54
C THR C 271 -30.44 34.67 -38.94
N ASP C 272 -30.84 35.66 -38.13
CA ASP C 272 -32.09 35.57 -37.37
C ASP C 272 -32.53 36.91 -36.70
N PRO C 273 -33.79 37.34 -36.89
CA PRO C 273 -34.25 38.63 -36.35
C PRO C 273 -34.62 38.66 -34.86
N ASP C 274 -35.12 37.55 -34.33
CA ASP C 274 -35.81 37.55 -33.02
C ASP C 274 -34.93 37.70 -31.76
N SER C 275 -33.61 37.69 -31.89
CA SER C 275 -32.72 37.69 -30.72
C SER C 275 -32.96 38.90 -29.82
N TYR C 276 -32.84 38.72 -28.51
CA TYR C 276 -32.71 39.87 -27.63
C TYR C 276 -31.47 40.71 -28.05
N PHE C 277 -30.63 40.11 -28.92
CA PHE C 277 -29.40 40.72 -29.43
C PHE C 277 -29.49 41.36 -30.83
N HIS C 278 -30.66 41.39 -31.47
CA HIS C 278 -30.75 41.93 -32.84
C HIS C 278 -30.44 43.43 -32.85
N ASN C 279 -30.69 44.11 -31.73
CA ASN C 279 -30.21 45.47 -31.50
C ASN C 279 -28.70 45.52 -31.72
N TYR C 280 -28.00 44.56 -31.13
CA TYR C 280 -26.54 44.55 -31.17
C TYR C 280 -25.98 44.25 -32.55
N ALA C 281 -26.78 43.61 -33.40
CA ALA C 281 -26.45 43.45 -34.82
C ALA C 281 -26.53 44.79 -35.60
N LYS C 282 -27.26 45.77 -35.07
CA LYS C 282 -27.31 47.13 -35.65
C LYS C 282 -26.14 48.01 -35.20
N LEU C 283 -25.20 47.42 -34.45
CA LEU C 283 -24.04 48.14 -33.93
C LEU C 283 -22.77 47.56 -34.52
N SER C 284 -21.73 48.39 -34.62
CA SER C 284 -20.44 47.93 -35.07
C SER C 284 -19.88 46.98 -34.02
N LYS C 285 -18.91 46.16 -34.41
CA LYS C 285 -18.27 45.21 -33.48
C LYS C 285 -17.60 45.94 -32.32
N GLU C 286 -17.03 47.13 -32.59
CA GLU C 286 -16.42 47.97 -31.54
C GLU C 286 -17.47 48.43 -30.53
N GLU C 287 -18.58 48.98 -31.00
CA GLU C 287 -19.65 49.42 -30.12
C GLU C 287 -20.18 48.25 -29.30
N ALA C 288 -20.37 47.10 -29.95
CA ALA C 288 -20.80 45.88 -29.26
C ALA C 288 -19.78 45.50 -28.18
N VAL C 289 -18.50 45.51 -28.53
CA VAL C 289 -17.47 45.20 -27.55
C VAL C 289 -17.50 46.13 -26.34
N ASP C 290 -17.67 47.44 -26.57
CA ASP C 290 -17.81 48.41 -25.47
C ASP C 290 -19.05 48.18 -24.61
N ILE C 291 -20.18 47.84 -25.21
CA ILE C 291 -21.40 47.47 -24.44
C ILE C 291 -21.13 46.23 -23.55
N ALA C 292 -20.48 45.22 -24.10
CA ALA C 292 -20.20 43.99 -23.36
C ALA C 292 -19.28 44.27 -22.20
N THR C 293 -18.25 45.06 -22.46
CA THR C 293 -17.28 45.43 -21.46
C THR C 293 -17.92 46.16 -20.28
N SER C 294 -18.89 47.03 -20.57
CA SER C 294 -19.58 47.80 -19.52
C SER C 294 -20.52 46.93 -18.74
N LEU C 295 -21.26 46.07 -19.43
CA LEU C 295 -22.08 45.07 -18.74
C LEU C 295 -21.22 44.18 -17.83
N TRP C 296 -20.02 43.81 -18.30
CA TRP C 296 -19.10 43.02 -17.49
C TRP C 296 -18.69 43.82 -16.28
N ASN C 297 -18.10 45.00 -16.49
CA ASN C 297 -17.56 45.79 -15.38
C ASN C 297 -18.62 46.20 -14.39
N GLU C 298 -19.82 46.49 -14.86
CA GLU C 298 -20.84 47.11 -14.02
C GLU C 298 -21.74 46.12 -13.30
N ILE C 299 -22.02 44.98 -13.93
CA ILE C 299 -22.94 44.01 -13.37
C ILE C 299 -22.17 42.78 -12.96
N ASN C 300 -21.63 42.04 -13.92
CA ASN C 300 -21.16 40.71 -13.64
C ASN C 300 -19.90 40.66 -12.80
N LEU C 301 -19.02 41.64 -12.94
CA LEU C 301 -17.79 41.68 -12.18
C LEU C 301 -18.04 42.12 -10.73
N MET C 302 -18.96 43.06 -10.55
CA MET C 302 -19.32 43.48 -9.21
C MET C 302 -20.03 42.32 -8.47
N ASN C 303 -20.89 41.60 -9.19
CA ASN C 303 -21.53 40.40 -8.64
C ASN C 303 -20.48 39.37 -8.18
N LEU C 304 -19.48 39.15 -9.02
CA LEU C 304 -18.38 38.29 -8.72
C LEU C 304 -17.67 38.65 -7.40
N LYS C 305 -17.25 39.89 -7.26
CA LYS C 305 -16.51 40.33 -6.08
C LYS C 305 -17.35 40.37 -4.83
N GLU C 306 -18.60 40.81 -4.96
CA GLU C 306 -19.44 41.00 -3.80
C GLU C 306 -20.09 39.72 -3.32
N ASN C 307 -20.55 38.88 -4.26
CA ASN C 307 -21.46 37.78 -3.95
C ASN C 307 -21.01 36.37 -4.32
N ILE C 308 -20.14 36.22 -5.32
CA ILE C 308 -19.80 34.88 -5.82
C ILE C 308 -18.49 34.41 -5.25
N LEU C 309 -17.44 35.19 -5.46
CA LEU C 309 -16.10 34.75 -5.11
C LEU C 309 -15.97 34.44 -3.61
N PRO C 310 -16.66 35.21 -2.75
CA PRO C 310 -16.57 34.88 -1.31
C PRO C 310 -17.15 33.51 -0.92
N THR C 311 -17.94 32.88 -1.77
CA THR C 311 -18.48 31.54 -1.48
C THR C 311 -17.54 30.42 -1.91
N ARG C 312 -16.46 30.76 -2.61
CA ARG C 312 -15.58 29.74 -3.20
C ARG C 312 -15.13 28.67 -2.21
N GLU C 313 -14.70 29.06 -1.02
CA GLU C 313 -14.14 28.11 -0.07
C GLU C 313 -15.22 27.24 0.60
N ARG C 314 -16.48 27.40 0.20
CA ARG C 314 -17.52 26.46 0.63
C ARG C 314 -17.65 25.25 -0.31
N ALA C 315 -16.88 25.22 -1.39
CA ALA C 315 -17.04 24.16 -2.40
C ALA C 315 -16.34 22.88 -1.94
N SER C 316 -16.90 21.72 -2.31
CA SER C 316 -16.16 20.46 -2.14
C SER C 316 -14.89 20.47 -2.98
N LEU C 317 -15.00 21.01 -4.19
CA LEU C 317 -13.90 20.98 -5.18
C LEU C 317 -13.81 22.31 -5.92
N ILE C 318 -12.60 22.85 -6.05
CA ILE C 318 -12.38 24.10 -6.77
C ILE C 318 -11.52 23.74 -7.99
N MET C 319 -12.03 24.02 -9.18
CA MET C 319 -11.35 23.72 -10.45
C MET C 319 -10.95 25.04 -11.08
N THR C 320 -9.64 25.26 -11.20
CA THR C 320 -9.11 26.56 -11.60
C THR C 320 -8.60 26.48 -13.05
N LYS C 321 -9.13 27.36 -13.87
CA LYS C 321 -8.78 27.45 -15.29
C LYS C 321 -7.70 28.48 -15.58
N SER C 322 -6.98 28.23 -16.67
CA SER C 322 -5.96 29.15 -17.18
CA SER C 322 -5.96 29.14 -17.16
C SER C 322 -6.35 29.49 -18.62
N ALA C 323 -5.44 30.12 -19.36
CA ALA C 323 -5.71 30.49 -20.76
C ALA C 323 -6.29 29.34 -21.59
N ASN C 324 -7.17 29.69 -22.53
CA ASN C 324 -7.89 28.72 -23.39
C ASN C 324 -8.72 27.71 -22.62
N HIS C 325 -9.11 28.07 -21.39
CA HIS C 325 -9.95 27.21 -20.55
C HIS C 325 -9.26 25.98 -19.97
N SER C 326 -7.95 25.85 -20.17
CA SER C 326 -7.19 24.70 -19.69
C SER C 326 -7.17 24.69 -18.16
N VAL C 327 -7.60 23.58 -17.56
CA VAL C 327 -7.52 23.46 -16.10
C VAL C 327 -6.07 23.28 -15.65
N ASN C 328 -5.68 24.16 -14.75
CA ASN C 328 -4.33 24.25 -14.27
C ASN C 328 -4.19 23.72 -12.83
N GLN C 329 -5.31 23.66 -12.11
CA GLN C 329 -5.27 23.28 -10.71
C GLN C 329 -6.62 22.77 -10.27
N VAL C 330 -6.61 21.69 -9.49
CA VAL C 330 -7.81 21.16 -8.87
C VAL C 330 -7.51 21.00 -7.38
N ARG C 331 -8.45 21.47 -6.55
CA ARG C 331 -8.37 21.41 -5.10
C ARG C 331 -9.63 20.68 -4.60
N LEU C 332 -9.42 19.65 -3.77
CA LEU C 332 -10.49 18.78 -3.29
C LEU C 332 -10.46 18.69 -1.79
N ARG C 333 -11.61 18.90 -1.15
CA ARG C 333 -11.69 18.83 0.32
C ARG C 333 -11.19 17.49 0.84
N LYS C 334 -10.31 17.58 1.83
CA LYS C 334 -9.74 16.40 2.53
C LYS C 334 -10.78 15.66 3.35
N MET D 27 -44.35 15.34 3.21
CA MET D 27 -42.98 14.89 2.79
C MET D 27 -41.90 15.96 3.00
N THR D 28 -40.94 15.61 3.83
CA THR D 28 -39.88 16.51 4.26
C THR D 28 -38.53 15.83 3.97
N PRO D 29 -37.44 16.58 4.15
CA PRO D 29 -36.13 15.98 3.89
C PRO D 29 -35.69 14.99 4.97
N TYR D 30 -36.49 14.78 6.01
CA TYR D 30 -36.16 13.85 7.08
C TYR D 30 -37.05 12.63 7.05
N LEU D 31 -36.46 11.46 7.18
CA LEU D 31 -37.26 10.27 7.57
C LEU D 31 -37.42 10.22 9.07
N GLN D 32 -38.60 9.83 9.53
CA GLN D 32 -38.87 9.67 10.95
C GLN D 32 -38.79 8.18 11.26
N PHE D 33 -37.83 7.76 12.07
CA PHE D 33 -37.70 6.35 12.42
C PHE D 33 -39.00 5.85 13.08
N ASN D 34 -39.55 4.74 12.59
CA ASN D 34 -40.62 4.04 13.32
C ASN D 34 -40.01 2.99 14.30
N ARG D 35 -40.85 2.37 15.13
CA ARG D 35 -40.35 1.56 16.23
C ARG D 35 -39.63 0.31 15.75
N HIS D 36 -40.04 -0.16 14.57
CA HIS D 36 -39.50 -1.40 14.00
C HIS D 36 -38.15 -1.14 13.37
N GLN D 37 -38.02 -0.02 12.69
CA GLN D 37 -36.75 0.39 12.12
C GLN D 37 -35.71 0.62 13.23
N TRP D 38 -36.13 1.29 14.31
CA TRP D 38 -35.24 1.62 15.41
C TRP D 38 -34.85 0.35 16.15
N ALA D 39 -35.78 -0.58 16.36
CA ALA D 39 -35.43 -1.85 17.03
C ALA D 39 -34.46 -2.66 16.19
N ALA D 40 -34.61 -2.62 14.86
CA ALA D 40 -33.70 -3.35 13.95
C ALA D 40 -32.28 -2.78 14.07
N LEU D 41 -32.18 -1.47 14.18
CA LEU D 41 -30.91 -0.81 14.41
C LEU D 41 -30.30 -1.24 15.75
N ARG D 42 -31.10 -1.19 16.81
CA ARG D 42 -30.71 -1.70 18.11
C ARG D 42 -30.22 -3.15 18.07
N ASP D 43 -30.89 -4.00 17.29
CA ASP D 43 -30.66 -5.44 17.31
C ASP D 43 -29.59 -5.89 16.28
N SER D 44 -28.98 -4.93 15.60
CA SER D 44 -28.10 -5.22 14.50
C SER D 44 -26.74 -5.77 14.92
N VAL D 45 -26.35 -5.58 16.18
CA VAL D 45 -25.06 -6.08 16.66
C VAL D 45 -25.22 -6.54 18.10
N PRO D 46 -24.28 -7.35 18.61
CA PRO D 46 -24.20 -7.52 20.06
C PRO D 46 -23.49 -6.28 20.57
N MET D 47 -24.15 -5.40 21.30
CA MET D 47 -23.38 -4.25 21.83
C MET D 47 -23.64 -3.87 23.26
N THR D 48 -24.22 -4.80 24.04
CA THR D 48 -24.50 -4.50 25.45
C THR D 48 -23.19 -4.36 26.23
N LEU D 49 -23.28 -3.61 27.32
CA LEU D 49 -22.11 -3.10 28.00
C LEU D 49 -21.66 -4.05 29.07
N THR D 50 -20.37 -4.07 29.36
CA THR D 50 -19.88 -4.81 30.55
C THR D 50 -20.29 -4.06 31.81
N GLU D 51 -20.13 -4.72 32.95
CA GLU D 51 -20.41 -4.11 34.24
C GLU D 51 -19.59 -2.85 34.46
N ASP D 52 -18.33 -2.88 34.06
CA ASP D 52 -17.47 -1.71 34.26
C ASP D 52 -17.84 -0.56 33.33
N GLU D 53 -18.26 -0.88 32.11
CA GLU D 53 -18.72 0.17 31.21
C GLU D 53 -19.95 0.84 31.76
N ILE D 54 -20.84 0.05 32.37
CA ILE D 54 -22.09 0.59 32.95
C ILE D 54 -21.80 1.57 34.09
N THR D 55 -20.83 1.23 34.93
CA THR D 55 -20.31 2.12 35.99
C THR D 55 -19.79 3.46 35.44
N ARG D 56 -18.99 3.40 34.37
CA ARG D 56 -18.52 4.64 33.71
C ARG D 56 -19.64 5.53 33.23
N LEU D 57 -20.62 4.92 32.56
CA LEU D 57 -21.73 5.70 32.02
C LEU D 57 -22.50 6.39 33.13
N LYS D 58 -22.79 5.66 34.22
CA LYS D 58 -23.47 6.27 35.39
C LYS D 58 -22.68 7.45 35.89
N GLY D 59 -21.35 7.34 35.84
CA GLY D 59 -20.49 8.42 36.29
C GLY D 59 -20.61 9.70 35.46
N ILE D 60 -21.09 9.59 34.22
CA ILE D 60 -21.30 10.76 33.38
C ILE D 60 -22.46 11.61 33.89
N ASN D 61 -23.52 10.94 34.34
CA ASN D 61 -24.70 11.64 34.80
C ASN D 61 -25.54 10.63 35.60
N GLU D 62 -25.67 10.88 36.90
CA GLU D 62 -26.38 9.97 37.79
C GLU D 62 -27.86 9.86 37.46
N ASP D 63 -28.40 10.87 36.78
CA ASP D 63 -29.80 10.83 36.35
C ASP D 63 -30.02 10.10 35.01
N LEU D 64 -28.94 9.71 34.33
CA LEU D 64 -29.06 9.02 33.05
C LEU D 64 -29.63 7.64 33.25
N SER D 65 -30.69 7.33 32.54
CA SER D 65 -31.32 6.01 32.63
C SER D 65 -30.55 4.96 31.83
N LEU D 66 -30.32 3.79 32.42
CA LEU D 66 -29.68 2.68 31.70
C LEU D 66 -30.57 2.11 30.63
N GLU D 67 -31.89 2.15 30.84
CA GLU D 67 -32.82 1.74 29.80
C GLU D 67 -32.67 2.65 28.60
N GLU D 68 -32.50 3.94 28.86
CA GLU D 68 -32.33 4.91 27.79
C GLU D 68 -31.02 4.63 27.02
N VAL D 69 -29.97 4.24 27.74
CA VAL D 69 -28.74 3.81 27.09
C VAL D 69 -28.97 2.60 26.18
N ALA D 70 -29.65 1.58 26.68
CA ALA D 70 -29.89 0.37 25.90
C ALA D 70 -30.80 0.66 24.71
N GLU D 71 -31.84 1.46 24.91
CA GLU D 71 -32.88 1.64 23.90
C GLU D 71 -32.64 2.80 22.92
N ILE D 72 -31.83 3.78 23.32
CA ILE D 72 -31.62 5.00 22.55
C ILE D 72 -30.16 5.23 22.23
N TYR D 73 -29.29 5.31 23.22
CA TYR D 73 -27.92 5.77 22.92
C TYR D 73 -27.03 4.71 22.24
N LEU D 74 -27.23 3.43 22.59
CA LEU D 74 -26.53 2.35 21.91
C LEU D 74 -26.90 2.32 20.42
N PRO D 75 -28.19 2.32 20.09
CA PRO D 75 -28.56 2.37 18.68
C PRO D 75 -28.18 3.65 17.94
N LEU D 76 -28.25 4.80 18.60
CA LEU D 76 -27.77 6.05 18.00
C LEU D 76 -26.28 5.99 17.68
N SER D 77 -25.48 5.56 18.64
CA SER D 77 -24.07 5.42 18.34
C SER D 77 -23.81 4.38 17.23
N ARG D 78 -24.59 3.30 17.21
CA ARG D 78 -24.51 2.31 16.12
C ARG D 78 -24.85 2.93 14.76
N LEU D 79 -25.88 3.75 14.69
CA LEU D 79 -26.21 4.45 13.45
C LEU D 79 -25.05 5.33 13.01
N LEU D 80 -24.49 6.08 13.94
CA LEU D 80 -23.36 6.93 13.62
C LEU D 80 -22.19 6.11 13.08
N ASN D 81 -21.93 4.95 13.68
CA ASN D 81 -20.86 4.10 13.16
C ASN D 81 -21.01 3.75 11.69
N PHE D 82 -22.24 3.49 11.23
CA PHE D 82 -22.46 3.27 9.80
C PHE D 82 -21.94 4.45 8.96
N TYR D 83 -22.19 5.69 9.43
CA TYR D 83 -21.72 6.87 8.70
C TYR D 83 -20.20 7.00 8.82
N ILE D 84 -19.65 6.75 9.99
CA ILE D 84 -18.21 6.96 10.23
C ILE D 84 -17.41 5.93 9.43
N SER D 85 -17.90 4.69 9.48
CA SER D 85 -17.23 3.59 8.81
C SER D 85 -17.28 3.75 7.29
N SER D 86 -18.42 4.17 6.77
CA SER D 86 -18.52 4.50 5.34
C SER D 86 -17.51 5.58 4.96
N ASN D 87 -17.38 6.61 5.78
CA ASN D 87 -16.40 7.69 5.50
C ASN D 87 -14.98 7.13 5.46
N LEU D 88 -14.64 6.32 6.45
CA LEU D 88 -13.31 5.69 6.48
C LEU D 88 -12.99 4.83 5.25
N ARG D 89 -13.95 4.04 4.76
CA ARG D 89 -13.70 3.24 3.57
C ARG D 89 -13.54 4.14 2.35
N ARG D 90 -14.36 5.18 2.27
CA ARG D 90 -14.24 6.15 1.16
C ARG D 90 -12.84 6.78 1.14
N GLN D 91 -12.35 7.25 2.28
CA GLN D 91 -10.99 7.80 2.43
C GLN D 91 -9.91 6.81 1.97
N ALA D 92 -10.06 5.54 2.37
CA ALA D 92 -9.14 4.50 1.91
C ALA D 92 -9.17 4.34 0.38
N VAL D 93 -10.37 4.21 -0.21
CA VAL D 93 -10.50 4.15 -1.68
C VAL D 93 -9.85 5.37 -2.32
N LEU D 94 -10.11 6.57 -1.81
CA LEU D 94 -9.59 7.80 -2.44
C LEU D 94 -8.07 7.95 -2.29
N GLU D 95 -7.54 7.56 -1.13
CA GLU D 95 -6.09 7.53 -0.93
C GLU D 95 -5.38 6.78 -2.06
N GLN D 96 -5.89 5.59 -2.38
CA GLN D 96 -5.32 4.77 -3.43
C GLN D 96 -5.47 5.49 -4.77
N PHE D 97 -6.70 5.87 -5.13
CA PHE D 97 -7.02 6.56 -6.39
C PHE D 97 -6.26 7.89 -6.62
N LEU D 98 -6.19 8.72 -5.59
CA LEU D 98 -5.63 10.08 -5.65
C LEU D 98 -4.13 10.13 -5.35
N GLY D 99 -3.57 9.04 -4.81
CA GLY D 99 -2.16 8.98 -4.46
C GLY D 99 -1.76 9.92 -3.34
N THR D 100 -2.50 9.89 -2.23
CA THR D 100 -2.14 10.72 -1.06
C THR D 100 -1.36 9.91 -0.01
N ASN D 101 -0.77 10.60 0.96
CA ASN D 101 0.00 9.94 2.00
C ASN D 101 -0.84 9.15 3.02
N GLY D 102 -2.17 9.21 2.88
CA GLY D 102 -3.06 8.42 3.71
C GLY D 102 -3.29 8.93 5.13
N GLN D 103 -2.80 10.13 5.42
CA GLN D 103 -3.04 10.74 6.74
C GLN D 103 -4.52 11.00 6.92
N ARG D 104 -5.12 10.28 7.85
CA ARG D 104 -6.56 10.37 8.03
C ARG D 104 -6.93 11.67 8.74
N ILE D 105 -8.14 12.10 8.46
CA ILE D 105 -8.68 13.39 8.86
C ILE D 105 -9.81 13.03 9.83
N PRO D 106 -9.92 13.72 10.98
CA PRO D 106 -10.97 13.34 11.95
C PRO D 106 -12.35 13.46 11.37
N TYR D 107 -13.21 12.52 11.70
CA TYR D 107 -14.64 12.62 11.43
C TYR D 107 -15.23 13.51 12.52
N ILE D 108 -15.95 14.55 12.14
CA ILE D 108 -16.42 15.52 13.11
C ILE D 108 -17.94 15.43 13.19
N ILE D 109 -18.44 15.30 14.42
CA ILE D 109 -19.89 15.23 14.71
C ILE D 109 -20.17 16.43 15.57
N SER D 110 -21.16 17.22 15.20
CA SER D 110 -21.56 18.34 16.03
C SER D 110 -22.90 18.08 16.68
N ILE D 111 -23.08 18.69 17.85
CA ILE D 111 -24.31 18.62 18.63
C ILE D 111 -24.79 20.01 19.07
N ALA D 112 -25.97 20.39 18.55
CA ALA D 112 -26.62 21.66 18.78
C ALA D 112 -27.92 21.50 19.54
N GLY D 113 -28.46 22.64 19.97
CA GLY D 113 -29.72 22.69 20.67
C GLY D 113 -29.73 23.74 21.78
N SER D 114 -30.88 23.93 22.38
CA SER D 114 -31.05 24.90 23.47
C SER D 114 -30.07 24.71 24.59
N VAL D 115 -29.81 25.79 25.30
CA VAL D 115 -29.19 25.68 26.61
C VAL D 115 -30.09 24.74 27.44
N ALA D 116 -29.48 23.82 28.17
CA ALA D 116 -30.18 22.88 29.09
C ALA D 116 -30.96 21.72 28.47
N VAL D 117 -30.84 21.49 27.16
CA VAL D 117 -31.54 20.38 26.48
C VAL D 117 -30.86 19.05 26.74
N GLY D 118 -29.58 19.09 27.09
CA GLY D 118 -28.78 17.89 27.32
C GLY D 118 -27.68 17.61 26.31
N LYS D 119 -27.16 18.67 25.70
CA LYS D 119 -26.08 18.52 24.69
C LYS D 119 -24.87 17.89 25.33
N SER D 120 -24.49 18.38 26.50
CA SER D 120 -23.29 17.89 27.13
C SER D 120 -23.42 16.42 27.54
N THR D 121 -24.55 16.07 28.15
CA THR D 121 -24.76 14.70 28.56
C THR D 121 -24.77 13.80 27.31
N THR D 122 -25.53 14.19 26.29
CA THR D 122 -25.58 13.43 25.03
C THR D 122 -24.18 13.23 24.41
N ALA D 123 -23.40 14.32 24.37
CA ALA D 123 -22.05 14.27 23.78
C ALA D 123 -21.13 13.34 24.57
N ARG D 124 -21.25 13.35 25.89
CA ARG D 124 -20.35 12.53 26.66
C ARG D 124 -20.72 11.07 26.58
N VAL D 125 -22.01 10.76 26.49
CA VAL D 125 -22.45 9.37 26.32
C VAL D 125 -22.02 8.85 24.96
N LEU D 126 -22.19 9.67 23.92
CA LEU D 126 -21.83 9.23 22.60
C LEU D 126 -20.32 9.09 22.50
N GLN D 127 -19.58 9.97 23.17
CA GLN D 127 -18.14 9.83 23.20
C GLN D 127 -17.76 8.45 23.80
N ALA D 128 -18.37 8.09 24.91
CA ALA D 128 -18.04 6.82 25.58
C ALA D 128 -18.42 5.63 24.69
N LEU D 129 -19.60 5.66 24.09
CA LEU D 129 -20.09 4.50 23.32
C LEU D 129 -19.39 4.36 21.97
N LEU D 130 -19.11 5.46 21.30
CA LEU D 130 -18.40 5.41 20.03
C LEU D 130 -16.97 4.89 20.16
N SER D 131 -16.34 5.18 21.28
CA SER D 131 -14.96 4.75 21.51
C SER D 131 -14.81 3.24 21.69
N ARG D 132 -15.91 2.53 21.86
CA ARG D 132 -15.91 1.08 21.94
C ARG D 132 -15.77 0.36 20.60
N TRP D 133 -15.92 1.07 19.49
CA TRP D 133 -15.79 0.47 18.17
C TRP D 133 -14.32 0.56 17.76
N PRO D 134 -13.71 -0.59 17.46
CA PRO D 134 -12.27 -0.61 17.16
C PRO D 134 -11.83 0.23 15.97
N GLU D 135 -12.71 0.51 15.02
CA GLU D 135 -12.35 1.41 13.90
C GLU D 135 -12.15 2.88 14.31
N HIS D 136 -12.61 3.26 15.49
CA HIS D 136 -12.57 4.66 15.90
C HIS D 136 -12.62 4.75 17.42
N ARG D 137 -11.56 4.26 18.04
CA ARG D 137 -11.42 4.27 19.49
C ARG D 137 -11.12 5.63 20.10
N HIS D 138 -10.43 6.49 19.36
CA HIS D 138 -9.97 7.77 19.92
C HIS D 138 -10.99 8.85 19.53
N VAL D 139 -11.79 9.24 20.51
CA VAL D 139 -12.87 10.18 20.32
C VAL D 139 -12.67 11.33 21.28
N GLU D 140 -12.52 12.55 20.75
CA GLU D 140 -12.35 13.75 21.56
C GLU D 140 -13.63 14.53 21.62
N LEU D 141 -13.75 15.34 22.65
CA LEU D 141 -14.92 16.15 22.87
C LEU D 141 -14.52 17.59 23.17
N ILE D 142 -15.05 18.52 22.38
CA ILE D 142 -14.77 19.94 22.57
C ILE D 142 -16.09 20.66 22.60
N THR D 143 -16.23 21.60 23.54
CA THR D 143 -17.47 22.38 23.61
C THR D 143 -17.18 23.76 23.07
N THR D 144 -18.16 24.36 22.42
CA THR D 144 -17.98 25.68 21.88
C THR D 144 -18.02 26.77 22.97
N ASP D 145 -18.45 26.43 24.19
CA ASP D 145 -18.41 27.34 25.34
C ASP D 145 -16.98 27.90 25.53
N GLY D 146 -15.97 27.08 25.27
CA GLY D 146 -14.59 27.50 25.36
C GLY D 146 -14.22 28.70 24.50
N PHE D 147 -14.94 28.88 23.39
CA PHE D 147 -14.73 29.98 22.44
C PHE D 147 -15.58 31.24 22.71
N LEU D 148 -16.28 31.28 23.83
CA LEU D 148 -16.89 32.55 24.30
C LEU D 148 -15.79 33.56 24.59
N HIS D 149 -16.06 34.83 24.35
CA HIS D 149 -15.14 35.86 24.84
C HIS D 149 -15.15 35.77 26.38
N PRO D 150 -13.98 35.92 27.05
CA PRO D 150 -13.94 35.94 28.54
C PRO D 150 -14.84 37.00 29.15
N ASN D 151 -15.30 36.77 30.39
CA ASN D 151 -16.23 37.71 31.03
C ASN D 151 -15.71 39.16 31.00
N SER D 152 -14.42 39.34 31.18
CA SER D 152 -13.86 40.70 31.19
C SER D 152 -14.11 41.40 29.85
N VAL D 153 -14.03 40.66 28.74
CA VAL D 153 -14.30 41.21 27.39
C VAL D 153 -15.79 41.38 27.13
N LEU D 154 -16.60 40.44 27.58
CA LEU D 154 -18.05 40.60 27.45
C LEU D 154 -18.48 41.87 28.21
N LYS D 155 -17.96 42.05 29.42
CA LYS D 155 -18.27 43.24 30.23
C LYS D 155 -17.90 44.54 29.48
N GLU D 156 -16.67 44.63 28.98
CA GLU D 156 -16.24 45.77 28.12
C GLU D 156 -17.21 46.07 27.01
N ARG D 157 -17.74 45.03 26.38
CA ARG D 157 -18.61 45.22 25.23
C ARG D 157 -20.07 45.31 25.64
N GLY D 158 -20.35 45.20 26.94
CA GLY D 158 -21.74 45.27 27.42
C GLY D 158 -22.57 44.04 27.01
N LEU D 159 -21.95 42.87 27.11
CA LEU D 159 -22.54 41.63 26.60
C LEU D 159 -22.79 40.58 27.70
N MET D 160 -22.78 40.98 28.98
CA MET D 160 -22.95 40.00 30.06
C MET D 160 -24.34 39.34 30.08
N LYS D 161 -25.36 40.02 29.57
CA LYS D 161 -26.71 39.47 29.42
C LYS D 161 -26.96 38.83 28.05
N LYS D 162 -25.87 38.65 27.30
CA LYS D 162 -25.94 38.07 25.97
C LYS D 162 -24.95 36.92 25.84
N LYS D 163 -24.49 36.38 26.97
CA LYS D 163 -23.63 35.20 26.90
C LYS D 163 -24.38 34.06 26.19
N GLY D 164 -23.72 33.45 25.19
CA GLY D 164 -24.34 32.45 24.33
C GLY D 164 -24.95 33.01 23.05
N PHE D 165 -25.14 34.32 22.97
CA PHE D 165 -25.58 34.94 21.73
C PHE D 165 -24.39 35.07 20.74
N PRO D 166 -24.68 35.26 19.46
CA PRO D 166 -23.55 35.32 18.49
C PRO D 166 -22.44 36.31 18.83
N GLN D 167 -22.80 37.51 19.26
CA GLN D 167 -21.78 38.51 19.57
C GLN D 167 -20.89 38.14 20.73
N SER D 168 -21.27 37.11 21.53
CA SER D 168 -20.43 36.68 22.64
C SER D 168 -19.33 35.67 22.29
N TYR D 169 -19.31 35.19 21.04
CA TYR D 169 -18.34 34.14 20.67
C TYR D 169 -17.21 34.68 19.85
N ASP D 170 -16.02 34.15 20.07
CA ASP D 170 -14.91 34.35 19.13
C ASP D 170 -15.10 33.35 17.97
N MET D 171 -16.01 33.67 17.05
CA MET D 171 -16.48 32.71 16.05
C MET D 171 -15.42 32.39 15.00
N HIS D 172 -14.60 33.39 14.66
CA HIS D 172 -13.46 33.15 13.76
C HIS D 172 -12.52 32.10 14.32
N ARG D 173 -12.27 32.17 15.62
CA ARG D 173 -11.39 31.21 16.25
C ARG D 173 -12.00 29.78 16.24
N LEU D 174 -13.32 29.68 16.40
CA LEU D 174 -13.96 28.37 16.39
C LEU D 174 -13.91 27.76 14.99
N VAL D 175 -14.24 28.57 13.97
CA VAL D 175 -14.20 28.10 12.58
C VAL D 175 -12.78 27.66 12.25
N LYS D 176 -11.80 28.42 12.71
CA LYS D 176 -10.40 28.08 12.46
C LYS D 176 -10.00 26.77 13.11
N PHE D 177 -10.54 26.50 14.29
CA PHE D 177 -10.19 25.28 15.00
C PHE D 177 -10.65 24.04 14.18
N VAL D 178 -11.89 24.05 13.70
CA VAL D 178 -12.37 22.90 12.91
C VAL D 178 -11.77 22.88 11.50
N SER D 179 -11.53 24.05 10.92
CA SER D 179 -10.78 24.17 9.65
C SER D 179 -9.40 23.52 9.75
N ASP D 180 -8.68 23.88 10.79
CA ASP D 180 -7.39 23.26 11.09
C ASP D 180 -7.49 21.76 11.21
N LEU D 181 -8.48 21.26 11.95
CA LEU D 181 -8.59 19.81 12.08
C LEU D 181 -8.85 19.15 10.72
N LYS D 182 -9.70 19.79 9.92
CA LYS D 182 -9.99 19.33 8.58
C LYS D 182 -8.85 19.61 7.58
N SER D 183 -7.77 20.25 8.01
CA SER D 183 -6.59 20.45 7.17
C SER D 183 -5.51 19.43 7.46
N GLY D 184 -5.73 18.61 8.48
CA GLY D 184 -4.79 17.58 8.87
C GLY D 184 -3.66 18.04 9.77
N VAL D 185 -3.83 19.15 10.49
CA VAL D 185 -2.78 19.60 11.41
C VAL D 185 -2.59 18.49 12.45
N PRO D 186 -1.35 18.25 12.87
CA PRO D 186 -1.19 17.18 13.86
C PRO D 186 -1.75 17.54 15.24
N GLN D 187 -1.90 18.83 15.53
CA GLN D 187 -2.44 19.29 16.80
C GLN D 187 -3.21 20.57 16.63
N ALA D 188 -4.28 20.72 17.41
CA ALA D 188 -5.00 21.96 17.48
C ALA D 188 -5.35 22.21 18.93
N THR D 189 -5.43 23.50 19.29
CA THR D 189 -5.73 23.89 20.67
C THR D 189 -7.01 24.69 20.79
N ALA D 190 -7.80 24.34 21.78
CA ALA D 190 -9.05 25.02 22.05
C ALA D 190 -9.02 25.62 23.45
N PRO D 191 -9.56 26.82 23.60
CA PRO D 191 -9.79 27.34 24.94
C PRO D 191 -10.90 26.53 25.62
N VAL D 192 -10.87 26.47 26.95
CA VAL D 192 -11.84 25.74 27.75
C VAL D 192 -12.58 26.66 28.70
N TYR D 193 -13.87 26.38 28.87
CA TYR D 193 -14.78 27.13 29.72
C TYR D 193 -15.12 26.30 30.96
N SER D 194 -15.49 26.95 32.06
CA SER D 194 -15.90 26.22 33.27
C SER D 194 -17.21 26.78 33.75
N HIS D 195 -18.23 25.94 33.78
CA HIS D 195 -19.55 26.35 34.26
C HIS D 195 -19.53 26.72 35.76
N LEU D 196 -18.59 26.12 36.50
CA LEU D 196 -18.44 26.37 37.93
C LEU D 196 -17.94 27.79 38.21
N ILE D 197 -16.98 28.28 37.43
CA ILE D 197 -16.53 29.69 37.57
C ILE D 197 -17.23 30.67 36.62
N TYR D 198 -18.24 30.19 35.86
CA TYR D 198 -18.96 31.01 34.86
C TYR D 198 -18.01 31.76 33.90
N ASP D 199 -16.93 31.11 33.47
CA ASP D 199 -15.94 31.83 32.65
C ASP D 199 -14.95 30.93 31.92
N VAL D 200 -14.31 31.51 30.90
CA VAL D 200 -13.18 30.87 30.24
C VAL D 200 -12.07 30.65 31.28
N ILE D 201 -11.58 29.41 31.39
CA ILE D 201 -10.51 29.10 32.36
C ILE D 201 -9.25 29.83 31.93
N PRO D 202 -8.78 30.78 32.77
CA PRO D 202 -7.72 31.75 32.45
C PRO D 202 -6.61 31.25 31.53
N ASP D 203 -6.02 30.10 31.85
CA ASP D 203 -4.83 29.64 31.13
C ASP D 203 -4.96 28.17 30.76
N GLY D 204 -6.20 27.68 30.71
CA GLY D 204 -6.47 26.27 30.50
C GLY D 204 -6.94 26.02 29.08
N ASP D 205 -6.06 25.46 28.26
CA ASP D 205 -6.38 25.12 26.89
C ASP D 205 -6.22 23.62 26.68
N LYS D 206 -7.11 23.04 25.88
CA LYS D 206 -7.14 21.62 25.62
C LYS D 206 -6.52 21.42 24.25
N THR D 207 -5.53 20.55 24.15
CA THR D 207 -4.85 20.24 22.88
C THR D 207 -5.29 18.88 22.38
N VAL D 208 -5.87 18.82 21.18
CA VAL D 208 -6.24 17.53 20.59
C VAL D 208 -5.25 17.17 19.49
N ALA D 209 -5.09 15.87 19.25
CA ALA D 209 -4.08 15.36 18.34
C ALA D 209 -4.65 14.30 17.41
N GLN D 210 -5.13 14.72 16.23
CA GLN D 210 -5.61 13.78 15.21
C GLN D 210 -6.44 12.59 15.76
N PRO D 211 -7.54 12.88 16.47
CA PRO D 211 -8.43 11.79 16.91
C PRO D 211 -9.17 11.17 15.72
N ASP D 212 -9.76 9.99 15.91
CA ASP D 212 -10.56 9.36 14.87
C ASP D 212 -11.84 10.15 14.68
N ILE D 213 -12.43 10.55 15.81
CA ILE D 213 -13.66 11.35 15.83
C ILE D 213 -13.46 12.53 16.77
N LEU D 214 -13.97 13.70 16.38
CA LEU D 214 -14.14 14.80 17.31
C LEU D 214 -15.61 15.15 17.41
N ILE D 215 -16.12 15.25 18.64
CA ILE D 215 -17.48 15.66 18.86
C ILE D 215 -17.41 17.13 19.30
N LEU D 216 -18.13 18.00 18.60
CA LEU D 216 -18.11 19.44 18.86
C LEU D 216 -19.49 19.79 19.35
N GLU D 217 -19.58 20.17 20.63
CA GLU D 217 -20.87 20.34 21.29
C GLU D 217 -21.09 21.82 21.59
N GLY D 218 -22.22 22.36 21.19
CA GLY D 218 -22.50 23.76 21.44
C GLY D 218 -23.73 24.29 20.77
N LEU D 219 -24.34 25.33 21.33
CA LEU D 219 -25.62 25.77 20.83
C LEU D 219 -25.55 26.41 19.45
N ASN D 220 -24.34 26.82 19.03
CA ASN D 220 -24.15 27.58 17.80
C ASN D 220 -23.50 26.82 16.61
N VAL D 221 -23.37 25.49 16.72
CA VAL D 221 -22.67 24.71 15.68
C VAL D 221 -23.38 24.64 14.31
N LEU D 222 -24.67 24.99 14.25
CA LEU D 222 -25.37 25.06 12.99
C LEU D 222 -25.61 26.49 12.53
N GLN D 223 -24.99 27.45 13.21
CA GLN D 223 -25.15 28.87 12.83
C GLN D 223 -24.17 29.19 11.72
N SER D 224 -24.40 30.31 11.05
CA SER D 224 -23.58 30.68 9.88
C SER D 224 -23.27 32.18 9.86
N GLY D 225 -22.67 32.67 8.79
CA GLY D 225 -22.41 34.11 8.64
C GLY D 225 -23.61 35.02 8.84
N MET D 226 -24.78 34.55 8.47
CA MET D 226 -25.98 35.33 8.62
C MET D 226 -26.29 35.68 10.08
N ASP D 227 -25.86 34.82 10.99
CA ASP D 227 -26.03 35.05 12.44
C ASP D 227 -24.96 35.96 13.02
N TYR D 228 -23.95 36.35 12.22
CA TYR D 228 -22.84 37.17 12.71
C TYR D 228 -22.67 38.43 11.82
N PRO D 229 -23.74 39.21 11.64
CA PRO D 229 -23.64 40.39 10.76
C PRO D 229 -22.63 41.44 11.27
N HIS D 230 -22.38 41.47 12.58
CA HIS D 230 -21.39 42.34 13.19
C HIS D 230 -19.94 42.06 12.82
N ASP D 231 -19.66 40.81 12.41
CA ASP D 231 -18.31 40.38 12.09
C ASP D 231 -18.47 39.10 11.22
N PRO D 232 -18.86 39.24 9.94
CA PRO D 232 -19.24 38.08 9.14
C PRO D 232 -18.12 37.09 8.85
N HIS D 233 -18.48 35.82 8.72
CA HIS D 233 -17.58 34.79 8.20
C HIS D 233 -18.29 34.08 7.04
N HIS D 234 -17.52 33.55 6.08
CA HIS D 234 -18.04 33.09 4.79
C HIS D 234 -17.88 31.58 4.55
N VAL D 235 -17.20 30.92 5.49
CA VAL D 235 -17.13 29.48 5.55
C VAL D 235 -17.55 29.08 6.97
N PHE D 236 -18.50 28.15 7.06
CA PHE D 236 -19.19 27.92 8.32
C PHE D 236 -18.66 26.72 9.07
N VAL D 237 -18.95 26.67 10.36
CA VAL D 237 -18.60 25.51 11.17
C VAL D 237 -19.10 24.23 10.47
N SER D 238 -20.34 24.26 9.99
CA SER D 238 -20.95 23.12 9.31
C SER D 238 -20.19 22.65 8.07
N ASP D 239 -19.40 23.55 7.48
CA ASP D 239 -18.63 23.21 6.29
C ASP D 239 -17.44 22.34 6.65
N PHE D 240 -17.16 22.18 7.95
CA PHE D 240 -16.12 21.30 8.45
C PHE D 240 -16.69 20.17 9.33
N VAL D 241 -18.00 19.96 9.27
CA VAL D 241 -18.66 18.94 10.11
C VAL D 241 -19.27 17.87 9.24
N ASP D 242 -19.01 16.61 9.58
CA ASP D 242 -19.49 15.49 8.78
C ASP D 242 -20.96 15.14 9.08
N PHE D 243 -21.36 15.28 10.34
CA PHE D 243 -22.68 14.84 10.75
C PHE D 243 -23.10 15.69 11.94
N SER D 244 -24.31 16.25 11.91
CA SER D 244 -24.74 17.13 12.96
C SER D 244 -26.06 16.68 13.57
N ILE D 245 -26.15 16.79 14.87
CA ILE D 245 -27.34 16.41 15.64
C ILE D 245 -27.89 17.66 16.31
N TYR D 246 -29.18 17.88 16.17
CA TYR D 246 -29.88 18.90 16.93
C TYR D 246 -30.76 18.19 17.95
N VAL D 247 -30.48 18.44 19.23
CA VAL D 247 -31.31 17.91 20.32
C VAL D 247 -32.46 18.88 20.64
N ASP D 248 -33.69 18.40 20.57
CA ASP D 248 -34.84 19.27 20.56
C ASP D 248 -35.76 18.87 21.73
N ALA D 249 -36.45 19.86 22.28
CA ALA D 249 -37.46 19.66 23.33
C ALA D 249 -38.31 20.93 23.45
N PRO D 250 -39.57 20.78 23.88
CA PRO D 250 -40.43 21.97 23.98
C PRO D 250 -39.96 22.92 25.10
N GLU D 251 -40.30 24.20 24.95
CA GLU D 251 -39.90 25.27 25.86
C GLU D 251 -40.07 24.96 27.34
N GLU D 252 -41.21 24.38 27.71
CA GLU D 252 -41.56 24.18 29.12
C GLU D 252 -40.63 23.18 29.75
N LEU D 253 -40.22 22.17 28.97
CA LEU D 253 -39.28 21.20 29.48
C LEU D 253 -37.92 21.82 29.65
N LEU D 254 -37.49 22.54 28.63
CA LEU D 254 -36.17 23.17 28.67
C LEU D 254 -36.06 24.08 29.92
N LYS D 255 -37.08 24.90 30.13
CA LYS D 255 -37.16 25.77 31.32
C LYS D 255 -37.01 24.97 32.63
N SER D 256 -37.77 23.89 32.78
CA SER D 256 -37.68 23.08 34.02
C SER D 256 -36.32 22.44 34.17
N TRP D 257 -35.73 21.99 33.06
CA TRP D 257 -34.40 21.39 33.15
C TRP D 257 -33.33 22.45 33.47
N TYR D 258 -33.47 23.63 32.90
CA TYR D 258 -32.57 24.74 33.22
C TYR D 258 -32.68 25.08 34.72
N ILE D 259 -33.91 25.27 35.19
CA ILE D 259 -34.12 25.63 36.60
C ILE D 259 -33.57 24.56 37.50
N ASN D 260 -33.87 23.30 37.21
CA ASN D 260 -33.37 22.18 38.01
C ASN D 260 -31.85 22.08 38.03
N ARG D 261 -31.21 22.33 36.89
CA ARG D 261 -29.75 22.34 36.86
C ARG D 261 -29.22 23.54 37.69
N PHE D 262 -29.88 24.70 37.60
CA PHE D 262 -29.50 25.88 38.40
C PHE D 262 -29.53 25.53 39.90
N LEU D 263 -30.57 24.80 40.33
CA LEU D 263 -30.67 24.35 41.73
C LEU D 263 -29.57 23.40 42.12
N LYS D 264 -29.14 22.54 41.20
CA LYS D 264 -28.03 21.65 41.49
C LYS D 264 -26.71 22.39 41.69
N PHE D 265 -26.44 23.42 40.90
CA PHE D 265 -25.23 24.24 41.13
C PHE D 265 -25.36 24.97 42.49
N ARG D 266 -26.53 25.55 42.75
CA ARG D 266 -26.77 26.21 44.04
C ARG D 266 -26.45 25.26 45.19
N GLU D 267 -26.91 24.02 45.09
CA GLU D 267 -26.67 23.02 46.14
C GLU D 267 -25.20 22.64 46.29
N GLY D 268 -24.48 22.53 45.19
CA GLY D 268 -23.04 22.24 45.25
C GLY D 268 -22.26 23.39 45.87
N ALA D 269 -22.73 24.60 45.62
CA ALA D 269 -22.13 25.82 46.20
C ALA D 269 -22.27 25.96 47.72
N PHE D 270 -23.20 25.24 48.34
CA PHE D 270 -23.30 25.19 49.79
C PHE D 270 -21.95 24.80 50.41
N THR D 271 -21.25 23.87 49.77
CA THR D 271 -20.02 23.30 50.31
C THR D 271 -18.79 23.48 49.43
N ASP D 272 -18.92 24.14 48.27
CA ASP D 272 -17.77 24.43 47.40
C ASP D 272 -17.43 25.92 47.33
N PRO D 273 -16.30 26.33 47.92
CA PRO D 273 -15.99 27.77 47.96
C PRO D 273 -15.62 28.38 46.59
N ASP D 274 -15.14 27.55 45.66
CA ASP D 274 -14.70 28.03 44.33
C ASP D 274 -15.87 28.29 43.37
N SER D 275 -17.10 28.12 43.83
CA SER D 275 -18.27 28.14 42.96
C SER D 275 -18.80 29.57 42.78
N TYR D 276 -19.05 29.93 41.53
CA TYR D 276 -19.69 31.22 41.16
C TYR D 276 -21.07 31.36 41.79
N PHE D 277 -21.68 30.23 42.13
CA PHE D 277 -23.05 30.20 42.66
C PHE D 277 -23.09 30.28 44.18
N HIS D 278 -21.93 30.54 44.79
CA HIS D 278 -21.83 30.75 46.25
C HIS D 278 -22.86 31.76 46.76
N ASN D 279 -23.14 32.78 45.96
CA ASN D 279 -24.20 33.75 46.26
C ASN D 279 -25.56 33.09 46.50
N TYR D 280 -25.94 32.19 45.61
CA TYR D 280 -27.28 31.58 45.64
C TYR D 280 -27.39 30.60 46.80
N ALA D 281 -26.26 29.98 47.17
CA ALA D 281 -26.14 29.15 48.38
C ALA D 281 -26.52 29.88 49.71
N LYS D 282 -26.97 31.13 49.61
CA LYS D 282 -27.35 31.94 50.77
C LYS D 282 -28.77 32.54 50.65
N LEU D 283 -29.44 32.36 49.51
CA LEU D 283 -30.82 32.85 49.33
C LEU D 283 -31.77 31.70 49.50
N SER D 284 -33.06 32.01 49.54
CA SER D 284 -34.07 30.97 49.64
C SER D 284 -34.14 30.20 48.31
N LYS D 285 -34.72 29.02 48.36
CA LYS D 285 -34.86 28.18 47.21
C LYS D 285 -35.85 28.81 46.25
N GLU D 286 -36.94 29.35 46.80
CA GLU D 286 -37.97 29.95 45.97
C GLU D 286 -37.48 31.21 45.25
N GLU D 287 -36.52 31.91 45.85
CA GLU D 287 -36.04 33.13 45.23
C GLU D 287 -34.99 32.77 44.15
N ALA D 288 -34.14 31.79 44.47
CA ALA D 288 -33.25 31.20 43.46
C ALA D 288 -33.99 30.85 42.17
N VAL D 289 -35.19 30.26 42.31
CA VAL D 289 -36.03 29.90 41.17
C VAL D 289 -36.53 31.10 40.38
N ASP D 290 -36.95 32.15 41.08
CA ASP D 290 -37.36 33.38 40.41
C ASP D 290 -36.21 33.95 39.62
N ILE D 291 -35.02 33.92 40.18
CA ILE D 291 -33.85 34.42 39.47
C ILE D 291 -33.53 33.53 38.27
N ALA D 292 -33.55 32.21 38.48
CA ALA D 292 -33.24 31.29 37.39
C ALA D 292 -34.26 31.46 36.28
N THR D 293 -35.52 31.63 36.66
CA THR D 293 -36.59 31.85 35.72
C THR D 293 -36.43 33.14 34.91
N SER D 294 -35.95 34.20 35.55
CA SER D 294 -35.75 35.45 34.80
C SER D 294 -34.53 35.33 33.88
N LEU D 295 -33.45 34.72 34.36
CA LEU D 295 -32.29 34.43 33.48
C LEU D 295 -32.68 33.58 32.26
N TRP D 296 -33.54 32.57 32.48
CA TRP D 296 -34.11 31.80 31.38
C TRP D 296 -34.89 32.65 30.40
N ASN D 297 -35.89 33.38 30.89
CA ASN D 297 -36.79 34.11 30.01
C ASN D 297 -36.09 35.20 29.22
N GLU D 298 -35.15 35.88 29.86
CA GLU D 298 -34.55 37.07 29.27
C GLU D 298 -33.29 36.77 28.44
N ILE D 299 -32.55 35.72 28.80
CA ILE D 299 -31.32 35.37 28.10
C ILE D 299 -31.48 34.11 27.23
N ASN D 300 -31.57 32.95 27.86
CA ASN D 300 -31.50 31.68 27.14
C ASN D 300 -32.69 31.39 26.24
N LEU D 301 -33.87 31.82 26.64
CA LEU D 301 -35.05 31.64 25.83
C LEU D 301 -35.04 32.55 24.63
N MET D 302 -34.69 33.81 24.82
CA MET D 302 -34.64 34.74 23.70
C MET D 302 -33.58 34.20 22.69
N ASN D 303 -32.44 33.75 23.21
CA ASN D 303 -31.38 33.16 22.37
C ASN D 303 -31.90 31.97 21.54
N LEU D 304 -32.66 31.11 22.21
CA LEU D 304 -33.29 29.97 21.56
C LEU D 304 -34.13 30.44 20.40
N LYS D 305 -35.04 31.36 20.67
CA LYS D 305 -35.99 31.80 19.66
C LYS D 305 -35.30 32.52 18.49
N GLU D 306 -34.34 33.37 18.80
CA GLU D 306 -33.73 34.23 17.80
C GLU D 306 -32.63 33.53 17.02
N ASN D 307 -31.83 32.70 17.68
CA ASN D 307 -30.58 32.23 17.12
C ASN D 307 -30.40 30.72 16.97
N ILE D 308 -31.01 29.93 17.86
CA ILE D 308 -30.72 28.48 17.92
C ILE D 308 -31.73 27.65 17.14
N LEU D 309 -33.00 27.83 17.48
CA LEU D 309 -34.08 27.04 16.88
C LEU D 309 -34.19 27.20 15.37
N PRO D 310 -33.98 28.41 14.86
CA PRO D 310 -34.01 28.55 13.39
C PRO D 310 -32.95 27.71 12.64
N THR D 311 -31.95 27.20 13.34
CA THR D 311 -30.89 26.42 12.71
C THR D 311 -31.20 24.91 12.67
N ARG D 312 -32.32 24.49 13.29
CA ARG D 312 -32.59 23.09 13.51
C ARG D 312 -32.63 22.27 12.22
N GLU D 313 -33.25 22.80 11.17
CA GLU D 313 -33.39 22.06 9.92
C GLU D 313 -32.09 21.96 9.11
N ARG D 314 -31.00 22.50 9.63
CA ARG D 314 -29.70 22.31 9.05
C ARG D 314 -29.03 21.02 9.56
N ALA D 315 -29.67 20.34 10.51
CA ALA D 315 -29.03 19.18 11.14
C ALA D 315 -29.18 17.94 10.29
N SER D 316 -28.17 17.08 10.35
CA SER D 316 -28.29 15.76 9.75
C SER D 316 -29.37 14.94 10.47
N LEU D 317 -29.49 15.11 11.77
CA LEU D 317 -30.40 14.33 12.60
C LEU D 317 -30.99 15.19 13.71
N ILE D 318 -32.30 15.07 13.92
CA ILE D 318 -32.98 15.76 14.99
C ILE D 318 -33.52 14.72 15.97
N MET D 319 -33.11 14.85 17.23
CA MET D 319 -33.46 13.94 18.31
C MET D 319 -34.34 14.72 19.30
N THR D 320 -35.59 14.29 19.45
CA THR D 320 -36.55 14.99 20.30
C THR D 320 -36.70 14.31 21.64
N LYS D 321 -36.73 15.11 22.71
CA LYS D 321 -36.82 14.60 24.04
C LYS D 321 -38.16 14.98 24.68
N SER D 322 -38.57 14.19 25.66
CA SER D 322 -39.85 14.42 26.35
C SER D 322 -39.59 14.49 27.84
N ALA D 323 -40.67 14.37 28.61
CA ALA D 323 -40.57 14.34 30.06
C ALA D 323 -39.55 13.29 30.49
N ASN D 324 -38.77 13.64 31.50
CA ASN D 324 -37.77 12.75 32.09
C ASN D 324 -36.62 12.49 31.16
N HIS D 325 -36.48 13.32 30.11
CA HIS D 325 -35.34 13.19 29.17
C HIS D 325 -35.44 12.01 28.22
N SER D 326 -36.58 11.33 28.20
CA SER D 326 -36.81 10.22 27.26
C SER D 326 -36.76 10.71 25.82
N VAL D 327 -35.99 10.05 24.98
CA VAL D 327 -35.98 10.41 23.55
C VAL D 327 -37.19 9.76 22.94
N ASN D 328 -38.04 10.55 22.29
CA ASN D 328 -39.22 9.98 21.68
C ASN D 328 -39.32 10.06 20.17
N GLN D 329 -38.32 10.62 19.49
CA GLN D 329 -38.43 10.79 18.03
C GLN D 329 -37.03 11.00 17.49
N VAL D 330 -36.73 10.33 16.40
CA VAL D 330 -35.45 10.51 15.73
C VAL D 330 -35.73 10.68 14.26
N ARG D 331 -35.30 11.83 13.74
CA ARG D 331 -35.44 12.17 12.36
C ARG D 331 -34.07 12.27 11.72
N LEU D 332 -33.92 11.66 10.55
CA LEU D 332 -32.62 11.52 9.86
C LEU D 332 -32.84 11.99 8.42
N ARG D 333 -31.93 12.84 7.95
CA ARG D 333 -31.93 13.30 6.56
C ARG D 333 -31.89 12.12 5.59
N LYS D 334 -32.74 12.17 4.58
CA LYS D 334 -32.91 11.08 3.64
C LYS D 334 -31.75 11.09 2.65
N LEU E 26 -47.19 -33.79 4.40
CA LEU E 26 -47.96 -32.53 4.34
C LEU E 26 -47.05 -31.37 3.91
N MET E 27 -46.03 -31.09 4.73
CA MET E 27 -45.10 -29.99 4.46
C MET E 27 -43.93 -30.49 3.65
N THR E 28 -43.48 -29.70 2.69
CA THR E 28 -42.36 -30.07 1.82
C THR E 28 -41.34 -28.93 1.83
N PRO E 29 -40.14 -29.13 1.22
CA PRO E 29 -39.15 -28.04 1.14
C PRO E 29 -39.46 -26.95 0.13
N TYR E 30 -40.65 -26.99 -0.50
CA TYR E 30 -40.97 -26.08 -1.61
C TYR E 30 -42.26 -25.30 -1.28
N LEU E 31 -42.25 -24.00 -1.54
CA LEU E 31 -43.49 -23.25 -1.70
C LEU E 31 -44.12 -23.65 -3.02
N GLN E 32 -45.39 -24.03 -2.97
CA GLN E 32 -46.10 -24.48 -4.15
C GLN E 32 -47.11 -23.43 -4.61
N PHE E 33 -46.97 -23.00 -5.87
CA PHE E 33 -47.92 -22.08 -6.48
C PHE E 33 -48.61 -22.79 -7.64
N ASN E 34 -49.94 -22.66 -7.72
CA ASN E 34 -50.62 -23.07 -8.95
C ASN E 34 -50.55 -21.90 -9.92
N ARG E 35 -51.06 -22.08 -11.14
CA ARG E 35 -50.93 -21.06 -12.19
C ARG E 35 -51.56 -19.75 -11.78
N HIS E 36 -52.74 -19.82 -11.17
CA HIS E 36 -53.41 -18.62 -10.68
C HIS E 36 -52.50 -17.83 -9.72
N GLN E 37 -51.98 -18.51 -8.70
CA GLN E 37 -51.13 -17.86 -7.71
C GLN E 37 -49.83 -17.32 -8.33
N TRP E 38 -49.22 -18.10 -9.22
CA TRP E 38 -48.01 -17.62 -9.87
C TRP E 38 -48.27 -16.42 -10.77
N ALA E 39 -49.28 -16.51 -11.65
CA ALA E 39 -49.59 -15.38 -12.52
C ALA E 39 -50.00 -14.13 -11.71
N ALA E 40 -50.64 -14.34 -10.57
CA ALA E 40 -51.00 -13.23 -9.68
C ALA E 40 -49.81 -12.35 -9.26
N LEU E 41 -48.57 -12.82 -9.45
CA LEU E 41 -47.37 -12.08 -9.04
C LEU E 41 -47.04 -10.81 -9.81
N ARG E 42 -47.60 -10.60 -11.00
CA ARG E 42 -47.24 -9.40 -11.79
C ARG E 42 -47.35 -8.08 -11.00
N THR E 48 -44.77 -5.44 -18.45
CA THR E 48 -44.93 -4.32 -19.37
C THR E 48 -43.73 -4.22 -20.31
N LEU E 49 -43.71 -5.13 -21.28
CA LEU E 49 -42.59 -5.29 -22.23
C LEU E 49 -42.33 -4.05 -23.10
N THR E 50 -41.18 -4.02 -23.77
CA THR E 50 -40.86 -2.97 -24.72
C THR E 50 -41.17 -3.43 -26.15
N GLU E 51 -40.85 -2.61 -27.14
CA GLU E 51 -41.13 -2.94 -28.52
C GLU E 51 -40.20 -4.02 -29.05
N ASP E 52 -38.90 -3.85 -28.79
CA ASP E 52 -37.88 -4.80 -29.23
C ASP E 52 -38.00 -6.14 -28.54
N GLU E 53 -38.27 -6.12 -27.23
CA GLU E 53 -38.45 -7.35 -26.47
C GLU E 53 -39.49 -8.24 -27.15
N ILE E 54 -40.60 -7.64 -27.54
CA ILE E 54 -41.63 -8.35 -28.31
C ILE E 54 -41.00 -9.00 -29.54
N THR E 55 -40.35 -8.19 -30.38
CA THR E 55 -39.73 -8.68 -31.62
C THR E 55 -38.79 -9.84 -31.33
N ARG E 56 -37.85 -9.60 -30.41
CA ARG E 56 -36.83 -10.59 -30.05
C ARG E 56 -37.44 -11.87 -29.48
N LEU E 57 -38.47 -11.71 -28.65
CA LEU E 57 -39.14 -12.87 -28.05
C LEU E 57 -39.84 -13.74 -29.09
N LYS E 58 -40.55 -13.10 -30.03
CA LYS E 58 -41.13 -13.80 -31.17
C LYS E 58 -40.04 -14.47 -32.00
N GLY E 59 -38.91 -13.77 -32.16
CA GLY E 59 -37.75 -14.28 -32.87
C GLY E 59 -37.06 -15.47 -32.21
N ILE E 60 -37.25 -15.62 -30.91
CA ILE E 60 -36.66 -16.74 -30.18
C ILE E 60 -37.43 -18.02 -30.50
N ASN E 61 -38.76 -17.94 -30.44
CA ASN E 61 -39.62 -19.07 -30.75
C ASN E 61 -40.96 -18.54 -31.24
N GLU E 62 -41.31 -18.83 -32.50
CA GLU E 62 -42.58 -18.36 -33.08
C GLU E 62 -43.80 -19.03 -32.41
N ASP E 63 -43.60 -20.19 -31.80
CA ASP E 63 -44.68 -20.88 -31.08
C ASP E 63 -44.85 -20.40 -29.62
N LEU E 64 -44.11 -19.36 -29.22
CA LEU E 64 -44.09 -18.93 -27.82
C LEU E 64 -45.12 -17.85 -27.52
N SER E 65 -46.19 -18.26 -26.84
CA SER E 65 -47.24 -17.35 -26.43
C SER E 65 -46.69 -16.14 -25.67
N LEU E 66 -46.89 -14.94 -26.19
CA LEU E 66 -46.55 -13.72 -25.45
C LEU E 66 -47.44 -13.56 -24.22
N GLU E 67 -48.60 -14.22 -24.25
CA GLU E 67 -49.46 -14.34 -23.09
C GLU E 67 -48.64 -15.03 -21.98
N GLU E 68 -48.02 -16.16 -22.36
CA GLU E 68 -47.21 -16.93 -21.44
C GLU E 68 -46.04 -16.11 -20.87
N VAL E 69 -45.44 -15.24 -21.67
CA VAL E 69 -44.27 -14.48 -21.22
C VAL E 69 -44.58 -13.44 -20.13
N ALA E 70 -45.62 -12.65 -20.36
CA ALA E 70 -46.04 -11.65 -19.38
C ALA E 70 -46.43 -12.31 -18.07
N GLU E 71 -47.14 -13.43 -18.16
CA GLU E 71 -47.76 -14.02 -16.98
C GLU E 71 -46.90 -14.98 -16.15
N ILE E 72 -45.94 -15.64 -16.80
CA ILE E 72 -45.11 -16.66 -16.15
C ILE E 72 -43.66 -16.24 -16.05
N TYR E 73 -43.09 -15.80 -17.17
CA TYR E 73 -41.67 -15.50 -17.26
C TYR E 73 -41.25 -14.14 -16.74
N LEU E 74 -42.16 -13.16 -16.78
CA LEU E 74 -41.87 -11.88 -16.13
C LEU E 74 -41.80 -12.06 -14.61
N PRO E 75 -42.79 -12.70 -13.99
CA PRO E 75 -42.64 -13.01 -12.58
C PRO E 75 -41.36 -13.82 -12.26
N LEU E 76 -41.03 -14.79 -13.08
CA LEU E 76 -39.82 -15.57 -12.87
C LEU E 76 -38.59 -14.70 -12.95
N SER E 77 -38.51 -13.83 -13.95
CA SER E 77 -37.34 -12.98 -14.11
C SER E 77 -37.24 -11.97 -12.96
N ARG E 78 -38.40 -11.56 -12.44
CA ARG E 78 -38.46 -10.69 -11.27
C ARG E 78 -38.02 -11.40 -9.98
N LEU E 79 -38.43 -12.65 -9.82
CA LEU E 79 -38.00 -13.48 -8.69
C LEU E 79 -36.47 -13.59 -8.72
N LEU E 80 -35.96 -13.94 -9.87
CA LEU E 80 -34.54 -14.08 -10.07
C LEU E 80 -33.81 -12.77 -9.74
N ASN E 81 -34.36 -11.65 -10.20
CA ASN E 81 -33.74 -10.38 -9.90
C ASN E 81 -33.65 -10.11 -8.39
N PHE E 82 -34.65 -10.53 -7.62
CA PHE E 82 -34.56 -10.41 -6.15
C PHE E 82 -33.41 -11.25 -5.57
N TYR E 83 -33.26 -12.47 -6.04
CA TYR E 83 -32.13 -13.30 -5.62
C TYR E 83 -30.81 -12.64 -6.01
N ILE E 84 -30.70 -12.17 -7.23
CA ILE E 84 -29.45 -11.62 -7.71
C ILE E 84 -29.13 -10.34 -6.95
N SER E 85 -30.14 -9.49 -6.77
CA SER E 85 -29.98 -8.25 -6.03
C SER E 85 -29.54 -8.49 -4.57
N SER E 86 -30.12 -9.50 -3.93
CA SER E 86 -29.72 -9.88 -2.58
C SER E 86 -28.23 -10.30 -2.55
N ASN E 87 -27.81 -11.05 -3.55
CA ASN E 87 -26.44 -11.48 -3.68
C ASN E 87 -25.49 -10.29 -3.88
N LEU E 88 -25.85 -9.36 -4.76
CA LEU E 88 -25.05 -8.15 -4.96
C LEU E 88 -24.96 -7.26 -3.70
N ARG E 89 -26.05 -7.16 -2.94
CA ARG E 89 -26.02 -6.35 -1.71
C ARG E 89 -25.12 -7.00 -0.70
N ARG E 90 -25.21 -8.33 -0.61
CA ARG E 90 -24.32 -9.03 0.31
C ARG E 90 -22.86 -8.79 -0.08
N GLN E 91 -22.58 -8.85 -1.37
CA GLN E 91 -21.20 -8.67 -1.85
C GLN E 91 -20.64 -7.32 -1.47
N ALA E 92 -21.45 -6.28 -1.60
CA ALA E 92 -21.04 -4.94 -1.23
C ALA E 92 -20.77 -4.85 0.27
N VAL E 93 -21.53 -5.58 1.09
CA VAL E 93 -21.23 -5.66 2.51
C VAL E 93 -19.89 -6.39 2.73
N LEU E 94 -19.64 -7.51 2.07
CA LEU E 94 -18.39 -8.25 2.31
C LEU E 94 -17.17 -7.44 1.86
N GLU E 95 -17.37 -6.61 0.86
CA GLU E 95 -16.31 -5.75 0.33
C GLU E 95 -15.82 -4.76 1.37
N GLN E 96 -16.66 -4.47 2.38
CA GLN E 96 -16.26 -3.66 3.53
C GLN E 96 -14.96 -4.13 4.18
N PHE E 97 -14.76 -5.44 4.26
CA PHE E 97 -13.53 -6.01 4.79
C PHE E 97 -12.73 -6.73 3.74
N LEU E 98 -13.35 -7.26 2.68
CA LEU E 98 -12.55 -7.86 1.60
C LEU E 98 -11.85 -6.76 0.77
N GLY E 99 -12.36 -5.55 0.78
CA GLY E 99 -11.90 -4.57 -0.19
C GLY E 99 -12.66 -4.81 -1.48
N THR E 100 -12.53 -3.86 -2.40
CA THR E 100 -13.29 -3.87 -3.66
C THR E 100 -12.39 -4.16 -4.85
N ASN E 101 -11.31 -4.90 -4.61
CA ASN E 101 -10.32 -5.16 -5.67
C ASN E 101 -10.47 -6.54 -6.32
N GLY E 102 -11.24 -7.42 -5.70
CA GLY E 102 -11.39 -8.78 -6.20
C GLY E 102 -12.03 -8.83 -7.57
N GLN E 103 -11.88 -9.97 -8.24
CA GLN E 103 -12.48 -10.20 -9.55
C GLN E 103 -14.01 -10.24 -9.45
N ARG E 104 -14.70 -9.78 -10.50
CA ARG E 104 -16.15 -9.83 -10.52
C ARG E 104 -16.58 -11.26 -10.84
N ILE E 105 -17.50 -11.79 -10.05
CA ILE E 105 -17.91 -13.19 -10.10
C ILE E 105 -19.32 -13.21 -10.67
N PRO E 106 -19.57 -13.90 -11.80
CA PRO E 106 -20.91 -13.86 -12.33
C PRO E 106 -21.89 -14.72 -11.52
N TYR E 107 -23.13 -14.25 -11.43
CA TYR E 107 -24.24 -15.03 -10.87
C TYR E 107 -24.61 -16.10 -11.88
N ILE E 108 -24.69 -17.37 -11.45
CA ILE E 108 -24.95 -18.47 -12.39
C ILE E 108 -26.31 -19.08 -12.15
N ILE E 109 -27.13 -19.12 -13.22
CA ILE E 109 -28.43 -19.78 -13.20
C ILE E 109 -28.36 -20.99 -14.11
N SER E 110 -28.76 -22.15 -13.60
CA SER E 110 -28.78 -23.34 -14.43
C SER E 110 -30.21 -23.75 -14.75
N ILE E 111 -30.38 -24.40 -15.88
CA ILE E 111 -31.70 -24.83 -16.39
C ILE E 111 -31.61 -26.29 -16.83
N ALA E 112 -32.30 -27.15 -16.09
CA ALA E 112 -32.36 -28.57 -16.30
C ALA E 112 -33.74 -29.07 -16.76
N GLY E 113 -33.76 -30.35 -17.17
CA GLY E 113 -34.98 -31.04 -17.57
C GLY E 113 -34.79 -31.96 -18.76
N SER E 114 -35.84 -32.72 -19.07
CA SER E 114 -35.84 -33.62 -20.21
C SER E 114 -35.43 -32.96 -21.50
N VAL E 115 -34.84 -33.77 -22.38
CA VAL E 115 -34.76 -33.41 -23.80
C VAL E 115 -36.20 -33.05 -24.20
N ALA E 116 -36.31 -31.95 -24.94
CA ALA E 116 -37.58 -31.47 -25.52
C ALA E 116 -38.61 -30.87 -24.54
N VAL E 117 -38.22 -30.63 -23.27
CA VAL E 117 -39.13 -29.93 -22.34
C VAL E 117 -39.19 -28.43 -22.60
N GLY E 118 -38.22 -27.89 -23.32
CA GLY E 118 -38.17 -26.44 -23.54
C GLY E 118 -37.10 -25.68 -22.75
N LYS E 119 -36.02 -26.36 -22.41
CA LYS E 119 -34.88 -25.70 -21.74
C LYS E 119 -34.33 -24.52 -22.56
N SER E 120 -34.13 -24.73 -23.85
CA SER E 120 -33.52 -23.70 -24.68
C SER E 120 -34.47 -22.49 -24.82
N THR E 121 -35.76 -22.75 -25.06
CA THR E 121 -36.72 -21.66 -25.08
C THR E 121 -36.67 -20.93 -23.74
N THR E 122 -36.77 -21.67 -22.63
CA THR E 122 -36.77 -21.04 -21.30
C THR E 122 -35.52 -20.18 -21.07
N ALA E 123 -34.35 -20.75 -21.37
CA ALA E 123 -33.09 -20.05 -21.16
C ALA E 123 -33.00 -18.76 -21.97
N ARG E 124 -33.41 -18.84 -23.24
CA ARG E 124 -33.30 -17.68 -24.11
C ARG E 124 -34.29 -16.58 -23.74
N VAL E 125 -35.48 -16.96 -23.28
CA VAL E 125 -36.44 -15.98 -22.78
C VAL E 125 -35.86 -15.30 -21.54
N LEU E 126 -35.37 -16.09 -20.59
CA LEU E 126 -34.80 -15.51 -19.37
C LEU E 126 -33.59 -14.63 -19.69
N GLN E 127 -32.79 -15.01 -20.67
CA GLN E 127 -31.67 -14.15 -21.05
C GLN E 127 -32.13 -12.77 -21.53
N ALA E 128 -33.17 -12.76 -22.36
CA ALA E 128 -33.71 -11.50 -22.89
C ALA E 128 -34.28 -10.66 -21.77
N LEU E 129 -35.12 -11.25 -20.92
CA LEU E 129 -35.78 -10.53 -19.83
C LEU E 129 -34.85 -10.05 -18.72
N LEU E 130 -33.89 -10.90 -18.32
CA LEU E 130 -32.95 -10.51 -17.27
C LEU E 130 -32.10 -9.33 -17.67
N SER E 131 -31.87 -9.16 -18.98
CA SER E 131 -31.05 -8.03 -19.52
C SER E 131 -31.64 -6.66 -19.22
N ARG E 132 -32.94 -6.62 -18.92
CA ARG E 132 -33.65 -5.37 -18.68
C ARG E 132 -33.16 -4.64 -17.43
N TRP E 133 -32.83 -5.38 -16.38
CA TRP E 133 -32.49 -4.73 -15.11
C TRP E 133 -31.12 -4.09 -15.13
N PRO E 134 -31.02 -2.87 -14.58
CA PRO E 134 -29.77 -2.11 -14.57
C PRO E 134 -28.67 -2.72 -13.69
N GLU E 135 -29.06 -3.53 -12.71
CA GLU E 135 -28.11 -4.29 -11.88
C GLU E 135 -27.34 -5.37 -12.65
N HIS E 136 -27.93 -5.87 -13.74
CA HIS E 136 -27.33 -6.97 -14.49
C HIS E 136 -27.70 -7.00 -15.97
N ARG E 137 -27.17 -6.03 -16.70
CA ARG E 137 -27.43 -5.86 -18.14
C ARG E 137 -26.75 -6.93 -19.00
N HIS E 138 -25.56 -7.40 -18.60
CA HIS E 138 -24.80 -8.36 -19.42
C HIS E 138 -25.02 -9.82 -18.98
N VAL E 139 -25.86 -10.52 -19.75
CA VAL E 139 -26.26 -11.90 -19.48
C VAL E 139 -25.79 -12.82 -20.59
N GLU E 140 -24.93 -13.80 -20.28
CA GLU E 140 -24.47 -14.80 -21.25
C GLU E 140 -25.27 -16.09 -21.14
N LEU E 141 -25.28 -16.86 -22.24
CA LEU E 141 -25.95 -18.14 -22.28
C LEU E 141 -25.03 -19.19 -22.87
N ILE E 142 -24.79 -20.27 -22.12
CA ILE E 142 -23.98 -21.37 -22.55
C ILE E 142 -24.79 -22.65 -22.38
N THR E 143 -24.78 -23.52 -23.40
CA THR E 143 -25.44 -24.83 -23.32
C THR E 143 -24.40 -25.89 -23.01
N THR E 144 -24.81 -26.95 -22.33
CA THR E 144 -23.88 -28.03 -22.01
C THR E 144 -23.66 -28.95 -23.21
N ASP E 145 -24.45 -28.76 -24.27
CA ASP E 145 -24.29 -29.49 -25.53
C ASP E 145 -22.85 -29.36 -26.03
N GLY E 146 -22.31 -28.15 -25.94
CA GLY E 146 -20.92 -27.89 -26.34
C GLY E 146 -19.90 -28.80 -25.69
N PHE E 147 -20.21 -29.32 -24.50
CA PHE E 147 -19.29 -30.17 -23.73
C PHE E 147 -19.50 -31.67 -23.98
N LEU E 148 -20.35 -32.02 -24.93
CA LEU E 148 -20.40 -33.40 -25.39
C LEU E 148 -19.04 -33.73 -26.03
N HIS E 149 -18.58 -34.96 -25.85
CA HIS E 149 -17.43 -35.46 -26.62
C HIS E 149 -17.80 -35.33 -28.09
N PRO E 150 -16.83 -34.94 -28.94
CA PRO E 150 -17.17 -34.84 -30.37
C PRO E 150 -17.62 -36.19 -30.96
N ASN E 151 -18.38 -36.16 -32.05
CA ASN E 151 -18.85 -37.40 -32.70
C ASN E 151 -17.72 -38.40 -32.96
N SER E 152 -16.57 -37.87 -33.41
CA SER E 152 -15.34 -38.65 -33.50
C SER E 152 -15.15 -39.58 -32.29
N VAL E 153 -15.18 -38.99 -31.11
CA VAL E 153 -14.89 -39.71 -29.87
C VAL E 153 -16.03 -40.66 -29.49
N LEU E 154 -17.26 -40.24 -29.72
CA LEU E 154 -18.42 -41.09 -29.35
C LEU E 154 -18.52 -42.36 -30.20
N LYS E 155 -17.99 -42.27 -31.43
CA LYS E 155 -17.92 -43.43 -32.33
C LYS E 155 -16.94 -44.44 -31.79
N GLU E 156 -15.69 -43.99 -31.57
CA GLU E 156 -14.66 -44.84 -30.94
C GLU E 156 -15.24 -45.55 -29.72
N ARG E 157 -16.04 -44.85 -28.93
CA ARG E 157 -16.54 -45.42 -27.69
C ARG E 157 -17.88 -46.11 -27.82
N GLY E 158 -18.46 -46.08 -29.02
CA GLY E 158 -19.75 -46.73 -29.29
C GLY E 158 -20.92 -46.04 -28.61
N LEU E 159 -20.85 -44.72 -28.52
CA LEU E 159 -21.81 -43.94 -27.71
C LEU E 159 -22.69 -43.00 -28.56
N MET E 160 -22.69 -43.18 -29.88
CA MET E 160 -23.43 -42.24 -30.76
C MET E 160 -24.93 -42.28 -30.53
N LYS E 161 -25.44 -43.40 -30.02
CA LYS E 161 -26.84 -43.49 -29.61
C LYS E 161 -27.03 -43.28 -28.10
N LYS E 162 -26.05 -42.69 -27.45
CA LYS E 162 -26.14 -42.36 -26.05
C LYS E 162 -25.83 -40.88 -25.85
N LYS E 163 -25.96 -40.07 -26.92
CA LYS E 163 -25.76 -38.63 -26.78
C LYS E 163 -26.72 -38.10 -25.74
N GLY E 164 -26.17 -37.43 -24.74
CA GLY E 164 -26.98 -36.91 -23.64
C GLY E 164 -26.86 -37.72 -22.37
N PHE E 165 -26.34 -38.95 -22.46
CA PHE E 165 -26.13 -39.77 -21.26
C PHE E 165 -24.79 -39.33 -20.65
N PRO E 166 -24.57 -39.66 -19.36
CA PRO E 166 -23.35 -39.20 -18.70
C PRO E 166 -22.05 -39.49 -19.44
N GLN E 167 -21.93 -40.68 -20.02
CA GLN E 167 -20.70 -41.07 -20.75
C GLN E 167 -20.41 -40.25 -22.01
N SER E 168 -21.43 -39.57 -22.57
CA SER E 168 -21.21 -38.71 -23.75
C SER E 168 -20.61 -37.33 -23.46
N TYR E 169 -20.59 -36.94 -22.18
CA TYR E 169 -20.06 -35.64 -21.79
C TYR E 169 -18.62 -35.64 -21.27
N ASP E 170 -17.86 -34.65 -21.71
CA ASP E 170 -16.59 -34.29 -21.10
C ASP E 170 -16.92 -33.51 -19.83
N MET E 171 -17.32 -34.23 -18.79
CA MET E 171 -17.93 -33.61 -17.63
C MET E 171 -16.90 -32.84 -16.82
N HIS E 172 -15.66 -33.34 -16.80
CA HIS E 172 -14.60 -32.62 -16.10
C HIS E 172 -14.38 -31.23 -16.70
N ARG E 173 -14.47 -31.12 -18.02
CA ARG E 173 -14.33 -29.84 -18.66
C ARG E 173 -15.48 -28.89 -18.30
N LEU E 174 -16.69 -29.41 -18.20
CA LEU E 174 -17.86 -28.62 -17.82
C LEU E 174 -17.70 -28.11 -16.37
N VAL E 175 -17.39 -28.99 -15.42
CA VAL E 175 -17.13 -28.54 -14.04
C VAL E 175 -16.02 -27.49 -13.98
N LYS E 176 -14.94 -27.70 -14.73
CA LYS E 176 -13.85 -26.75 -14.76
C LYS E 176 -14.27 -25.40 -15.34
N PHE E 177 -15.16 -25.41 -16.31
CA PHE E 177 -15.68 -24.15 -16.87
C PHE E 177 -16.42 -23.30 -15.83
N VAL E 178 -17.39 -23.89 -15.13
CA VAL E 178 -18.11 -23.13 -14.11
C VAL E 178 -17.21 -22.85 -12.89
N SER E 179 -16.32 -23.79 -12.55
CA SER E 179 -15.29 -23.55 -11.50
C SER E 179 -14.45 -22.29 -11.80
N ASP E 180 -13.97 -22.20 -13.03
CA ASP E 180 -13.16 -21.07 -13.48
C ASP E 180 -13.91 -19.77 -13.43
N LEU E 181 -15.15 -19.74 -13.89
CA LEU E 181 -15.99 -18.53 -13.73
C LEU E 181 -16.11 -18.15 -12.26
N LYS E 182 -16.29 -19.14 -11.41
CA LYS E 182 -16.44 -18.90 -9.98
C LYS E 182 -15.10 -18.66 -9.27
N SER E 183 -13.99 -18.76 -10.03
CA SER E 183 -12.65 -18.35 -9.57
C SER E 183 -12.28 -16.92 -9.95
N GLY E 184 -13.11 -16.31 -10.78
CA GLY E 184 -12.92 -14.94 -11.22
C GLY E 184 -11.99 -14.75 -12.41
N VAL E 185 -11.71 -15.79 -13.18
CA VAL E 185 -10.87 -15.62 -14.38
C VAL E 185 -11.48 -14.56 -15.30
N PRO E 186 -10.62 -13.66 -15.84
CA PRO E 186 -11.15 -12.61 -16.73
C PRO E 186 -11.86 -13.18 -17.97
N GLN E 187 -11.38 -14.32 -18.46
CA GLN E 187 -11.94 -14.95 -19.65
C GLN E 187 -11.92 -16.46 -19.50
N ALA E 188 -13.03 -17.10 -19.87
CA ALA E 188 -13.11 -18.53 -19.87
C ALA E 188 -13.73 -18.90 -21.18
N THR E 189 -13.31 -20.02 -21.74
CA THR E 189 -13.83 -20.43 -23.04
C THR E 189 -14.57 -21.75 -22.94
N ALA E 190 -15.61 -21.86 -23.75
CA ALA E 190 -16.46 -23.03 -23.76
C ALA E 190 -16.61 -23.47 -25.19
N PRO E 191 -16.57 -24.80 -25.40
CA PRO E 191 -16.83 -25.31 -26.73
C PRO E 191 -18.27 -25.07 -27.09
N VAL E 192 -18.52 -24.78 -28.37
CA VAL E 192 -19.86 -24.55 -28.88
C VAL E 192 -20.33 -25.75 -29.69
N TYR E 193 -21.62 -26.06 -29.62
CA TYR E 193 -22.24 -27.15 -30.37
C TYR E 193 -22.99 -26.55 -31.55
N SER E 194 -22.94 -27.22 -32.70
CA SER E 194 -23.76 -26.86 -33.86
C SER E 194 -24.85 -27.92 -34.06
N HIS E 195 -26.11 -27.49 -34.02
CA HIS E 195 -27.23 -28.41 -34.23
C HIS E 195 -27.32 -28.79 -35.70
N LEU E 196 -26.93 -27.86 -36.56
CA LEU E 196 -26.85 -28.11 -37.99
C LEU E 196 -26.02 -29.37 -38.30
N ILE E 197 -24.77 -29.43 -37.84
CA ILE E 197 -23.92 -30.61 -38.08
C ILE E 197 -23.90 -31.61 -36.90
N TYR E 198 -24.79 -31.40 -35.92
CA TYR E 198 -24.97 -32.34 -34.81
C TYR E 198 -23.65 -32.66 -34.12
N ASP E 199 -22.89 -31.63 -33.77
CA ASP E 199 -21.54 -31.83 -33.28
C ASP E 199 -20.92 -30.56 -32.74
N VAL E 200 -19.86 -30.78 -31.95
CA VAL E 200 -19.02 -29.69 -31.47
C VAL E 200 -18.32 -29.05 -32.67
N ILE E 201 -18.36 -27.74 -32.73
CA ILE E 201 -17.76 -27.00 -33.83
C ILE E 201 -16.24 -27.04 -33.64
N PRO E 202 -15.50 -27.60 -34.62
CA PRO E 202 -14.06 -27.85 -34.52
C PRO E 202 -13.23 -26.76 -33.85
N ASP E 203 -13.34 -25.53 -34.35
CA ASP E 203 -12.52 -24.42 -33.86
C ASP E 203 -13.33 -23.35 -33.13
N GLY E 204 -14.64 -23.55 -33.00
CA GLY E 204 -15.56 -22.46 -32.66
C GLY E 204 -15.80 -22.13 -31.19
N ASP E 205 -14.79 -22.25 -30.32
CA ASP E 205 -14.99 -21.94 -28.89
C ASP E 205 -15.44 -20.49 -28.65
N LYS E 206 -16.37 -20.33 -27.71
CA LYS E 206 -16.88 -19.02 -27.35
C LYS E 206 -16.19 -18.53 -26.08
N THR E 207 -15.70 -17.29 -26.11
CA THR E 207 -15.09 -16.69 -24.95
C THR E 207 -16.12 -15.86 -24.22
N VAL E 208 -16.26 -16.10 -22.93
CA VAL E 208 -17.09 -15.26 -22.09
C VAL E 208 -16.18 -14.45 -21.17
N ALA E 209 -16.43 -13.15 -21.08
CA ALA E 209 -15.63 -12.27 -20.23
C ALA E 209 -16.50 -11.66 -19.13
N GLN E 210 -16.38 -12.22 -17.92
CA GLN E 210 -17.07 -11.70 -16.72
C GLN E 210 -18.44 -11.01 -16.95
N PRO E 211 -19.43 -11.77 -17.42
CA PRO E 211 -20.78 -11.21 -17.48
C PRO E 211 -21.35 -11.04 -16.08
N ASP E 212 -22.49 -10.35 -15.97
CA ASP E 212 -23.17 -10.25 -14.69
C ASP E 212 -23.86 -11.55 -14.38
N ILE E 213 -24.42 -12.17 -15.40
CA ILE E 213 -25.17 -13.40 -15.23
C ILE E 213 -24.74 -14.37 -16.30
N LEU E 214 -24.56 -15.62 -15.92
CA LEU E 214 -24.37 -16.66 -16.91
C LEU E 214 -25.45 -17.70 -16.71
N ILE E 215 -26.21 -17.96 -17.79
CA ILE E 215 -27.22 -18.99 -17.76
C ILE E 215 -26.61 -20.24 -18.40
N LEU E 216 -26.72 -21.33 -17.67
CA LEU E 216 -26.13 -22.58 -18.09
C LEU E 216 -27.25 -23.55 -18.34
N GLU E 217 -27.48 -23.85 -19.61
CA GLU E 217 -28.63 -24.66 -20.01
C GLU E 217 -28.19 -26.07 -20.39
N GLY E 218 -28.79 -27.06 -19.77
CA GLY E 218 -28.49 -28.44 -20.13
C GLY E 218 -29.14 -29.49 -19.29
N LEU E 219 -29.38 -30.65 -19.87
CA LEU E 219 -30.11 -31.68 -19.17
C LEU E 219 -29.39 -32.19 -17.94
N ASN E 220 -28.07 -32.03 -17.91
CA ASN E 220 -27.22 -32.67 -16.90
C ASN E 220 -26.72 -31.74 -15.75
N VAL E 221 -27.25 -30.51 -15.67
CA VAL E 221 -26.72 -29.50 -14.76
C VAL E 221 -26.96 -29.76 -13.28
N LEU E 222 -27.87 -30.68 -12.92
CA LEU E 222 -28.11 -31.07 -11.54
C LEU E 222 -27.54 -32.47 -11.24
N GLN E 223 -26.83 -33.05 -12.21
CA GLN E 223 -26.19 -34.34 -12.01
C GLN E 223 -24.90 -34.19 -11.18
N SER E 224 -24.37 -35.31 -10.69
CA SER E 224 -23.25 -35.28 -9.75
C SER E 224 -22.36 -36.48 -10.00
N GLY E 225 -21.36 -36.66 -9.16
CA GLY E 225 -20.45 -37.79 -9.26
C GLY E 225 -21.14 -39.14 -9.31
N MET E 226 -22.27 -39.29 -8.63
CA MET E 226 -22.95 -40.57 -8.61
C MET E 226 -23.43 -40.99 -10.01
N ASP E 227 -23.65 -39.99 -10.87
CA ASP E 227 -24.10 -40.20 -12.25
C ASP E 227 -22.94 -40.50 -13.18
N TYR E 228 -21.70 -40.36 -12.71
CA TYR E 228 -20.50 -40.61 -13.52
C TYR E 228 -19.56 -41.62 -12.85
N PRO E 229 -20.06 -42.81 -12.52
CA PRO E 229 -19.22 -43.80 -11.84
C PRO E 229 -18.06 -44.33 -12.70
N HIS E 230 -18.20 -44.18 -14.01
CA HIS E 230 -17.13 -44.51 -14.97
C HIS E 230 -15.93 -43.55 -14.89
N ASP E 231 -16.17 -42.32 -14.42
CA ASP E 231 -15.09 -41.34 -14.30
C ASP E 231 -15.50 -40.24 -13.27
N PRO E 232 -15.49 -40.56 -11.97
CA PRO E 232 -16.13 -39.70 -10.97
C PRO E 232 -15.51 -38.34 -10.81
N HIS E 233 -16.32 -37.36 -10.44
CA HIS E 233 -15.81 -36.06 -10.00
C HIS E 233 -16.39 -35.79 -8.64
N HIS E 234 -15.74 -34.92 -7.88
CA HIS E 234 -16.08 -34.76 -6.46
C HIS E 234 -16.60 -33.40 -6.07
N VAL E 235 -16.51 -32.44 -6.99
CA VAL E 235 -17.15 -31.14 -6.87
C VAL E 235 -18.05 -31.02 -8.11
N PHE E 236 -19.30 -30.61 -7.89
CA PHE E 236 -20.38 -30.74 -8.89
C PHE E 236 -20.68 -29.42 -9.55
N VAL E 237 -21.26 -29.50 -10.75
CA VAL E 237 -21.72 -28.31 -11.47
C VAL E 237 -22.53 -27.44 -10.52
N SER E 238 -23.41 -28.09 -9.75
CA SER E 238 -24.30 -27.40 -8.80
C SER E 238 -23.56 -26.63 -7.72
N ASP E 239 -22.36 -27.07 -7.36
CA ASP E 239 -21.59 -26.38 -6.35
C ASP E 239 -21.09 -25.01 -6.86
N PHE E 240 -21.24 -24.75 -8.17
CA PHE E 240 -20.89 -23.48 -8.79
C PHE E 240 -22.08 -22.72 -9.40
N VAL E 241 -23.27 -23.15 -9.01
CA VAL E 241 -24.50 -22.58 -9.55
C VAL E 241 -25.24 -21.91 -8.39
N ASP E 242 -25.71 -20.68 -8.58
CA ASP E 242 -26.40 -19.94 -7.55
C ASP E 242 -27.86 -20.32 -7.48
N PHE E 243 -28.49 -20.52 -8.62
CA PHE E 243 -29.94 -20.81 -8.66
C PHE E 243 -30.22 -21.75 -9.80
N SER E 244 -30.92 -22.86 -9.53
CA SER E 244 -31.21 -23.82 -10.58
C SER E 244 -32.70 -23.97 -10.83
N ILE E 245 -33.07 -24.04 -12.11
CA ILE E 245 -34.46 -24.30 -12.51
C ILE E 245 -34.55 -25.64 -13.19
N TYR E 246 -35.49 -26.48 -12.79
CA TYR E 246 -35.78 -27.72 -13.49
C TYR E 246 -37.13 -27.53 -14.20
N VAL E 247 -37.13 -27.69 -15.51
CA VAL E 247 -38.38 -27.59 -16.30
C VAL E 247 -38.97 -28.99 -16.48
N ASP E 248 -40.20 -29.17 -16.03
CA ASP E 248 -40.80 -30.46 -15.79
C ASP E 248 -42.10 -30.64 -16.60
N ALA E 249 -42.34 -31.86 -17.07
CA ALA E 249 -43.61 -32.19 -17.68
C ALA E 249 -43.75 -33.69 -17.71
N PRO E 250 -45.00 -34.18 -17.72
CA PRO E 250 -45.19 -35.63 -17.73
C PRO E 250 -44.64 -36.27 -19.00
N GLU E 251 -44.25 -37.52 -18.89
CA GLU E 251 -43.66 -38.31 -19.96
C GLU E 251 -44.44 -38.24 -21.28
N GLU E 252 -45.76 -38.38 -21.20
CA GLU E 252 -46.62 -38.35 -22.39
C GLU E 252 -46.49 -37.06 -23.19
N LEU E 253 -46.44 -35.94 -22.49
CA LEU E 253 -46.29 -34.64 -23.17
C LEU E 253 -44.88 -34.42 -23.75
N LEU E 254 -43.87 -34.88 -23.02
CA LEU E 254 -42.51 -34.78 -23.55
C LEU E 254 -42.40 -35.50 -24.90
N LYS E 255 -42.99 -36.69 -24.97
CA LYS E 255 -42.98 -37.47 -26.20
C LYS E 255 -43.56 -36.65 -27.34
N SER E 256 -44.78 -36.14 -27.14
CA SER E 256 -45.44 -35.38 -28.20
C SER E 256 -44.59 -34.18 -28.63
N TRP E 257 -43.99 -33.46 -27.68
CA TRP E 257 -43.21 -32.28 -28.05
C TRP E 257 -41.94 -32.67 -28.79
N TYR E 258 -41.31 -33.77 -28.38
CA TYR E 258 -40.16 -34.28 -29.12
C TYR E 258 -40.57 -34.61 -30.55
N ILE E 259 -41.59 -35.45 -30.69
CA ILE E 259 -42.09 -35.84 -32.02
C ILE E 259 -42.41 -34.60 -32.85
N ASN E 260 -43.19 -33.69 -32.29
CA ASN E 260 -43.59 -32.50 -33.04
C ASN E 260 -42.42 -31.60 -33.47
N ARG E 261 -41.38 -31.50 -32.62
CA ARG E 261 -40.17 -30.75 -32.98
C ARG E 261 -39.37 -31.44 -34.11
N PHE E 262 -39.37 -32.76 -34.11
CA PHE E 262 -38.77 -33.53 -35.22
C PHE E 262 -39.50 -33.16 -36.53
N LEU E 263 -40.83 -33.15 -36.48
CA LEU E 263 -41.64 -32.79 -37.65
C LEU E 263 -41.36 -31.36 -38.12
N LYS E 264 -41.20 -30.42 -37.19
CA LYS E 264 -40.84 -29.04 -37.55
C LYS E 264 -39.47 -29.01 -38.20
N PHE E 265 -38.51 -29.79 -37.69
CA PHE E 265 -37.19 -29.82 -38.30
C PHE E 265 -37.29 -30.47 -39.68
N ARG E 266 -38.16 -31.47 -39.79
CA ARG E 266 -38.38 -32.19 -41.05
C ARG E 266 -38.68 -31.22 -42.19
N GLU E 267 -39.53 -30.24 -41.93
CA GLU E 267 -39.85 -29.17 -42.89
C GLU E 267 -38.94 -27.95 -42.76
N GLY E 268 -38.21 -27.85 -41.66
CA GLY E 268 -37.37 -26.69 -41.38
C GLY E 268 -35.90 -26.96 -41.55
N ALA E 269 -35.17 -27.01 -40.43
CA ALA E 269 -33.70 -27.14 -40.41
C ALA E 269 -33.14 -28.33 -41.21
N PHE E 270 -33.82 -29.48 -41.17
CA PHE E 270 -33.32 -30.68 -41.89
C PHE E 270 -33.31 -30.52 -43.42
N THR E 271 -34.12 -29.60 -43.95
CA THR E 271 -34.13 -29.35 -45.39
C THR E 271 -32.83 -28.71 -45.90
N ASP E 272 -32.01 -28.14 -45.00
CA ASP E 272 -30.68 -27.61 -45.36
C ASP E 272 -29.77 -28.80 -45.77
N PRO E 273 -29.22 -28.77 -46.99
CA PRO E 273 -28.38 -29.88 -47.43
C PRO E 273 -27.21 -30.23 -46.48
N ASP E 274 -26.65 -29.22 -45.82
CA ASP E 274 -25.51 -29.42 -44.91
C ASP E 274 -25.91 -30.04 -43.56
N SER E 275 -27.20 -30.11 -43.29
CA SER E 275 -27.71 -30.77 -42.08
C SER E 275 -27.23 -32.22 -41.92
N TYR E 276 -26.82 -32.56 -40.70
CA TYR E 276 -26.50 -33.93 -40.32
C TYR E 276 -27.70 -34.84 -40.59
N PHE E 277 -28.90 -34.28 -40.45
CA PHE E 277 -30.13 -35.04 -40.55
C PHE E 277 -30.89 -34.76 -41.85
N HIS E 278 -30.17 -34.33 -42.88
CA HIS E 278 -30.75 -34.00 -44.18
C HIS E 278 -31.78 -35.03 -44.67
N ASN E 279 -31.44 -36.30 -44.56
CA ASN E 279 -32.30 -37.41 -45.04
C ASN E 279 -33.63 -37.52 -44.32
N TYR E 280 -33.69 -37.09 -43.06
CA TYR E 280 -34.97 -37.09 -42.32
C TYR E 280 -36.03 -36.17 -42.97
N ALA E 281 -35.56 -35.18 -43.73
CA ALA E 281 -36.42 -34.27 -44.50
C ALA E 281 -37.23 -35.00 -45.59
N LYS E 282 -36.68 -36.10 -46.12
CA LYS E 282 -37.34 -36.85 -47.20
C LYS E 282 -38.33 -37.90 -46.70
N LEU E 283 -38.38 -38.13 -45.39
CA LEU E 283 -39.25 -39.17 -44.85
C LEU E 283 -40.72 -38.84 -45.07
N SER E 284 -41.55 -39.86 -45.20
CA SER E 284 -42.97 -39.63 -45.10
C SER E 284 -43.26 -39.19 -43.65
N LYS E 285 -44.28 -38.36 -43.48
CA LYS E 285 -44.72 -37.99 -42.15
C LYS E 285 -44.87 -39.25 -41.30
N GLU E 286 -45.42 -40.30 -41.88
CA GLU E 286 -45.67 -41.54 -41.14
C GLU E 286 -44.37 -42.19 -40.63
N GLU E 287 -43.31 -42.17 -41.45
CA GLU E 287 -42.05 -42.78 -41.03
C GLU E 287 -41.27 -41.86 -40.08
N ALA E 288 -41.29 -40.56 -40.35
CA ALA E 288 -40.75 -39.52 -39.45
C ALA E 288 -41.28 -39.69 -38.02
N VAL E 289 -42.59 -39.87 -37.89
CA VAL E 289 -43.23 -40.13 -36.61
C VAL E 289 -42.71 -41.42 -35.97
N ASP E 290 -42.59 -42.47 -36.77
CA ASP E 290 -42.13 -43.75 -36.25
C ASP E 290 -40.69 -43.68 -35.76
N ILE E 291 -39.84 -43.03 -36.54
CA ILE E 291 -38.43 -42.86 -36.19
C ILE E 291 -38.24 -41.96 -34.96
N ALA E 292 -39.00 -40.86 -34.90
CA ALA E 292 -38.93 -39.93 -33.78
C ALA E 292 -39.46 -40.59 -32.52
N THR E 293 -40.47 -41.43 -32.69
CA THR E 293 -41.01 -42.22 -31.60
C THR E 293 -40.01 -43.25 -31.09
N SER E 294 -39.26 -43.86 -32.00
CA SER E 294 -38.16 -44.77 -31.62
C SER E 294 -37.00 -44.05 -30.94
N LEU E 295 -36.64 -42.87 -31.42
CA LEU E 295 -35.57 -42.10 -30.80
C LEU E 295 -35.98 -41.66 -29.40
N TRP E 296 -37.21 -41.18 -29.25
CA TRP E 296 -37.74 -40.91 -27.91
C TRP E 296 -37.64 -42.15 -27.02
N ASN E 297 -38.45 -43.17 -27.35
CA ASN E 297 -38.64 -44.34 -26.50
C ASN E 297 -37.34 -45.03 -26.11
N GLU E 298 -36.43 -45.18 -27.06
CA GLU E 298 -35.26 -46.02 -26.84
C GLU E 298 -34.06 -45.24 -26.30
N ILE E 299 -34.02 -43.92 -26.51
CA ILE E 299 -32.88 -43.12 -26.11
C ILE E 299 -33.26 -42.06 -25.06
N ASN E 300 -34.04 -41.06 -25.47
CA ASN E 300 -34.30 -39.91 -24.61
C ASN E 300 -35.18 -40.25 -23.41
N LEU E 301 -36.22 -41.08 -23.60
CA LEU E 301 -37.02 -41.57 -22.49
C LEU E 301 -36.19 -42.31 -21.44
N MET E 302 -35.27 -43.16 -21.88
CA MET E 302 -34.42 -43.91 -20.96
C MET E 302 -33.50 -42.95 -20.18
N ASN E 303 -32.95 -41.95 -20.86
CA ASN E 303 -32.08 -40.93 -20.24
C ASN E 303 -32.86 -40.17 -19.18
N LEU E 304 -34.09 -39.84 -19.49
CA LEU E 304 -34.96 -39.18 -18.57
C LEU E 304 -35.10 -39.97 -17.29
N LYS E 305 -35.48 -41.25 -17.39
CA LYS E 305 -35.81 -42.02 -16.19
C LYS E 305 -34.58 -42.39 -15.36
N GLU E 306 -33.47 -42.68 -16.05
CA GLU E 306 -32.25 -43.12 -15.41
C GLU E 306 -31.42 -41.98 -14.82
N ASN E 307 -31.35 -40.86 -15.55
CA ASN E 307 -30.35 -39.82 -15.29
C ASN E 307 -30.83 -38.39 -15.03
N ILE E 308 -32.02 -38.04 -15.52
CA ILE E 308 -32.44 -36.65 -15.49
C ILE E 308 -33.49 -36.47 -14.40
N LEU E 309 -34.55 -37.27 -14.47
CA LEU E 309 -35.67 -37.14 -13.54
C LEU E 309 -35.24 -37.33 -12.06
N PRO E 310 -34.34 -38.28 -11.77
CA PRO E 310 -33.91 -38.35 -10.36
C PRO E 310 -33.25 -37.08 -9.79
N THR E 311 -32.78 -36.15 -10.63
CA THR E 311 -32.10 -34.94 -10.14
C THR E 311 -33.07 -33.81 -9.84
N ARG E 312 -34.35 -34.01 -10.14
CA ARG E 312 -35.31 -32.90 -10.12
C ARG E 312 -35.42 -32.17 -8.77
N GLU E 313 -35.42 -32.92 -7.68
CA GLU E 313 -35.60 -32.34 -6.35
C GLU E 313 -34.32 -31.61 -5.83
N ARG E 314 -33.26 -31.60 -6.63
CA ARG E 314 -32.08 -30.82 -6.30
C ARG E 314 -32.22 -29.38 -6.77
N ALA E 315 -33.29 -29.05 -7.50
CA ALA E 315 -33.44 -27.71 -8.08
C ALA E 315 -33.91 -26.64 -7.06
N SER E 316 -33.52 -25.39 -7.27
CA SER E 316 -34.07 -24.29 -6.46
C SER E 316 -35.58 -24.05 -6.78
N LEU E 317 -35.92 -24.29 -8.03
CA LEU E 317 -37.29 -24.06 -8.54
C LEU E 317 -37.64 -25.08 -9.62
N ILE E 318 -38.84 -25.69 -9.50
CA ILE E 318 -39.34 -26.64 -10.47
C ILE E 318 -40.54 -25.98 -11.17
N MET E 319 -40.48 -25.86 -12.48
CA MET E 319 -41.59 -25.27 -13.29
C MET E 319 -42.25 -26.38 -14.10
N THR E 320 -43.49 -26.74 -13.72
CA THR E 320 -44.21 -27.86 -14.34
C THR E 320 -45.13 -27.33 -15.45
N LYS E 321 -45.05 -27.94 -16.62
CA LYS E 321 -45.80 -27.49 -17.79
C LYS E 321 -46.92 -28.46 -18.13
N SER E 322 -47.93 -27.92 -18.81
CA SER E 322 -49.09 -28.66 -19.27
C SER E 322 -49.09 -28.68 -20.79
N ALA E 323 -50.13 -29.28 -21.36
CA ALA E 323 -50.43 -29.14 -22.78
C ALA E 323 -50.27 -27.70 -23.26
N ASN E 324 -49.79 -27.55 -24.50
CA ASN E 324 -49.47 -26.25 -25.11
C ASN E 324 -48.36 -25.51 -24.41
N HIS E 325 -47.62 -26.22 -23.56
CA HIS E 325 -46.50 -25.64 -22.82
C HIS E 325 -46.93 -24.67 -21.71
N SER E 326 -48.21 -24.63 -21.38
CA SER E 326 -48.65 -23.71 -20.35
C SER E 326 -48.26 -24.24 -18.95
N VAL E 327 -47.59 -23.38 -18.20
CA VAL E 327 -47.12 -23.73 -16.86
C VAL E 327 -48.32 -23.91 -15.91
N ASN E 328 -48.42 -25.06 -15.26
CA ASN E 328 -49.51 -25.33 -14.32
C ASN E 328 -49.07 -25.42 -12.84
N GLN E 329 -47.77 -25.38 -12.56
CA GLN E 329 -47.29 -25.37 -11.18
C GLN E 329 -45.85 -24.82 -11.10
N VAL E 330 -45.58 -23.97 -10.13
CA VAL E 330 -44.21 -23.53 -9.79
C VAL E 330 -43.95 -23.89 -8.34
N ARG E 331 -42.81 -24.53 -8.08
CA ARG E 331 -42.38 -24.88 -6.75
C ARG E 331 -40.99 -24.25 -6.49
N LEU E 332 -40.87 -23.48 -5.41
CA LEU E 332 -39.67 -22.68 -5.08
C LEU E 332 -39.15 -23.08 -3.70
N ARG E 333 -37.87 -23.44 -3.60
CA ARG E 333 -37.30 -23.87 -2.31
C ARG E 333 -37.55 -22.78 -1.26
N LYS E 334 -38.00 -23.20 -0.08
CA LYS E 334 -38.23 -22.30 1.04
C LYS E 334 -36.89 -21.83 1.62
N LEU F 26 -3.38 -20.61 -10.63
CA LEU F 26 -3.28 -19.68 -9.48
C LEU F 26 -4.68 -19.35 -8.93
N MET F 27 -5.67 -19.12 -9.80
CA MET F 27 -7.02 -18.75 -9.35
C MET F 27 -7.87 -19.98 -9.04
N THR F 28 -8.49 -19.98 -7.87
CA THR F 28 -9.40 -21.03 -7.48
C THR F 28 -10.73 -20.42 -7.04
N PRO F 29 -11.74 -21.26 -6.78
CA PRO F 29 -13.02 -20.70 -6.30
C PRO F 29 -13.01 -20.12 -4.89
N TYR F 30 -11.88 -20.19 -4.17
CA TYR F 30 -11.79 -19.65 -2.83
C TYR F 30 -10.88 -18.41 -2.76
N LEU F 31 -11.31 -17.37 -2.05
CA LEU F 31 -10.34 -16.33 -1.70
C LEU F 31 -9.68 -16.78 -0.40
N GLN F 32 -8.44 -16.38 -0.22
CA GLN F 32 -7.72 -16.70 1.03
C GLN F 32 -7.58 -15.38 1.75
N PHE F 33 -8.12 -15.28 2.97
CA PHE F 33 -8.08 -14.03 3.70
C PHE F 33 -6.64 -13.68 3.99
N ASN F 34 -6.26 -12.42 3.77
CA ASN F 34 -4.94 -11.89 4.21
C ASN F 34 -5.16 -11.20 5.53
N ARG F 35 -4.08 -10.82 6.19
CA ARG F 35 -4.23 -10.30 7.55
C ARG F 35 -5.01 -8.97 7.65
N HIS F 36 -4.98 -8.15 6.61
CA HIS F 36 -5.72 -6.89 6.63
C HIS F 36 -7.23 -7.10 6.49
N GLN F 37 -7.62 -8.05 5.64
CA GLN F 37 -9.03 -8.38 5.48
C GLN F 37 -9.59 -9.00 6.79
N TRP F 38 -8.82 -9.92 7.36
CA TRP F 38 -9.24 -10.57 8.59
C TRP F 38 -9.31 -9.60 9.78
N ALA F 39 -8.33 -8.71 9.89
CA ALA F 39 -8.35 -7.70 10.93
C ALA F 39 -9.58 -6.78 10.80
N ALA F 40 -9.86 -6.38 9.55
CA ALA F 40 -10.99 -5.51 9.28
C ALA F 40 -12.32 -6.20 9.63
N LEU F 41 -12.38 -7.50 9.35
CA LEU F 41 -13.51 -8.32 9.79
C LEU F 41 -13.60 -8.35 11.32
N ARG F 42 -12.48 -8.62 11.97
CA ARG F 42 -12.44 -8.69 13.44
C ARG F 42 -12.83 -7.36 14.10
N ASP F 43 -12.36 -6.26 13.52
CA ASP F 43 -12.53 -4.95 14.13
C ASP F 43 -13.83 -4.23 13.76
N SER F 44 -14.70 -4.91 13.02
CA SER F 44 -15.90 -4.28 12.48
C SER F 44 -17.00 -3.99 13.49
N VAL F 45 -16.92 -4.56 14.69
CA VAL F 45 -17.96 -4.37 15.69
C VAL F 45 -17.29 -4.40 17.06
N PRO F 46 -17.95 -3.90 18.11
CA PRO F 46 -17.44 -4.22 19.42
C PRO F 46 -17.94 -5.64 19.72
N MET F 47 -17.04 -6.58 19.67
CA MET F 47 -17.34 -7.91 20.18
C MET F 47 -16.98 -7.81 21.70
N THR F 48 -18.02 -8.04 22.49
CA THR F 48 -18.26 -7.49 23.83
C THR F 48 -18.20 -8.58 24.93
N LEU F 49 -17.27 -9.53 24.87
CA LEU F 49 -17.39 -10.71 25.78
C LEU F 49 -17.34 -10.35 27.27
N THR F 50 -18.34 -10.75 28.04
CA THR F 50 -18.30 -10.58 29.49
C THR F 50 -17.48 -11.69 30.12
N GLU F 51 -17.18 -11.52 31.41
CA GLU F 51 -16.46 -12.55 32.18
C GLU F 51 -17.23 -13.85 32.25
N ASP F 52 -18.55 -13.77 32.41
CA ASP F 52 -19.40 -14.97 32.38
C ASP F 52 -19.32 -15.70 31.04
N GLU F 53 -19.36 -14.96 29.94
CA GLU F 53 -19.28 -15.55 28.61
C GLU F 53 -17.92 -16.24 28.44
N ILE F 54 -16.86 -15.61 28.92
CA ILE F 54 -15.53 -16.22 28.89
C ILE F 54 -15.53 -17.53 29.68
N THR F 55 -16.13 -17.52 30.85
CA THR F 55 -16.24 -18.75 31.66
C THR F 55 -16.98 -19.87 30.94
N ARG F 56 -18.07 -19.52 30.26
CA ARG F 56 -18.82 -20.51 29.50
C ARG F 56 -18.01 -21.04 28.32
N LEU F 57 -17.24 -20.18 27.66
CA LEU F 57 -16.45 -20.65 26.51
C LEU F 57 -15.36 -21.62 26.97
N LYS F 58 -14.72 -21.32 28.09
CA LYS F 58 -13.77 -22.24 28.68
C LYS F 58 -14.41 -23.56 29.06
N GLY F 59 -15.66 -23.52 29.51
CA GLY F 59 -16.38 -24.72 29.83
C GLY F 59 -16.60 -25.64 28.65
N ILE F 60 -16.61 -25.10 27.43
CA ILE F 60 -16.77 -25.93 26.25
C ILE F 60 -15.54 -26.82 26.10
N ASN F 61 -14.37 -26.25 26.35
CA ASN F 61 -13.16 -26.99 26.20
C ASN F 61 -12.04 -26.28 26.95
N GLU F 62 -11.48 -26.95 27.95
CA GLU F 62 -10.48 -26.32 28.82
C GLU F 62 -9.23 -25.92 28.04
N ASP F 63 -8.98 -26.58 26.90
CA ASP F 63 -7.77 -26.34 26.12
C ASP F 63 -7.98 -25.27 25.05
N LEU F 64 -9.18 -24.71 24.95
CA LEU F 64 -9.49 -23.67 24.00
C LEU F 64 -8.82 -22.38 24.43
N SER F 65 -7.98 -21.81 23.57
CA SER F 65 -7.33 -20.55 23.90
C SER F 65 -8.24 -19.34 23.69
N LEU F 66 -8.23 -18.43 24.66
CA LEU F 66 -8.92 -17.16 24.51
C LEU F 66 -8.32 -16.27 23.43
N GLU F 67 -7.03 -16.43 23.13
CA GLU F 67 -6.44 -15.75 21.97
C GLU F 67 -7.10 -16.22 20.66
N GLU F 68 -7.40 -17.53 20.56
CA GLU F 68 -8.06 -18.02 19.37
C GLU F 68 -9.51 -17.56 19.29
N VAL F 69 -10.15 -17.40 20.43
CA VAL F 69 -11.52 -16.85 20.45
C VAL F 69 -11.51 -15.40 19.92
N ALA F 70 -10.58 -14.57 20.41
CA ALA F 70 -10.51 -13.17 19.96
C ALA F 70 -10.09 -13.03 18.50
N GLU F 71 -9.11 -13.79 18.08
CA GLU F 71 -8.49 -13.61 16.80
C GLU F 71 -9.14 -14.42 15.70
N ILE F 72 -9.84 -15.51 16.04
CA ILE F 72 -10.38 -16.42 15.05
C ILE F 72 -11.90 -16.59 15.18
N TYR F 73 -12.41 -17.06 16.33
CA TYR F 73 -13.83 -17.46 16.39
C TYR F 73 -14.78 -16.29 16.43
N LEU F 74 -14.39 -15.19 17.08
CA LEU F 74 -15.22 -14.00 17.07
C LEU F 74 -15.37 -13.47 15.62
N PRO F 75 -14.26 -13.27 14.88
CA PRO F 75 -14.44 -12.78 13.51
C PRO F 75 -15.12 -13.79 12.57
N LEU F 76 -14.87 -15.08 12.79
CA LEU F 76 -15.58 -16.11 12.03
C LEU F 76 -17.09 -16.05 12.25
N SER F 77 -17.50 -15.95 13.49
CA SER F 77 -18.93 -15.85 13.78
C SER F 77 -19.49 -14.52 13.23
N ARG F 78 -18.65 -13.47 13.20
CA ARG F 78 -19.05 -12.18 12.62
C ARG F 78 -19.31 -12.30 11.14
N LEU F 79 -18.42 -13.00 10.45
CA LEU F 79 -18.55 -13.29 9.04
C LEU F 79 -19.85 -14.02 8.74
N LEU F 80 -20.07 -15.08 9.50
CA LEU F 80 -21.28 -15.87 9.37
C LEU F 80 -22.52 -15.01 9.58
N ASN F 81 -22.50 -14.09 10.56
CA ASN F 81 -23.63 -13.18 10.72
C ASN F 81 -23.96 -12.38 9.46
N PHE F 82 -22.95 -11.93 8.71
CA PHE F 82 -23.24 -11.28 7.45
C PHE F 82 -24.05 -12.14 6.49
N TYR F 83 -23.76 -13.43 6.45
CA TYR F 83 -24.49 -14.33 5.55
C TYR F 83 -25.91 -14.62 6.07
N ILE F 84 -26.03 -14.84 7.36
CA ILE F 84 -27.35 -15.15 7.99
C ILE F 84 -28.25 -13.94 7.82
N SER F 85 -27.70 -12.76 8.11
CA SER F 85 -28.46 -11.51 8.11
C SER F 85 -28.98 -11.20 6.72
N SER F 86 -28.12 -11.39 5.73
CA SER F 86 -28.49 -11.24 4.34
C SER F 86 -29.65 -12.16 3.94
N ASN F 87 -29.54 -13.41 4.35
CA ASN F 87 -30.60 -14.36 4.10
C ASN F 87 -31.95 -13.96 4.74
N LEU F 88 -31.91 -13.46 5.96
CA LEU F 88 -33.10 -12.94 6.62
C LEU F 88 -33.75 -11.77 5.88
N ARG F 89 -32.95 -10.84 5.37
CA ARG F 89 -33.52 -9.70 4.64
C ARG F 89 -34.13 -10.18 3.31
N ARG F 90 -33.46 -11.14 2.65
CA ARG F 90 -33.97 -11.68 1.39
C ARG F 90 -35.29 -12.35 1.61
N GLN F 91 -35.37 -13.13 2.68
CA GLN F 91 -36.58 -13.80 3.05
C GLN F 91 -37.74 -12.82 3.20
N ALA F 92 -37.50 -11.71 3.90
CA ALA F 92 -38.53 -10.70 4.09
C ALA F 92 -38.96 -10.09 2.74
N VAL F 93 -37.98 -9.74 1.90
CA VAL F 93 -38.26 -9.24 0.56
C VAL F 93 -39.11 -10.22 -0.26
N LEU F 94 -38.77 -11.50 -0.18
CA LEU F 94 -39.50 -12.54 -0.93
C LEU F 94 -40.88 -12.79 -0.34
N GLU F 95 -41.03 -12.74 0.98
CA GLU F 95 -42.34 -12.93 1.59
C GLU F 95 -43.37 -11.90 1.07
N GLN F 96 -42.96 -10.65 0.95
CA GLN F 96 -43.90 -9.64 0.47
C GLN F 96 -44.19 -9.79 -1.03
N PHE F 97 -43.17 -10.07 -1.83
CA PHE F 97 -43.36 -10.26 -3.29
C PHE F 97 -44.27 -11.44 -3.60
N LEU F 98 -44.03 -12.56 -2.92
CA LEU F 98 -44.72 -13.80 -3.16
C LEU F 98 -46.02 -13.89 -2.40
N GLY F 99 -46.28 -12.93 -1.50
CA GLY F 99 -47.46 -12.93 -0.64
C GLY F 99 -47.61 -14.16 0.22
N THR F 100 -46.52 -14.66 0.80
CA THR F 100 -46.58 -15.84 1.66
C THR F 100 -46.82 -15.44 3.12
N ASN F 101 -47.18 -16.43 3.94
CA ASN F 101 -47.52 -16.21 5.35
C ASN F 101 -46.32 -16.15 6.30
N GLY F 102 -45.12 -16.00 5.76
CA GLY F 102 -43.92 -15.80 6.58
C GLY F 102 -43.53 -16.99 7.45
N GLN F 103 -43.29 -18.13 6.83
CA GLN F 103 -42.85 -19.33 7.55
C GLN F 103 -41.38 -19.19 7.97
N ARG F 104 -41.07 -19.58 9.20
CA ARG F 104 -39.70 -19.52 9.73
C ARG F 104 -38.94 -20.67 9.16
N ILE F 105 -37.86 -20.39 8.41
CA ILE F 105 -37.01 -21.48 7.97
C ILE F 105 -35.63 -21.32 8.62
N PRO F 106 -35.18 -22.30 9.40
CA PRO F 106 -33.85 -22.15 10.01
C PRO F 106 -32.73 -22.04 8.97
N TYR F 107 -31.76 -21.19 9.27
CA TYR F 107 -30.51 -21.13 8.52
C TYR F 107 -29.64 -22.28 9.03
N ILE F 108 -29.11 -23.07 8.10
CA ILE F 108 -28.37 -24.28 8.47
C ILE F 108 -26.92 -24.16 8.06
N ILE F 109 -26.06 -24.29 9.05
CA ILE F 109 -24.60 -24.28 8.89
C ILE F 109 -24.11 -25.70 9.21
N SER F 110 -23.37 -26.33 8.29
CA SER F 110 -22.76 -27.64 8.54
C SER F 110 -21.26 -27.50 8.78
N ILE F 111 -20.70 -28.44 9.54
CA ILE F 111 -19.26 -28.49 9.86
C ILE F 111 -18.77 -29.90 9.63
N ALA F 112 -17.89 -30.05 8.66
CA ALA F 112 -17.28 -31.31 8.23
C ALA F 112 -15.78 -31.30 8.53
N GLY F 113 -15.15 -32.45 8.32
CA GLY F 113 -13.71 -32.62 8.53
C GLY F 113 -13.43 -33.99 9.15
N SER F 114 -12.15 -34.32 9.23
CA SER F 114 -11.72 -35.59 9.81
C SER F 114 -12.19 -35.81 11.23
N VAL F 115 -12.29 -37.08 11.58
CA VAL F 115 -12.36 -37.42 13.01
C VAL F 115 -11.19 -36.75 13.69
N ALA F 116 -11.48 -36.16 14.85
CA ALA F 116 -10.51 -35.49 15.72
C ALA F 116 -9.84 -34.20 15.22
N VAL F 117 -10.39 -33.60 14.17
CA VAL F 117 -9.95 -32.26 13.74
C VAL F 117 -10.44 -31.13 14.67
N GLY F 118 -11.53 -31.34 15.41
CA GLY F 118 -12.11 -30.29 16.23
C GLY F 118 -13.52 -29.81 15.81
N LYS F 119 -14.24 -30.64 15.06
CA LYS F 119 -15.56 -30.22 14.59
C LYS F 119 -16.46 -29.89 15.76
N SER F 120 -16.46 -30.75 16.78
CA SER F 120 -17.37 -30.54 17.90
C SER F 120 -17.03 -29.27 18.69
N THR F 121 -15.73 -29.02 18.92
CA THR F 121 -15.35 -27.83 19.65
C THR F 121 -15.74 -26.59 18.84
N THR F 122 -15.44 -26.62 17.55
CA THR F 122 -15.71 -25.49 16.68
C THR F 122 -17.21 -25.25 16.65
N ALA F 123 -17.98 -26.33 16.62
CA ALA F 123 -19.45 -26.19 16.54
C ALA F 123 -20.06 -25.56 17.80
N ARG F 124 -19.54 -25.95 18.95
CA ARG F 124 -20.02 -25.46 20.21
C ARG F 124 -19.60 -24.02 20.41
N VAL F 125 -18.39 -23.67 19.98
CA VAL F 125 -17.94 -22.30 20.09
C VAL F 125 -18.78 -21.39 19.19
N LEU F 126 -19.03 -21.83 17.96
CA LEU F 126 -19.86 -21.03 17.06
C LEU F 126 -21.29 -20.91 17.52
N GLN F 127 -21.82 -21.98 18.10
CA GLN F 127 -23.16 -21.93 18.69
C GLN F 127 -23.20 -20.85 19.77
N ALA F 128 -22.24 -20.88 20.68
CA ALA F 128 -22.22 -19.89 21.74
C ALA F 128 -22.07 -18.47 21.17
N LEU F 129 -21.17 -18.25 20.22
CA LEU F 129 -20.94 -16.90 19.72
C LEU F 129 -22.07 -16.35 18.85
N LEU F 130 -22.65 -17.20 18.00
CA LEU F 130 -23.74 -16.74 17.12
C LEU F 130 -24.96 -16.39 17.93
N SER F 131 -25.13 -17.03 19.07
CA SER F 131 -26.33 -16.82 19.86
C SER F 131 -26.32 -15.46 20.54
N ARG F 132 -25.20 -14.73 20.47
CA ARG F 132 -25.09 -13.39 21.06
C ARG F 132 -25.71 -12.30 20.19
N TRP F 133 -26.05 -12.61 18.95
CA TRP F 133 -26.54 -11.63 18.00
C TRP F 133 -28.05 -11.61 18.07
N PRO F 134 -28.64 -10.44 18.34
CA PRO F 134 -30.11 -10.42 18.55
C PRO F 134 -30.99 -10.93 17.41
N GLU F 135 -30.55 -10.78 16.17
CA GLU F 135 -31.28 -11.33 15.03
C GLU F 135 -31.35 -12.86 15.01
N HIS F 136 -30.48 -13.54 15.75
CA HIS F 136 -30.50 -15.01 15.71
C HIS F 136 -29.98 -15.65 17.00
N ARG F 137 -30.75 -15.44 18.06
CA ARG F 137 -30.39 -15.88 19.37
C ARG F 137 -30.56 -17.37 19.57
N HIS F 138 -31.45 -18.01 18.82
CA HIS F 138 -31.81 -19.42 19.06
C HIS F 138 -31.04 -20.31 18.09
N VAL F 139 -29.93 -20.89 18.60
CA VAL F 139 -29.02 -21.69 17.81
C VAL F 139 -29.00 -23.11 18.38
N GLU F 140 -29.41 -24.07 17.58
CA GLU F 140 -29.33 -25.51 17.93
C GLU F 140 -28.14 -26.16 17.29
N LEU F 141 -27.72 -27.27 17.90
CA LEU F 141 -26.58 -28.03 17.43
C LEU F 141 -26.97 -29.50 17.45
N ILE F 142 -26.78 -30.15 16.31
CA ILE F 142 -27.11 -31.54 16.13
C ILE F 142 -25.90 -32.15 15.47
N THR F 143 -25.42 -33.28 15.99
CA THR F 143 -24.32 -34.04 15.39
C THR F 143 -24.87 -35.17 14.55
N THR F 144 -24.17 -35.52 13.48
CA THR F 144 -24.59 -36.65 12.65
C THR F 144 -24.28 -38.02 13.31
N ASP F 145 -23.45 -38.01 14.35
CA ASP F 145 -23.18 -39.19 15.18
C ASP F 145 -24.49 -39.90 15.59
N GLY F 146 -25.51 -39.14 15.91
CA GLY F 146 -26.79 -39.71 16.34
C GLY F 146 -27.51 -40.53 15.29
N PHE F 147 -27.16 -40.31 14.02
CA PHE F 147 -27.72 -41.01 12.89
C PHE F 147 -26.92 -42.24 12.45
N LEU F 148 -25.85 -42.57 13.17
CA LEU F 148 -25.25 -43.89 13.01
C LEU F 148 -26.31 -44.94 13.33
N HIS F 149 -26.28 -46.05 12.60
CA HIS F 149 -26.99 -47.24 13.04
C HIS F 149 -26.49 -47.65 14.43
N PRO F 150 -27.41 -48.12 15.29
CA PRO F 150 -27.02 -48.63 16.61
C PRO F 150 -26.03 -49.79 16.54
N ASN F 151 -25.23 -49.95 17.60
CA ASN F 151 -24.25 -51.04 17.65
C ASN F 151 -24.82 -52.40 17.33
N SER F 152 -26.04 -52.66 17.78
CA SER F 152 -26.70 -53.92 17.49
C SER F 152 -26.80 -54.13 15.98
N VAL F 153 -27.25 -53.09 15.27
CA VAL F 153 -27.43 -53.17 13.81
C VAL F 153 -26.10 -53.27 13.09
N LEU F 154 -25.10 -52.54 13.59
CA LEU F 154 -23.77 -52.58 12.99
C LEU F 154 -23.18 -54.00 13.13
N LYS F 155 -23.27 -54.55 14.34
CA LYS F 155 -22.91 -55.95 14.64
C LYS F 155 -23.54 -56.93 13.66
N GLU F 156 -24.85 -56.88 13.50
CA GLU F 156 -25.52 -57.72 12.47
C GLU F 156 -24.91 -57.61 11.09
N ARG F 157 -24.33 -56.46 10.74
CA ARG F 157 -23.87 -56.23 9.36
C ARG F 157 -22.38 -56.29 9.20
N GLY F 158 -21.67 -56.60 10.27
CA GLY F 158 -20.21 -56.72 10.24
C GLY F 158 -19.54 -55.38 10.02
N LEU F 159 -20.16 -54.32 10.55
CA LEU F 159 -19.71 -52.93 10.34
C LEU F 159 -19.17 -52.24 11.60
N MET F 160 -18.95 -53.00 12.66
CA MET F 160 -18.57 -52.40 13.93
C MET F 160 -17.21 -51.70 13.86
N LYS F 161 -16.34 -52.12 12.96
CA LYS F 161 -15.08 -51.44 12.68
C LYS F 161 -15.16 -50.49 11.48
N LYS F 162 -16.36 -50.12 11.06
CA LYS F 162 -16.54 -49.17 9.96
C LYS F 162 -17.43 -48.02 10.45
N LYS F 163 -17.42 -47.79 11.76
CA LYS F 163 -18.17 -46.67 12.32
C LYS F 163 -17.60 -45.36 11.78
N GLY F 164 -18.47 -44.56 11.16
CA GLY F 164 -18.06 -43.32 10.51
C GLY F 164 -18.04 -43.43 9.00
N PHE F 165 -18.02 -44.66 8.45
CA PHE F 165 -18.02 -44.88 7.03
C PHE F 165 -19.47 -44.79 6.57
N PRO F 166 -19.70 -44.55 5.28
CA PRO F 166 -21.06 -44.37 4.76
C PRO F 166 -22.05 -45.47 5.14
N GLN F 167 -21.63 -46.73 5.04
CA GLN F 167 -22.50 -47.86 5.40
C GLN F 167 -22.96 -47.88 6.87
N SER F 168 -22.27 -47.13 7.73
CA SER F 168 -22.62 -47.08 9.15
C SER F 168 -23.71 -46.08 9.50
N TYR F 169 -24.13 -45.26 8.51
CA TYR F 169 -25.11 -44.20 8.74
C TYR F 169 -26.51 -44.55 8.18
N ASP F 170 -27.54 -44.23 8.94
CA ASP F 170 -28.89 -44.08 8.44
C ASP F 170 -28.98 -42.73 7.68
N MET F 171 -28.40 -42.70 6.48
CA MET F 171 -28.20 -41.44 5.76
C MET F 171 -29.55 -40.91 5.29
N HIS F 172 -30.46 -41.79 4.92
CA HIS F 172 -31.82 -41.37 4.54
C HIS F 172 -32.51 -40.62 5.68
N ARG F 173 -32.36 -41.10 6.90
CA ARG F 173 -32.95 -40.41 8.04
C ARG F 173 -32.34 -39.01 8.26
N LEU F 174 -31.04 -38.91 8.05
CA LEU F 174 -30.34 -37.63 8.20
C LEU F 174 -30.83 -36.63 7.17
N VAL F 175 -30.97 -37.06 5.93
CA VAL F 175 -31.45 -36.19 4.87
C VAL F 175 -32.90 -35.75 5.17
N LYS F 176 -33.74 -36.67 5.64
CA LYS F 176 -35.12 -36.34 5.98
C LYS F 176 -35.16 -35.29 7.08
N PHE F 177 -34.22 -35.40 8.01
CA PHE F 177 -34.19 -34.47 9.13
C PHE F 177 -33.97 -33.03 8.64
N VAL F 178 -32.93 -32.81 7.85
CA VAL F 178 -32.65 -31.44 7.35
C VAL F 178 -33.72 -30.99 6.33
N SER F 179 -34.18 -31.91 5.50
CA SER F 179 -35.34 -31.69 4.64
C SER F 179 -36.58 -31.20 5.42
N ASP F 180 -36.91 -31.87 6.53
CA ASP F 180 -38.06 -31.47 7.36
C ASP F 180 -37.82 -30.07 7.93
N LEU F 181 -36.62 -29.79 8.43
CA LEU F 181 -36.31 -28.43 8.91
C LEU F 181 -36.50 -27.43 7.77
N LYS F 182 -35.99 -27.76 6.59
CA LYS F 182 -36.13 -26.87 5.44
C LYS F 182 -37.54 -26.86 4.83
N SER F 183 -38.43 -27.62 5.42
CA SER F 183 -39.87 -27.60 5.06
C SER F 183 -40.70 -26.75 6.01
N GLY F 184 -40.10 -26.29 7.10
CA GLY F 184 -40.82 -25.47 8.06
C GLY F 184 -41.63 -26.22 9.11
N VAL F 185 -41.35 -27.50 9.33
CA VAL F 185 -42.04 -28.25 10.39
C VAL F 185 -41.82 -27.56 11.73
N PRO F 186 -42.86 -27.55 12.59
CA PRO F 186 -42.74 -26.89 13.90
C PRO F 186 -41.66 -27.51 14.79
N GLN F 187 -41.46 -28.81 14.62
CA GLN F 187 -40.40 -29.49 15.32
C GLN F 187 -40.01 -30.76 14.60
N ALA F 188 -38.78 -31.19 14.84
CA ALA F 188 -38.24 -32.40 14.26
C ALA F 188 -37.42 -33.06 15.33
N THR F 189 -37.24 -34.35 15.18
CA THR F 189 -36.62 -35.15 16.20
C THR F 189 -35.39 -35.79 15.61
N ALA F 190 -34.30 -35.72 16.36
CA ALA F 190 -33.05 -36.32 15.93
C ALA F 190 -32.64 -37.36 16.96
N PRO F 191 -32.13 -38.50 16.52
CA PRO F 191 -31.56 -39.44 17.48
C PRO F 191 -30.25 -38.88 17.99
N VAL F 192 -29.79 -39.37 19.13
CA VAL F 192 -28.62 -38.83 19.84
C VAL F 192 -27.67 -39.97 20.19
N TYR F 193 -26.38 -39.67 20.09
CA TYR F 193 -25.32 -40.62 20.31
C TYR F 193 -24.68 -40.27 21.65
N SER F 194 -24.32 -41.27 22.46
CA SER F 194 -23.53 -41.00 23.68
C SER F 194 -22.08 -41.42 23.46
N HIS F 195 -21.19 -40.43 23.32
CA HIS F 195 -19.75 -40.66 23.12
C HIS F 195 -19.08 -41.39 24.30
N LEU F 196 -19.72 -41.30 25.47
CA LEU F 196 -19.22 -41.95 26.66
C LEU F 196 -19.56 -43.45 26.71
N ILE F 197 -20.63 -43.88 26.03
CA ILE F 197 -20.92 -45.32 25.88
C ILE F 197 -20.83 -45.83 24.42
N TYR F 198 -20.40 -44.95 23.51
CA TYR F 198 -20.03 -45.37 22.15
C TYR F 198 -21.22 -46.00 21.41
N ASP F 199 -22.40 -45.38 21.55
CA ASP F 199 -23.62 -45.91 20.94
C ASP F 199 -24.76 -44.87 20.90
N VAL F 200 -25.83 -45.22 20.18
CA VAL F 200 -27.05 -44.44 20.11
C VAL F 200 -27.89 -44.68 21.37
N ILE F 201 -28.27 -43.61 22.07
CA ILE F 201 -29.11 -43.73 23.27
C ILE F 201 -30.48 -44.27 22.85
N PRO F 202 -30.89 -45.44 23.41
CA PRO F 202 -32.10 -46.16 22.96
C PRO F 202 -33.36 -45.31 22.80
N ASP F 203 -33.49 -44.26 23.60
CA ASP F 203 -34.59 -43.30 23.39
C ASP F 203 -34.26 -41.95 24.02
N GLY F 204 -33.10 -41.43 23.64
CA GLY F 204 -32.66 -40.10 24.06
C GLY F 204 -32.82 -39.10 22.92
N ASP F 205 -33.89 -39.23 22.15
CA ASP F 205 -34.15 -38.35 20.99
C ASP F 205 -34.33 -36.88 21.32
N LYS F 206 -33.59 -36.03 20.62
CA LYS F 206 -33.64 -34.58 20.81
C LYS F 206 -34.67 -33.98 19.87
N THR F 207 -35.59 -33.18 20.41
CA THR F 207 -36.56 -32.46 19.61
C THR F 207 -36.09 -31.04 19.41
N VAL F 208 -36.16 -30.58 18.18
CA VAL F 208 -35.73 -29.24 17.81
C VAL F 208 -36.94 -28.46 17.29
N ALA F 209 -37.09 -27.22 17.73
CA ALA F 209 -38.29 -26.42 17.40
C ALA F 209 -37.99 -25.08 16.69
N GLN F 210 -37.99 -25.10 15.37
CA GLN F 210 -37.82 -23.89 14.56
C GLN F 210 -36.77 -22.89 15.10
N PRO F 211 -35.52 -23.34 15.27
CA PRO F 211 -34.50 -22.39 15.71
C PRO F 211 -34.20 -21.36 14.62
N ASP F 212 -33.56 -20.27 14.99
CA ASP F 212 -33.06 -19.29 14.00
C ASP F 212 -31.96 -19.90 13.18
N ILE F 213 -31.07 -20.64 13.85
CA ILE F 213 -29.92 -21.30 13.21
C ILE F 213 -29.79 -22.74 13.74
N LEU F 214 -29.55 -23.70 12.86
CA LEU F 214 -29.14 -25.04 13.30
C LEU F 214 -27.75 -25.32 12.79
N ILE F 215 -26.84 -25.73 13.67
CA ILE F 215 -25.50 -26.16 13.26
C ILE F 215 -25.49 -27.68 13.17
N LEU F 216 -25.09 -28.22 12.03
CA LEU F 216 -25.10 -29.66 11.77
C LEU F 216 -23.65 -30.08 11.70
N GLU F 217 -23.21 -30.81 12.72
CA GLU F 217 -21.82 -31.17 12.87
C GLU F 217 -21.59 -32.66 12.56
N GLY F 218 -20.66 -32.97 11.66
CA GLY F 218 -20.41 -34.36 11.31
C GLY F 218 -19.48 -34.54 10.13
N LEU F 219 -18.70 -35.63 10.13
CA LEU F 219 -17.70 -35.89 9.10
C LEU F 219 -18.34 -36.05 7.72
N ASN F 220 -19.63 -36.41 7.68
CA ASN F 220 -20.29 -36.76 6.40
C ASN F 220 -21.21 -35.68 5.77
N VAL F 221 -21.20 -34.47 6.30
CA VAL F 221 -22.18 -33.44 5.90
C VAL F 221 -21.99 -32.92 4.47
N LEU F 222 -20.83 -33.20 3.87
CA LEU F 222 -20.56 -32.82 2.48
C LEU F 222 -20.59 -34.03 1.52
N GLN F 223 -20.91 -35.20 2.05
CA GLN F 223 -21.06 -36.39 1.25
C GLN F 223 -22.35 -36.37 0.42
N SER F 224 -22.40 -37.25 -0.56
CA SER F 224 -23.53 -37.32 -1.47
C SER F 224 -23.84 -38.77 -1.87
N GLY F 225 -24.81 -38.93 -2.78
CA GLY F 225 -25.19 -40.24 -3.29
C GLY F 225 -24.06 -41.12 -3.78
N MET F 226 -23.05 -40.51 -4.39
CA MET F 226 -21.89 -41.24 -4.86
C MET F 226 -21.17 -41.98 -3.73
N ASP F 227 -21.28 -41.46 -2.50
CA ASP F 227 -20.64 -42.10 -1.35
C ASP F 227 -21.48 -43.24 -0.79
N TYR F 228 -22.73 -43.36 -1.24
CA TYR F 228 -23.65 -44.37 -0.70
C TYR F 228 -24.19 -45.26 -1.83
N PRO F 229 -23.31 -45.88 -2.64
CA PRO F 229 -23.73 -46.76 -3.75
C PRO F 229 -24.53 -47.99 -3.29
N HIS F 230 -24.25 -48.45 -2.09
CA HIS F 230 -24.99 -49.56 -1.49
C HIS F 230 -26.47 -49.22 -1.27
N ASP F 231 -26.79 -47.93 -1.19
CA ASP F 231 -28.16 -47.48 -0.96
C ASP F 231 -28.27 -46.00 -1.33
N PRO F 232 -28.31 -45.67 -2.64
CA PRO F 232 -28.22 -44.28 -3.10
C PRO F 232 -29.30 -43.35 -2.60
N HIS F 233 -28.93 -42.08 -2.39
CA HIS F 233 -29.90 -40.99 -2.27
C HIS F 233 -29.58 -39.95 -3.34
N HIS F 234 -30.61 -39.20 -3.73
CA HIS F 234 -30.56 -38.31 -4.90
C HIS F 234 -30.71 -36.83 -4.57
N VAL F 235 -31.05 -36.52 -3.33
CA VAL F 235 -30.99 -35.17 -2.80
C VAL F 235 -30.08 -35.22 -1.57
N PHE F 236 -29.11 -34.32 -1.48
CA PHE F 236 -28.04 -34.44 -0.49
C PHE F 236 -28.23 -33.58 0.75
N VAL F 237 -27.49 -33.89 1.81
CA VAL F 237 -27.49 -33.04 3.00
C VAL F 237 -27.20 -31.60 2.59
N SER F 238 -26.22 -31.42 1.73
CA SER F 238 -25.81 -30.10 1.27
C SER F 238 -26.89 -29.28 0.55
N ASP F 239 -27.83 -29.97 -0.08
CA ASP F 239 -28.98 -29.31 -0.71
C ASP F 239 -29.94 -28.66 0.26
N PHE F 240 -29.75 -28.89 1.56
CA PHE F 240 -30.52 -28.28 2.63
C PHE F 240 -29.66 -27.52 3.62
N VAL F 241 -28.43 -27.23 3.22
CA VAL F 241 -27.48 -26.50 4.06
C VAL F 241 -27.17 -25.18 3.41
N ASP F 242 -27.21 -24.11 4.19
CA ASP F 242 -26.96 -22.78 3.65
C ASP F 242 -25.46 -22.50 3.55
N PHE F 243 -24.71 -22.94 4.54
CA PHE F 243 -23.29 -22.57 4.61
C PHE F 243 -22.54 -23.73 5.24
N SER F 244 -21.48 -24.21 4.59
CA SER F 244 -20.69 -25.32 5.12
C SER F 244 -19.25 -24.90 5.37
N ILE F 245 -18.73 -25.37 6.50
CA ILE F 245 -17.33 -25.21 6.91
C ILE F 245 -16.67 -26.58 6.88
N TYR F 246 -15.51 -26.67 6.22
CA TYR F 246 -14.65 -27.85 6.36
C TYR F 246 -13.45 -27.45 7.22
N VAL F 247 -13.31 -28.10 8.36
CA VAL F 247 -12.16 -27.89 9.23
C VAL F 247 -11.05 -28.86 8.81
N ASP F 248 -9.90 -28.30 8.42
CA ASP F 248 -8.80 -29.05 7.79
C ASP F 248 -7.52 -29.04 8.64
N ALA F 249 -6.77 -30.12 8.56
CA ALA F 249 -5.44 -30.18 9.16
C ALA F 249 -4.68 -31.35 8.58
N PRO F 250 -3.34 -31.24 8.57
CA PRO F 250 -2.58 -32.34 8.05
C PRO F 250 -2.75 -33.62 8.87
N GLU F 251 -2.57 -34.73 8.18
CA GLU F 251 -2.82 -36.06 8.72
C GLU F 251 -2.02 -36.33 10.01
N GLU F 252 -0.77 -35.86 10.05
CA GLU F 252 0.05 -36.10 11.25
C GLU F 252 -0.48 -35.38 12.50
N LEU F 253 -1.08 -34.20 12.34
CA LEU F 253 -1.69 -33.50 13.45
C LEU F 253 -2.97 -34.23 13.90
N LEU F 254 -3.78 -34.60 12.93
CA LEU F 254 -5.01 -35.34 13.20
C LEU F 254 -4.73 -36.61 14.03
N LYS F 255 -3.72 -37.37 13.62
CA LYS F 255 -3.30 -38.60 14.35
C LYS F 255 -3.00 -38.29 15.80
N SER F 256 -2.20 -37.26 15.98
CA SER F 256 -1.72 -36.83 17.27
C SER F 256 -2.88 -36.42 18.17
N TRP F 257 -3.79 -35.64 17.59
CA TRP F 257 -5.01 -35.24 18.28
C TRP F 257 -5.95 -36.38 18.60
N TYR F 258 -6.07 -37.31 17.68
CA TYR F 258 -6.90 -38.48 17.92
C TYR F 258 -6.35 -39.27 19.11
N ILE F 259 -5.04 -39.55 19.07
CA ILE F 259 -4.39 -40.35 20.12
C ILE F 259 -4.49 -39.63 21.45
N ASN F 260 -4.23 -38.33 21.44
CA ASN F 260 -4.31 -37.54 22.66
C ASN F 260 -5.71 -37.50 23.25
N ARG F 261 -6.72 -37.43 22.41
CA ARG F 261 -8.11 -37.46 22.91
C ARG F 261 -8.44 -38.84 23.48
N PHE F 262 -8.00 -39.89 22.81
CA PHE F 262 -8.13 -41.25 23.34
C PHE F 262 -7.50 -41.28 24.75
N LEU F 263 -6.29 -40.77 24.90
CA LEU F 263 -5.61 -40.81 26.18
C LEU F 263 -6.33 -40.02 27.26
N LYS F 264 -6.92 -38.88 26.91
CA LYS F 264 -7.77 -38.11 27.87
C LYS F 264 -8.98 -38.89 28.31
N PHE F 265 -9.64 -39.59 27.40
CA PHE F 265 -10.78 -40.43 27.77
C PHE F 265 -10.34 -41.55 28.74
N ARG F 266 -9.18 -42.13 28.47
CA ARG F 266 -8.62 -43.19 29.32
C ARG F 266 -8.39 -42.63 30.72
N GLU F 267 -7.78 -41.45 30.80
CA GLU F 267 -7.56 -40.75 32.07
C GLU F 267 -8.83 -40.56 32.85
N GLY F 268 -9.86 -40.06 32.20
CA GLY F 268 -11.16 -39.90 32.84
C GLY F 268 -11.73 -41.22 33.30
N ALA F 269 -11.48 -42.29 32.54
CA ALA F 269 -11.94 -43.61 32.96
C ALA F 269 -11.13 -44.18 34.15
N PHE F 270 -9.96 -43.61 34.44
CA PHE F 270 -9.21 -44.02 35.65
C PHE F 270 -10.06 -44.00 36.91
N THR F 271 -11.06 -43.10 36.95
CA THR F 271 -11.90 -42.88 38.13
C THR F 271 -13.40 -42.97 37.90
N ASP F 272 -13.83 -43.18 36.66
CA ASP F 272 -15.26 -43.36 36.34
C ASP F 272 -15.48 -44.76 35.78
N PRO F 273 -16.13 -45.65 36.56
CA PRO F 273 -16.38 -47.03 36.12
C PRO F 273 -17.44 -47.21 35.03
N ASP F 274 -18.21 -46.16 34.73
CA ASP F 274 -19.26 -46.23 33.69
C ASP F 274 -18.78 -45.83 32.27
N SER F 275 -17.59 -45.25 32.18
CA SER F 275 -16.98 -44.92 30.89
C SER F 275 -16.76 -46.14 30.02
N TYR F 276 -17.08 -46.03 28.73
CA TYR F 276 -16.72 -47.04 27.72
C TYR F 276 -15.22 -47.34 27.74
N PHE F 277 -14.42 -46.43 28.29
CA PHE F 277 -12.95 -46.57 28.35
C PHE F 277 -12.41 -47.27 29.63
N HIS F 278 -13.30 -47.74 30.49
CA HIS F 278 -12.90 -48.28 31.81
C HIS F 278 -11.87 -49.38 31.68
N ASN F 279 -12.02 -50.27 30.71
CA ASN F 279 -10.98 -51.29 30.54
C ASN F 279 -9.66 -50.73 30.05
N TYR F 280 -9.70 -49.75 29.13
CA TYR F 280 -8.43 -49.14 28.65
C TYR F 280 -7.64 -48.52 29.81
N ALA F 281 -8.34 -48.04 30.82
CA ALA F 281 -7.69 -47.47 32.00
C ALA F 281 -6.96 -48.52 32.85
N LYS F 282 -7.16 -49.80 32.55
CA LYS F 282 -6.46 -50.89 33.25
C LYS F 282 -5.21 -51.32 32.50
N LEU F 283 -5.06 -50.87 31.25
CA LEU F 283 -3.87 -51.23 30.45
C LEU F 283 -2.70 -50.30 30.74
N SER F 284 -1.48 -50.70 30.36
CA SER F 284 -0.36 -49.80 30.35
C SER F 284 -0.63 -48.66 29.35
N LYS F 285 0.06 -47.54 29.55
CA LYS F 285 -0.05 -46.42 28.63
C LYS F 285 0.37 -46.87 27.24
N GLU F 286 1.45 -47.67 27.20
CA GLU F 286 2.04 -48.09 25.93
C GLU F 286 1.05 -48.91 25.14
N GLU F 287 0.30 -49.77 25.80
CA GLU F 287 -0.71 -50.57 25.09
C GLU F 287 -1.90 -49.69 24.67
N ALA F 288 -2.32 -48.77 25.53
CA ALA F 288 -3.39 -47.84 25.15
C ALA F 288 -3.03 -47.04 23.89
N VAL F 289 -1.79 -46.58 23.82
CA VAL F 289 -1.30 -45.87 22.67
C VAL F 289 -1.31 -46.76 21.42
N ASP F 290 -0.91 -48.02 21.56
CA ASP F 290 -0.93 -48.94 20.42
C ASP F 290 -2.36 -49.12 19.92
N ILE F 291 -3.28 -49.27 20.85
CA ILE F 291 -4.71 -49.43 20.50
C ILE F 291 -5.25 -48.17 19.79
N ALA F 292 -4.96 -46.99 20.35
CA ALA F 292 -5.39 -45.73 19.76
C ALA F 292 -4.83 -45.58 18.36
N THR F 293 -3.53 -45.88 18.23
CA THR F 293 -2.80 -45.73 16.99
C THR F 293 -3.40 -46.61 15.92
N SER F 294 -3.74 -47.86 16.28
CA SER F 294 -4.41 -48.78 15.37
C SER F 294 -5.81 -48.37 14.95
N LEU F 295 -6.61 -47.86 15.88
CA LEU F 295 -7.92 -47.32 15.57
C LEU F 295 -7.84 -46.17 14.56
N TRP F 296 -6.82 -45.32 14.69
CA TRP F 296 -6.59 -44.30 13.69
C TRP F 296 -6.25 -44.88 12.33
N ASN F 297 -5.16 -45.66 12.27
CA ASN F 297 -4.64 -46.21 11.01
C ASN F 297 -5.62 -47.13 10.29
N GLU F 298 -6.30 -47.99 11.01
CA GLU F 298 -7.18 -48.98 10.38
C GLU F 298 -8.57 -48.42 10.06
N ILE F 299 -9.04 -47.44 10.82
CA ILE F 299 -10.42 -47.00 10.69
C ILE F 299 -10.47 -45.53 10.24
N ASN F 300 -10.09 -44.61 11.11
CA ASN F 300 -10.39 -43.19 10.84
C ASN F 300 -9.55 -42.60 9.71
N LEU F 301 -8.30 -43.05 9.58
CA LEU F 301 -7.41 -42.60 8.50
C LEU F 301 -7.93 -43.04 7.14
N MET F 302 -8.34 -44.30 7.06
CA MET F 302 -8.88 -44.84 5.84
C MET F 302 -10.19 -44.09 5.47
N ASN F 303 -11.02 -43.82 6.46
CA ASN F 303 -12.24 -43.02 6.26
C ASN F 303 -11.93 -41.61 5.73
N LEU F 304 -10.87 -41.02 6.27
CA LEU F 304 -10.46 -39.70 5.82
C LEU F 304 -10.11 -39.70 4.36
N LYS F 305 -9.19 -40.58 3.97
CA LYS F 305 -8.70 -40.64 2.62
C LYS F 305 -9.78 -41.02 1.63
N GLU F 306 -10.66 -41.92 2.02
CA GLU F 306 -11.56 -42.48 1.06
C GLU F 306 -12.83 -41.69 0.93
N ASN F 307 -13.29 -41.12 2.05
CA ASN F 307 -14.63 -40.57 2.12
C ASN F 307 -14.74 -39.11 2.57
N ILE F 308 -13.82 -38.62 3.38
CA ILE F 308 -14.00 -37.30 3.96
C ILE F 308 -13.24 -36.26 3.15
N LEU F 309 -11.94 -36.49 3.00
CA LEU F 309 -11.10 -35.49 2.38
C LEU F 309 -11.56 -35.12 0.97
N PRO F 310 -12.06 -36.09 0.18
CA PRO F 310 -12.47 -35.74 -1.18
C PRO F 310 -13.66 -34.78 -1.29
N THR F 311 -14.39 -34.59 -0.19
CA THR F 311 -15.51 -33.66 -0.14
C THR F 311 -15.13 -32.22 0.23
N ARG F 312 -13.87 -31.96 0.53
CA ARG F 312 -13.44 -30.67 1.11
C ARG F 312 -13.78 -29.47 0.22
N GLU F 313 -13.63 -29.65 -1.10
CA GLU F 313 -13.84 -28.54 -2.02
C GLU F 313 -15.32 -28.25 -2.29
N ARG F 314 -16.20 -28.98 -1.62
CA ARG F 314 -17.60 -28.66 -1.64
C ARG F 314 -18.00 -27.64 -0.54
N ALA F 315 -17.05 -27.24 0.31
CA ALA F 315 -17.36 -26.42 1.44
C ALA F 315 -17.44 -24.95 1.00
N SER F 316 -18.34 -24.19 1.63
CA SER F 316 -18.33 -22.72 1.49
C SER F 316 -17.04 -22.12 2.02
N LEU F 317 -16.52 -22.70 3.12
CA LEU F 317 -15.34 -22.16 3.81
C LEU F 317 -14.48 -23.29 4.33
N ILE F 318 -13.15 -23.18 4.15
CA ILE F 318 -12.22 -24.15 4.65
C ILE F 318 -11.33 -23.41 5.66
N MET F 319 -11.35 -23.87 6.90
CA MET F 319 -10.46 -23.36 7.92
C MET F 319 -9.43 -24.40 8.29
N THR F 320 -8.15 -23.99 8.19
CA THR F 320 -7.03 -24.90 8.34
C THR F 320 -6.33 -24.64 9.66
N LYS F 321 -6.08 -25.72 10.40
CA LYS F 321 -5.42 -25.66 11.68
C LYS F 321 -3.94 -26.05 11.64
N SER F 322 -3.15 -25.49 12.54
CA SER F 322 -1.77 -25.89 12.76
C SER F 322 -1.65 -26.67 14.10
N ALA F 323 -0.44 -27.06 14.48
CA ALA F 323 -0.20 -28.08 15.53
C ALA F 323 -0.89 -27.92 16.89
N ASN F 324 -0.96 -26.68 17.39
CA ASN F 324 -1.64 -26.38 18.66
C ASN F 324 -3.11 -25.98 18.50
N HIS F 325 -3.70 -26.33 17.36
CA HIS F 325 -5.11 -26.06 17.04
C HIS F 325 -5.38 -24.63 16.59
N SER F 326 -4.37 -23.79 16.52
CA SER F 326 -4.61 -22.43 16.07
C SER F 326 -4.87 -22.44 14.54
N VAL F 327 -5.83 -21.63 14.12
CA VAL F 327 -6.19 -21.52 12.69
C VAL F 327 -5.18 -20.64 11.96
N ASN F 328 -4.56 -21.18 10.91
CA ASN F 328 -3.55 -20.45 10.17
C ASN F 328 -3.97 -20.07 8.75
N GLN F 329 -5.16 -20.49 8.33
CA GLN F 329 -5.64 -20.16 6.99
C GLN F 329 -7.17 -20.27 6.95
N VAL F 330 -7.84 -19.28 6.35
CA VAL F 330 -9.28 -19.33 6.11
C VAL F 330 -9.52 -19.02 4.65
N ARG F 331 -10.13 -19.97 3.93
CA ARG F 331 -10.54 -19.80 2.55
C ARG F 331 -12.05 -19.77 2.40
N LEU F 332 -12.54 -18.80 1.63
CA LEU F 332 -13.99 -18.54 1.52
C LEU F 332 -14.40 -18.51 0.04
N ARG F 333 -15.45 -19.25 -0.32
CA ARG F 333 -15.95 -19.24 -1.69
C ARG F 333 -16.21 -17.82 -2.15
N LYS F 334 -15.70 -17.50 -3.34
CA LYS F 334 -15.87 -16.17 -3.93
C LYS F 334 -17.31 -15.94 -4.40
N MET G 27 4.00 0.19 -18.17
CA MET G 27 5.38 0.53 -17.71
C MET G 27 6.21 1.14 -18.83
N THR G 28 6.98 2.16 -18.52
CA THR G 28 7.89 2.78 -19.49
C THR G 28 9.27 2.88 -18.87
N PRO G 29 10.25 3.36 -19.65
CA PRO G 29 11.61 3.48 -19.11
C PRO G 29 11.83 4.59 -18.08
N TYR G 30 10.79 5.39 -17.82
CA TYR G 30 10.88 6.48 -16.84
C TYR G 30 9.98 6.22 -15.65
N LEU G 31 10.52 6.51 -14.48
CA LEU G 31 9.74 6.57 -13.27
C LEU G 31 9.25 8.00 -13.18
N GLN G 32 8.02 8.16 -12.75
CA GLN G 32 7.43 9.47 -12.60
C GLN G 32 7.39 9.80 -11.12
N PHE G 33 8.09 10.84 -10.68
CA PHE G 33 8.07 11.20 -9.27
C PHE G 33 6.65 11.50 -8.73
N ASN G 34 6.28 10.89 -7.61
CA ASN G 34 5.06 11.33 -6.93
C ASN G 34 5.46 12.40 -5.93
N ARG G 35 4.46 13.07 -5.37
CA ARG G 35 4.69 14.25 -4.51
C ARG G 35 5.50 13.91 -3.24
N HIS G 36 5.35 12.71 -2.75
CA HIS G 36 6.03 12.27 -1.54
C HIS G 36 7.51 11.97 -1.80
N GLN G 37 7.79 11.31 -2.91
CA GLN G 37 9.17 11.07 -3.35
C GLN G 37 9.87 12.41 -3.57
N TRP G 38 9.19 13.35 -4.23
CA TRP G 38 9.80 14.63 -4.53
C TRP G 38 10.01 15.46 -3.24
N ALA G 39 9.04 15.46 -2.32
CA ALA G 39 9.23 16.14 -1.04
C ALA G 39 10.40 15.53 -0.22
N ALA G 40 10.56 14.22 -0.28
CA ALA G 40 11.63 13.55 0.46
C ALA G 40 12.99 13.95 -0.13
N LEU G 41 13.04 14.08 -1.45
CA LEU G 41 14.23 14.64 -2.13
C LEU G 41 14.54 16.09 -1.69
N ARG G 42 13.51 16.92 -1.67
CA ARG G 42 13.61 18.31 -1.22
C ARG G 42 14.08 18.42 0.23
N ASP G 43 13.59 17.52 1.06
CA ASP G 43 13.85 17.54 2.52
C ASP G 43 15.11 16.79 2.97
N SER G 44 15.90 16.29 2.00
CA SER G 44 17.01 15.37 2.26
C SER G 44 18.24 16.08 2.81
N VAL G 45 18.31 17.40 2.67
CA VAL G 45 19.45 18.17 3.15
C VAL G 45 18.93 19.52 3.61
N PRO G 46 19.72 20.28 4.40
CA PRO G 46 19.45 21.70 4.57
C PRO G 46 20.08 22.39 3.36
N MET G 47 19.27 22.85 2.44
CA MET G 47 19.88 23.56 1.27
C MET G 47 19.25 24.90 0.98
N THR G 48 18.59 25.52 1.97
CA THR G 48 17.96 26.82 1.69
C THR G 48 19.04 27.92 1.49
N LEU G 49 18.67 28.92 0.70
CA LEU G 49 19.60 29.88 0.15
C LEU G 49 19.74 31.07 1.08
N THR G 50 20.91 31.71 1.07
CA THR G 50 21.10 32.98 1.78
C THR G 50 20.39 34.11 1.01
N GLU G 51 20.27 35.28 1.65
CA GLU G 51 19.62 36.42 0.98
C GLU G 51 20.41 36.84 -0.27
N ASP G 52 21.73 36.89 -0.15
CA ASP G 52 22.59 37.18 -1.31
C ASP G 52 22.37 36.23 -2.49
N GLU G 53 22.32 34.94 -2.19
CA GLU G 53 22.02 33.92 -3.20
C GLU G 53 20.66 34.15 -3.83
N ILE G 54 19.65 34.42 -3.00
CA ILE G 54 18.30 34.66 -3.49
C ILE G 54 18.30 35.85 -4.45
N THR G 55 19.06 36.88 -4.13
CA THR G 55 19.18 38.04 -4.99
C THR G 55 19.83 37.72 -6.32
N ARG G 56 20.93 36.97 -6.31
CA ARG G 56 21.56 36.53 -7.57
C ARG G 56 20.64 35.68 -8.43
N LEU G 57 19.89 34.77 -7.80
CA LEU G 57 18.92 33.96 -8.54
C LEU G 57 17.85 34.82 -9.18
N LYS G 58 17.37 35.84 -8.47
CA LYS G 58 16.43 36.80 -9.06
C LYS G 58 17.04 37.55 -10.22
N GLY G 59 18.33 37.84 -10.14
CA GLY G 59 19.09 38.41 -11.26
C GLY G 59 19.08 37.61 -12.54
N ILE G 60 18.94 36.28 -12.42
CA ILE G 60 18.92 35.43 -13.61
C ILE G 60 17.66 35.65 -14.42
N ASN G 61 16.53 35.81 -13.74
CA ASN G 61 15.27 36.06 -14.42
C ASN G 61 14.26 36.63 -13.43
N GLU G 62 13.85 37.87 -13.70
CA GLU G 62 12.85 38.61 -12.92
C GLU G 62 11.61 37.83 -12.63
N ASP G 63 11.18 37.05 -13.61
CA ASP G 63 9.93 36.33 -13.52
C ASP G 63 10.03 34.95 -12.85
N LEU G 64 11.23 34.57 -12.42
CA LEU G 64 11.43 33.26 -11.79
C LEU G 64 10.89 33.34 -10.37
N SER G 65 9.96 32.45 -10.05
CA SER G 65 9.38 32.41 -8.74
C SER G 65 10.31 31.73 -7.74
N LEU G 66 10.49 32.33 -6.57
CA LEU G 66 11.30 31.76 -5.50
C LEU G 66 10.68 30.50 -4.93
N GLU G 67 9.36 30.41 -5.00
CA GLU G 67 8.67 29.18 -4.62
C GLU G 67 9.07 28.04 -5.54
N GLU G 68 9.14 28.32 -6.84
CA GLU G 68 9.57 27.32 -7.79
C GLU G 68 11.07 26.93 -7.54
N VAL G 69 11.91 27.87 -7.11
CA VAL G 69 13.29 27.55 -6.69
C VAL G 69 13.32 26.56 -5.49
N ALA G 70 12.48 26.86 -4.48
CA ALA G 70 12.39 26.07 -3.27
C ALA G 70 11.81 24.68 -3.55
N GLU G 71 10.74 24.62 -4.33
CA GLU G 71 10.00 23.38 -4.55
C GLU G 71 10.52 22.53 -5.71
N ILE G 72 11.20 23.14 -6.67
CA ILE G 72 11.57 22.42 -7.90
C ILE G 72 13.07 22.45 -8.13
N TYR G 73 13.66 23.63 -8.23
CA TYR G 73 15.06 23.68 -8.71
C TYR G 73 16.08 23.23 -7.64
N LEU G 74 15.80 23.51 -6.37
CA LEU G 74 16.66 23.01 -5.30
C LEU G 74 16.66 21.47 -5.27
N PRO G 75 15.47 20.83 -5.20
CA PRO G 75 15.47 19.36 -5.26
C PRO G 75 16.01 18.79 -6.56
N LEU G 76 15.78 19.45 -7.69
CA LEU G 76 16.30 18.93 -8.95
C LEU G 76 17.83 18.93 -8.95
N SER G 77 18.41 20.02 -8.49
CA SER G 77 19.86 20.13 -8.37
C SER G 77 20.40 19.16 -7.30
N ARG G 78 19.64 18.87 -6.25
CA ARG G 78 20.00 17.81 -5.28
C ARG G 78 20.01 16.43 -5.91
N LEU G 79 19.00 16.12 -6.72
CA LEU G 79 18.97 14.86 -7.47
C LEU G 79 20.19 14.75 -8.38
N LEU G 80 20.49 15.84 -9.08
CA LEU G 80 21.67 15.86 -9.98
C LEU G 80 22.94 15.59 -9.18
N ASN G 81 23.05 16.13 -7.98
CA ASN G 81 24.27 15.93 -7.18
C ASN G 81 24.46 14.43 -6.87
N PHE G 82 23.39 13.69 -6.63
CA PHE G 82 23.55 12.23 -6.41
C PHE G 82 24.28 11.55 -7.61
N TYR G 83 23.88 11.95 -8.83
CA TYR G 83 24.44 11.38 -10.03
C TYR G 83 25.88 11.83 -10.24
N ILE G 84 26.15 13.12 -9.99
CA ILE G 84 27.47 13.70 -10.18
C ILE G 84 28.46 13.08 -9.16
N SER G 85 28.02 13.04 -7.91
CA SER G 85 28.83 12.51 -6.83
C SER G 85 29.17 11.04 -7.04
N SER G 86 28.18 10.26 -7.47
CA SER G 86 28.43 8.85 -7.80
C SER G 86 29.51 8.69 -8.88
N ASN G 87 29.43 9.53 -9.92
CA ASN G 87 30.42 9.54 -10.98
C ASN G 87 31.82 9.91 -10.46
N LEU G 88 31.91 10.92 -9.59
CA LEU G 88 33.20 11.30 -9.02
C LEU G 88 33.81 10.17 -8.21
N ARG G 89 33.01 9.48 -7.41
CA ARG G 89 33.52 8.36 -6.64
C ARG G 89 33.90 7.19 -7.53
N ARG G 90 33.22 7.01 -8.64
CA ARG G 90 33.58 5.91 -9.52
C ARG G 90 34.94 6.21 -10.13
N GLN G 91 35.14 7.44 -10.58
CA GLN G 91 36.45 7.86 -11.10
C GLN G 91 37.59 7.62 -10.10
N ALA G 92 37.35 7.87 -8.82
CA ALA G 92 38.38 7.73 -7.78
C ALA G 92 38.74 6.27 -7.54
N VAL G 93 37.73 5.43 -7.41
CA VAL G 93 37.92 3.99 -7.35
C VAL G 93 38.63 3.47 -8.63
N LEU G 94 38.17 3.90 -9.81
CA LEU G 94 38.82 3.51 -11.08
C LEU G 94 40.25 4.02 -11.21
N GLU G 95 40.53 5.20 -10.66
CA GLU G 95 41.88 5.75 -10.71
C GLU G 95 42.92 4.87 -9.98
N GLN G 96 42.54 4.31 -8.84
CA GLN G 96 43.41 3.34 -8.14
C GLN G 96 43.41 1.99 -8.85
N PHE G 97 42.25 1.51 -9.28
CA PHE G 97 42.15 0.21 -9.93
C PHE G 97 42.93 0.14 -11.25
N LEU G 98 42.86 1.21 -12.03
CA LEU G 98 43.39 1.23 -13.39
C LEU G 98 44.79 1.79 -13.46
N GLY G 99 45.23 2.50 -12.43
CA GLY G 99 46.54 3.15 -12.43
C GLY G 99 46.68 4.37 -13.34
N THR G 100 45.68 5.24 -13.34
CA THR G 100 45.75 6.50 -14.08
C THR G 100 46.25 7.62 -13.18
N ASN G 101 46.63 8.73 -13.82
CA ASN G 101 46.83 9.99 -13.10
C ASN G 101 45.50 10.53 -12.58
N GLY G 102 45.52 11.74 -12.02
CA GLY G 102 44.31 12.35 -11.46
C GLY G 102 43.39 13.08 -12.42
N GLN G 103 43.90 13.45 -13.60
CA GLN G 103 43.18 14.37 -14.54
C GLN G 103 41.68 14.10 -14.60
N ARG G 104 40.92 14.94 -13.92
CA ARG G 104 39.48 14.76 -13.87
C ARG G 104 38.83 15.19 -15.18
N ILE G 105 37.75 14.50 -15.49
CA ILE G 105 37.03 14.69 -16.70
C ILE G 105 35.76 15.40 -16.26
N PRO G 106 35.38 16.51 -16.92
CA PRO G 106 34.13 17.18 -16.54
C PRO G 106 32.91 16.26 -16.64
N TYR G 107 32.01 16.40 -15.68
CA TYR G 107 30.67 15.79 -15.77
C TYR G 107 29.83 16.69 -16.65
N ILE G 108 29.20 16.16 -17.69
CA ILE G 108 28.48 16.99 -18.63
C ILE G 108 26.99 16.75 -18.55
N ILE G 109 26.26 17.82 -18.30
CA ILE G 109 24.79 17.79 -18.26
C ILE G 109 24.31 18.56 -19.49
N SER G 110 23.39 17.99 -20.24
CA SER G 110 22.83 18.71 -21.38
C SER G 110 21.38 19.03 -21.10
N ILE G 111 20.92 20.13 -21.68
CA ILE G 111 19.55 20.60 -21.53
C ILE G 111 18.93 20.87 -22.90
N ALA G 112 17.90 20.12 -23.23
CA ALA G 112 17.20 20.21 -24.49
C ALA G 112 15.74 20.66 -24.35
N GLY G 113 15.11 20.93 -25.49
CA GLY G 113 13.71 21.27 -25.56
C GLY G 113 13.42 22.34 -26.61
N SER G 114 12.13 22.59 -26.82
CA SER G 114 11.68 23.62 -27.74
C SER G 114 12.35 24.96 -27.55
N VAL G 115 12.53 25.70 -28.64
CA VAL G 115 12.73 27.16 -28.55
C VAL G 115 11.64 27.73 -27.59
N ALA G 116 12.05 28.65 -26.72
CA ALA G 116 11.16 29.32 -25.76
C ALA G 116 10.55 28.47 -24.62
N VAL G 117 11.06 27.26 -24.39
CA VAL G 117 10.57 26.45 -23.28
C VAL G 117 11.20 26.86 -21.95
N GLY G 118 12.34 27.53 -22.01
CA GLY G 118 13.05 27.94 -20.80
C GLY G 118 14.41 27.28 -20.52
N LYS G 119 15.07 26.77 -21.56
CA LYS G 119 16.37 26.10 -21.42
C LYS G 119 17.39 27.02 -20.78
N SER G 120 17.46 28.26 -21.26
CA SER G 120 18.44 29.19 -20.74
C SER G 120 18.20 29.52 -19.26
N THR G 121 16.96 29.82 -18.88
CA THR G 121 16.69 30.04 -17.47
C THR G 121 17.02 28.81 -16.64
N THR G 122 16.56 27.66 -17.10
CA THR G 122 16.78 26.43 -16.38
C THR G 122 18.26 26.15 -16.23
N ALA G 123 19.01 26.33 -17.31
CA ALA G 123 20.44 26.07 -17.28
C ALA G 123 21.19 27.01 -16.35
N ARG G 124 20.85 28.30 -16.35
CA ARG G 124 21.53 29.25 -15.45
C ARG G 124 21.15 29.03 -13.97
N VAL G 125 19.91 28.68 -13.73
CA VAL G 125 19.51 28.37 -12.35
C VAL G 125 20.25 27.13 -11.84
N LEU G 126 20.36 26.09 -12.66
CA LEU G 126 21.08 24.89 -12.21
C LEU G 126 22.57 25.15 -12.06
N GLN G 127 23.13 26.00 -12.92
CA GLN G 127 24.52 26.39 -12.76
C GLN G 127 24.75 27.01 -11.41
N ALA G 128 23.87 27.93 -11.01
CA ALA G 128 24.01 28.62 -9.73
C ALA G 128 23.85 27.63 -8.56
N LEU G 129 22.81 26.82 -8.59
CA LEU G 129 22.56 25.91 -7.46
C LEU G 129 23.57 24.77 -7.35
N LEU G 130 24.00 24.22 -8.49
CA LEU G 130 24.97 23.13 -8.45
C LEU G 130 26.31 23.62 -7.95
N SER G 131 26.62 24.90 -8.20
CA SER G 131 27.92 25.44 -7.82
C SER G 131 28.09 25.60 -6.28
N ARG G 132 26.99 25.48 -5.55
CA ARG G 132 26.98 25.51 -4.09
C ARG G 132 27.42 24.22 -3.37
N TRP G 133 27.58 23.12 -4.10
CA TRP G 133 27.99 21.85 -3.55
C TRP G 133 29.50 21.79 -3.64
N PRO G 134 30.19 21.67 -2.49
CA PRO G 134 31.66 21.74 -2.48
C PRO G 134 32.35 20.71 -3.36
N GLU G 135 31.73 19.58 -3.65
CA GLU G 135 32.34 18.56 -4.54
C GLU G 135 32.43 19.04 -6.00
N HIS G 136 31.67 20.06 -6.37
CA HIS G 136 31.60 20.51 -7.74
C HIS G 136 31.26 21.99 -7.88
N ARG G 137 32.16 22.83 -7.40
CA ARG G 137 31.95 24.26 -7.36
C ARG G 137 32.12 24.97 -8.71
N HIS G 138 32.90 24.38 -9.61
CA HIS G 138 33.22 25.00 -10.88
C HIS G 138 32.29 24.43 -11.95
N VAL G 139 31.28 25.22 -12.31
CA VAL G 139 30.26 24.80 -13.21
C VAL G 139 30.23 25.77 -14.38
N GLU G 140 30.53 25.28 -15.59
CA GLU G 140 30.51 26.13 -16.78
C GLU G 140 29.24 25.88 -17.55
N LEU G 141 28.87 26.86 -18.37
CA LEU G 141 27.65 26.87 -19.14
C LEU G 141 27.97 27.28 -20.58
N ILE G 142 27.67 26.41 -21.53
CA ILE G 142 27.93 26.66 -22.95
C ILE G 142 26.63 26.41 -23.66
N THR G 143 26.21 27.31 -24.54
CA THR G 143 24.99 27.06 -25.32
C THR G 143 25.40 26.65 -26.70
N THR G 144 24.56 25.88 -27.38
CA THR G 144 24.87 25.43 -28.74
C THR G 144 24.60 26.52 -29.80
N ASP G 145 23.89 27.59 -29.42
CA ASP G 145 23.72 28.76 -30.28
C ASP G 145 25.05 29.20 -30.91
N GLY G 146 26.12 29.17 -30.12
CA GLY G 146 27.44 29.56 -30.58
C GLY G 146 27.99 28.72 -31.72
N PHE G 147 27.47 27.50 -31.87
CA PHE G 147 27.88 26.60 -32.96
C PHE G 147 27.03 26.73 -34.21
N LEU G 148 26.05 27.64 -34.21
CA LEU G 148 25.41 27.98 -35.47
C LEU G 148 26.44 28.44 -36.50
N HIS G 149 26.19 28.13 -37.76
CA HIS G 149 26.96 28.76 -38.85
C HIS G 149 26.76 30.28 -38.75
N PRO G 150 27.83 31.05 -38.99
CA PRO G 150 27.60 32.49 -38.95
C PRO G 150 26.59 32.92 -40.01
N ASN G 151 25.99 34.09 -39.80
CA ASN G 151 25.00 34.61 -40.73
C ASN G 151 25.49 34.66 -42.18
N SER G 152 26.74 35.04 -42.40
CA SER G 152 27.23 35.14 -43.78
C SER G 152 27.09 33.78 -44.47
N VAL G 153 27.37 32.70 -43.74
CA VAL G 153 27.27 31.34 -44.29
C VAL G 153 25.80 30.97 -44.49
N LEU G 154 25.02 31.14 -43.43
CA LEU G 154 23.58 30.89 -43.50
C LEU G 154 22.94 31.61 -44.70
N LYS G 155 23.23 32.89 -44.87
CA LYS G 155 22.77 33.67 -46.03
C LYS G 155 23.18 33.00 -47.33
N GLU G 156 24.46 32.64 -47.46
CA GLU G 156 24.93 31.91 -48.65
C GLU G 156 24.11 30.65 -48.93
N ARG G 157 23.69 29.94 -47.88
CA ARG G 157 22.96 28.69 -48.09
C ARG G 157 21.46 28.86 -48.08
N GLY G 158 20.98 30.11 -47.96
CA GLY G 158 19.55 30.35 -47.83
C GLY G 158 18.93 29.79 -46.55
N LEU G 159 19.66 29.89 -45.45
CA LEU G 159 19.25 29.28 -44.17
C LEU G 159 18.94 30.28 -43.07
N MET G 160 18.83 31.57 -43.39
CA MET G 160 18.57 32.56 -42.35
C MET G 160 17.25 32.34 -41.64
N LYS G 161 16.24 31.79 -42.32
CA LYS G 161 14.99 31.42 -41.67
C LYS G 161 14.93 29.95 -41.25
N LYS G 162 16.09 29.35 -41.04
CA LYS G 162 16.18 27.99 -40.59
C LYS G 162 17.16 27.90 -39.44
N LYS G 163 17.40 29.01 -38.75
CA LYS G 163 18.23 28.95 -37.57
C LYS G 163 17.59 27.99 -36.57
N GLY G 164 18.42 27.06 -36.10
CA GLY G 164 18.00 26.05 -35.14
C GLY G 164 17.76 24.72 -35.81
N PHE G 165 17.58 24.72 -37.13
CA PHE G 165 17.37 23.48 -37.86
C PHE G 165 18.75 22.84 -38.01
N PRO G 166 18.77 21.53 -38.24
CA PRO G 166 20.11 20.85 -38.30
C PRO G 166 21.10 21.45 -39.30
N GLN G 167 20.62 21.80 -40.49
CA GLN G 167 21.52 22.43 -41.50
C GLN G 167 22.14 23.75 -41.06
N SER G 168 21.59 24.40 -40.03
CA SER G 168 22.13 25.66 -39.53
C SER G 168 23.28 25.55 -38.56
N TYR G 169 23.54 24.33 -38.05
CA TYR G 169 24.63 24.13 -37.10
C TYR G 169 25.91 23.59 -37.73
N ASP G 170 27.05 24.06 -37.23
CA ASP G 170 28.34 23.38 -37.41
C ASP G 170 28.40 22.20 -36.43
N MET G 171 27.69 21.12 -36.75
CA MET G 171 27.44 20.06 -35.79
C MET G 171 28.74 19.29 -35.49
N HIS G 172 29.57 19.06 -36.51
CA HIS G 172 30.89 18.42 -36.27
C HIS G 172 31.69 19.17 -35.23
N ARG G 173 31.68 20.50 -35.28
CA ARG G 173 32.45 21.29 -34.31
C ARG G 173 31.90 21.17 -32.87
N LEU G 174 30.59 21.03 -32.75
CA LEU G 174 29.97 20.82 -31.44
C LEU G 174 30.34 19.43 -30.86
N VAL G 175 30.23 18.38 -31.66
CA VAL G 175 30.65 17.04 -31.26
C VAL G 175 32.12 17.09 -30.84
N LYS G 176 32.95 17.75 -31.64
CA LYS G 176 34.35 17.87 -31.31
C LYS G 176 34.60 18.59 -29.97
N PHE G 177 33.80 19.60 -29.65
CA PHE G 177 34.01 20.34 -28.41
C PHE G 177 33.80 19.41 -27.22
N VAL G 178 32.68 18.70 -27.20
CA VAL G 178 32.40 17.78 -26.07
C VAL G 178 33.33 16.56 -26.07
N SER G 179 33.69 16.07 -27.25
CA SER G 179 34.68 15.00 -27.37
C SER G 179 36.02 15.42 -26.74
N ASP G 180 36.48 16.62 -27.09
CA ASP G 180 37.66 17.20 -26.44
C ASP G 180 37.56 17.30 -24.91
N LEU G 181 36.44 17.81 -24.39
CA LEU G 181 36.28 17.86 -22.95
C LEU G 181 36.37 16.46 -22.36
N LYS G 182 35.76 15.49 -23.04
CA LYS G 182 35.76 14.10 -22.58
C LYS G 182 37.07 13.39 -22.88
N SER G 183 38.01 14.08 -23.51
CA SER G 183 39.38 13.58 -23.74
C SER G 183 40.36 14.10 -22.69
N GLY G 184 39.86 14.95 -21.81
CA GLY G 184 40.70 15.52 -20.76
C GLY G 184 41.61 16.66 -21.21
N VAL G 185 41.28 17.35 -22.32
CA VAL G 185 42.10 18.51 -22.73
C VAL G 185 42.07 19.56 -21.62
N PRO G 186 43.21 20.27 -21.39
CA PRO G 186 43.21 21.22 -20.27
C PRO G 186 42.29 22.41 -20.51
N GLN G 187 42.09 22.76 -21.77
CA GLN G 187 41.17 23.81 -22.11
C GLN G 187 40.59 23.56 -23.49
N ALA G 188 39.34 23.92 -23.67
CA ALA G 188 38.68 23.84 -24.97
C ALA G 188 37.96 25.14 -25.21
N THR G 189 37.80 25.46 -26.48
CA THR G 189 37.33 26.77 -26.91
C THR G 189 36.02 26.61 -27.67
N ALA G 190 35.03 27.40 -27.30
CA ALA G 190 33.75 27.38 -28.01
C ALA G 190 33.40 28.75 -28.59
N PRO G 191 32.80 28.77 -29.78
CA PRO G 191 32.32 30.02 -30.35
C PRO G 191 31.12 30.53 -29.56
N VAL G 192 30.90 31.84 -29.60
CA VAL G 192 29.89 32.47 -28.78
C VAL G 192 28.90 33.21 -29.69
N TYR G 193 27.62 33.10 -29.37
CA TYR G 193 26.57 33.75 -30.15
C TYR G 193 26.15 35.03 -29.45
N SER G 194 25.98 36.10 -30.22
CA SER G 194 25.54 37.40 -29.69
C SER G 194 24.03 37.47 -29.76
N HIS G 195 23.39 37.58 -28.60
CA HIS G 195 21.96 37.85 -28.55
C HIS G 195 21.59 39.33 -28.81
N LEU G 196 22.60 40.20 -28.85
CA LEU G 196 22.42 41.58 -29.31
C LEU G 196 22.20 41.62 -30.83
N ILE G 197 23.12 41.03 -31.60
CA ILE G 197 23.02 41.05 -33.08
C ILE G 197 22.53 39.75 -33.71
N TYR G 198 22.25 38.73 -32.89
CA TYR G 198 21.85 37.40 -33.42
C TYR G 198 22.76 36.92 -34.53
N ASP G 199 24.02 36.80 -34.17
CA ASP G 199 25.06 36.25 -35.04
C ASP G 199 26.16 35.76 -34.12
N VAL G 200 27.01 34.91 -34.67
CA VAL G 200 28.18 34.41 -33.96
C VAL G 200 29.17 35.58 -33.86
N ILE G 201 29.71 35.83 -32.67
CA ILE G 201 30.70 36.89 -32.48
C ILE G 201 32.03 36.49 -33.13
N PRO G 202 32.51 37.28 -34.12
CA PRO G 202 33.74 36.89 -34.86
C PRO G 202 34.95 36.55 -33.99
N ASP G 203 35.24 37.36 -32.97
CA ASP G 203 36.41 37.11 -32.13
C ASP G 203 35.99 36.97 -30.66
N GLY G 204 34.97 36.16 -30.42
CA GLY G 204 34.35 36.08 -29.09
C GLY G 204 34.42 34.72 -28.43
N ASP G 205 35.34 33.87 -28.88
CA ASP G 205 35.46 32.49 -28.41
C ASP G 205 35.71 32.37 -26.89
N LYS G 206 34.92 31.52 -26.24
CA LYS G 206 35.03 31.31 -24.81
C LYS G 206 35.90 30.08 -24.55
N THR G 207 36.87 30.23 -23.64
CA THR G 207 37.73 29.12 -23.24
C THR G 207 37.27 28.50 -21.93
N VAL G 208 37.05 27.21 -21.98
CA VAL G 208 36.64 26.43 -20.83
C VAL G 208 37.86 25.67 -20.33
N ALA G 209 38.08 25.61 -19.01
CA ALA G 209 39.29 24.98 -18.46
C ALA G 209 39.00 23.90 -17.40
N GLN G 210 38.77 22.67 -17.84
CA GLN G 210 38.46 21.56 -16.93
C GLN G 210 37.58 21.93 -15.69
N PRO G 211 36.36 22.40 -15.94
CA PRO G 211 35.39 22.58 -14.85
C PRO G 211 34.99 21.24 -14.24
N ASP G 212 34.38 21.25 -13.06
CA ASP G 212 33.81 20.03 -12.46
C ASP G 212 32.62 19.56 -13.29
N ILE G 213 31.82 20.52 -13.72
CA ILE G 213 30.61 20.24 -14.48
C ILE G 213 30.50 21.22 -15.62
N LEU G 214 30.03 20.74 -16.77
CA LEU G 214 29.72 21.62 -17.85
C LEU G 214 28.27 21.37 -18.21
N ILE G 215 27.49 22.44 -18.27
CA ILE G 215 26.12 22.37 -18.70
C ILE G 215 26.11 22.85 -20.16
N LEU G 216 25.56 22.01 -21.02
CA LEU G 216 25.50 22.25 -22.45
C LEU G 216 24.04 22.42 -22.79
N GLU G 217 23.68 23.66 -23.11
CA GLU G 217 22.29 24.01 -23.32
C GLU G 217 21.95 24.20 -24.80
N GLY G 218 20.93 23.50 -25.29
CA GLY G 218 20.48 23.78 -26.65
C GLY G 218 19.47 22.79 -27.16
N LEU G 219 18.71 23.22 -28.16
CA LEU G 219 17.61 22.40 -28.64
C LEU G 219 18.09 21.10 -29.27
N ASN G 220 19.35 21.05 -29.71
CA ASN G 220 19.84 19.95 -30.56
C ASN G 220 20.73 18.92 -29.83
N VAL G 221 20.81 19.01 -28.50
CA VAL G 221 21.77 18.18 -27.76
C VAL G 221 21.40 16.70 -27.71
N LEU G 222 20.16 16.34 -28.05
CA LEU G 222 19.78 14.92 -28.15
C LEU G 222 19.68 14.42 -29.58
N GLN G 223 20.08 15.26 -30.52
CA GLN G 223 20.07 14.89 -31.93
C GLN G 223 21.25 14.00 -32.26
N SER G 224 21.12 13.29 -33.36
CA SER G 224 22.19 12.38 -33.79
C SER G 224 22.35 12.45 -35.30
N GLY G 225 23.20 11.58 -35.84
CA GLY G 225 23.52 11.53 -37.26
C GLY G 225 22.31 11.44 -38.17
N MET G 226 21.25 10.78 -37.71
CA MET G 226 20.04 10.66 -38.47
C MET G 226 19.39 12.02 -38.77
N ASP G 227 19.65 13.00 -37.92
CA ASP G 227 19.11 14.34 -38.07
C ASP G 227 19.96 15.17 -39.00
N TYR G 228 21.14 14.66 -39.36
CA TYR G 228 22.09 15.40 -40.20
C TYR G 228 22.51 14.60 -41.48
N PRO G 229 21.53 14.08 -42.25
CA PRO G 229 21.81 13.28 -43.45
C PRO G 229 22.56 14.05 -44.54
N HIS G 230 22.47 15.38 -44.52
CA HIS G 230 23.24 16.23 -45.43
C HIS G 230 24.74 16.23 -45.15
N ASP G 231 25.13 15.79 -43.95
CA ASP G 231 26.52 15.76 -43.57
C ASP G 231 26.58 14.91 -42.29
N PRO G 232 26.49 13.57 -42.41
CA PRO G 232 26.34 12.69 -41.24
C PRO G 232 27.52 12.69 -40.27
N HIS G 233 27.22 12.48 -38.99
CA HIS G 233 28.29 12.22 -38.02
C HIS G 233 27.92 10.92 -37.31
N HIS G 234 28.92 10.19 -36.82
CA HIS G 234 28.71 8.80 -36.38
C HIS G 234 28.98 8.57 -34.87
N VAL G 235 29.44 9.60 -34.18
CA VAL G 235 29.49 9.64 -32.73
C VAL G 235 28.73 10.92 -32.36
N PHE G 236 27.81 10.80 -31.41
CA PHE G 236 26.85 11.87 -31.14
C PHE G 236 27.17 12.72 -29.92
N VAL G 237 26.57 13.90 -29.85
CA VAL G 237 26.77 14.77 -28.68
C VAL G 237 26.47 13.96 -27.41
N SER G 238 25.38 13.21 -27.43
CA SER G 238 24.96 12.42 -26.28
C SER G 238 25.97 11.36 -25.84
N ASP G 239 26.83 10.93 -26.75
CA ASP G 239 27.87 9.94 -26.42
C ASP G 239 28.96 10.52 -25.52
N PHE G 240 28.94 11.84 -25.35
CA PHE G 240 29.85 12.60 -24.49
C PHE G 240 29.10 13.36 -23.39
N VAL G 241 27.83 13.01 -23.19
CA VAL G 241 27.01 13.62 -22.14
C VAL G 241 26.66 12.57 -21.08
N ASP G 242 26.80 12.97 -19.83
CA ASP G 242 26.50 12.09 -18.69
C ASP G 242 25.05 12.02 -18.32
N PHE G 243 24.38 13.15 -18.39
CA PHE G 243 23.00 13.28 -17.93
C PHE G 243 22.34 14.34 -18.78
N SER G 244 21.20 14.02 -19.40
CA SER G 244 20.46 14.95 -20.23
C SER G 244 19.06 15.24 -19.70
N ILE G 245 18.65 16.50 -19.79
CA ILE G 245 17.34 16.94 -19.36
C ILE G 245 16.62 17.47 -20.59
N TYR G 246 15.41 16.99 -20.82
CA TYR G 246 14.53 17.60 -21.83
C TYR G 246 13.44 18.40 -21.12
N VAL G 247 13.39 19.70 -21.37
CA VAL G 247 12.35 20.54 -20.77
C VAL G 247 11.18 20.56 -21.76
N ASP G 248 10.03 20.09 -21.28
CA ASP G 248 8.88 19.85 -22.11
C ASP G 248 7.70 20.78 -21.74
N ALA G 249 6.91 21.15 -22.75
CA ALA G 249 5.69 21.94 -22.54
C ALA G 249 4.79 21.78 -23.74
N PRO G 250 3.45 21.91 -23.53
CA PRO G 250 2.58 21.88 -24.69
C PRO G 250 2.81 23.07 -25.66
N GLU G 251 2.50 22.78 -26.90
CA GLU G 251 2.58 23.71 -28.04
C GLU G 251 1.96 25.11 -27.76
N GLU G 252 0.73 25.14 -27.24
CA GLU G 252 0.04 26.42 -26.98
C GLU G 252 0.81 27.28 -25.99
N LEU G 253 1.37 26.65 -24.96
CA LEU G 253 2.15 27.40 -23.99
C LEU G 253 3.46 27.90 -24.57
N LEU G 254 4.16 27.05 -25.32
CA LEU G 254 5.42 27.45 -25.94
C LEU G 254 5.23 28.71 -26.83
N LYS G 255 4.21 28.65 -27.68
CA LYS G 255 3.81 29.78 -28.51
C LYS G 255 3.63 31.06 -27.68
N SER G 256 2.77 31.02 -26.66
CA SER G 256 2.56 32.21 -25.81
C SER G 256 3.87 32.70 -25.20
N TRP G 257 4.75 31.79 -24.79
CA TRP G 257 6.02 32.23 -24.17
C TRP G 257 6.97 32.84 -25.21
N TYR G 258 7.00 32.23 -26.38
CA TYR G 258 7.76 32.80 -27.50
C TYR G 258 7.28 34.21 -27.84
N ILE G 259 5.97 34.38 -27.99
CA ILE G 259 5.39 35.72 -28.34
C ILE G 259 5.70 36.73 -27.25
N ASN G 260 5.51 36.35 -25.97
CA ASN G 260 5.81 37.26 -24.87
C ASN G 260 7.28 37.63 -24.82
N ARG G 261 8.18 36.69 -25.12
CA ARG G 261 9.62 37.01 -25.09
C ARG G 261 9.98 37.99 -26.22
N PHE G 262 9.42 37.74 -27.38
CA PHE G 262 9.60 38.59 -28.57
C PHE G 262 9.21 40.05 -28.23
N LEU G 263 8.01 40.21 -27.64
CA LEU G 263 7.52 41.51 -27.18
C LEU G 263 8.45 42.14 -26.17
N LYS G 264 8.93 41.36 -25.20
CA LYS G 264 9.93 41.89 -24.26
C LYS G 264 11.21 42.30 -24.95
N PHE G 265 11.64 41.55 -25.96
CA PHE G 265 12.87 41.92 -26.65
C PHE G 265 12.66 43.25 -27.43
N ARG G 266 11.50 43.39 -28.05
CA ARG G 266 11.15 44.60 -28.81
C ARG G 266 11.28 45.81 -27.87
N GLU G 267 10.55 45.72 -26.76
CA GLU G 267 10.53 46.81 -25.77
C GLU G 267 11.94 47.07 -25.25
N GLY G 268 12.65 45.99 -24.93
CA GLY G 268 14.05 46.11 -24.51
C GLY G 268 14.98 46.82 -25.48
N ALA G 269 14.65 46.82 -26.78
CA ALA G 269 15.57 47.43 -27.76
C ALA G 269 15.15 48.82 -28.24
N PHE G 270 14.07 49.35 -27.71
CA PHE G 270 13.60 50.72 -28.09
C PHE G 270 14.73 51.70 -28.13
N THR G 271 15.57 51.65 -27.10
CA THR G 271 16.64 52.62 -26.96
C THR G 271 18.03 52.02 -27.18
N ASP G 272 18.14 50.99 -28.02
CA ASP G 272 19.45 50.44 -28.37
C ASP G 272 19.53 50.19 -29.87
N PRO G 273 20.00 51.18 -30.63
CA PRO G 273 20.08 51.04 -32.08
C PRO G 273 21.09 49.99 -32.57
N ASP G 274 21.94 49.47 -31.70
CA ASP G 274 22.83 48.36 -32.08
C ASP G 274 22.15 47.00 -32.01
N SER G 275 20.93 46.94 -31.48
CA SER G 275 20.22 45.67 -31.29
C SER G 275 19.43 45.28 -32.52
N TYR G 276 19.51 43.99 -32.85
CA TYR G 276 18.67 43.39 -33.90
C TYR G 276 17.20 43.75 -33.74
N PHE G 277 16.72 43.88 -32.50
CA PHE G 277 15.30 44.14 -32.28
C PHE G 277 14.95 45.63 -32.37
N HIS G 278 15.92 46.49 -32.63
CA HIS G 278 15.67 47.94 -32.60
C HIS G 278 14.53 48.37 -33.55
N ASN G 279 14.58 47.93 -34.81
CA ASN G 279 13.56 48.35 -35.78
C ASN G 279 12.17 47.83 -35.49
N TYR G 280 12.05 46.84 -34.59
CA TYR G 280 10.77 46.27 -34.28
C TYR G 280 9.84 47.28 -33.55
N ALA G 281 10.42 48.40 -33.09
CA ALA G 281 9.62 49.49 -32.54
C ALA G 281 8.69 50.04 -33.60
N LYS G 282 9.02 49.87 -34.89
CA LYS G 282 8.15 50.36 -35.98
C LYS G 282 6.95 49.47 -36.26
N LEU G 283 6.93 48.28 -35.67
CA LEU G 283 5.70 47.49 -35.65
C LEU G 283 4.85 48.06 -34.52
N SER G 284 3.55 48.10 -34.70
CA SER G 284 2.66 48.25 -33.56
C SER G 284 2.73 46.97 -32.74
N LYS G 285 2.18 47.02 -31.53
CA LYS G 285 2.23 45.87 -30.64
C LYS G 285 1.44 44.71 -31.26
N GLU G 286 0.33 45.01 -31.96
CA GLU G 286 -0.44 43.98 -32.67
C GLU G 286 0.30 43.35 -33.87
N GLU G 287 0.97 44.18 -34.65
CA GLU G 287 1.79 43.69 -35.74
C GLU G 287 2.91 42.81 -35.17
N ALA G 288 3.51 43.23 -34.07
CA ALA G 288 4.58 42.44 -33.47
C ALA G 288 4.10 41.04 -33.02
N VAL G 289 2.93 40.95 -32.42
CA VAL G 289 2.31 39.64 -32.12
C VAL G 289 2.15 38.80 -33.38
N ASP G 290 1.65 39.41 -34.47
CA ASP G 290 1.52 38.69 -35.74
C ASP G 290 2.84 38.24 -36.37
N ILE G 291 3.86 39.09 -36.37
CA ILE G 291 5.18 38.67 -36.81
C ILE G 291 5.72 37.49 -35.94
N ALA G 292 5.70 37.65 -34.63
CA ALA G 292 6.11 36.56 -33.71
C ALA G 292 5.37 35.27 -34.01
N THR G 293 4.07 35.36 -34.27
CA THR G 293 3.22 34.23 -34.54
C THR G 293 3.65 33.55 -35.86
N SER G 294 3.86 34.34 -36.91
CA SER G 294 4.42 33.80 -38.14
C SER G 294 5.76 33.09 -37.94
N LEU G 295 6.70 33.69 -37.21
CA LEU G 295 7.98 33.07 -36.95
C LEU G 295 7.81 31.77 -36.14
N TRP G 296 6.93 31.80 -35.14
CA TRP G 296 6.65 30.61 -34.39
C TRP G 296 6.12 29.52 -35.32
N ASN G 297 5.04 29.83 -36.04
CA ASN G 297 4.39 28.79 -36.83
C ASN G 297 5.28 28.25 -37.94
N GLU G 298 5.99 29.13 -38.63
CA GLU G 298 6.69 28.71 -39.84
C GLU G 298 8.03 28.09 -39.54
N ILE G 299 8.74 28.60 -38.52
CA ILE G 299 10.09 28.17 -38.20
C ILE G 299 10.16 27.26 -36.97
N ASN G 300 9.89 27.81 -35.78
CA ASN G 300 10.12 27.08 -34.52
C ASN G 300 9.19 25.92 -34.23
N LEU G 301 7.94 26.02 -34.67
CA LEU G 301 7.01 24.92 -34.48
C LEU G 301 7.35 23.76 -35.42
N MET G 302 7.71 24.06 -36.66
CA MET G 302 8.08 23.03 -37.60
C MET G 302 9.34 22.31 -37.05
N ASN G 303 10.31 23.07 -36.59
CA ASN G 303 11.54 22.52 -35.99
C ASN G 303 11.23 21.60 -34.81
N LEU G 304 10.29 22.04 -33.95
CA LEU G 304 9.83 21.25 -32.82
C LEU G 304 9.30 19.90 -33.25
N LYS G 305 8.34 19.90 -34.18
CA LYS G 305 7.68 18.67 -34.60
C LYS G 305 8.61 17.73 -35.35
N GLU G 306 9.47 18.29 -36.20
CA GLU G 306 10.31 17.50 -37.09
C GLU G 306 11.62 17.10 -36.43
N ASN G 307 12.22 18.00 -35.68
CA ASN G 307 13.57 17.76 -35.21
C ASN G 307 13.81 17.68 -33.70
N ILE G 308 12.98 18.31 -32.88
CA ILE G 308 13.30 18.44 -31.43
C ILE G 308 12.55 17.40 -30.60
N LEU G 309 11.23 17.39 -30.76
CA LEU G 309 10.36 16.57 -29.96
C LEU G 309 10.59 15.08 -30.16
N PRO G 310 10.89 14.64 -31.40
CA PRO G 310 11.18 13.20 -31.53
C PRO G 310 12.41 12.73 -30.74
N THR G 311 13.24 13.66 -30.22
CA THR G 311 14.43 13.28 -29.42
C THR G 311 14.15 13.18 -27.93
N ARG G 312 12.94 13.56 -27.49
CA ARG G 312 12.60 13.70 -26.09
C ARG G 312 12.90 12.42 -25.26
N GLU G 313 12.59 11.24 -25.82
CA GLU G 313 12.72 10.00 -25.07
C GLU G 313 14.18 9.52 -25.02
N ARG G 314 15.10 10.31 -25.55
CA ARG G 314 16.51 10.04 -25.35
C ARG G 314 17.06 10.67 -24.08
N ALA G 315 16.26 11.48 -23.38
CA ALA G 315 16.72 12.21 -22.23
C ALA G 315 16.77 11.30 -20.99
N SER G 316 17.73 11.57 -20.10
CA SER G 316 17.79 10.95 -18.77
C SER G 316 16.57 11.30 -17.95
N LEU G 317 16.12 12.55 -18.12
CA LEU G 317 15.09 13.16 -17.31
C LEU G 317 14.26 14.11 -18.19
N ILE G 318 12.94 14.04 -18.04
CA ILE G 318 12.02 14.92 -18.75
C ILE G 318 11.26 15.73 -17.68
N MET G 319 11.38 17.05 -17.76
CA MET G 319 10.79 17.97 -16.81
C MET G 319 9.68 18.71 -17.58
N THR G 320 8.44 18.55 -17.13
CA THR G 320 7.31 19.12 -17.82
C THR G 320 6.74 20.35 -17.15
N LYS G 321 6.59 21.42 -17.92
CA LYS G 321 6.07 22.71 -17.46
C LYS G 321 4.60 22.95 -17.83
N SER G 322 3.92 23.74 -17.02
CA SER G 322 2.53 24.12 -17.23
C SER G 322 2.47 25.64 -17.25
N ALA G 323 1.25 26.17 -17.11
CA ALA G 323 1.01 27.60 -17.06
C ALA G 323 1.88 28.29 -16.03
N ASN G 324 2.31 29.51 -16.35
CA ASN G 324 3.20 30.30 -15.52
C ASN G 324 4.54 29.67 -15.24
N HIS G 325 4.94 28.72 -16.08
CA HIS G 325 6.24 28.06 -16.02
C HIS G 325 6.40 27.08 -14.89
N SER G 326 5.33 26.84 -14.14
CA SER G 326 5.37 25.85 -13.04
C SER G 326 5.72 24.46 -13.55
N VAL G 327 6.70 23.83 -12.90
CA VAL G 327 7.01 22.44 -13.24
C VAL G 327 6.02 21.49 -12.55
N ASN G 328 5.33 20.69 -13.36
CA ASN G 328 4.26 19.82 -12.94
C ASN G 328 4.64 18.36 -12.81
N GLN G 329 5.71 17.95 -13.47
CA GLN G 329 6.06 16.55 -13.56
C GLN G 329 7.52 16.38 -13.88
N VAL G 330 8.12 15.40 -13.23
CA VAL G 330 9.49 15.00 -13.48
C VAL G 330 9.54 13.47 -13.67
N ARG G 331 10.11 13.07 -14.81
CA ARG G 331 10.33 11.68 -15.15
C ARG G 331 11.83 11.42 -15.29
N LEU G 332 12.27 10.32 -14.70
CA LEU G 332 13.68 10.00 -14.57
C LEU G 332 13.88 8.58 -15.07
N ARG G 333 14.85 8.37 -15.94
CA ARG G 333 15.14 7.04 -16.41
C ARG G 333 15.38 6.07 -15.23
N LYS G 334 14.75 4.89 -15.30
CA LYS G 334 14.87 3.90 -14.21
C LYS G 334 16.23 3.22 -14.25
N LEU H 26 47.69 13.17 -30.05
CA LEU H 26 47.06 13.98 -28.95
C LEU H 26 45.98 13.16 -28.19
N MET H 27 45.15 13.84 -27.41
CA MET H 27 44.23 13.21 -26.46
C MET H 27 42.95 12.75 -27.14
N THR H 28 42.44 11.60 -26.73
CA THR H 28 41.18 11.08 -27.24
C THR H 28 40.28 10.75 -26.06
N PRO H 29 39.02 10.44 -26.33
CA PRO H 29 38.10 10.10 -25.26
C PRO H 29 38.37 8.76 -24.58
N TYR H 30 39.45 8.06 -24.95
CA TYR H 30 39.71 6.69 -24.49
C TYR H 30 41.03 6.61 -23.75
N LEU H 31 41.05 5.98 -22.58
CA LEU H 31 42.33 5.54 -21.95
C LEU H 31 42.78 4.30 -22.68
N GLN H 32 44.08 4.21 -22.96
CA GLN H 32 44.61 3.09 -23.69
C GLN H 32 45.44 2.16 -22.78
N PHE H 33 45.26 0.86 -23.00
CA PHE H 33 45.99 -0.18 -22.25
C PHE H 33 46.61 -1.15 -23.20
N ASN H 34 47.91 -1.39 -23.07
CA ASN H 34 48.46 -2.60 -23.69
C ASN H 34 48.10 -3.77 -22.79
N ARG H 35 48.42 -4.99 -23.23
CA ARG H 35 47.92 -6.16 -22.56
C ARG H 35 48.44 -6.32 -21.12
N HIS H 36 49.66 -5.87 -20.83
CA HIS H 36 50.19 -5.97 -19.48
C HIS H 36 49.71 -4.86 -18.57
N GLN H 37 49.48 -3.67 -19.10
CA GLN H 37 48.80 -2.63 -18.31
C GLN H 37 47.39 -3.10 -17.94
N TRP H 38 46.74 -3.81 -18.86
CA TRP H 38 45.35 -4.29 -18.63
C TRP H 38 45.37 -5.44 -17.61
N ALA H 39 46.28 -6.37 -17.80
CA ALA H 39 46.40 -7.51 -16.87
C ALA H 39 46.78 -7.06 -15.47
N ALA H 40 47.41 -5.89 -15.37
CA ALA H 40 47.85 -5.38 -14.08
C ALA H 40 46.73 -4.77 -13.25
N LEU H 41 45.50 -4.74 -13.75
CA LEU H 41 44.41 -4.16 -12.99
C LEU H 41 44.22 -4.81 -11.63
N THR H 48 42.23 -15.71 -10.44
CA THR H 48 42.29 -17.19 -10.45
C THR H 48 40.91 -17.83 -10.35
N LEU H 49 40.78 -19.02 -10.93
CA LEU H 49 39.49 -19.68 -11.16
C LEU H 49 39.38 -21.09 -10.57
N THR H 50 38.16 -21.63 -10.48
CA THR H 50 37.94 -23.02 -10.07
C THR H 50 38.20 -23.97 -11.23
N GLU H 51 38.39 -25.25 -10.90
CA GLU H 51 38.44 -26.30 -11.92
C GLU H 51 37.17 -26.32 -12.76
N ASP H 52 36.02 -26.16 -12.09
CA ASP H 52 34.70 -26.21 -12.74
C ASP H 52 34.43 -24.97 -13.60
N GLU H 53 35.07 -23.86 -13.26
CA GLU H 53 34.98 -22.67 -14.06
C GLU H 53 35.86 -22.83 -15.29
N ILE H 54 37.04 -23.43 -15.09
CA ILE H 54 38.00 -23.71 -16.16
C ILE H 54 37.42 -24.70 -17.17
N THR H 55 36.76 -25.74 -16.67
CA THR H 55 36.17 -26.75 -17.55
C THR H 55 34.95 -26.18 -18.28
N ARG H 56 34.26 -25.22 -17.66
CA ARG H 56 33.16 -24.53 -18.35
C ARG H 56 33.71 -23.62 -19.47
N LEU H 57 34.82 -22.94 -19.22
CA LEU H 57 35.42 -22.07 -20.23
C LEU H 57 36.02 -22.84 -21.40
N LYS H 58 36.60 -24.00 -21.12
CA LYS H 58 37.05 -24.90 -22.17
C LYS H 58 35.86 -25.38 -22.99
N GLY H 59 34.74 -25.63 -22.32
CA GLY H 59 33.51 -26.02 -22.98
C GLY H 59 32.85 -24.92 -23.81
N ILE H 60 33.10 -23.66 -23.46
CA ILE H 60 32.59 -22.54 -24.27
C ILE H 60 33.37 -22.46 -25.56
N ASN H 61 34.70 -22.47 -25.44
CA ASN H 61 35.57 -22.49 -26.61
C ASN H 61 36.89 -23.23 -26.33
N GLU H 62 37.05 -24.41 -26.91
CA GLU H 62 38.27 -25.20 -26.70
C GLU H 62 39.53 -24.45 -27.12
N ASP H 63 39.40 -23.52 -28.07
CA ASP H 63 40.54 -22.74 -28.56
C ASP H 63 40.92 -21.52 -27.73
N LEU H 64 40.11 -21.21 -26.73
CA LEU H 64 40.39 -20.09 -25.82
C LEU H 64 41.51 -20.43 -24.84
N SER H 65 42.60 -19.66 -24.79
CA SER H 65 43.70 -19.98 -23.88
C SER H 65 43.42 -19.46 -22.47
N LEU H 66 43.92 -20.16 -21.46
CA LEU H 66 43.68 -19.76 -20.07
C LEU H 66 44.54 -18.55 -19.70
N GLU H 67 45.70 -18.44 -20.35
CA GLU H 67 46.55 -17.25 -20.25
C GLU H 67 45.77 -15.98 -20.68
N GLU H 68 44.94 -16.11 -21.70
CA GLU H 68 44.11 -15.01 -22.21
C GLU H 68 42.94 -14.70 -21.25
N VAL H 69 42.31 -15.75 -20.76
CA VAL H 69 41.29 -15.61 -19.71
C VAL H 69 41.81 -14.83 -18.51
N ALA H 70 43.05 -15.12 -18.10
CA ALA H 70 43.64 -14.54 -16.91
C ALA H 70 44.12 -13.12 -17.13
N GLU H 71 44.67 -12.87 -18.30
CA GLU H 71 45.27 -11.59 -18.53
C GLU H 71 44.23 -10.58 -19.05
N ILE H 72 43.18 -11.07 -19.71
CA ILE H 72 42.28 -10.16 -20.43
C ILE H 72 40.87 -10.21 -19.88
N TYR H 73 40.27 -11.39 -19.82
CA TYR H 73 38.81 -11.48 -19.56
C TYR H 73 38.48 -11.43 -18.07
N LEU H 74 39.37 -11.93 -17.21
CA LEU H 74 39.17 -11.79 -15.77
C LEU H 74 39.20 -10.33 -15.33
N PRO H 75 40.23 -9.57 -15.70
CA PRO H 75 40.26 -8.12 -15.41
C PRO H 75 39.06 -7.35 -16.01
N LEU H 76 38.64 -7.72 -17.21
CA LEU H 76 37.45 -7.13 -17.83
C LEU H 76 36.23 -7.38 -16.96
N SER H 77 36.05 -8.62 -16.48
CA SER H 77 34.93 -8.95 -15.60
C SER H 77 34.99 -8.15 -14.31
N ARG H 78 36.20 -7.90 -13.78
CA ARG H 78 36.38 -7.08 -12.59
C ARG H 78 36.09 -5.62 -12.84
N LEU H 79 36.50 -5.11 -14.01
CA LEU H 79 36.18 -3.76 -14.38
C LEU H 79 34.67 -3.59 -14.44
N LEU H 80 33.96 -4.49 -15.11
CA LEU H 80 32.51 -4.40 -15.21
C LEU H 80 31.85 -4.49 -13.84
N ASN H 81 32.33 -5.40 -12.99
CA ASN H 81 31.80 -5.45 -11.63
C ASN H 81 31.91 -4.10 -10.89
N PHE H 82 33.04 -3.39 -10.99
CA PHE H 82 33.11 -2.02 -10.43
C PHE H 82 32.04 -1.12 -11.00
N TYR H 83 31.82 -1.15 -12.31
CA TYR H 83 30.77 -0.33 -12.94
C TYR H 83 29.38 -0.74 -12.43
N ILE H 84 29.15 -2.04 -12.33
CA ILE H 84 27.84 -2.51 -11.90
C ILE H 84 27.64 -2.14 -10.43
N SER H 85 28.68 -2.29 -9.62
CA SER H 85 28.55 -1.99 -8.20
C SER H 85 28.33 -0.50 -7.94
N SER H 86 29.01 0.35 -8.70
CA SER H 86 28.76 1.78 -8.60
C SER H 86 27.27 2.11 -8.92
N ASN H 87 26.75 1.48 -9.98
CA ASN H 87 25.34 1.62 -10.34
C ASN H 87 24.41 1.16 -9.20
N LEU H 88 24.70 0.01 -8.62
CA LEU H 88 23.89 -0.53 -7.50
C LEU H 88 23.96 0.35 -6.28
N ARG H 89 25.14 0.88 -5.97
CA ARG H 89 25.29 1.82 -4.87
C ARG H 89 24.44 3.09 -5.09
N ARG H 90 24.44 3.60 -6.32
CA ARG H 90 23.71 4.83 -6.62
C ARG H 90 22.21 4.57 -6.50
N GLN H 91 21.81 3.39 -6.94
CA GLN H 91 20.41 2.99 -6.84
C GLN H 91 19.89 2.89 -5.42
N ALA H 92 20.71 2.34 -4.53
CA ALA H 92 20.39 2.28 -3.11
C ALA H 92 20.25 3.68 -2.49
N VAL H 93 21.06 4.63 -2.96
CA VAL H 93 20.98 6.00 -2.48
C VAL H 93 19.68 6.65 -2.98
N LEU H 94 19.33 6.46 -4.24
CA LEU H 94 18.10 7.01 -4.80
C LEU H 94 16.87 6.42 -4.10
N GLU H 95 16.96 5.14 -3.73
CA GLU H 95 15.91 4.46 -2.97
C GLU H 95 15.56 5.15 -1.66
N GLN H 96 16.49 5.95 -1.13
CA GLN H 96 16.26 6.71 0.09
C GLN H 96 15.07 7.63 -0.06
N PHE H 97 14.85 8.18 -1.24
CA PHE H 97 13.68 9.02 -1.47
C PHE H 97 12.69 8.35 -2.43
N LEU H 98 13.17 7.51 -3.35
CA LEU H 98 12.26 6.78 -4.23
C LEU H 98 11.46 5.68 -3.51
N GLY H 99 11.98 5.18 -2.38
CA GLY H 99 11.38 4.00 -1.74
C GLY H 99 11.97 2.77 -2.39
N THR H 100 11.90 1.62 -1.70
CA THR H 100 12.53 0.37 -2.17
C THR H 100 11.55 -0.52 -2.95
N ASN H 101 10.38 0.00 -3.27
CA ASN H 101 9.35 -0.79 -3.97
C ASN H 101 9.49 -0.83 -5.49
N GLY H 102 10.27 0.08 -6.08
CA GLY H 102 10.52 0.06 -7.51
C GLY H 102 10.93 -1.33 -7.97
N GLN H 103 10.41 -1.77 -9.11
CA GLN H 103 10.81 -3.06 -9.68
C GLN H 103 12.26 -2.98 -10.21
N ARG H 104 12.97 -4.10 -10.16
CA ARG H 104 14.42 -4.09 -10.36
C ARG H 104 14.75 -4.06 -11.86
N ILE H 105 15.85 -3.38 -12.19
CA ILE H 105 16.21 -3.09 -13.58
C ILE H 105 17.55 -3.78 -13.89
N PRO H 106 17.59 -4.67 -14.88
CA PRO H 106 18.90 -5.27 -15.20
C PRO H 106 19.94 -4.25 -15.71
N TYR H 107 21.18 -4.49 -15.33
CA TYR H 107 22.33 -3.82 -15.92
C TYR H 107 22.57 -4.49 -17.29
N ILE H 108 22.65 -3.68 -18.35
CA ILE H 108 22.72 -4.24 -19.70
C ILE H 108 24.07 -3.94 -20.30
N ILE H 109 24.76 -5.02 -20.73
CA ILE H 109 26.04 -4.92 -21.39
C ILE H 109 25.81 -5.37 -22.85
N SER H 110 26.25 -4.57 -23.82
CA SER H 110 26.19 -4.97 -25.23
C SER H 110 27.57 -5.29 -25.77
N ILE H 111 27.60 -6.17 -26.78
CA ILE H 111 28.83 -6.59 -27.42
C ILE H 111 28.66 -6.52 -28.94
N ALA H 112 29.43 -5.62 -29.58
CA ALA H 112 29.39 -5.38 -31.02
C ALA H 112 30.69 -5.76 -31.71
N GLY H 113 30.64 -5.76 -33.04
CA GLY H 113 31.77 -6.12 -33.85
C GLY H 113 31.43 -6.90 -35.11
N SER H 114 32.44 -7.07 -35.96
CA SER H 114 32.31 -7.82 -37.20
C SER H 114 31.78 -9.20 -36.93
N VAL H 115 31.08 -9.72 -37.93
CA VAL H 115 30.92 -11.13 -38.07
C VAL H 115 32.29 -11.80 -37.88
N ALA H 116 32.31 -12.82 -37.04
CA ALA H 116 33.48 -13.69 -36.81
C ALA H 116 34.66 -13.08 -36.03
N VAL H 117 34.45 -11.95 -35.35
CA VAL H 117 35.47 -11.38 -34.52
C VAL H 117 35.55 -12.05 -33.17
N GLY H 118 34.50 -12.78 -32.78
CA GLY H 118 34.44 -13.42 -31.47
C GLY H 118 33.46 -12.82 -30.46
N LYS H 119 32.39 -12.22 -30.94
CA LYS H 119 31.36 -11.63 -30.06
C LYS H 119 30.73 -12.71 -29.16
N SER H 120 30.35 -13.81 -29.77
CA SER H 120 29.69 -14.89 -29.03
C SER H 120 30.61 -15.50 -27.97
N THR H 121 31.86 -15.74 -28.33
CA THR H 121 32.82 -16.23 -27.35
C THR H 121 32.99 -15.24 -26.20
N THR H 122 33.16 -13.95 -26.53
CA THR H 122 33.33 -12.93 -25.51
C THR H 122 32.10 -12.90 -24.63
N ALA H 123 30.92 -12.93 -25.25
CA ALA H 123 29.68 -12.83 -24.49
C ALA H 123 29.53 -14.00 -23.48
N ARG H 124 29.84 -15.20 -23.93
CA ARG H 124 29.65 -16.39 -23.12
C ARG H 124 30.70 -16.46 -22.01
N VAL H 125 31.94 -16.07 -22.31
CA VAL H 125 32.97 -15.94 -21.29
C VAL H 125 32.54 -14.94 -20.22
N LEU H 126 32.06 -13.77 -20.63
CA LEU H 126 31.68 -12.77 -19.65
C LEU H 126 30.47 -13.23 -18.84
N GLN H 127 29.54 -13.93 -19.48
CA GLN H 127 28.39 -14.47 -18.77
C GLN H 127 28.85 -15.40 -17.63
N ALA H 128 29.85 -16.23 -17.92
CA ALA H 128 30.37 -17.21 -16.96
C ALA H 128 31.13 -16.57 -15.82
N LEU H 129 31.99 -15.61 -16.15
CA LEU H 129 32.76 -14.89 -15.16
C LEU H 129 31.94 -13.94 -14.29
N LEU H 130 31.00 -13.19 -14.87
CA LEU H 130 30.21 -12.18 -14.09
C LEU H 130 29.33 -12.83 -13.04
N SER H 131 28.88 -14.06 -13.32
CA SER H 131 28.13 -14.88 -12.37
C SER H 131 28.85 -15.18 -11.05
N ARG H 132 30.16 -15.00 -11.00
CA ARG H 132 30.92 -15.31 -9.78
C ARG H 132 30.66 -14.32 -8.65
N TRP H 133 30.20 -13.12 -8.95
CA TRP H 133 29.96 -12.11 -7.90
C TRP H 133 28.61 -12.28 -7.20
N PRO H 134 28.62 -12.17 -5.86
CA PRO H 134 27.35 -12.26 -5.15
C PRO H 134 26.36 -11.13 -5.52
N GLU H 135 26.88 -9.92 -5.84
CA GLU H 135 26.04 -8.79 -6.31
C GLU H 135 25.22 -9.06 -7.58
N HIS H 136 25.67 -9.98 -8.42
CA HIS H 136 24.97 -10.24 -9.68
C HIS H 136 25.22 -11.65 -10.22
N ARG H 137 24.46 -12.59 -9.66
CA ARG H 137 24.63 -14.00 -9.92
C ARG H 137 23.83 -14.43 -11.14
N HIS H 138 22.73 -13.72 -11.42
CA HIS H 138 21.86 -14.09 -12.51
C HIS H 138 22.20 -13.23 -13.74
N VAL H 139 22.89 -13.86 -14.69
CA VAL H 139 23.36 -13.19 -15.89
C VAL H 139 22.75 -13.88 -17.10
N GLU H 140 21.92 -13.17 -17.87
CA GLU H 140 21.31 -13.72 -19.08
C GLU H 140 22.08 -13.25 -20.31
N LEU H 141 21.94 -14.01 -21.39
CA LEU H 141 22.57 -13.72 -22.67
C LEU H 141 21.52 -13.78 -23.77
N ILE H 142 21.39 -12.71 -24.54
CA ILE H 142 20.48 -12.68 -25.66
C ILE H 142 21.30 -12.20 -26.85
N THR H 143 21.15 -12.87 -28.00
CA THR H 143 21.83 -12.47 -29.24
C THR H 143 20.81 -11.77 -30.13
N THR H 144 21.27 -10.79 -30.90
CA THR H 144 20.35 -10.05 -31.80
C THR H 144 19.96 -10.84 -33.07
N ASP H 145 20.70 -11.92 -33.35
CA ASP H 145 20.35 -12.88 -34.42
C ASP H 145 18.86 -13.19 -34.42
N GLY H 146 18.30 -13.44 -33.24
CA GLY H 146 16.87 -13.79 -33.14
C GLY H 146 15.92 -12.74 -33.70
N PHE H 147 16.42 -11.50 -33.82
CA PHE H 147 15.57 -10.37 -34.20
C PHE H 147 15.64 -10.14 -35.71
N LEU H 148 16.41 -10.98 -36.41
CA LEU H 148 16.29 -11.05 -37.87
C LEU H 148 14.84 -11.37 -38.27
N HIS H 149 14.39 -10.77 -39.37
CA HIS H 149 13.13 -11.14 -39.98
C HIS H 149 13.26 -12.61 -40.41
N PRO H 150 12.21 -13.42 -40.18
CA PRO H 150 12.28 -14.83 -40.68
C PRO H 150 12.54 -14.93 -42.18
N ASN H 151 13.02 -16.08 -42.65
CA ASN H 151 13.42 -16.22 -44.07
C ASN H 151 12.25 -15.92 -45.02
N SER H 152 11.05 -16.35 -44.67
CA SER H 152 9.87 -16.08 -45.49
C SER H 152 9.69 -14.58 -45.75
N VAL H 153 9.94 -13.76 -44.72
CA VAL H 153 9.89 -12.30 -44.85
C VAL H 153 11.09 -11.76 -45.62
N LEU H 154 12.29 -12.29 -45.40
CA LEU H 154 13.47 -11.83 -46.16
C LEU H 154 13.32 -12.14 -47.66
N LYS H 155 12.70 -13.29 -47.95
CA LYS H 155 12.42 -13.75 -49.33
C LYS H 155 11.57 -12.72 -50.03
N GLU H 156 10.41 -12.41 -49.43
CA GLU H 156 9.49 -11.39 -49.98
C GLU H 156 10.23 -10.13 -50.37
N ARG H 157 11.17 -9.70 -49.53
CA ARG H 157 11.79 -8.38 -49.69
C ARG H 157 13.12 -8.44 -50.43
N GLY H 158 13.55 -9.64 -50.83
CA GLY H 158 14.78 -9.80 -51.64
C GLY H 158 16.06 -9.65 -50.85
N LEU H 159 15.99 -10.01 -49.58
CA LEU H 159 17.08 -9.74 -48.63
C LEU H 159 17.70 -11.03 -48.09
N MET H 160 17.48 -12.16 -48.77
CA MET H 160 17.97 -13.44 -48.25
C MET H 160 19.50 -13.49 -48.18
N LYS H 161 20.16 -12.68 -49.00
CA LYS H 161 21.59 -12.48 -48.96
C LYS H 161 22.00 -11.19 -48.24
N LYS H 162 21.15 -10.66 -47.37
CA LYS H 162 21.51 -9.45 -46.62
C LYS H 162 21.36 -9.65 -45.13
N LYS H 163 21.44 -10.91 -44.67
CA LYS H 163 21.32 -11.21 -43.25
C LYS H 163 22.44 -10.46 -42.55
N GLY H 164 22.08 -9.74 -41.50
CA GLY H 164 23.04 -8.94 -40.75
C GLY H 164 23.03 -7.48 -41.14
N PHE H 165 22.51 -7.16 -42.33
CA PHE H 165 22.37 -5.76 -42.74
C PHE H 165 21.15 -5.14 -42.04
N PRO H 166 21.10 -3.81 -41.95
CA PRO H 166 20.00 -3.16 -41.22
C PRO H 166 18.60 -3.60 -41.66
N GLN H 167 18.37 -3.63 -42.97
CA GLN H 167 17.06 -4.04 -43.47
C GLN H 167 16.65 -5.47 -43.11
N SER H 168 17.60 -6.34 -42.75
CA SER H 168 17.27 -7.70 -42.28
C SER H 168 16.76 -7.84 -40.85
N TYR H 169 16.85 -6.79 -40.04
CA TYR H 169 16.42 -6.85 -38.63
C TYR H 169 15.07 -6.19 -38.41
N ASP H 170 14.28 -6.82 -37.55
CA ASP H 170 13.09 -6.18 -36.98
C ASP H 170 13.66 -5.35 -35.83
N MET H 171 14.22 -4.21 -36.20
CA MET H 171 14.95 -3.36 -35.27
C MET H 171 14.02 -2.73 -34.23
N HIS H 172 12.80 -2.38 -34.63
CA HIS H 172 11.82 -1.86 -33.65
C HIS H 172 11.55 -2.86 -32.55
N ARG H 173 11.47 -4.14 -32.88
CA ARG H 173 11.25 -5.17 -31.86
C ARG H 173 12.43 -5.28 -30.91
N LEU H 174 13.65 -5.12 -31.44
CA LEU H 174 14.86 -5.22 -30.64
C LEU H 174 14.92 -4.04 -29.66
N VAL H 175 14.69 -2.84 -30.16
CA VAL H 175 14.65 -1.67 -29.30
C VAL H 175 13.57 -1.83 -28.20
N LYS H 176 12.41 -2.33 -28.57
CA LYS H 176 11.33 -2.54 -27.62
C LYS H 176 11.69 -3.57 -26.54
N PHE H 177 12.48 -4.57 -26.91
CA PHE H 177 12.89 -5.60 -25.96
C PHE H 177 13.76 -4.99 -24.86
N VAL H 178 14.83 -4.28 -25.26
CA VAL H 178 15.66 -3.62 -24.26
C VAL H 178 14.92 -2.50 -23.50
N SER H 179 14.06 -1.77 -24.20
CA SER H 179 13.19 -0.77 -23.57
C SER H 179 12.28 -1.35 -22.46
N ASP H 180 11.66 -2.49 -22.72
CA ASP H 180 10.82 -3.18 -21.71
C ASP H 180 11.67 -3.67 -20.52
N LEU H 181 12.85 -4.21 -20.78
CA LEU H 181 13.73 -4.59 -19.68
C LEU H 181 14.05 -3.36 -18.83
N LYS H 182 14.35 -2.25 -19.50
CA LYS H 182 14.65 -1.01 -18.78
C LYS H 182 13.40 -0.31 -18.28
N SER H 183 12.22 -0.89 -18.55
CA SER H 183 10.97 -0.38 -17.96
C SER H 183 10.60 -1.12 -16.67
N GLY H 184 11.36 -2.17 -16.36
CA GLY H 184 11.06 -3.01 -15.21
C GLY H 184 9.96 -4.05 -15.42
N VAL H 185 9.67 -4.42 -16.66
CA VAL H 185 8.68 -5.49 -16.86
C VAL H 185 9.17 -6.77 -16.16
N PRO H 186 8.23 -7.58 -15.63
CA PRO H 186 8.66 -8.82 -14.95
C PRO H 186 9.30 -9.81 -15.92
N GLN H 187 8.71 -9.94 -17.09
CA GLN H 187 9.18 -10.88 -18.10
C GLN H 187 9.26 -10.16 -19.42
N ALA H 188 10.30 -10.45 -20.17
CA ALA H 188 10.39 -10.00 -21.56
C ALA H 188 10.71 -11.21 -22.39
N THR H 189 10.20 -11.24 -23.61
CA THR H 189 10.41 -12.38 -24.47
C THR H 189 11.12 -11.99 -25.76
N ALA H 190 12.09 -12.81 -26.15
CA ALA H 190 12.89 -12.54 -27.33
C ALA H 190 12.77 -13.71 -28.31
N PRO H 191 12.71 -13.40 -29.61
CA PRO H 191 12.76 -14.46 -30.63
C PRO H 191 14.18 -15.03 -30.70
N VAL H 192 14.29 -16.27 -31.20
CA VAL H 192 15.52 -17.05 -31.15
C VAL H 192 15.82 -17.60 -32.55
N TYR H 193 17.07 -17.43 -32.97
CA TYR H 193 17.50 -17.85 -34.28
C TYR H 193 18.16 -19.23 -34.13
N SER H 194 17.88 -20.14 -35.06
CA SER H 194 18.52 -21.47 -35.01
C SER H 194 19.60 -21.59 -36.07
N HIS H 195 20.77 -21.99 -35.62
CA HIS H 195 21.89 -22.32 -36.52
C HIS H 195 21.76 -23.73 -37.14
N LEU H 196 20.71 -24.45 -36.76
CA LEU H 196 20.39 -25.74 -37.37
C LEU H 196 19.60 -25.59 -38.67
N ILE H 197 18.75 -24.58 -38.76
CA ILE H 197 17.96 -24.32 -39.98
C ILE H 197 18.22 -22.93 -40.54
N TYR H 198 19.11 -22.14 -39.92
CA TYR H 198 19.39 -20.74 -40.34
C TYR H 198 18.12 -19.98 -40.63
N ASP H 199 17.28 -19.89 -39.61
CA ASP H 199 16.01 -19.21 -39.65
C ASP H 199 15.53 -18.99 -38.22
N VAL H 200 14.63 -18.04 -38.03
CA VAL H 200 14.00 -17.81 -36.72
C VAL H 200 13.18 -19.05 -36.32
N ILE H 201 13.24 -19.47 -35.07
CA ILE H 201 12.50 -20.67 -34.64
C ILE H 201 11.01 -20.29 -34.54
N PRO H 202 10.11 -21.08 -35.18
CA PRO H 202 8.69 -20.71 -35.27
C PRO H 202 8.02 -20.40 -33.92
N ASP H 203 8.30 -21.20 -32.90
CA ASP H 203 7.77 -20.95 -31.56
C ASP H 203 8.82 -21.18 -30.47
N GLY H 204 10.04 -20.71 -30.70
CA GLY H 204 11.15 -20.92 -29.77
C GLY H 204 11.54 -19.70 -28.95
N ASP H 205 10.59 -18.80 -28.73
CA ASP H 205 10.85 -17.55 -28.00
C ASP H 205 11.36 -17.78 -26.57
N LYS H 206 12.52 -17.18 -26.26
CA LYS H 206 13.12 -17.23 -24.94
C LYS H 206 12.55 -16.13 -24.04
N THR H 207 12.07 -16.51 -22.86
CA THR H 207 11.57 -15.56 -21.88
C THR H 207 12.68 -15.25 -20.90
N VAL H 208 12.89 -13.97 -20.67
CA VAL H 208 13.85 -13.48 -19.71
C VAL H 208 13.08 -12.88 -18.52
N ALA H 209 13.46 -13.29 -17.31
CA ALA H 209 12.79 -12.86 -16.09
C ALA H 209 13.72 -12.04 -15.19
N GLN H 210 13.65 -10.72 -15.31
CA GLN H 210 14.38 -9.83 -14.42
C GLN H 210 15.77 -10.35 -13.92
N PRO H 211 16.71 -10.59 -14.84
CA PRO H 211 18.11 -10.92 -14.45
C PRO H 211 18.86 -9.74 -13.75
N ASP H 212 19.97 -10.01 -13.07
CA ASP H 212 20.80 -8.90 -12.54
C ASP H 212 21.54 -8.19 -13.68
N ILE H 213 21.97 -9.00 -14.65
CA ILE H 213 22.66 -8.53 -15.82
C ILE H 213 22.12 -9.21 -17.06
N LEU H 214 21.93 -8.45 -18.13
CA LEU H 214 21.67 -9.02 -19.43
C LEU H 214 22.78 -8.63 -20.39
N ILE H 215 23.37 -9.62 -21.03
CA ILE H 215 24.37 -9.37 -22.05
C ILE H 215 23.68 -9.48 -23.40
N LEU H 216 23.80 -8.42 -24.21
CA LEU H 216 23.17 -8.34 -25.52
C LEU H 216 24.24 -8.39 -26.61
N GLU H 217 24.29 -9.48 -27.34
CA GLU H 217 25.38 -9.71 -28.30
C GLU H 217 24.88 -9.55 -29.72
N GLY H 218 25.58 -8.73 -30.51
CA GLY H 218 25.20 -8.61 -31.90
C GLY H 218 25.93 -7.54 -32.63
N LEU H 219 26.04 -7.71 -33.94
CA LEU H 219 26.83 -6.76 -34.72
C LEU H 219 26.26 -5.36 -34.73
N ASN H 220 24.95 -5.24 -34.45
CA ASN H 220 24.18 -4.01 -34.66
C ASN H 220 23.81 -3.24 -33.39
N VAL H 221 24.38 -3.62 -32.27
CA VAL H 221 23.99 -3.03 -30.97
C VAL H 221 24.41 -1.56 -30.78
N LEU H 222 25.34 -1.07 -31.58
CA LEU H 222 25.71 0.36 -31.55
C LEU H 222 25.11 1.17 -32.70
N GLN H 223 24.28 0.54 -33.52
CA GLN H 223 23.63 1.22 -34.61
C GLN H 223 22.46 2.08 -34.09
N SER H 224 22.03 3.01 -34.93
CA SER H 224 21.02 3.98 -34.54
C SER H 224 20.07 4.27 -35.70
N GLY H 225 19.14 5.17 -35.47
CA GLY H 225 18.16 5.53 -36.50
C GLY H 225 18.75 5.87 -37.86
N MET H 226 19.97 6.41 -37.88
CA MET H 226 20.63 6.76 -39.14
C MET H 226 20.98 5.54 -40.01
N ASP H 227 21.11 4.38 -39.41
CA ASP H 227 21.37 3.13 -40.14
C ASP H 227 20.07 2.48 -40.62
N TYR H 228 18.93 3.05 -40.25
CA TYR H 228 17.61 2.47 -40.60
C TYR H 228 16.69 3.54 -41.25
N PRO H 229 17.18 4.24 -42.30
CA PRO H 229 16.37 5.28 -42.93
C PRO H 229 15.16 4.73 -43.68
N HIS H 230 15.18 3.46 -44.05
CA HIS H 230 14.01 2.78 -44.61
C HIS H 230 12.85 2.73 -43.63
N ASP H 231 13.14 2.81 -42.34
CA ASP H 231 12.12 2.62 -41.30
C ASP H 231 12.74 3.12 -39.97
N PRO H 232 12.86 4.44 -39.83
CA PRO H 232 13.65 5.03 -38.75
C PRO H 232 13.13 4.77 -37.34
N HIS H 233 14.05 4.71 -36.39
CA HIS H 233 13.69 4.76 -35.00
C HIS H 233 14.47 5.89 -34.32
N HIS H 234 13.89 6.40 -33.22
CA HIS H 234 14.31 7.66 -32.60
C HIS H 234 14.90 7.50 -31.20
N VAL H 235 14.75 6.32 -30.61
CA VAL H 235 15.44 5.95 -29.39
C VAL H 235 16.22 4.66 -29.72
N PHE H 236 17.47 4.58 -29.30
CA PHE H 236 18.39 3.60 -29.85
C PHE H 236 18.65 2.48 -28.85
N VAL H 237 19.08 1.32 -29.34
CA VAL H 237 19.47 0.22 -28.45
C VAL H 237 20.43 0.75 -27.37
N SER H 238 21.38 1.60 -27.76
CA SER H 238 22.36 2.13 -26.84
C SER H 238 21.77 3.00 -25.75
N ASP H 239 20.58 3.59 -25.97
CA ASP H 239 19.92 4.41 -24.95
C ASP H 239 19.41 3.56 -23.81
N PHE H 240 19.40 2.23 -24.01
CA PHE H 240 19.05 1.22 -23.00
C PHE H 240 20.16 0.26 -22.59
N VAL H 241 21.41 0.62 -22.89
CA VAL H 241 22.58 -0.17 -22.58
C VAL H 241 23.45 0.65 -21.63
N ASP H 242 23.89 0.02 -20.54
CA ASP H 242 24.74 0.66 -19.57
C ASP H 242 26.20 0.70 -20.01
N PHE H 243 26.64 -0.34 -20.70
CA PHE H 243 28.05 -0.47 -21.03
C PHE H 243 28.17 -1.30 -22.30
N SER H 244 28.88 -0.77 -23.28
CA SER H 244 29.02 -1.41 -24.59
C SER H 244 30.47 -1.73 -24.91
N ILE H 245 30.69 -2.92 -25.50
CA ILE H 245 32.01 -3.38 -25.87
C ILE H 245 31.99 -3.62 -27.37
N TYR H 246 32.98 -3.09 -28.09
CA TYR H 246 33.18 -3.37 -29.48
C TYR H 246 34.45 -4.21 -29.62
N VAL H 247 34.29 -5.41 -30.15
CA VAL H 247 35.43 -6.27 -30.37
C VAL H 247 35.94 -6.02 -31.77
N ASP H 248 37.20 -5.62 -31.85
CA ASP H 248 37.82 -5.14 -33.07
C ASP H 248 39.00 -6.04 -33.51
N ALA H 249 39.16 -6.15 -34.82
CA ALA H 249 40.30 -6.81 -35.42
C ALA H 249 40.46 -6.36 -36.88
N PRO H 250 41.68 -6.45 -37.40
CA PRO H 250 41.87 -6.13 -38.81
C PRO H 250 41.13 -7.09 -39.76
N GLU H 251 40.81 -6.56 -40.93
CA GLU H 251 40.07 -7.23 -41.98
C GLU H 251 40.68 -8.60 -42.33
N GLU H 252 41.98 -8.66 -42.52
CA GLU H 252 42.63 -9.91 -42.92
C GLU H 252 42.47 -11.03 -41.86
N LEU H 253 42.48 -10.67 -40.57
CA LEU H 253 42.21 -11.64 -39.50
C LEU H 253 40.75 -12.07 -39.49
N LEU H 254 39.85 -11.11 -39.54
CA LEU H 254 38.44 -11.44 -39.60
C LEU H 254 38.12 -12.43 -40.73
N LYS H 255 38.66 -12.17 -41.91
CA LYS H 255 38.42 -13.03 -43.05
C LYS H 255 38.90 -14.45 -42.76
N SER H 256 40.14 -14.55 -42.31
CA SER H 256 40.74 -15.83 -41.88
C SER H 256 39.87 -16.59 -40.87
N TRP H 257 39.38 -15.86 -39.87
CA TRP H 257 38.56 -16.47 -38.82
C TRP H 257 37.20 -16.90 -39.31
N TYR H 258 36.60 -16.12 -40.20
CA TYR H 258 35.29 -16.48 -40.78
C TYR H 258 35.40 -17.80 -41.60
N ILE H 259 36.41 -17.84 -42.45
CA ILE H 259 36.65 -19.00 -43.30
C ILE H 259 36.98 -20.25 -42.48
N ASN H 260 37.85 -20.13 -41.50
CA ASN H 260 38.19 -21.23 -40.64
C ASN H 260 36.97 -21.72 -39.85
N ARG H 261 36.16 -20.79 -39.34
CA ARG H 261 34.97 -21.18 -38.62
C ARG H 261 34.05 -22.01 -39.53
N PHE H 262 33.83 -21.55 -40.75
CA PHE H 262 32.98 -22.23 -41.73
C PHE H 262 33.50 -23.67 -41.97
N LEU H 263 34.81 -23.81 -42.20
CA LEU H 263 35.42 -25.12 -42.44
C LEU H 263 35.29 -26.01 -41.23
N LYS H 264 35.45 -25.43 -40.05
CA LYS H 264 35.24 -26.18 -38.81
C LYS H 264 33.79 -26.61 -38.60
N PHE H 265 32.83 -25.81 -39.06
CA PHE H 265 31.43 -26.23 -39.04
C PHE H 265 31.25 -27.42 -39.99
N ARG H 266 31.94 -27.39 -41.13
CA ARG H 266 31.86 -28.48 -42.07
C ARG H 266 32.46 -29.76 -41.46
N GLU H 267 33.62 -29.65 -40.82
CA GLU H 267 34.20 -30.84 -40.15
C GLU H 267 33.24 -31.41 -39.11
N GLY H 268 32.69 -30.52 -38.30
CA GLY H 268 31.73 -30.90 -37.26
C GLY H 268 30.47 -31.55 -37.81
N ALA H 269 30.00 -31.10 -38.97
CA ALA H 269 28.79 -31.69 -39.56
C ALA H 269 29.04 -33.12 -40.04
N PHE H 270 30.30 -33.45 -40.33
CA PHE H 270 30.67 -34.84 -40.66
C PHE H 270 30.92 -35.73 -39.42
N THR H 271 31.23 -35.14 -38.27
CA THR H 271 31.35 -35.91 -37.03
C THR H 271 30.04 -35.93 -36.20
N ASP H 272 29.09 -35.05 -36.52
CA ASP H 272 27.85 -34.92 -35.72
C ASP H 272 26.85 -34.07 -36.49
N PRO H 273 26.29 -34.62 -37.58
CA PRO H 273 25.47 -33.83 -38.51
C PRO H 273 24.24 -33.17 -37.89
N ASP H 274 23.68 -33.79 -36.84
CA ASP H 274 22.47 -33.25 -36.22
C ASP H 274 22.72 -31.95 -35.47
N SER H 275 23.98 -31.64 -35.19
CA SER H 275 24.33 -30.35 -34.56
C SER H 275 24.67 -29.22 -35.53
N TYR H 276 24.52 -29.45 -36.84
CA TYR H 276 24.89 -28.41 -37.82
C TYR H 276 23.88 -28.35 -38.94
N PHE H 277 23.75 -27.16 -39.53
CA PHE H 277 22.92 -26.96 -40.71
C PHE H 277 23.23 -28.06 -41.73
N HIS H 278 22.17 -28.58 -42.35
CA HIS H 278 22.28 -29.77 -43.23
C HIS H 278 23.33 -29.59 -44.33
N ASN H 279 23.45 -28.37 -44.86
CA ASN H 279 24.24 -28.22 -46.08
C ASN H 279 25.76 -28.29 -45.85
N TYR H 280 26.22 -28.11 -44.63
CA TYR H 280 27.64 -28.19 -44.37
C TYR H 280 28.20 -29.57 -44.75
N ALA H 281 27.42 -30.63 -44.52
CA ALA H 281 27.87 -32.00 -44.81
C ALA H 281 27.73 -32.37 -46.29
N LYS H 282 27.24 -31.44 -47.12
CA LYS H 282 27.04 -31.69 -48.55
C LYS H 282 28.11 -31.04 -49.44
N LEU H 283 29.17 -30.51 -48.82
CA LEU H 283 30.16 -29.72 -49.49
C LEU H 283 31.50 -30.43 -49.59
N SER H 284 32.13 -30.32 -50.75
CA SER H 284 33.51 -30.70 -50.90
C SER H 284 34.33 -29.61 -50.21
N LYS H 285 35.60 -29.90 -49.96
CA LYS H 285 36.50 -28.94 -49.33
C LYS H 285 36.61 -27.65 -50.16
N GLU H 286 36.87 -27.80 -51.46
CA GLU H 286 37.01 -26.66 -52.38
C GLU H 286 35.70 -25.89 -52.49
N GLU H 287 34.58 -26.61 -52.50
CA GLU H 287 33.31 -25.93 -52.49
C GLU H 287 33.09 -25.10 -51.21
N ALA H 288 33.47 -25.66 -50.05
CA ALA H 288 33.32 -24.92 -48.78
C ALA H 288 34.20 -23.67 -48.75
N VAL H 289 35.45 -23.78 -49.17
CA VAL H 289 36.34 -22.63 -49.24
C VAL H 289 35.75 -21.51 -50.13
N ASP H 290 35.19 -21.88 -51.28
CA ASP H 290 34.65 -20.90 -52.23
C ASP H 290 33.41 -20.24 -51.66
N ILE H 291 32.53 -21.02 -51.05
CA ILE H 291 31.34 -20.46 -50.44
C ILE H 291 31.74 -19.47 -49.32
N ALA H 292 32.54 -19.93 -48.37
CA ALA H 292 32.97 -19.07 -47.25
C ALA H 292 33.60 -17.76 -47.73
N THR H 293 34.53 -17.89 -48.67
CA THR H 293 35.26 -16.74 -49.18
C THR H 293 34.27 -15.75 -49.83
N SER H 294 33.32 -16.31 -50.58
CA SER H 294 32.33 -15.50 -51.25
C SER H 294 31.32 -14.84 -50.31
N LEU H 295 30.85 -15.55 -49.29
CA LEU H 295 29.98 -14.96 -48.29
C LEU H 295 30.70 -13.83 -47.54
N TRP H 296 31.98 -14.00 -47.29
CA TRP H 296 32.76 -12.98 -46.63
C TRP H 296 32.83 -11.74 -47.54
N ASN H 297 33.39 -11.93 -48.74
CA ASN H 297 33.60 -10.82 -49.68
C ASN H 297 32.35 -10.06 -50.03
N GLU H 298 31.22 -10.73 -50.26
CA GLU H 298 30.05 -10.07 -50.83
C GLU H 298 29.11 -9.54 -49.75
N ILE H 299 29.04 -10.22 -48.62
CA ILE H 299 28.03 -9.90 -47.63
C ILE H 299 28.68 -9.30 -46.36
N ASN H 300 29.47 -10.11 -45.67
CA ASN H 300 29.96 -9.72 -44.33
C ASN H 300 31.00 -8.66 -44.33
N LEU H 301 31.89 -8.66 -45.32
CA LEU H 301 32.87 -7.56 -45.45
C LEU H 301 32.21 -6.22 -45.76
N MET H 302 31.28 -6.25 -46.71
CA MET H 302 30.52 -5.06 -47.06
C MET H 302 29.74 -4.55 -45.85
N ASN H 303 29.09 -5.48 -45.12
CA ASN H 303 28.38 -5.10 -43.91
C ASN H 303 29.31 -4.43 -42.88
N LEU H 304 30.53 -4.95 -42.76
CA LEU H 304 31.50 -4.40 -41.84
C LEU H 304 31.81 -2.97 -42.18
N LYS H 305 32.13 -2.72 -43.44
CA LYS H 305 32.60 -1.41 -43.87
C LYS H 305 31.49 -0.37 -43.88
N GLU H 306 30.29 -0.77 -44.27
CA GLU H 306 29.19 0.19 -44.39
C GLU H 306 28.46 0.46 -43.08
N ASN H 307 28.32 -0.56 -42.23
CA ASN H 307 27.36 -0.51 -41.13
C ASN H 307 27.93 -0.79 -39.75
N ILE H 308 28.95 -1.64 -39.65
CA ILE H 308 29.46 -2.06 -38.34
C ILE H 308 30.60 -1.20 -37.85
N LEU H 309 31.65 -1.08 -38.66
CA LEU H 309 32.85 -0.37 -38.27
C LEU H 309 32.63 1.12 -37.91
N PRO H 310 31.74 1.80 -38.65
CA PRO H 310 31.53 3.21 -38.32
C PRO H 310 30.91 3.43 -36.94
N THR H 311 30.36 2.38 -36.31
CA THR H 311 29.78 2.50 -34.97
C THR H 311 30.78 2.31 -33.83
N ARG H 312 32.03 1.95 -34.17
CA ARG H 312 33.01 1.52 -33.16
C ARG H 312 33.24 2.55 -32.06
N GLU H 313 33.37 3.82 -32.43
CA GLU H 313 33.69 4.89 -31.50
C GLU H 313 32.51 5.26 -30.59
N ARG H 314 31.36 4.63 -30.75
CA ARG H 314 30.26 4.76 -29.81
C ARG H 314 30.38 3.82 -28.60
N ALA H 315 31.37 2.93 -28.60
CA ALA H 315 31.48 1.92 -27.53
C ALA H 315 32.09 2.49 -26.26
N SER H 316 31.66 1.98 -25.12
CA SER H 316 32.31 2.26 -23.85
C SER H 316 33.75 1.73 -23.87
N LEU H 317 33.94 0.58 -24.50
CA LEU H 317 35.24 -0.11 -24.51
C LEU H 317 35.49 -0.82 -25.85
N ILE H 318 36.70 -0.67 -26.37
CA ILE H 318 37.09 -1.30 -27.62
C ILE H 318 38.22 -2.29 -27.24
N MET H 319 38.04 -3.54 -27.61
CA MET H 319 38.99 -4.63 -27.34
C MET H 319 39.55 -5.02 -28.71
N THR H 320 40.84 -4.81 -28.93
CA THR H 320 41.46 -5.02 -30.23
C THR H 320 42.30 -6.29 -30.23
N LYS H 321 42.01 -7.19 -31.16
CA LYS H 321 42.72 -8.48 -31.26
C LYS H 321 43.78 -8.48 -32.35
N SER H 322 44.83 -9.26 -32.12
CA SER H 322 45.80 -9.60 -33.16
C SER H 322 45.70 -11.11 -33.45
N ALA H 323 46.69 -11.64 -34.15
CA ALA H 323 46.78 -13.06 -34.48
C ALA H 323 46.48 -13.94 -33.28
N ASN H 324 45.83 -15.07 -33.54
CA ASN H 324 45.43 -16.06 -32.50
C ASN H 324 44.44 -15.53 -31.49
N HIS H 325 43.73 -14.46 -31.85
CA HIS H 325 42.75 -13.82 -30.98
C HIS H 325 43.32 -13.15 -29.73
N SER H 326 44.64 -12.98 -29.65
CA SER H 326 45.25 -12.36 -28.49
C SER H 326 44.90 -10.87 -28.44
N VAL H 327 44.26 -10.43 -27.36
CA VAL H 327 43.95 -9.00 -27.20
C VAL H 327 45.22 -8.25 -26.89
N ASN H 328 45.59 -7.29 -27.73
CA ASN H 328 46.79 -6.51 -27.45
C ASN H 328 46.54 -5.06 -27.17
N GLN H 329 45.30 -4.59 -27.31
CA GLN H 329 44.99 -3.21 -26.90
C GLN H 329 43.56 -3.15 -26.38
N VAL H 330 43.36 -2.46 -25.27
CA VAL H 330 42.02 -2.17 -24.72
C VAL H 330 41.93 -0.65 -24.57
N ARG H 331 40.80 -0.09 -25.02
CA ARG H 331 40.52 1.34 -24.88
C ARG H 331 39.22 1.50 -24.09
N LEU H 332 39.24 2.36 -23.07
CA LEU H 332 38.09 2.53 -22.16
C LEU H 332 37.72 4.02 -22.10
N ARG H 333 36.45 4.33 -22.33
CA ARG H 333 36.02 5.74 -22.25
C ARG H 333 36.45 6.34 -20.90
N LYS H 334 37.04 7.52 -20.98
CA LYS H 334 37.49 8.29 -19.83
C LYS H 334 36.28 8.82 -19.08
PB ADP I . 20.46 -24.95 24.40
O1B ADP I . 19.69 -23.67 24.70
O2B ADP I . 21.37 -24.92 23.25
O3B ADP I . 21.03 -25.61 25.64
PA ADP I . 19.24 -27.03 22.69
O1A ADP I . 20.12 -28.20 22.95
O2A ADP I . 19.24 -26.36 21.36
O3A ADP I . 19.28 -26.01 23.97
O5' ADP I . 17.76 -27.60 22.87
C5' ADP I . 17.36 -28.22 24.09
C4' ADP I . 16.53 -29.45 23.75
O4' ADP I . 15.27 -29.06 23.18
C3' ADP I . 17.19 -30.38 22.75
O3' ADP I . 16.83 -31.75 23.11
C2' ADP I . 16.59 -29.97 21.43
O2' ADP I . 16.54 -31.06 20.48
C1' ADP I . 15.19 -29.50 21.82
N9 ADP I . 14.68 -28.37 21.02
C8 ADP I . 15.16 -27.10 21.02
N7 ADP I . 14.45 -26.32 20.17
C5 ADP I . 13.50 -27.10 19.63
C6 ADP I . 12.41 -26.89 18.68
N6 ADP I . 12.22 -25.66 18.16
N1 ADP I . 11.62 -27.95 18.35
C2 ADP I . 11.81 -29.17 18.89
N3 ADP I . 12.81 -29.42 19.80
C4 ADP I . 13.65 -28.43 20.18
OAE 0JR J . 27.26 -28.22 30.94
CAU 0JR J . 26.48 -27.31 31.19
CAV 0JR J . 25.83 -26.51 30.03
OAG 0JR J . 25.63 -27.42 28.94
CAW 0JR J . 26.68 -25.29 29.58
CAB 0JR J . 26.95 -24.42 30.81
CAC 0JR J . 28.01 -25.72 28.97
CAP 0JR J . 25.90 -24.36 28.63
OAS 0JR J . 25.74 -25.03 27.39
NAR 0JR J . 26.06 -26.98 32.43
CAN 0JR J . 26.58 -27.60 33.67
CAO 0JR J . 25.59 -28.59 34.29
CAT 0JR J . 25.20 -29.65 33.26
OAD 0JR J . 24.11 -29.63 32.68
NAQ 0JR J . 26.16 -30.56 33.02
CAM 0JR J . 25.97 -31.70 32.08
CAL 0JR J . 26.56 -32.86 32.59
C2 0JR J . 26.89 -33.01 33.95
N1 0JR J . 27.49 -34.18 34.43
C6 0JR J . 27.74 -35.22 33.53
C5 0JR J . 27.42 -35.07 32.17
C4 0JR J . 26.82 -33.91 31.70
UNK UNX K . 27.90 -21.27 27.05
UNK UNX L . 23.13 -23.92 26.86
UNK UNX M . 23.63 -26.92 26.81
UNK UNX N . 25.16 -23.05 24.79
PB ADP O . 30.82 19.94 30.77
O1B ADP O . 29.41 20.19 30.33
O2B ADP O . 31.49 18.72 30.14
O3B ADP O . 31.07 20.00 32.25
PA ADP O . 31.21 22.66 29.63
O1A ADP O . 30.36 22.63 28.39
O2A ADP O . 30.76 23.48 30.79
O3A ADP O . 31.68 21.22 30.15
O5' ADP O . 32.66 23.24 29.18
C5' ADP O . 33.76 23.37 30.05
C4' ADP O . 34.45 24.69 29.83
O4' ADP O . 35.03 24.70 28.55
C3' ADP O . 33.51 25.89 29.86
O3' ADP O . 34.26 26.97 30.42
C2' ADP O . 33.14 26.13 28.40
O2' ADP O . 32.81 27.48 28.04
C1' ADP O . 34.41 25.66 27.72
N9 ADP O . 34.17 25.00 26.42
C8 ADP O . 33.59 23.81 26.21
N7 ADP O . 33.59 23.48 24.90
C5 ADP O . 34.17 24.49 24.27
C6 ADP O . 34.49 24.79 22.88
N6 ADP O . 34.14 23.85 21.95
N1 ADP O . 35.09 25.97 22.61
C2 ADP O . 35.46 26.84 23.57
N3 ADP O . 35.20 26.62 24.88
C4 ADP O . 34.58 25.48 25.27
OAE 0JR P . 29.04 19.60 40.72
CAU 0JR P . 29.87 18.93 40.09
CAV 0JR P . 29.74 18.75 38.56
OAG 0JR P . 29.47 20.03 37.91
CAW 0JR P . 28.65 17.68 38.18
CAB 0JR P . 28.95 16.40 38.97
CAC 0JR P . 27.21 18.10 38.52
CAP 0JR P . 28.80 17.31 36.69
OAS 0JR P . 27.81 18.03 35.96
NAR 0JR P . 30.87 18.27 40.66
CAN 0JR P . 31.11 18.29 42.11
CAO 0JR P . 32.43 18.99 42.45
CAT 0JR P . 32.43 20.45 41.96
OAD 0JR P . 33.11 20.77 40.98
NAQ 0JR P . 31.69 21.31 42.72
CAM 0JR P . 31.56 22.79 42.53
CAL 0JR P . 31.49 23.21 41.17
C2 0JR P . 32.57 23.90 40.59
N1 0JR P . 32.49 24.36 39.23
C6 0JR P . 31.33 24.12 38.47
C5 0JR P . 30.25 23.46 39.06
C4 0JR P . 30.33 23.02 40.40
UNK UNX Q . 24.51 16.50 32.81
UNK UNX R . 39.14 15.19 12.45
UNK UNX S . 29.99 20.37 35.16
UNK UNX T . 29.74 17.46 33.65
UNK UNX U . 25.47 14.56 35.44
UNK UNX V . 10.68 -0.62 14.57
UNK UNX W . 28.67 1.18 20.57
PB ADP X . -21.36 30.07 -17.61
O1B ADP X . -22.35 28.98 -17.80
O2B ADP X . -20.37 29.97 -16.46
O3B ADP X . -21.78 31.51 -17.79
PA ADP X . -20.47 29.09 -20.21
O1A ADP X . -20.55 27.60 -20.09
O2A ADP X . -21.57 29.77 -20.96
O3A ADP X . -20.27 29.83 -18.79
O5' ADP X . -19.02 29.40 -20.87
C5' ADP X . -18.63 30.75 -21.15
C4' ADP X . -17.87 30.86 -22.48
O4' ADP X . -16.67 30.10 -22.43
C3' ADP X . -18.66 30.32 -23.66
O3' ADP X . -18.35 31.06 -24.86
C2' ADP X . -18.17 28.89 -23.77
O2' ADP X . -18.33 28.36 -25.09
C1' ADP X . -16.72 29.00 -23.35
N9 ADP X . -16.20 27.82 -22.64
C8 ADP X . -16.59 27.41 -21.39
N7 ADP X . -15.93 26.31 -21.01
C5 ADP X . -15.08 25.99 -21.99
C6 ADP X . -14.08 24.93 -22.19
N6 ADP X . -13.89 24.00 -21.23
N1 ADP X . -13.40 24.93 -23.37
C2 ADP X . -13.61 25.87 -24.31
N3 ADP X . -14.52 26.86 -24.19
C4 ADP X . -15.26 26.97 -23.07
OAE 0JR Y . -27.50 37.65 -17.74
CAU 0JR Y . -26.67 37.60 -16.84
CAV 0JR Y . -26.05 36.25 -16.46
OAG 0JR Y . -25.82 35.52 -17.68
CAW 0JR Y . -26.99 35.45 -15.51
CAB 0JR Y . -27.27 36.24 -14.25
CAC 0JR Y . -28.35 35.13 -16.19
CAP 0JR Y . -26.28 34.16 -15.05
OAS 0JR Y . -26.46 33.17 -16.07
NAR 0JR Y . -26.22 38.66 -16.14
CAN 0JR Y . -26.72 40.04 -16.33
CAO 0JR Y . -25.74 40.90 -17.14
CAT 0JR Y . -25.53 40.32 -18.53
OAD 0JR Y . -24.52 39.66 -18.79
NAQ 0JR Y . -26.50 40.59 -19.41
CAM 0JR Y . -26.40 40.11 -20.82
CAL 0JR Y . -27.24 40.82 -21.71
C2 0JR Y . -27.44 42.20 -21.58
N1 0JR Y . -28.28 42.88 -22.47
C6 0JR Y . -28.92 42.18 -23.51
C5 0JR Y . -28.72 40.80 -23.63
C4 0JR Y . -27.88 40.12 -22.74
UNK UNX Z . -28.08 31.66 -12.23
UNK UNX AA . -25.79 30.09 -15.07
UNK UNX BA . -23.43 32.27 -15.61
UNK UNX CA . -24.60 32.97 -18.46
UNK UNX DA . -24.78 30.21 -18.24
PB ADP EA . -26.64 21.46 27.81
O1B ADP EA . -27.54 21.32 26.59
O2B ADP EA . -25.29 20.86 27.76
O3B ADP EA . -26.71 22.84 28.40
PA ADP EA . -26.84 19.53 29.98
O1A ADP EA . -26.15 18.36 29.42
O2A ADP EA . -26.14 20.30 31.06
O3A ADP EA . -27.45 20.53 28.90
O5' ADP EA . -28.18 18.91 30.63
C5' ADP EA . -29.25 19.71 31.10
C4' ADP EA . -29.79 19.14 32.40
O4' ADP EA . -30.51 17.93 32.08
C3' ADP EA . -28.72 18.74 33.42
O3' ADP EA . -29.28 19.00 34.72
C2' ADP EA . -28.49 17.27 33.15
O2' ADP EA . -28.05 16.50 34.26
C1' ADP EA . -29.86 16.81 32.65
N9 ADP EA . -29.84 15.80 31.59
C8 ADP EA . -29.42 15.98 30.33
N7 ADP EA . -29.57 14.85 29.59
C5 ADP EA . -30.11 13.93 30.41
C6 ADP EA . -30.51 12.53 30.27
N6 ADP EA . -30.36 11.90 29.06
N1 ADP EA . -31.03 11.93 31.34
C2 ADP EA . -31.19 12.58 32.54
N3 ADP EA . -30.84 13.87 32.74
C4 ADP EA . -30.28 14.57 31.72
OAE 0JR FA . -24.10 30.46 30.77
CAU 0JR FA . -24.92 30.30 29.86
CAV 0JR FA . -24.94 28.96 29.09
OAG 0JR FA . -24.58 27.91 29.99
CAW 0JR FA . -23.96 28.97 27.88
CAB 0JR FA . -24.35 30.15 26.96
CAC 0JR FA . -22.48 29.08 28.32
CAP 0JR FA . -24.14 27.71 27.02
OAS 0JR FA . -23.49 26.60 27.71
NAR 0JR FA . -25.84 31.22 29.49
CAN 0JR FA . -25.92 32.58 30.09
CAO 0JR FA . -27.09 32.70 31.08
CAT 0JR FA . -26.99 31.66 32.19
OAD 0JR FA . -27.55 30.57 32.07
NAQ 0JR FA . -26.27 32.00 33.29
CAM 0JR FA . -26.12 31.08 34.44
CAL 0JR FA . -25.68 31.71 35.61
C2 0JR FA . -26.26 32.90 36.05
N1 0JR FA . -25.79 33.53 37.24
C6 0JR FA . -24.75 32.96 37.96
C5 0JR FA . -24.17 31.77 37.52
C4 0JR FA . -24.63 31.16 36.35
UNK UNX GA . -20.71 24.12 24.56
UNK UNX HA . -22.96 24.21 25.77
UNK UNX IA . -41.11 5.42 16.83
UNK UNX JA . -37.43 6.59 18.82
UNK UNX KA . -16.57 0.10 12.25
UNK UNX LA . -24.88 25.06 29.93
UNK UNX MA . -21.53 27.29 23.61
UNK UNX NA . -25.55 24.77 26.73
PB ADP OA . -34.98 -28.60 -25.03
O1B ADP OA . -34.06 -27.44 -25.27
O2B ADP OA . -35.37 -28.85 -23.59
O3B ADP OA . -34.63 -29.90 -25.72
PA ADP OA . -36.62 -26.95 -26.79
O1A ADP OA . -36.35 -25.60 -26.20
O2A ADP OA . -36.14 -27.29 -28.17
O3A ADP OA . -36.38 -28.16 -25.73
O5' ADP OA . -38.24 -27.05 -26.88
C5' ADP OA . -38.86 -28.27 -27.26
C4' ADP OA . -40.02 -28.08 -28.25
O4' ADP OA . -41.10 -27.46 -27.57
C3' ADP OA . -39.73 -27.19 -29.46
O3' ADP OA . -40.51 -27.64 -30.60
C2' ADP OA . -40.14 -25.82 -28.97
O2' ADP OA . -40.52 -24.89 -29.99
C1' ADP OA . -41.30 -26.15 -28.08
N9 ADP OA . -41.39 -25.27 -26.90
C8 ADP OA . -40.51 -25.19 -25.89
N7 ADP OA . -40.93 -24.31 -24.96
C5 ADP OA . -42.09 -23.81 -25.40
C6 ADP OA . -43.07 -22.85 -24.92
N6 ADP OA . -42.82 -22.23 -23.74
N1 ADP OA . -44.18 -22.61 -25.66
C2 ADP OA . -44.41 -23.22 -26.82
N3 ADP OA . -43.55 -24.13 -27.33
C4 ADP OA . -42.41 -24.46 -26.67
UNK UNX PA . -26.69 -31.31 -23.03
UNK UNX QA . -30.10 -34.90 -27.77
UNK UNX RA . -38.29 -18.53 -0.90
PB ADP SA . -14.14 -33.95 16.29
O1B ADP SA . -15.47 -33.49 16.82
O2B ADP SA . -13.75 -33.36 14.97
O3B ADP SA . -13.97 -35.48 16.30
PA ADP SA . -13.15 -32.75 18.78
O1A ADP SA . -13.94 -31.50 18.91
O2A ADP SA . -13.45 -33.87 19.70
O3A ADP SA . -13.02 -33.29 17.27
O5' ADP SA . -11.61 -32.34 19.08
C5' ADP SA . -10.58 -33.26 18.88
C4' ADP SA . -9.50 -33.09 19.94
O4' ADP SA . -8.86 -31.84 19.74
C3' ADP SA . -10.02 -33.07 21.36
O3' ADP SA . -9.04 -33.66 22.23
C2' ADP SA . -10.24 -31.58 21.63
O2' ADP SA . -10.12 -31.17 22.98
C1' ADP SA . -9.15 -30.94 20.81
N9 ADP SA . -9.52 -29.65 20.22
C8 ADP SA . -10.39 -29.44 19.21
N7 ADP SA . -10.48 -28.12 18.90
C5 ADP SA . -9.63 -27.49 19.69
C6 ADP SA . -9.23 -26.08 19.84
N6 ADP SA . -9.80 -25.18 19.03
N1 ADP SA . -8.31 -25.78 20.78
C2 ADP SA . -7.77 -26.74 21.55
N3 ADP SA . -8.07 -28.05 21.46
C4 ADP SA . -8.98 -28.47 20.56
OAE 0JR TA . -16.15 -43.40 16.74
CAU 0JR TA . -15.74 -42.97 15.67
CAV 0JR TA . -15.95 -41.49 15.31
OAG 0JR TA . -15.57 -40.68 16.45
CAW 0JR TA . -17.42 -41.24 14.84
CAB 0JR TA . -17.78 -42.15 13.66
CAC 0JR TA . -18.44 -41.49 15.96
CAP 0JR TA . -17.55 -39.81 14.30
OAS 0JR TA . -17.48 -38.95 15.45
NAR 0JR TA . -15.06 -43.71 14.76
CAN 0JR TA . -14.81 -45.16 14.90
CAO 0JR TA . -13.36 -45.47 15.31
CAT 0JR TA . -13.07 -44.83 16.67
OAD 0JR TA . -12.36 -43.83 16.75
NAQ 0JR TA . -13.64 -45.46 17.70
CAM 0JR TA . -13.48 -44.99 19.10
CAL 0JR TA . -13.53 -46.03 20.06
C2 0JR TA . -13.36 -47.39 19.73
N1 0JR TA . -13.40 -48.38 20.74
C6 0JR TA . -13.60 -47.98 22.08
C5 0JR TA . -13.75 -46.63 22.38
C4 0JR TA . -13.71 -45.66 21.38
UNK UNX UA . -18.41 -35.96 14.93
UNK UNX VA . -6.73 -16.33 9.37
UNK UNX WA . -27.81 -9.46 12.64
UNK UNX XA . -15.03 -38.59 20.48
UNK UNX YA . -15.70 -36.91 14.68
UNK UNX ZA . -20.88 -38.52 12.73
UNK UNX AB . -20.44 -13.17 19.33
PB ADP BB . 15.01 28.97 -24.39
O1B ADP BB . 16.35 29.28 -23.80
O2B ADP BB . 14.45 27.58 -24.22
O3B ADP BB . 14.65 29.49 -25.77
PA ADP BB . 14.26 31.00 -22.45
O1A ADP BB . 15.12 30.68 -21.27
O2A ADP BB . 14.49 32.24 -23.27
O3A ADP BB . 13.95 29.82 -23.47
O5' ADP BB . 12.76 31.18 -21.85
C5' ADP BB . 11.63 31.46 -22.64
C4' ADP BB . 10.77 32.57 -22.03
O4' ADP BB . 10.12 32.13 -20.82
C3' ADP BB . 11.56 33.80 -21.63
O3' ADP BB . 10.68 34.88 -21.87
C2' ADP BB . 11.88 33.55 -20.16
O2' ADP BB . 12.04 34.67 -19.32
C1' ADP BB . 10.67 32.81 -19.68
N9 ADP BB . 10.99 31.79 -18.65
C8 ADP BB . 11.72 30.66 -18.86
N7 ADP BB . 11.80 29.90 -17.74
C5 ADP BB . 11.07 30.55 -16.81
C6 ADP BB . 10.73 30.29 -15.42
N6 ADP BB . 11.22 29.14 -14.87
N1 ADP BB . 9.95 31.19 -14.76
C2 ADP BB . 9.49 32.29 -15.38
N3 ADP BB . 9.75 32.58 -16.67
C4 ADP BB . 10.52 31.76 -17.42
UNK UNX CB . 21.08 26.38 -30.37
UNK UNX DB . 6.60 16.83 -9.36
UNK UNX EB . 28.66 16.02 -3.18
UNK UNX FB . 18.32 28.19 -25.18
UNK UNX GB . 19.34 28.06 -27.21
UNK UNX HB . 18.65 29.72 -32.06
UNK UNX IB . 13.94 36.87 -34.53
PB ADP JB . 30.98 -13.89 -33.76
O1B ADP JB . 30.04 -14.37 -32.69
O2B ADP JB . 31.58 -12.53 -33.56
O3B ADP JB . 30.51 -14.17 -35.19
PA ADP JB . 32.50 -16.22 -32.89
O1A ADP JB . 32.38 -16.09 -31.41
O2A ADP JB . 31.74 -17.26 -33.64
O3A ADP JB . 32.35 -14.75 -33.61
O5' ADP JB . 34.08 -16.43 -33.09
C5' ADP JB . 34.65 -16.50 -34.39
C4' ADP JB . 35.69 -17.61 -34.55
O4' ADP JB . 36.83 -17.30 -33.76
C3' ADP JB . 35.22 -18.97 -34.10
O3' ADP JB . 35.84 -20.00 -34.92
C2' ADP JB . 35.68 -19.03 -32.66
O2' ADP JB . 35.86 -20.34 -32.18
C1' ADP JB . 36.96 -18.25 -32.70
N9 ADP JB . 37.21 -17.45 -31.50
C8 ADP JB . 36.46 -16.40 -31.08
N7 ADP JB . 36.99 -15.85 -29.96
C5 ADP JB . 38.14 -16.52 -29.71
C6 ADP JB . 39.20 -16.46 -28.68
N6 ADP JB . 39.12 -15.53 -27.71
N1 ADP JB . 40.21 -17.33 -28.75
C2 ADP JB . 40.28 -18.29 -29.70
N3 ADP JB . 39.35 -18.40 -30.66
C4 ADP JB . 38.28 -17.57 -30.71
UNK UNX KB . 22.75 -10.50 -35.20
UNK UNX LB . 28.40 -14.55 -37.19
UNK UNX MB . 23.70 -13.26 -38.79
UNK UNX NB . 27.77 -15.58 -43.06
#